data_8S7X
#
_entry.id   8S7X
#
loop_
_entity.id
_entity.type
_entity.pdbx_description
1 polymer 'Methyl-coenzyme M reductase subunit gamma'
2 polymer 'Methyl-coenzyme M reductase subunit beta'
3 polymer 'Methyl-coenzyme M reductase subunit alpha'
4 polymer 'Methanogenesis marker protein 17'
5 polymer 'Methanogenesis marker protein 7'
6 polymer 'Methyl-coenzyme M reductase operon protein C'
7 polymer 'UPF0288 protein MmarC6_0796'
8 polymer 'DUF2098 domain-containing protein'
9 non-polymer 'FACTOR 430'
10 non-polymer O-PHOSPHONO-N-{(2E)-7-[(2-SULFOETHYL)DITHIO]HEPT-2-ENOYL}-L-THREONINE
11 non-polymer '1-THIOETHANESULFONIC ACID'
12 non-polymer 'Coenzyme B'
13 non-polymer 'FeFe cofactor'
#
loop_
_entity_poly.entity_id
_entity_poly.type
_entity_poly.pdbx_seq_one_letter_code
_entity_poly.pdbx_strand_id
1 'polypeptide(L)'
;MAYTPQFYPGATKVAENRRNHLNPNYELEKLREIPDEDVVKIMGHRQPGEDYKTVHPPLEEMDFVEDYARDLVEPLNGAK
EGHRVRYIQFADSMYFAPAQPYDRSRSYMSRLRGVDAGTLSGRQVVECRESDLEEFSKNILMDTELFDPATSGMRGATVH
GHSLRLDENGMMFDALQRCVFDEKTGHVMYVKDQVGKPLDAPVDVGEPIPEAKLREITTIYRNDGVAMRADPDVIEVVKR
IHRARTLGGYIPTNETFKGL
;
A,B
2 'polypeptide(L)'
;MVKYEDKISLYDAKGNLVAENVPLEAISPLYNPTIKSMVKNIKRTVAVNLAGIEGTLAAGKIGGKGCQVPGRTLDISAVS
NAQAIADEVEKILKVSEDDDTAVKIINGGKQLAVQVPTARLEVAAEYSVSMLSTAMALKEALIKTFNIDMFDGSTVHAAI
VGNYPQVMDYAGSNIASLLGAPSMMEGLGYALRNIPVNHAVATTKKNMMNAIAFSSVMEQTATFEMGDAVGSFERQHLLG
LAYQGLNADNLVIDFIKANAKGTVGSVVETVIDRAIADGVIVVDKTMSSGFNMYKPADVNKWNAYAAAGLVAAVAVSCGA
ARAAQNVASVILYFNDILEYETGLPGVDYGRSMGTAVGFSFFSHSIYGGGGPGIFNGNHVVTRHSKGFAIPPVCAAMCAD
AGTQMFSPEHTSGLVGSVYSAFDEFREPMKYVIEGALSIKDQF
;
E,D
3 'polypeptide(L)'
;MEAEKRLFLKALKEKFEEDPKEKYTKFYTFGGWEQSARKREFVEANEKIVSEKRQGIPLYNPDIGVPLGQRKLMPYKLSN
TDDYCEGDDLHFLNNAAIQQLWDDIRRTVIVGMDTAHSVLEKRLGVEVTPETINEYMHTINHSLPGGAVVQEHMVEVHPS
LAWDCYARIFTGDDELADELDSRFLIDINKLFPEEQAETLKAAIGKKTYQVSRVPSLVGRVCDGGTISRWSAMQIGMSFI
TAYKLCAGEAATADFSYASK(MHS)ADVIQMGNALPGR(AGM)ARGPNEPGGIRFGILSDVVQTTRVSEDPVEQSLEVVA
TGAALYDQIWLGAYMSGGIGFTQYATASYTDDILDDFSYYALDYVEKKYGRMGTKATMDVVEDVAGEVTLYALEQYDDYP
ALLEDHFGGS(MGN)RAAVAAAASGIGVCMATGNSNAGVNGWYLSQILHKEYHSRLGFY(GL3)YDLQDQ(SMC)GASNS
LAIRNDEAAPLELRGPNYPNYAMNVGHQGEYAGIAQAAHSARGDAFALNPLVKVAFADPMLVFDFSKPRKEIARGALREF
EAAGERDVILPAK
;
C,F
4 'polypeptide(L)'
;MAYIDVECNDEAGKAIYERIIQTSLEDLVLGKSIIKAKMICKQDVPYFIIGILPKSTSKLIRLRDIATIDESKKSDGKTI
TKLNIDDETYATELLAKINVMDQPSRFEVVTDSEVDLNMVIHDAKEDFIDRVLDFMNRVFPEGMRIRKTIRDKTIVMVAS
EKPIEEEWMNEAVKLQEELKIFK
;
G
5 'polypeptide(L)'
;MYQIIRYEGGVYKNNILKEWIEDVGGFIIQEHVMQLDVYMTIAIPQNEIENFKEEAKKYKGKIVETPLAGIEIAIVSPSL
SRHHLPHIACDVSEYVRKFGAKPNMIGLAHGAGKNISEIREKEKRLIQEHDIAIYVMGNFESCILDKTHLFKVDIPLVVT
GGPETLDIPYTYVGNLGRRAQRLRKGEEIRALRQMIDEVTKKINDKRMELSYDPPIIPPVVLKDEIEKRIDEVRGILAPM
PIVTQLDGLRIKMDYDRNHEEIENVKIGKYLLKDIAYVTRSEMKNYILIKLKSTSELKTDENKA
;
H
6 'polypeptide(L)'
;MSAWSHPQFEKGGGSGGGSGGSAWSHPQFEKSAGSGMPVGRKEQIVDCRAVMGLGEGGGLAQRGTFAEGLRNDVVVVAMS
PGRRHITKPVCEITYGIREAGIQTSVLVLDAGGGIPSDAPQGSLGSTFGLKPEEAKQVNRHKLCVIHFGNVKSHIIYKAR
LFLKYVDIPTIIVCQTPVDMEDFAAIGIKTKNVMPLESKTEGKIVEIITGVIRGESAPQKKIDEIIESIKKHLG
;
I
7 'polypeptide(L)'
;MNVLVNNNPKSGKTLEDVIKDEYYIPGSNIVIIKGTATVIKEETKKYLIKTTKGSFVVGITEENETVDFWNKNYKSFEDK
SLIWKSISDVSFGSIEIPLPVSSVKQNFKKWDVVLSVSGLDTSEGNLIFVQRDVLELYGLENPKIGILIGGKRVLKTLTA
DDRIISIEQMRESKENIDYEITTNLNKEIQDTWKIYTYCKAEFDGPPQSTEHALAILENGTLEISENTNTYVADCRLQTL
FIDEENPEDRDRGTITVRNIGNGVGKVYIYQESRASSLSHTVVGKVTDGIEIVDFSNSGHITVKTNPERLSVIGKTQKDA
KILFEKHGITLKMEGNIDEDAIIVEQVPEYTMDILKSKEVTTKGIEPEKLLYVEIYDKDAPTTSWYFRKVTGLTTKRIGT
LKIYFKHDDISMFERDWDYSKGLLPENTPEKSIDSGIIAVTNMVKKYKGYIGVRTSSNDKYGPTGETFEGTNIVGKVVKN
SEILKSVKQGENIYILEVNSN
;
J
8 'polypeptide(L)'
;MTLDRNGKLIEIGSYVRYINTGTHGTVKAIEPKNDEEWVLLENDIYYRPELLELVERKKIEKKESEEELIERITNEDIDL
EAAENGCGCSGAG
;
L
#
loop_
_chem_comp.id
_chem_comp.type
_chem_comp.name
_chem_comp.formula
COM non-polymer '1-THIOETHANESULFONIC ACID' 'C2 H6 O3 S2'
F43 non-polymer 'FACTOR 430' 'C42 H51 N6 Ni O13 1'
S5Q non-polymer 'FeFe cofactor' 'C Fe8 S9 -4'
SHT non-polymer O-PHOSPHONO-N-{(2E)-7-[(2-SULFOETHYL)DITHIO]HEPT-2-ENOYL}-L-THREONINE 'C13 H24 N O10 P S3'
TP7 non-polymer 'Coenzyme B' 'C11 H22 N O7 P S'
#
# COMPACT_ATOMS: atom_id res chain seq x y z
N ALA A 2 28.03 12.36 70.55
CA ALA A 2 27.58 11.93 69.24
C ALA A 2 27.44 13.13 68.30
N TYR A 3 26.48 13.03 67.37
CA TYR A 3 26.20 14.11 66.44
C TYR A 3 24.85 14.73 66.80
N THR A 4 24.85 16.04 66.99
CA THR A 4 23.62 16.75 67.28
C THR A 4 23.06 17.37 66.00
N PRO A 5 21.88 16.96 65.54
CA PRO A 5 21.38 17.43 64.25
C PRO A 5 21.03 18.91 64.28
N GLN A 6 21.12 19.52 63.10
CA GLN A 6 20.75 20.92 62.92
C GLN A 6 19.58 21.12 61.98
N PHE A 7 19.11 20.06 61.31
CA PHE A 7 17.88 20.06 60.53
C PHE A 7 18.35 21.21 59.64
N TYR A 8 17.49 22.21 59.43
CA TYR A 8 17.76 23.25 58.45
C TYR A 8 18.70 24.43 58.67
N PRO A 9 19.19 25.03 57.60
CA PRO A 9 19.99 26.25 57.72
C PRO A 9 19.10 27.48 57.82
N GLY A 10 19.72 28.63 57.97
CA GLY A 10 18.99 29.88 57.99
C GLY A 10 18.74 30.38 59.39
N ALA A 11 18.58 31.70 59.50
CA ALA A 11 18.35 32.36 60.78
C ALA A 11 17.05 33.14 60.82
N THR A 12 16.23 33.07 59.78
CA THR A 12 14.96 33.78 59.76
C THR A 12 13.90 32.98 60.53
N LYS A 13 12.72 33.59 60.67
CA LYS A 13 11.65 32.93 61.40
C LYS A 13 11.12 31.70 60.66
N VAL A 14 11.05 31.78 59.33
CA VAL A 14 10.58 30.64 58.55
C VAL A 14 11.54 29.47 58.68
N ALA A 15 12.84 29.74 58.67
CA ALA A 15 13.82 28.68 58.86
C ALA A 15 13.68 28.04 60.23
N GLU A 16 13.43 28.85 61.25
CA GLU A 16 13.25 28.29 62.59
C GLU A 16 12.00 27.43 62.67
N ASN A 17 10.91 27.86 62.03
CA ASN A 17 9.70 27.04 62.03
C ASN A 17 9.91 25.74 61.28
N ARG A 18 10.65 25.77 60.17
CA ARG A 18 10.98 24.55 59.45
C ARG A 18 11.82 23.62 60.32
N ARG A 19 12.78 24.17 61.06
CA ARG A 19 13.58 23.36 61.96
C ARG A 19 12.71 22.72 63.04
N ASN A 20 11.78 23.49 63.60
CA ASN A 20 10.89 22.96 64.63
C ASN A 20 10.02 21.83 64.07
N HIS A 21 9.50 22.01 62.86
CA HIS A 21 8.71 20.95 62.25
C HIS A 21 9.55 19.70 62.00
N LEU A 22 10.80 19.89 61.56
CA LEU A 22 11.67 18.76 61.30
C LEU A 22 12.12 18.09 62.58
N ASN A 23 12.24 18.84 63.66
CA ASN A 23 12.77 18.30 64.91
C ASN A 23 11.77 17.36 65.55
N PRO A 24 12.12 16.09 65.77
CA PRO A 24 11.18 15.17 66.44
C PRO A 24 11.08 15.39 67.93
N ASN A 25 12.06 16.05 68.54
CA ASN A 25 12.02 16.35 69.97
C ASN A 25 11.28 17.64 70.27
N TYR A 26 10.84 18.36 69.25
CA TYR A 26 10.09 19.60 69.44
C TYR A 26 8.62 19.29 69.61
N GLU A 27 8.03 19.79 70.70
CA GLU A 27 6.62 19.54 70.98
C GLU A 27 5.76 20.54 70.23
N LEU A 28 4.97 20.04 69.28
CA LEU A 28 4.06 20.90 68.54
C LEU A 28 2.99 21.46 69.45
N GLU A 29 2.74 22.76 69.33
CA GLU A 29 1.77 23.43 70.19
C GLU A 29 0.36 22.90 69.90
N LYS A 30 -0.38 22.62 70.96
CA LYS A 30 -1.75 22.12 70.84
C LYS A 30 -2.71 23.30 70.75
N LEU A 31 -3.59 23.28 69.75
CA LEU A 31 -4.51 24.38 69.52
C LEU A 31 -5.98 23.99 69.57
N ARG A 32 -6.32 22.76 69.24
CA ARG A 32 -7.71 22.32 69.15
C ARG A 32 -7.89 21.06 69.98
N GLU A 33 -9.15 20.62 70.09
CA GLU A 33 -9.45 19.31 70.66
C GLU A 33 -10.62 18.73 69.85
N ILE A 34 -10.29 17.97 68.82
CA ILE A 34 -11.26 17.31 67.97
C ILE A 34 -11.28 15.83 68.35
N PRO A 35 -12.42 15.29 68.79
CA PRO A 35 -12.44 13.89 69.24
C PRO A 35 -12.15 12.92 68.11
N ASP A 36 -11.74 11.71 68.50
CA ASP A 36 -11.29 10.73 67.51
C ASP A 36 -12.42 10.34 66.55
N GLU A 37 -13.64 10.23 67.06
CA GLU A 37 -14.76 9.85 66.20
C GLU A 37 -14.99 10.90 65.12
N ASP A 38 -14.89 12.18 65.48
CA ASP A 38 -15.08 13.24 64.50
C ASP A 38 -14.01 13.18 63.42
N VAL A 39 -12.75 12.97 63.82
CA VAL A 39 -11.67 12.86 62.84
C VAL A 39 -11.91 11.67 61.92
N VAL A 40 -12.27 10.52 62.50
CA VAL A 40 -12.48 9.30 61.73
C VAL A 40 -13.59 9.51 60.70
N LYS A 41 -14.68 10.15 61.12
CA LYS A 41 -15.78 10.38 60.20
C LYS A 41 -15.46 11.47 59.18
N ILE A 42 -14.54 12.38 59.48
CA ILE A 42 -14.10 13.34 58.47
C ILE A 42 -13.26 12.64 57.40
N MET A 43 -12.38 11.71 57.80
CA MET A 43 -11.60 10.98 56.81
C MET A 43 -12.50 10.16 55.90
N GLY A 44 -13.57 9.58 56.46
CA GLY A 44 -14.56 8.91 55.63
C GLY A 44 -14.22 7.50 55.19
N HIS A 45 -13.13 6.93 55.71
CA HIS A 45 -12.78 5.56 55.33
C HIS A 45 -13.69 4.55 56.01
N ARG A 46 -14.02 4.78 57.28
CA ARG A 46 -14.84 3.84 58.03
C ARG A 46 -15.73 4.61 58.99
N GLN A 47 -16.86 4.00 59.32
CA GLN A 47 -17.77 4.59 60.30
C GLN A 47 -17.29 4.27 61.71
N PRO A 48 -17.24 5.26 62.59
CA PRO A 48 -16.81 4.99 63.97
C PRO A 48 -17.76 4.03 64.67
N GLY A 49 -17.26 2.84 64.98
CA GLY A 49 -18.08 1.83 65.64
C GLY A 49 -17.85 0.43 65.10
N GLU A 50 -17.41 0.33 63.85
CA GLU A 50 -17.16 -0.98 63.25
C GLU A 50 -15.69 -1.38 63.47
N ASP A 51 -15.43 -2.67 63.28
CA ASP A 51 -14.07 -3.17 63.38
C ASP A 51 -13.28 -2.79 62.14
N TYR A 52 -11.95 -2.76 62.30
CA TYR A 52 -11.07 -2.39 61.20
C TYR A 52 -11.06 -3.49 60.15
N LYS A 53 -11.22 -3.11 58.89
CA LYS A 53 -11.07 -4.07 57.81
C LYS A 53 -9.61 -4.47 57.68
N THR A 54 -9.41 -5.68 57.15
CA THR A 54 -8.09 -6.32 57.13
C THR A 54 -7.71 -6.67 55.71
N VAL A 55 -6.49 -6.32 55.32
CA VAL A 55 -6.00 -6.61 53.97
C VAL A 55 -5.20 -7.90 53.90
N HIS A 56 -4.64 -8.37 55.01
CA HIS A 56 -3.95 -9.63 55.07
C HIS A 56 -4.02 -10.14 56.49
N PRO A 57 -3.97 -11.45 56.70
CA PRO A 57 -4.12 -12.00 58.06
C PRO A 57 -3.10 -11.40 59.01
N PRO A 58 -3.38 -11.43 60.31
CA PRO A 58 -2.41 -10.91 61.28
C PRO A 58 -1.07 -11.62 61.15
N LEU A 59 0.01 -10.85 61.39
CA LEU A 59 1.36 -11.36 61.17
C LEU A 59 1.64 -12.61 61.99
N GLU A 60 0.95 -12.80 63.11
CA GLU A 60 1.16 -14.02 63.90
C GLU A 60 0.58 -15.23 63.18
N GLU A 61 -0.58 -15.09 62.55
CA GLU A 61 -1.22 -16.22 61.87
C GLU A 61 -0.40 -16.68 60.68
N MET A 62 0.04 -15.75 59.84
CA MET A 62 0.84 -16.12 58.68
C MET A 62 2.26 -16.46 59.09
N ASP A 63 2.92 -17.29 58.29
CA ASP A 63 4.27 -17.74 58.54
C ASP A 63 5.22 -17.12 57.51
N PHE A 64 6.41 -16.75 57.99
CA PHE A 64 7.41 -16.10 57.16
C PHE A 64 8.72 -16.85 57.24
N VAL A 65 9.55 -16.65 56.21
CA VAL A 65 10.90 -17.21 56.24
C VAL A 65 11.73 -16.49 57.30
N GLU A 66 12.71 -17.22 57.84
CA GLU A 66 13.57 -16.68 58.88
C GLU A 66 14.50 -15.64 58.26
N ASP A 67 14.19 -14.37 58.48
CA ASP A 67 14.98 -13.26 57.95
C ASP A 67 15.50 -12.44 59.13
N TYR A 68 16.79 -12.57 59.41
CA TYR A 68 17.37 -11.86 60.55
C TYR A 68 17.27 -10.36 60.38
N ALA A 69 17.57 -9.86 59.18
CA ALA A 69 17.60 -8.41 58.96
C ALA A 69 16.22 -7.81 58.82
N ARG A 70 15.18 -8.63 58.76
CA ARG A 70 13.82 -8.11 58.66
C ARG A 70 13.10 -8.15 60.00
N ASP A 71 13.42 -9.10 60.86
CA ASP A 71 12.71 -9.31 62.11
C ASP A 71 13.26 -8.49 63.27
N LEU A 72 14.31 -7.71 63.04
CA LEU A 72 14.86 -6.86 64.09
C LEU A 72 14.37 -5.43 64.00
N VAL A 73 13.37 -5.17 63.14
CA VAL A 73 12.66 -3.90 63.10
C VAL A 73 11.26 -4.14 63.63
N GLU A 74 10.92 -3.46 64.72
CA GLU A 74 9.62 -3.68 65.34
C GLU A 74 8.52 -3.08 64.48
N PRO A 75 7.47 -3.83 64.15
CA PRO A 75 6.43 -3.32 63.26
C PRO A 75 5.40 -2.50 64.03
N LEU A 76 4.61 -1.75 63.26
CA LEU A 76 3.51 -0.99 63.85
C LEU A 76 2.42 -1.91 64.34
N ASN A 77 1.63 -1.41 65.30
CA ASN A 77 0.53 -2.21 65.82
C ASN A 77 -0.48 -2.52 64.72
N GLY A 78 -0.78 -1.55 63.86
CA GLY A 78 -1.65 -1.81 62.74
C GLY A 78 -1.09 -2.80 61.75
N ALA A 79 0.24 -2.96 61.70
CA ALA A 79 0.84 -3.91 60.78
C ALA A 79 0.66 -5.34 61.27
N LYS A 80 0.84 -5.57 62.57
CA LYS A 80 0.66 -6.92 63.10
C LYS A 80 -0.80 -7.33 63.15
N GLU A 81 -1.72 -6.39 63.02
CA GLU A 81 -3.15 -6.71 62.94
C GLU A 81 -3.62 -6.86 61.51
N GLY A 82 -2.76 -6.64 60.53
CA GLY A 82 -3.14 -6.80 59.14
C GLY A 82 -4.09 -5.74 58.63
N HIS A 83 -4.12 -4.57 59.27
CA HIS A 83 -5.05 -3.52 58.89
C HIS A 83 -4.76 -3.02 57.49
N ARG A 84 -5.80 -2.55 56.81
CA ARG A 84 -5.63 -2.01 55.47
C ARG A 84 -4.97 -0.64 55.53
N VAL A 85 -4.30 -0.27 54.43
CA VAL A 85 -3.55 0.98 54.36
C VAL A 85 -4.46 2.04 53.75
N ARG A 86 -4.71 3.09 54.51
CA ARG A 86 -5.54 4.20 54.07
C ARG A 86 -4.71 5.48 54.08
N TYR A 87 -5.35 6.59 53.71
CA TYR A 87 -4.65 7.83 53.47
C TYR A 87 -5.34 8.99 54.15
N ILE A 88 -4.58 10.03 54.43
CA ILE A 88 -5.11 11.34 54.79
C ILE A 88 -4.38 12.39 53.97
N GLN A 89 -5.13 13.29 53.35
CA GLN A 89 -4.57 14.22 52.38
C GLN A 89 -5.00 15.64 52.72
N PHE A 90 -4.11 16.60 52.53
CA PHE A 90 -4.35 17.99 52.86
C PHE A 90 -3.93 18.89 51.71
N ALA A 91 -4.58 20.04 51.62
CA ALA A 91 -4.16 21.11 50.73
C ALA A 91 -3.81 22.32 51.58
N ASP A 92 -2.60 22.83 51.41
CA ASP A 92 -2.07 23.93 52.22
C ASP A 92 -2.03 25.19 51.37
N SER A 93 -2.71 26.23 51.84
CA SER A 93 -2.75 27.48 51.10
C SER A 93 -1.37 28.12 51.06
N MET A 94 -1.11 28.87 49.99
CA MET A 94 0.15 29.57 49.87
C MET A 94 0.16 30.87 50.65
N TYR A 95 -0.94 31.24 51.28
CA TYR A 95 -1.03 32.47 52.07
C TYR A 95 -0.85 32.11 53.54
N PHE A 96 0.40 31.84 53.90
CA PHE A 96 0.82 31.73 55.30
C PHE A 96 0.16 30.56 56.02
N ALA A 97 -0.07 29.48 55.30
CA ALA A 97 -0.53 28.26 55.96
C ALA A 97 0.58 27.75 56.88
N PRO A 98 0.24 27.27 58.08
CA PRO A 98 1.29 26.90 59.04
C PRO A 98 2.15 25.73 58.60
N ALA A 99 1.67 24.90 57.69
CA ALA A 99 2.45 23.77 57.18
C ALA A 99 2.37 23.76 55.66
N GLN A 100 3.44 23.31 55.02
CA GLN A 100 3.60 23.35 53.59
C GLN A 100 3.99 21.97 53.08
N PRO A 101 3.73 21.68 51.79
CA PRO A 101 3.89 20.30 51.29
C PRO A 101 5.22 19.64 51.58
N TYR A 102 6.33 20.22 51.14
CA TYR A 102 7.63 19.60 51.38
C TYR A 102 7.96 19.62 52.86
N ASP A 103 7.60 20.69 53.56
CA ASP A 103 7.77 20.73 55.00
C ASP A 103 6.99 19.63 55.68
N ARG A 104 5.74 19.42 55.27
CA ARG A 104 4.93 18.35 55.83
C ARG A 104 5.56 16.98 55.57
N SER A 105 6.01 16.75 54.33
CA SER A 105 6.58 15.45 53.99
C SER A 105 7.83 15.17 54.80
N ARG A 106 8.73 16.16 54.91
CA ARG A 106 9.95 15.97 55.67
C ARG A 106 9.65 15.74 57.15
N SER A 107 8.74 16.52 57.72
CA SER A 107 8.41 16.34 59.13
C SER A 107 7.79 14.97 59.39
N TYR A 108 6.90 14.53 58.50
CA TYR A 108 6.28 13.22 58.66
C TYR A 108 7.30 12.11 58.56
N MET A 109 8.22 12.20 57.60
CA MET A 109 9.21 11.16 57.44
C MET A 109 10.26 11.19 58.53
N SER A 110 10.42 12.31 59.23
CA SER A 110 11.34 12.38 60.36
C SER A 110 10.64 12.26 61.70
N ARG A 111 9.33 12.07 61.73
CA ARG A 111 8.58 11.98 62.99
C ARG A 111 7.78 10.70 63.12
N LEU A 112 7.20 10.19 62.04
CA LEU A 112 6.35 9.01 62.09
C LEU A 112 7.10 7.79 61.57
N ARG A 113 6.64 6.62 61.99
CA ARG A 113 7.26 5.35 61.64
C ARG A 113 6.45 4.64 60.57
N GLY A 114 7.11 4.23 59.50
CA GLY A 114 6.48 3.42 58.48
C GLY A 114 5.35 4.10 57.73
N VAL A 115 5.53 5.37 57.37
CA VAL A 115 4.54 6.10 56.62
C VAL A 115 5.08 6.37 55.22
N ASP A 116 4.16 6.57 54.29
CA ASP A 116 4.48 6.88 52.90
C ASP A 116 3.96 8.29 52.61
N ALA A 117 4.86 9.23 52.40
CA ALA A 117 4.51 10.63 52.20
C ALA A 117 4.81 11.03 50.77
N GLY A 118 3.85 11.71 50.14
CA GLY A 118 4.04 12.26 48.83
C GLY A 118 3.63 13.71 48.81
N THR A 119 4.33 14.51 48.01
CA THR A 119 4.10 15.93 47.97
C THR A 119 3.86 16.40 46.55
N LEU A 120 2.89 17.30 46.40
CA LEU A 120 2.71 18.04 45.16
C LEU A 120 2.61 19.52 45.50
N SER A 121 2.29 20.34 44.51
CA SER A 121 1.98 21.74 44.81
C SER A 121 0.61 21.87 45.45
N GLY A 122 -0.35 21.12 44.94
CA GLY A 122 -1.73 21.29 45.36
C GLY A 122 -2.16 20.43 46.53
N ARG A 123 -1.40 19.39 46.85
CA ARG A 123 -1.80 18.50 47.92
C ARG A 123 -0.59 17.78 48.48
N GLN A 124 -0.77 17.23 49.68
CA GLN A 124 0.22 16.39 50.34
C GLN A 124 -0.53 15.25 51.02
N VAL A 125 -0.07 14.03 50.80
CA VAL A 125 -0.81 12.83 51.20
C VAL A 125 0.09 11.93 52.03
N VAL A 126 -0.48 11.31 53.06
CA VAL A 126 0.20 10.32 53.88
C VAL A 126 -0.60 9.03 53.81
N GLU A 127 0.10 7.90 53.71
CA GLU A 127 -0.55 6.61 53.69
C GLU A 127 0.06 5.73 54.77
N CYS A 128 -0.79 5.13 55.59
CA CYS A 128 -0.33 4.27 56.68
C CYS A 128 -1.44 3.29 57.04
N ARG A 129 -1.11 2.37 57.94
CA ARG A 129 -2.10 1.44 58.45
C ARG A 129 -3.20 2.21 59.17
N GLU A 130 -4.43 1.72 59.05
CA GLU A 130 -5.60 2.54 59.38
C GLU A 130 -5.60 2.97 60.84
N SER A 131 -5.28 2.04 61.76
CA SER A 131 -5.28 2.40 63.18
C SER A 131 -4.20 3.42 63.49
N ASP A 132 -2.97 3.17 63.03
CA ASP A 132 -1.89 4.12 63.25
C ASP A 132 -2.16 5.44 62.54
N LEU A 133 -2.74 5.37 61.34
CA LEU A 133 -3.08 6.58 60.61
C LEU A 133 -4.05 7.44 61.39
N GLU A 134 -5.13 6.84 61.91
CA GLU A 134 -6.09 7.60 62.70
C GLU A 134 -5.45 8.17 63.95
N GLU A 135 -4.65 7.36 64.65
CA GLU A 135 -4.05 7.81 65.90
C GLU A 135 -3.16 9.02 65.67
N PHE A 136 -2.19 8.90 64.75
CA PHE A 136 -1.26 10.00 64.56
C PHE A 136 -1.96 11.17 63.88
N SER A 137 -2.95 10.92 63.03
CA SER A 137 -3.68 12.03 62.42
C SER A 137 -4.34 12.89 63.49
N LYS A 138 -5.15 12.28 64.35
CA LYS A 138 -5.81 13.06 65.39
C LYS A 138 -4.80 13.72 66.32
N ASN A 139 -3.72 13.01 66.67
CA ASN A 139 -2.84 13.55 67.70
C ASN A 139 -1.94 14.65 67.18
N ILE A 140 -1.52 14.59 65.91
CA ILE A 140 -0.51 15.50 65.38
C ILE A 140 -1.07 16.38 64.27
N LEU A 141 -1.72 15.77 63.28
CA LEU A 141 -2.08 16.52 62.09
C LEU A 141 -3.25 17.47 62.34
N MET A 142 -4.17 17.10 63.23
CA MET A 142 -5.40 17.87 63.42
C MET A 142 -5.30 18.89 64.55
N ASP A 143 -5.09 18.44 65.78
CA ASP A 143 -5.17 19.37 66.91
C ASP A 143 -3.80 19.90 67.31
N THR A 144 -3.03 20.37 66.33
CA THR A 144 -1.75 21.01 66.58
C THR A 144 -1.65 22.23 65.67
N GLU A 145 -0.50 22.90 65.70
CA GLU A 145 -0.28 24.05 64.84
C GLU A 145 -0.11 23.65 63.38
N LEU A 146 -0.01 22.36 63.07
CA LEU A 146 0.10 21.91 61.69
C LEU A 146 -1.17 22.12 60.89
N PHE A 147 -2.31 22.39 61.54
CA PHE A 147 -3.59 22.47 60.87
C PHE A 147 -4.22 23.83 61.15
N ASP A 148 -4.69 24.49 60.10
CA ASP A 148 -5.49 25.70 60.22
C ASP A 148 -6.78 25.46 59.45
N PRO A 149 -7.94 25.51 60.11
CA PRO A 149 -9.19 25.18 59.40
C PRO A 149 -9.51 26.12 58.26
N ALA A 150 -8.93 27.32 58.23
CA ALA A 150 -9.21 28.26 57.15
C ALA A 150 -8.26 28.08 55.97
N THR A 151 -6.96 27.96 56.23
CA THR A 151 -5.95 27.90 55.18
C THR A 151 -5.53 26.47 54.83
N SER A 152 -6.00 25.48 55.57
CA SER A 152 -5.68 24.09 55.24
C SER A 152 -6.93 23.24 55.39
N GLY A 153 -7.22 22.45 54.37
CA GLY A 153 -8.38 21.57 54.40
C GLY A 153 -8.01 20.19 53.91
N MET A 154 -8.62 19.19 54.53
CA MET A 154 -8.37 17.80 54.16
C MET A 154 -9.23 17.46 52.95
N ARG A 155 -8.58 17.21 51.81
CA ARG A 155 -9.27 16.96 50.55
C ARG A 155 -8.67 15.72 49.90
N GLY A 156 -9.53 14.76 49.53
CA GLY A 156 -9.06 13.55 48.90
C GLY A 156 -9.09 13.61 47.38
N ALA A 157 -9.94 14.48 46.85
CA ALA A 157 -10.07 14.65 45.40
C ALA A 157 -10.55 16.06 45.12
N THR A 158 -10.39 16.48 43.87
CA THR A 158 -10.69 17.85 43.44
C THR A 158 -9.98 18.86 44.35
N VAL A 159 -8.66 18.71 44.41
CA VAL A 159 -7.82 19.62 45.18
C VAL A 159 -7.50 20.81 44.29
N HIS A 160 -7.97 21.99 44.68
CA HIS A 160 -7.76 23.19 43.88
C HIS A 160 -8.04 24.38 44.78
N GLY A 161 -7.04 25.24 44.97
CA GLY A 161 -7.22 26.38 45.85
C GLY A 161 -6.01 26.68 46.70
N HIS A 162 -4.97 25.85 46.60
CA HIS A 162 -3.73 26.14 47.32
C HIS A 162 -3.12 27.44 46.85
N SER A 163 -3.33 27.80 45.59
CA SER A 163 -2.74 29.00 45.01
C SER A 163 -3.78 30.08 44.72
N LEU A 164 -5.06 29.81 44.95
CA LEU A 164 -6.08 30.81 44.69
C LEU A 164 -6.18 31.77 45.86
N ARG A 165 -6.73 32.95 45.58
CA ARG A 165 -6.97 33.93 46.62
C ARG A 165 -8.05 33.44 47.59
N LEU A 166 -7.90 33.82 48.85
CA LEU A 166 -8.87 33.42 49.85
C LEU A 166 -10.19 34.15 49.62
N ASP A 167 -11.27 33.60 50.17
CA ASP A 167 -12.58 34.20 50.03
C ASP A 167 -12.77 35.27 51.11
N GLU A 168 -13.98 35.82 51.19
CA GLU A 168 -14.25 36.94 52.09
C GLU A 168 -14.10 36.57 53.56
N ASN A 169 -14.06 35.29 53.90
CA ASN A 169 -13.91 34.84 55.28
C ASN A 169 -12.49 34.41 55.60
N GLY A 170 -11.54 34.74 54.73
CA GLY A 170 -10.17 34.26 54.89
C GLY A 170 -10.08 32.76 54.77
N MET A 171 -10.83 32.16 53.87
CA MET A 171 -11.01 30.72 53.79
C MET A 171 -10.65 30.24 52.40
N MET A 172 -10.01 29.07 52.32
CA MET A 172 -9.53 28.57 51.04
C MET A 172 -10.68 28.17 50.14
N PHE A 173 -10.44 28.28 48.83
CA PHE A 173 -11.42 27.85 47.84
C PHE A 173 -11.56 26.33 47.84
N ASP A 174 -12.78 25.86 47.69
CA ASP A 174 -13.04 24.42 47.57
C ASP A 174 -14.21 24.21 46.64
N ALA A 175 -13.99 23.44 45.57
CA ALA A 175 -15.06 23.16 44.62
C ALA A 175 -16.15 22.31 45.25
N LEU A 176 -15.77 21.32 46.05
CA LEU A 176 -16.76 20.46 46.69
C LEU A 176 -17.33 21.06 47.96
N GLN A 177 -16.69 22.10 48.51
CA GLN A 177 -17.16 22.78 49.71
C GLN A 177 -17.36 21.81 50.86
N ARG A 178 -16.30 21.08 51.20
CA ARG A 178 -16.39 20.08 52.25
C ARG A 178 -16.46 20.70 53.63
N CYS A 179 -15.86 21.87 53.82
CA CYS A 179 -15.88 22.55 55.10
C CYS A 179 -16.50 23.93 54.93
N VAL A 180 -17.28 24.36 55.92
CA VAL A 180 -18.08 25.57 55.84
C VAL A 180 -17.76 26.44 57.05
N PHE A 181 -17.61 27.74 56.82
CA PHE A 181 -17.42 28.71 57.88
C PHE A 181 -18.79 29.21 58.36
N ASP A 182 -19.01 29.12 59.66
CA ASP A 182 -20.27 29.53 60.27
C ASP A 182 -20.10 30.90 60.92
N GLU A 183 -20.90 31.86 60.48
CA GLU A 183 -20.72 33.24 60.92
C GLU A 183 -21.21 33.48 62.33
N LYS A 184 -22.25 32.76 62.76
CA LYS A 184 -22.86 33.06 64.06
C LYS A 184 -22.02 32.54 65.23
N THR A 185 -21.04 31.68 64.97
CA THR A 185 -20.07 31.28 65.98
C THR A 185 -18.63 31.64 65.64
N GLY A 186 -18.29 31.75 64.37
CA GLY A 186 -16.91 31.89 63.96
C GLY A 186 -16.18 30.58 63.81
N HIS A 187 -16.82 29.45 64.09
CA HIS A 187 -16.22 28.14 63.95
C HIS A 187 -16.32 27.67 62.49
N VAL A 188 -15.46 26.74 62.13
CA VAL A 188 -15.49 26.08 60.83
C VAL A 188 -16.07 24.68 61.04
N MET A 189 -17.02 24.32 60.20
CA MET A 189 -17.69 23.02 60.30
C MET A 189 -17.46 22.23 59.03
N TYR A 190 -17.21 20.94 59.18
CA TYR A 190 -17.01 20.03 58.06
C TYR A 190 -18.33 19.32 57.78
N VAL A 191 -18.84 19.49 56.55
CA VAL A 191 -20.11 18.90 56.17
C VAL A 191 -19.96 17.68 55.28
N LYS A 192 -18.76 17.39 54.78
CA LYS A 192 -18.52 16.24 53.95
C LYS A 192 -17.20 15.59 54.36
N ASP A 193 -17.01 14.35 53.92
CA ASP A 193 -15.72 13.70 54.12
C ASP A 193 -14.70 14.22 53.12
N GLN A 194 -13.47 13.73 53.22
CA GLN A 194 -12.41 14.27 52.38
C GLN A 194 -12.63 13.95 50.91
N VAL A 195 -13.25 12.80 50.60
CA VAL A 195 -13.56 12.49 49.22
C VAL A 195 -14.70 13.37 48.71
N GLY A 196 -15.72 13.60 49.53
CA GLY A 196 -16.81 14.46 49.14
C GLY A 196 -18.18 13.93 49.50
N LYS A 197 -18.23 12.75 50.13
CA LYS A 197 -19.50 12.19 50.56
C LYS A 197 -20.02 12.97 51.76
N PRO A 198 -21.28 13.42 51.72
CA PRO A 198 -21.80 14.23 52.82
C PRO A 198 -21.88 13.45 54.12
N LEU A 199 -21.74 14.17 55.23
CA LEU A 199 -21.83 13.59 56.56
C LEU A 199 -23.25 13.73 57.11
N ASP A 200 -23.59 12.83 58.03
CA ASP A 200 -24.89 12.90 58.67
C ASP A 200 -25.04 14.16 59.51
N ALA A 201 -24.00 14.52 60.27
CA ALA A 201 -24.02 15.70 61.11
C ALA A 201 -22.70 16.45 60.92
N PRO A 202 -22.74 17.74 60.67
CA PRO A 202 -21.50 18.51 60.53
C PRO A 202 -20.68 18.46 61.81
N VAL A 203 -19.37 18.37 61.65
CA VAL A 203 -18.44 18.26 62.76
C VAL A 203 -17.66 19.57 62.88
N ASP A 204 -17.60 20.10 64.09
CA ASP A 204 -16.90 21.36 64.35
C ASP A 204 -15.42 21.10 64.52
N VAL A 205 -14.60 21.85 63.79
CA VAL A 205 -13.15 21.73 63.91
C VAL A 205 -12.52 22.90 64.66
N GLY A 206 -13.27 23.95 64.94
CA GLY A 206 -12.79 25.05 65.75
C GLY A 206 -12.66 26.34 64.95
N GLU A 207 -12.15 27.36 65.64
CA GLU A 207 -11.95 28.67 65.05
C GLU A 207 -10.70 28.67 64.19
N PRO A 208 -10.68 29.49 63.14
CA PRO A 208 -9.44 29.65 62.36
C PRO A 208 -8.38 30.39 63.14
N ILE A 209 -7.13 30.11 62.79
CA ILE A 209 -5.99 30.81 63.41
C ILE A 209 -5.95 32.25 62.92
N PRO A 210 -5.76 33.24 63.79
CA PRO A 210 -5.67 34.63 63.32
C PRO A 210 -4.46 34.84 62.44
N GLU A 211 -4.57 35.82 61.54
CA GLU A 211 -3.53 36.04 60.54
C GLU A 211 -2.20 36.40 61.18
N ALA A 212 -2.23 37.24 62.23
CA ALA A 212 -1.00 37.65 62.88
C ALA A 212 -0.23 36.46 63.43
N LYS A 213 -0.93 35.52 64.04
CA LYS A 213 -0.29 34.28 64.49
C LYS A 213 0.21 33.46 63.30
N LEU A 214 -0.57 33.43 62.22
CA LEU A 214 -0.16 32.68 61.03
C LEU A 214 1.15 33.20 60.48
N ARG A 215 1.41 34.50 60.59
CA ARG A 215 2.62 35.07 60.02
C ARG A 215 3.86 34.49 60.66
N GLU A 216 3.84 34.26 61.97
CA GLU A 216 5.02 33.85 62.69
C GLU A 216 5.16 32.33 62.83
N ILE A 217 4.21 31.55 62.33
CA ILE A 217 4.29 30.11 62.37
C ILE A 217 4.30 29.47 61.00
N THR A 218 4.21 30.27 59.93
CA THR A 218 4.23 29.71 58.59
C THR A 218 5.64 29.28 58.21
N THR A 219 5.72 28.32 57.29
CA THR A 219 6.99 27.78 56.81
C THR A 219 7.21 28.09 55.33
N ILE A 220 6.62 29.17 54.84
CA ILE A 220 6.73 29.56 53.44
C ILE A 220 7.39 30.93 53.36
N TYR A 221 8.28 31.08 52.38
CA TYR A 221 8.92 32.36 52.13
C TYR A 221 8.04 33.17 51.19
N ARG A 222 7.74 34.39 51.58
CA ARG A 222 6.88 35.25 50.78
C ARG A 222 7.46 36.66 50.78
N ASN A 223 7.27 37.37 49.67
CA ASN A 223 7.80 38.73 49.57
C ASN A 223 7.18 39.64 50.62
N ASP A 224 5.98 39.31 51.09
CA ASP A 224 5.34 40.12 52.11
C ASP A 224 5.60 39.62 53.52
N GLY A 225 5.66 38.31 53.75
CA GLY A 225 5.94 37.85 55.11
C GLY A 225 7.41 37.92 55.48
N VAL A 226 8.23 37.03 54.91
CA VAL A 226 9.68 37.10 54.98
C VAL A 226 10.22 36.55 53.67
N ALA A 227 11.19 37.26 53.09
CA ALA A 227 11.73 36.89 51.80
C ALA A 227 12.93 35.98 51.97
N MET A 228 13.13 35.10 50.98
CA MET A 228 14.34 34.29 50.96
C MET A 228 15.58 35.14 50.78
N ARG A 229 15.43 36.34 50.21
CA ARG A 229 16.55 37.27 50.14
C ARG A 229 17.01 37.68 51.53
N ALA A 230 16.13 37.60 52.52
CA ALA A 230 16.48 37.93 53.90
C ALA A 230 17.13 36.77 54.63
N ASP A 231 17.28 35.61 53.98
CA ASP A 231 17.93 34.43 54.55
C ASP A 231 18.97 33.93 53.57
N PRO A 232 20.11 34.63 53.46
CA PRO A 232 21.13 34.22 52.49
C PRO A 232 21.71 32.85 52.74
N ASP A 233 21.65 32.35 53.98
CA ASP A 233 22.27 31.07 54.29
C ASP A 233 21.59 29.93 53.55
N VAL A 234 20.25 29.96 53.47
CA VAL A 234 19.53 28.90 52.78
C VAL A 234 19.88 28.90 51.30
N ILE A 235 19.95 30.08 50.68
CA ILE A 235 20.33 30.18 49.29
C ILE A 235 21.74 29.68 49.06
N GLU A 236 22.65 30.03 49.97
CA GLU A 236 24.03 29.57 49.85
C GLU A 236 24.12 28.05 49.95
N VAL A 237 23.36 27.45 50.87
CA VAL A 237 23.35 26.00 51.01
C VAL A 237 22.78 25.34 49.76
N VAL A 238 21.72 25.93 49.19
CA VAL A 238 21.14 25.38 47.97
C VAL A 238 22.16 25.43 46.83
N LYS A 239 22.85 26.57 46.69
CA LYS A 239 23.85 26.69 45.63
C LYS A 239 25.00 25.72 45.84
N ARG A 240 25.39 25.50 47.09
CA ARG A 240 26.45 24.54 47.38
C ARG A 240 26.02 23.13 47.00
N ILE A 241 24.78 22.77 47.31
CA ILE A 241 24.28 21.45 46.93
C ILE A 241 24.26 21.29 45.42
N HIS A 242 23.81 22.34 44.71
CA HIS A 242 23.78 22.28 43.25
C HIS A 242 25.18 22.12 42.68
N ARG A 243 26.15 22.87 43.19
CA ARG A 243 27.51 22.76 42.68
C ARG A 243 28.11 21.40 42.99
N ALA A 244 27.86 20.86 44.18
CA ALA A 244 28.35 19.54 44.51
C ALA A 244 27.77 18.50 43.58
N ARG A 245 26.46 18.60 43.27
CA ARG A 245 25.84 17.69 42.33
C ARG A 245 26.49 17.78 40.96
N THR A 246 26.71 19.00 40.48
CA THR A 246 27.31 19.17 39.15
C THR A 246 28.72 18.60 39.10
N LEU A 247 29.53 18.88 40.13
CA LEU A 247 30.90 18.36 40.15
C LEU A 247 30.92 16.85 40.24
N GLY A 248 30.05 16.27 41.06
CA GLY A 248 29.99 14.81 41.14
C GLY A 248 29.53 14.18 39.85
N GLY A 249 28.62 14.85 39.15
CA GLY A 249 28.19 14.35 37.85
C GLY A 249 29.29 14.40 36.81
N TYR A 250 30.07 15.48 36.82
CA TYR A 250 31.17 15.60 35.86
C TYR A 250 32.24 14.55 36.09
N ILE A 251 32.95 14.63 37.21
CA ILE A 251 33.99 13.68 37.57
C ILE A 251 33.99 13.53 39.09
N PRO A 252 33.68 12.36 39.62
CA PRO A 252 33.58 12.20 41.08
C PRO A 252 34.91 11.83 41.73
N THR A 253 35.80 12.82 41.83
CA THR A 253 37.08 12.64 42.49
C THR A 253 37.32 13.80 43.45
N ASN A 254 38.24 13.60 44.38
CA ASN A 254 38.57 14.66 45.34
C ASN A 254 39.17 15.87 44.65
N GLU A 255 39.93 15.65 43.57
CA GLU A 255 40.54 16.76 42.85
C GLU A 255 39.48 17.65 42.21
N THR A 256 38.43 17.04 41.66
CA THR A 256 37.33 17.83 41.10
C THR A 256 36.61 18.62 42.17
N PHE A 257 36.46 18.06 43.37
CA PHE A 257 35.73 18.72 44.44
C PHE A 257 36.56 19.79 45.14
N LYS A 258 37.81 20.00 44.73
CA LYS A 258 38.56 21.14 45.21
C LYS A 258 38.01 22.45 44.70
N GLY A 259 37.18 22.41 43.65
CA GLY A 259 36.55 23.60 43.12
C GLY A 259 35.16 23.81 43.68
N LEU A 260 34.91 23.24 44.85
CA LEU A 260 33.60 23.33 45.50
C LEU A 260 33.34 24.72 46.07
N ALA B 2 30.24 -40.65 -17.90
CA ALA B 2 29.78 -39.32 -17.54
C ALA B 2 28.28 -39.33 -17.27
N TYR B 3 27.66 -38.17 -17.40
CA TYR B 3 26.22 -38.00 -17.17
C TYR B 3 25.62 -37.37 -18.42
N THR B 4 24.80 -38.12 -19.14
CA THR B 4 24.09 -37.56 -20.27
C THR B 4 22.85 -36.80 -19.77
N PRO B 5 22.76 -35.50 -19.98
CA PRO B 5 21.66 -34.74 -19.37
C PRO B 5 20.39 -34.82 -20.21
N GLN B 6 19.30 -35.21 -19.58
CA GLN B 6 17.99 -34.75 -20.01
C GLN B 6 17.89 -33.26 -19.71
N PHE B 7 16.78 -32.64 -20.06
CA PHE B 7 16.64 -31.23 -19.77
C PHE B 7 15.29 -30.84 -19.21
N TYR B 8 14.26 -31.64 -19.40
CA TYR B 8 12.91 -31.28 -18.98
C TYR B 8 12.03 -32.52 -19.05
N PRO B 9 11.11 -32.70 -18.12
CA PRO B 9 10.15 -33.80 -18.24
C PRO B 9 9.05 -33.48 -19.23
N GLY B 10 8.36 -34.52 -19.68
CA GLY B 10 7.21 -34.33 -20.53
C GLY B 10 7.30 -34.99 -21.88
N ALA B 11 6.15 -35.24 -22.49
CA ALA B 11 6.09 -35.86 -23.81
C ALA B 11 5.38 -35.00 -24.85
N THR B 12 4.74 -33.91 -24.46
CA THR B 12 4.05 -33.07 -25.41
C THR B 12 5.05 -32.28 -26.25
N LYS B 13 4.54 -31.56 -27.25
CA LYS B 13 5.41 -30.75 -28.09
C LYS B 13 5.99 -29.57 -27.32
N VAL B 14 5.25 -29.04 -26.35
CA VAL B 14 5.74 -27.92 -25.55
C VAL B 14 6.95 -28.34 -24.73
N ALA B 15 6.88 -29.52 -24.09
CA ALA B 15 8.01 -30.00 -23.31
C ALA B 15 9.22 -30.26 -24.20
N GLU B 16 8.99 -30.81 -25.40
CA GLU B 16 10.09 -31.03 -26.32
C GLU B 16 10.72 -29.73 -26.76
N ASN B 17 9.92 -28.69 -27.01
CA ASN B 17 10.48 -27.40 -27.39
C ASN B 17 11.27 -26.78 -26.24
N ARG B 18 10.78 -26.93 -25.01
CA ARG B 18 11.53 -26.44 -23.86
C ARG B 18 12.86 -27.17 -23.73
N ARG B 19 12.86 -28.48 -23.96
CA ARG B 19 14.10 -29.24 -23.95
C ARG B 19 15.05 -28.75 -25.03
N ASN B 20 14.51 -28.46 -26.22
CA ASN B 20 15.34 -27.97 -27.32
C ASN B 20 15.98 -26.63 -26.97
N HIS B 21 15.21 -25.73 -26.37
CA HIS B 21 15.78 -24.45 -25.97
C HIS B 21 16.85 -24.63 -24.90
N LEU B 22 16.63 -25.55 -23.96
CA LEU B 22 17.61 -25.77 -22.91
C LEU B 22 18.85 -26.48 -23.41
N ASN B 23 18.72 -27.28 -24.46
CA ASN B 23 19.84 -28.07 -24.97
C ASN B 23 20.86 -27.17 -25.65
N PRO B 24 22.11 -27.11 -25.18
CA PRO B 24 23.10 -26.30 -25.88
C PRO B 24 23.61 -26.94 -27.16
N ASN B 25 23.47 -28.25 -27.31
CA ASN B 25 23.92 -28.95 -28.51
C ASN B 25 22.86 -29.01 -29.60
N TYR B 26 21.66 -28.50 -29.33
CA TYR B 26 20.60 -28.48 -30.32
C TYR B 26 20.70 -27.20 -31.13
N GLU B 27 20.87 -27.33 -32.44
CA GLU B 27 21.02 -26.18 -33.32
C GLU B 27 19.64 -25.62 -33.63
N LEU B 28 19.35 -24.42 -33.10
CA LEU B 28 18.07 -23.79 -33.34
C LEU B 28 17.91 -23.48 -34.82
N GLU B 29 16.74 -23.78 -35.37
CA GLU B 29 16.48 -23.52 -36.78
C GLU B 29 16.38 -22.01 -37.01
N LYS B 30 17.14 -21.51 -37.97
CA LYS B 30 17.11 -20.09 -38.29
C LYS B 30 16.03 -19.82 -39.33
N LEU B 31 15.31 -18.72 -39.14
CA LEU B 31 14.16 -18.38 -39.98
C LEU B 31 14.28 -17.02 -40.64
N ARG B 32 15.36 -16.28 -40.40
CA ARG B 32 15.56 -15.00 -41.04
C ARG B 32 17.04 -14.69 -41.04
N GLU B 33 17.39 -13.60 -41.71
CA GLU B 33 18.77 -13.13 -41.77
C GLU B 33 18.75 -11.61 -41.59
N ILE B 34 19.07 -11.16 -40.39
CA ILE B 34 19.17 -9.74 -40.07
C ILE B 34 20.66 -9.42 -39.92
N PRO B 35 21.20 -8.47 -40.68
CA PRO B 35 22.62 -8.17 -40.59
C PRO B 35 23.01 -7.66 -39.21
N ASP B 36 24.27 -7.87 -38.85
CA ASP B 36 24.75 -7.47 -37.53
C ASP B 36 24.52 -5.98 -37.28
N GLU B 37 24.76 -5.15 -38.30
CA GLU B 37 24.55 -3.72 -38.12
C GLU B 37 23.07 -3.40 -37.88
N ASP B 38 22.16 -4.14 -38.51
CA ASP B 38 20.74 -3.91 -38.27
C ASP B 38 20.35 -4.26 -36.85
N VAL B 39 20.89 -5.36 -36.32
CA VAL B 39 20.64 -5.73 -34.94
C VAL B 39 21.19 -4.66 -34.00
N VAL B 40 22.39 -4.17 -34.28
CA VAL B 40 22.99 -3.11 -33.47
C VAL B 40 22.12 -1.85 -33.52
N LYS B 41 21.55 -1.56 -34.68
CA LYS B 41 20.70 -0.38 -34.80
C LYS B 41 19.42 -0.52 -34.00
N ILE B 42 18.79 -1.70 -34.05
CA ILE B 42 17.56 -1.91 -33.27
C ILE B 42 17.89 -1.88 -31.77
N MET B 43 19.05 -2.41 -31.39
CA MET B 43 19.43 -2.43 -29.99
C MET B 43 19.58 -1.02 -29.45
N GLY B 44 20.15 -0.11 -30.24
CA GLY B 44 20.12 1.30 -29.93
C GLY B 44 21.12 1.78 -28.92
N HIS B 45 22.15 1.00 -28.63
CA HIS B 45 23.14 1.40 -27.64
C HIS B 45 24.34 2.11 -28.24
N ARG B 46 24.83 1.64 -29.38
CA ARG B 46 25.99 2.22 -30.02
C ARG B 46 25.73 2.41 -31.50
N GLN B 47 26.47 3.33 -32.10
CA GLN B 47 26.41 3.53 -33.53
C GLN B 47 27.28 2.49 -34.24
N PRO B 48 26.73 1.72 -35.17
CA PRO B 48 27.53 0.71 -35.84
C PRO B 48 28.70 1.35 -36.60
N GLY B 49 29.85 0.68 -36.55
CA GLY B 49 31.05 1.14 -37.19
C GLY B 49 32.03 1.84 -36.27
N GLU B 50 31.58 2.32 -35.11
CA GLU B 50 32.44 2.96 -34.14
C GLU B 50 32.82 1.98 -33.04
N ASP B 51 33.91 2.28 -32.36
CA ASP B 51 34.47 1.32 -31.41
C ASP B 51 33.64 1.27 -30.13
N TYR B 52 33.75 0.15 -29.44
CA TYR B 52 33.04 -0.04 -28.19
C TYR B 52 33.60 0.84 -27.10
N LYS B 53 32.71 1.46 -26.33
CA LYS B 53 33.14 2.20 -25.16
C LYS B 53 33.56 1.23 -24.06
N THR B 54 34.52 1.67 -23.25
CA THR B 54 35.08 0.84 -22.20
C THR B 54 34.68 1.37 -20.83
N VAL B 55 34.71 0.49 -19.84
CA VAL B 55 34.38 0.86 -18.47
C VAL B 55 35.66 0.81 -17.65
N HIS B 56 36.59 -0.03 -18.04
CA HIS B 56 37.89 -0.13 -17.39
C HIS B 56 38.94 -0.50 -18.42
N PRO B 57 40.21 -0.29 -18.12
CA PRO B 57 41.28 -0.69 -19.04
C PRO B 57 41.22 -2.18 -19.33
N PRO B 58 41.91 -2.65 -20.37
CA PRO B 58 41.95 -4.09 -20.63
C PRO B 58 42.53 -4.83 -19.45
N LEU B 59 42.10 -6.09 -19.30
CA LEU B 59 42.50 -6.87 -18.13
C LEU B 59 44.01 -7.03 -18.04
N GLU B 60 44.72 -6.92 -19.17
CA GLU B 60 46.17 -7.00 -19.12
C GLU B 60 46.78 -5.75 -18.49
N GLU B 61 46.20 -4.59 -18.77
CA GLU B 61 46.75 -3.35 -18.23
C GLU B 61 46.56 -3.26 -16.73
N MET B 62 45.36 -3.58 -16.24
CA MET B 62 45.09 -3.50 -14.82
C MET B 62 45.87 -4.57 -14.07
N ASP B 63 46.17 -4.28 -12.81
CA ASP B 63 46.91 -5.19 -11.95
C ASP B 63 45.97 -5.79 -10.92
N PHE B 64 45.94 -7.11 -10.85
CA PHE B 64 45.14 -7.83 -9.86
C PHE B 64 46.06 -8.71 -9.04
N VAL B 65 45.67 -8.95 -7.79
CA VAL B 65 46.43 -9.85 -6.93
C VAL B 65 46.39 -11.26 -7.51
N GLU B 66 47.35 -12.07 -7.10
CA GLU B 66 47.41 -13.46 -7.55
C GLU B 66 46.24 -14.23 -6.94
N ASP B 67 45.52 -14.96 -7.78
CA ASP B 67 44.32 -15.69 -7.36
C ASP B 67 44.20 -16.93 -8.23
N TYR B 68 44.61 -18.08 -7.70
CA TYR B 68 44.62 -19.30 -8.49
C TYR B 68 43.22 -19.69 -8.93
N ALA B 69 42.24 -19.60 -8.03
CA ALA B 69 40.88 -19.99 -8.38
C ALA B 69 40.22 -18.99 -9.32
N ARG B 70 40.50 -17.71 -9.14
CA ARG B 70 39.91 -16.70 -10.02
C ARG B 70 40.50 -16.79 -11.42
N ASP B 71 41.75 -17.22 -11.55
CA ASP B 71 42.41 -17.32 -12.84
C ASP B 71 42.13 -18.62 -13.56
N LEU B 72 41.34 -19.52 -12.96
CA LEU B 72 40.99 -20.76 -13.64
C LEU B 72 39.93 -20.54 -14.72
N VAL B 73 39.19 -19.44 -14.66
CA VAL B 73 38.07 -19.20 -15.56
C VAL B 73 38.52 -18.27 -16.67
N GLU B 74 38.27 -18.68 -17.91
CA GLU B 74 38.64 -17.86 -19.07
C GLU B 74 37.62 -16.75 -19.27
N PRO B 75 38.03 -15.49 -19.32
CA PRO B 75 37.07 -14.40 -19.43
C PRO B 75 36.55 -14.23 -20.85
N LEU B 76 35.42 -13.52 -20.95
CA LEU B 76 34.87 -13.17 -22.24
C LEU B 76 35.76 -12.13 -22.92
N ASN B 77 35.64 -12.06 -24.24
CA ASN B 77 36.42 -11.07 -24.98
C ASN B 77 36.00 -9.65 -24.61
N GLY B 78 34.70 -9.42 -24.43
CA GLY B 78 34.26 -8.12 -23.96
C GLY B 78 34.84 -7.77 -22.60
N ALA B 79 34.98 -8.76 -21.72
CA ALA B 79 35.65 -8.54 -20.45
C ALA B 79 37.12 -8.24 -20.65
N LYS B 80 37.77 -8.95 -21.59
CA LYS B 80 39.19 -8.75 -21.84
C LYS B 80 39.46 -7.34 -22.33
N GLU B 81 38.59 -6.81 -23.18
CA GLU B 81 38.81 -5.48 -23.73
C GLU B 81 38.22 -4.38 -22.84
N GLY B 82 37.46 -4.76 -21.83
CA GLY B 82 36.86 -3.82 -20.92
C GLY B 82 35.58 -3.15 -21.39
N HIS B 83 34.84 -3.78 -22.29
CA HIS B 83 33.63 -3.16 -22.83
C HIS B 83 32.56 -3.04 -21.74
N ARG B 84 31.68 -2.05 -21.91
CA ARG B 84 30.62 -1.82 -20.95
C ARG B 84 29.55 -2.88 -21.07
N VAL B 85 28.77 -3.05 -20.00
CA VAL B 85 27.71 -4.05 -19.96
C VAL B 85 26.42 -3.40 -20.43
N ARG B 86 25.79 -4.00 -21.44
CA ARG B 86 24.52 -3.54 -21.97
C ARG B 86 23.50 -4.66 -21.89
N TYR B 87 22.27 -4.37 -22.33
CA TYR B 87 21.16 -5.29 -22.19
C TYR B 87 20.40 -5.42 -23.51
N ILE B 88 19.66 -6.51 -23.62
CA ILE B 88 18.66 -6.68 -24.68
C ILE B 88 17.41 -7.29 -24.04
N GLN B 89 16.25 -6.73 -24.34
CA GLN B 89 15.01 -7.09 -23.68
C GLN B 89 13.97 -7.55 -24.70
N PHE B 90 13.16 -8.52 -24.31
CA PHE B 90 12.13 -9.08 -25.18
C PHE B 90 10.82 -9.19 -24.42
N ALA B 91 9.72 -8.95 -25.13
CA ALA B 91 8.37 -9.20 -24.61
C ALA B 91 7.74 -10.30 -25.45
N ASP B 92 7.17 -11.30 -24.79
CA ASP B 92 6.63 -12.48 -25.45
C ASP B 92 5.13 -12.54 -25.24
N SER B 93 4.39 -12.77 -26.32
CA SER B 93 2.95 -12.89 -26.22
C SER B 93 2.54 -14.21 -25.61
N MET B 94 1.45 -14.19 -24.84
CA MET B 94 0.91 -15.41 -24.26
C MET B 94 0.24 -16.28 -25.30
N TYR B 95 0.05 -15.77 -26.51
CA TYR B 95 -0.62 -16.51 -27.59
C TYR B 95 0.44 -17.14 -28.48
N PHE B 96 1.03 -18.22 -27.99
CA PHE B 96 1.88 -19.11 -28.78
C PHE B 96 3.13 -18.42 -29.30
N ALA B 97 3.73 -17.56 -28.48
CA ALA B 97 5.04 -17.04 -28.82
C ALA B 97 6.07 -18.16 -28.71
N PRO B 98 7.06 -18.20 -29.60
CA PRO B 98 8.01 -19.33 -29.59
C PRO B 98 8.84 -19.44 -28.33
N ALA B 99 9.13 -18.33 -27.65
CA ALA B 99 9.90 -18.36 -26.41
C ALA B 99 9.17 -17.56 -25.35
N GLN B 100 9.32 -18.00 -24.11
CA GLN B 100 8.60 -17.45 -22.96
C GLN B 100 9.60 -17.07 -21.88
N PRO B 101 9.23 -16.14 -20.98
CA PRO B 101 10.21 -15.56 -20.06
C PRO B 101 11.10 -16.53 -19.29
N TYR B 102 10.53 -17.45 -18.52
CA TYR B 102 11.36 -18.36 -17.75
C TYR B 102 12.10 -19.32 -18.66
N ASP B 103 11.47 -19.73 -19.75
CA ASP B 103 12.17 -20.54 -20.75
C ASP B 103 13.36 -19.79 -21.32
N ARG B 104 13.17 -18.50 -21.63
CA ARG B 104 14.27 -17.69 -22.13
C ARG B 104 15.40 -17.62 -21.13
N SER B 105 15.08 -17.33 -19.87
CA SER B 105 16.13 -17.18 -18.87
C SER B 105 16.89 -18.48 -18.65
N ARG B 106 16.17 -19.60 -18.58
CA ARG B 106 16.84 -20.89 -18.40
C ARG B 106 17.74 -21.22 -19.59
N SER B 107 17.25 -20.99 -20.81
CA SER B 107 18.06 -21.28 -21.99
C SER B 107 19.28 -20.37 -22.04
N TYR B 108 19.12 -19.09 -21.67
CA TYR B 108 20.25 -18.17 -21.68
C TYR B 108 21.32 -18.63 -20.70
N MET B 109 20.92 -18.96 -19.47
CA MET B 109 21.90 -19.38 -18.49
C MET B 109 22.44 -20.78 -18.78
N SER B 110 21.78 -21.53 -19.65
CA SER B 110 22.31 -22.83 -20.05
C SER B 110 23.21 -22.77 -21.28
N ARG B 111 23.09 -21.73 -22.11
CA ARG B 111 23.77 -21.69 -23.40
C ARG B 111 24.85 -20.64 -23.51
N LEU B 112 24.75 -19.54 -22.76
CA LEU B 112 25.66 -18.42 -22.89
C LEU B 112 26.53 -18.27 -21.65
N ARG B 113 27.72 -17.70 -21.85
CA ARG B 113 28.66 -17.46 -20.77
C ARG B 113 28.55 -16.03 -20.26
N GLY B 114 28.65 -15.86 -18.95
CA GLY B 114 28.74 -14.54 -18.35
C GLY B 114 27.56 -13.64 -18.61
N VAL B 115 26.35 -14.17 -18.51
CA VAL B 115 25.14 -13.41 -18.79
C VAL B 115 24.36 -13.21 -17.50
N ASP B 116 23.55 -12.14 -17.49
CA ASP B 116 22.70 -11.79 -16.36
C ASP B 116 21.26 -11.77 -16.88
N ALA B 117 20.48 -12.78 -16.54
CA ALA B 117 19.13 -12.94 -17.05
C ALA B 117 18.11 -12.62 -15.97
N GLY B 118 17.11 -11.83 -16.32
CA GLY B 118 16.06 -11.48 -15.38
C GLY B 118 14.68 -11.71 -15.99
N THR B 119 13.79 -12.29 -15.19
CA THR B 119 12.49 -12.75 -15.67
C THR B 119 11.37 -11.99 -14.98
N LEU B 120 10.45 -11.46 -15.77
CA LEU B 120 9.22 -10.87 -15.30
C LEU B 120 8.05 -11.49 -16.06
N SER B 121 6.83 -11.22 -15.61
CA SER B 121 5.67 -11.81 -16.26
C SER B 121 5.54 -11.34 -17.70
N GLY B 122 5.80 -10.05 -17.94
CA GLY B 122 5.71 -9.53 -19.29
C GLY B 122 7.00 -8.93 -19.79
N ARG B 123 8.13 -9.53 -19.43
CA ARG B 123 9.43 -8.97 -19.73
C ARG B 123 10.50 -10.02 -19.52
N GLN B 124 11.58 -9.89 -20.27
CA GLN B 124 12.76 -10.72 -20.05
C GLN B 124 13.97 -9.99 -20.61
N VAL B 125 15.00 -9.83 -19.79
CA VAL B 125 16.18 -9.05 -20.15
C VAL B 125 17.41 -9.88 -19.83
N VAL B 126 18.41 -9.82 -20.71
CA VAL B 126 19.71 -10.41 -20.47
C VAL B 126 20.77 -9.32 -20.64
N GLU B 127 21.70 -9.25 -19.70
CA GLU B 127 22.77 -8.27 -19.72
C GLU B 127 24.10 -8.96 -19.90
N CYS B 128 24.95 -8.38 -20.75
CA CYS B 128 26.29 -8.92 -21.00
C CYS B 128 27.16 -7.80 -21.53
N ARG B 129 28.44 -8.09 -21.66
CA ARG B 129 29.36 -7.16 -22.29
C ARG B 129 28.95 -6.92 -23.73
N GLU B 130 29.12 -5.68 -24.19
CA GLU B 130 28.41 -5.23 -25.38
C GLU B 130 28.75 -6.05 -26.62
N SER B 131 30.03 -6.37 -26.82
CA SER B 131 30.41 -7.10 -28.02
C SER B 131 29.82 -8.50 -28.05
N ASP B 132 29.99 -9.26 -26.95
CA ASP B 132 29.42 -10.60 -26.88
C ASP B 132 27.90 -10.55 -26.91
N LEU B 133 27.32 -9.51 -26.29
CA LEU B 133 25.88 -9.34 -26.30
C LEU B 133 25.37 -9.20 -27.73
N GLU B 134 26.03 -8.38 -28.54
CA GLU B 134 25.63 -8.24 -29.93
C GLU B 134 25.81 -9.56 -30.68
N GLU B 135 26.92 -10.25 -30.42
CA GLU B 135 27.18 -11.51 -31.12
C GLU B 135 26.05 -12.51 -30.89
N PHE B 136 25.73 -12.78 -29.63
CA PHE B 136 24.69 -13.78 -29.41
C PHE B 136 23.27 -13.24 -29.59
N SER B 137 23.10 -11.92 -29.64
CA SER B 137 21.80 -11.38 -30.01
C SER B 137 21.52 -11.63 -31.48
N LYS B 138 22.51 -11.45 -32.34
CA LYS B 138 22.32 -11.73 -33.76
C LYS B 138 22.23 -13.24 -34.00
N ASN B 139 23.16 -14.00 -33.44
CA ASN B 139 23.28 -15.41 -33.81
C ASN B 139 22.10 -16.24 -33.29
N ILE B 140 21.72 -16.05 -32.04
CA ILE B 140 20.77 -16.92 -31.36
C ILE B 140 19.43 -16.22 -31.15
N LEU B 141 19.45 -14.98 -30.66
CA LEU B 141 18.22 -14.36 -30.19
C LEU B 141 17.32 -13.91 -31.32
N MET B 142 17.89 -13.44 -32.43
CA MET B 142 17.10 -12.80 -33.48
C MET B 142 16.95 -13.62 -34.74
N ASP B 143 17.98 -14.36 -35.15
CA ASP B 143 17.93 -15.08 -36.41
C ASP B 143 17.23 -16.43 -36.31
N THR B 144 17.02 -16.95 -35.12
CA THR B 144 16.53 -18.32 -34.97
C THR B 144 15.03 -18.32 -34.66
N GLU B 145 14.51 -19.50 -34.35
CA GLU B 145 13.11 -19.68 -34.04
C GLU B 145 12.72 -19.09 -32.68
N LEU B 146 13.70 -18.68 -31.87
CA LEU B 146 13.40 -18.05 -30.60
C LEU B 146 12.68 -16.73 -30.75
N PHE B 147 12.69 -16.14 -31.95
CA PHE B 147 12.12 -14.83 -32.19
C PHE B 147 11.07 -14.92 -33.29
N ASP B 148 9.89 -14.36 -33.02
CA ASP B 148 8.87 -14.19 -34.03
C ASP B 148 8.53 -12.70 -34.09
N PRO B 149 8.71 -12.04 -35.24
CA PRO B 149 8.51 -10.59 -35.27
C PRO B 149 7.09 -10.15 -34.95
N ALA B 150 6.11 -11.05 -35.00
CA ALA B 150 4.74 -10.69 -34.68
C ALA B 150 4.43 -10.88 -33.20
N THR B 151 4.63 -12.09 -32.68
CA THR B 151 4.25 -12.41 -31.32
C THR B 151 5.31 -12.04 -30.28
N SER B 152 6.52 -11.73 -30.70
CA SER B 152 7.57 -11.30 -29.77
C SER B 152 8.18 -10.00 -30.28
N GLY B 153 8.74 -9.23 -29.37
CA GLY B 153 9.30 -7.95 -29.76
C GLY B 153 10.46 -7.49 -28.89
N MET B 154 11.57 -7.15 -29.52
CA MET B 154 12.68 -6.52 -28.81
C MET B 154 12.24 -5.15 -28.34
N ARG B 155 12.05 -4.99 -27.04
CA ARG B 155 11.54 -3.73 -26.53
C ARG B 155 11.94 -3.52 -25.08
N GLY B 156 12.61 -2.41 -24.81
CA GLY B 156 12.76 -1.89 -23.49
C GLY B 156 11.65 -0.89 -23.17
N ALA B 157 11.94 -0.01 -22.21
CA ALA B 157 11.02 1.07 -21.86
C ALA B 157 9.66 0.39 -21.71
N THR B 158 8.65 0.89 -22.42
CA THR B 158 7.28 0.44 -22.25
C THR B 158 6.94 -0.94 -22.79
N VAL B 159 6.84 -1.91 -21.90
CA VAL B 159 6.45 -3.27 -22.26
C VAL B 159 5.04 -3.51 -21.74
N HIS B 160 4.14 -3.89 -22.63
CA HIS B 160 2.77 -4.18 -22.24
C HIS B 160 2.04 -4.85 -23.40
N GLY B 161 1.40 -5.97 -23.13
CA GLY B 161 0.68 -6.66 -24.17
C GLY B 161 0.98 -8.14 -24.23
N HIS B 162 1.75 -8.63 -23.26
CA HIS B 162 2.02 -10.07 -23.22
C HIS B 162 0.74 -10.86 -22.97
N SER B 163 -0.25 -10.24 -22.33
CA SER B 163 -1.50 -10.91 -22.01
C SER B 163 -2.67 -10.39 -22.82
N LEU B 164 -2.50 -9.33 -23.60
CA LEU B 164 -3.58 -8.84 -24.44
C LEU B 164 -3.70 -9.70 -25.69
N ARG B 165 -4.82 -9.54 -26.39
CA ARG B 165 -5.02 -10.25 -27.63
C ARG B 165 -4.20 -9.58 -28.74
N LEU B 166 -3.96 -10.35 -29.81
CA LEU B 166 -3.20 -9.84 -30.94
C LEU B 166 -4.07 -8.89 -31.76
N ASP B 167 -3.41 -8.07 -32.58
CA ASP B 167 -4.13 -7.11 -33.42
C ASP B 167 -4.52 -7.77 -34.74
N GLU B 168 -4.96 -6.97 -35.71
CA GLU B 168 -5.55 -7.51 -36.92
C GLU B 168 -4.54 -8.29 -37.77
N ASN B 169 -3.25 -8.07 -37.57
CA ASN B 169 -2.21 -8.75 -38.33
C ASN B 169 -1.56 -9.87 -37.54
N GLY B 170 -2.08 -10.19 -36.36
CA GLY B 170 -1.46 -11.19 -35.52
C GLY B 170 -0.26 -10.70 -34.74
N MET B 171 -0.07 -9.39 -34.63
CA MET B 171 1.08 -8.82 -33.94
C MET B 171 0.71 -8.47 -32.50
N MET B 172 1.68 -8.64 -31.61
CA MET B 172 1.47 -8.28 -30.22
C MET B 172 1.24 -6.78 -30.08
N PHE B 173 0.44 -6.40 -29.09
CA PHE B 173 0.16 -5.00 -28.86
C PHE B 173 1.43 -4.26 -28.43
N ASP B 174 1.62 -3.06 -28.99
CA ASP B 174 2.74 -2.20 -28.63
C ASP B 174 2.22 -0.80 -28.41
N ALA B 175 2.52 -0.22 -27.26
CA ALA B 175 2.09 1.14 -26.97
C ALA B 175 2.98 2.18 -27.62
N LEU B 176 4.18 1.79 -28.08
CA LEU B 176 5.07 2.71 -28.76
C LEU B 176 5.16 2.46 -30.26
N GLN B 177 4.71 1.29 -30.72
CA GLN B 177 4.72 0.93 -32.14
C GLN B 177 6.15 0.94 -32.70
N ARG B 178 7.00 0.13 -32.07
CA ARG B 178 8.36 -0.03 -32.58
C ARG B 178 8.38 -0.74 -33.93
N CYS B 179 7.53 -1.74 -34.09
CA CYS B 179 7.48 -2.53 -35.31
C CYS B 179 6.10 -2.42 -35.94
N VAL B 180 6.06 -2.22 -37.25
CA VAL B 180 4.81 -2.14 -37.98
C VAL B 180 4.81 -3.19 -39.07
N PHE B 181 3.61 -3.55 -39.52
CA PHE B 181 3.42 -4.58 -40.53
C PHE B 181 3.28 -3.91 -41.89
N ASP B 182 4.15 -4.30 -42.82
CA ASP B 182 4.10 -3.77 -44.19
C ASP B 182 3.25 -4.72 -45.01
N GLU B 183 2.00 -4.32 -45.29
CA GLU B 183 1.09 -5.20 -46.01
C GLU B 183 1.50 -5.41 -47.46
N LYS B 184 2.21 -4.43 -48.04
CA LYS B 184 2.63 -4.57 -49.43
C LYS B 184 3.58 -5.75 -49.60
N THR B 185 4.54 -5.90 -48.69
CA THR B 185 5.50 -6.99 -48.77
C THR B 185 5.27 -8.08 -47.74
N GLY B 186 4.35 -7.87 -46.80
CA GLY B 186 4.07 -8.88 -45.79
C GLY B 186 5.15 -9.05 -44.75
N HIS B 187 6.02 -8.06 -44.59
CA HIS B 187 7.14 -8.13 -43.67
C HIS B 187 6.93 -7.18 -42.50
N VAL B 188 7.57 -7.49 -41.38
CA VAL B 188 7.55 -6.63 -40.21
C VAL B 188 8.79 -5.75 -40.23
N MET B 189 8.61 -4.45 -40.08
CA MET B 189 9.70 -3.49 -40.11
C MET B 189 9.77 -2.77 -38.79
N TYR B 190 10.98 -2.66 -38.24
CA TYR B 190 11.21 -1.94 -36.99
C TYR B 190 11.44 -0.48 -37.30
N VAL B 191 10.44 0.36 -36.98
CA VAL B 191 10.57 1.80 -37.23
C VAL B 191 11.19 2.53 -36.05
N LYS B 192 11.43 1.85 -34.94
CA LYS B 192 12.08 2.44 -33.77
C LYS B 192 12.99 1.40 -33.15
N ASP B 193 13.96 1.87 -32.38
CA ASP B 193 14.87 0.96 -31.70
C ASP B 193 14.17 0.42 -30.45
N GLN B 194 14.88 -0.36 -29.64
CA GLN B 194 14.23 -1.10 -28.58
C GLN B 194 13.75 -0.22 -27.43
N VAL B 195 14.24 1.00 -27.32
CA VAL B 195 13.77 1.90 -26.27
C VAL B 195 12.73 2.89 -26.77
N GLY B 196 12.65 3.13 -28.07
CA GLY B 196 11.59 3.96 -28.60
C GLY B 196 12.03 5.15 -29.43
N LYS B 197 13.33 5.39 -29.55
CA LYS B 197 13.69 6.50 -30.41
C LYS B 197 13.65 6.07 -31.87
N PRO B 198 13.11 6.91 -32.75
CA PRO B 198 12.92 6.49 -34.15
C PRO B 198 14.23 6.21 -34.86
N LEU B 199 14.17 5.24 -35.76
CA LEU B 199 15.30 4.89 -36.61
C LEU B 199 15.24 5.67 -37.92
N ASP B 200 16.42 6.03 -38.43
CA ASP B 200 16.48 6.76 -39.69
C ASP B 200 16.01 5.90 -40.86
N ALA B 201 16.39 4.63 -40.86
CA ALA B 201 15.95 3.70 -41.91
C ALA B 201 15.33 2.49 -41.22
N PRO B 202 14.06 2.18 -41.48
CA PRO B 202 13.45 1.00 -40.88
C PRO B 202 14.15 -0.27 -41.34
N VAL B 203 14.24 -1.23 -40.44
CA VAL B 203 14.97 -2.47 -40.68
C VAL B 203 13.97 -3.61 -40.82
N ASP B 204 14.15 -4.42 -41.86
CA ASP B 204 13.29 -5.56 -42.13
C ASP B 204 13.71 -6.73 -41.25
N VAL B 205 12.78 -7.21 -40.42
CA VAL B 205 13.05 -8.35 -39.55
C VAL B 205 12.28 -9.59 -40.00
N GLY B 206 11.99 -9.68 -41.29
CA GLY B 206 11.30 -10.83 -41.81
C GLY B 206 9.79 -10.70 -41.70
N GLU B 207 9.12 -11.81 -41.91
CA GLU B 207 7.68 -11.87 -41.90
C GLU B 207 7.18 -12.74 -40.75
N PRO B 208 5.97 -12.50 -40.26
CA PRO B 208 5.47 -13.27 -39.11
C PRO B 208 5.42 -14.76 -39.41
N ILE B 209 5.78 -15.55 -38.40
CA ILE B 209 5.75 -17.01 -38.53
C ILE B 209 4.31 -17.47 -38.68
N PRO B 210 4.01 -18.40 -39.60
CA PRO B 210 2.64 -18.89 -39.74
C PRO B 210 2.15 -19.55 -38.45
N GLU B 211 0.84 -19.44 -38.22
CA GLU B 211 0.28 -19.83 -36.93
C GLU B 211 0.44 -21.31 -36.65
N ALA B 212 0.39 -22.16 -37.68
CA ALA B 212 0.61 -23.57 -37.47
C ALA B 212 2.03 -23.84 -36.95
N LYS B 213 3.03 -23.19 -37.55
CA LYS B 213 4.38 -23.32 -37.05
C LYS B 213 4.50 -22.77 -35.63
N LEU B 214 3.77 -21.70 -35.31
CA LEU B 214 3.76 -21.19 -33.95
C LEU B 214 3.21 -22.23 -32.98
N ARG B 215 2.13 -22.91 -33.35
CA ARG B 215 1.63 -23.99 -32.52
C ARG B 215 2.67 -25.08 -32.34
N GLU B 216 3.42 -25.38 -33.39
CA GLU B 216 4.41 -26.45 -33.31
C GLU B 216 5.65 -26.09 -32.50
N ILE B 217 6.04 -24.82 -32.44
CA ILE B 217 7.31 -24.45 -31.82
C ILE B 217 7.15 -23.67 -30.53
N THR B 218 5.93 -23.41 -30.07
CA THR B 218 5.76 -22.62 -28.86
C THR B 218 6.16 -23.42 -27.62
N THR B 219 6.49 -22.69 -26.56
CA THR B 219 6.91 -23.29 -25.29
C THR B 219 5.91 -23.01 -24.18
N ILE B 220 4.71 -22.54 -24.51
CA ILE B 220 3.69 -22.24 -23.52
C ILE B 220 2.60 -23.30 -23.59
N TYR B 221 2.02 -23.59 -22.43
CA TYR B 221 0.88 -24.49 -22.32
C TYR B 221 -0.39 -23.68 -22.39
N ARG B 222 -1.35 -24.15 -23.18
CA ARG B 222 -2.60 -23.42 -23.37
C ARG B 222 -3.73 -24.43 -23.52
N ASN B 223 -4.92 -24.03 -23.09
CA ASN B 223 -6.07 -24.90 -23.21
C ASN B 223 -6.38 -25.19 -24.67
N ASP B 224 -6.26 -24.19 -25.54
CA ASP B 224 -6.55 -24.40 -26.95
C ASP B 224 -5.44 -25.10 -27.71
N GLY B 225 -4.17 -24.87 -27.38
CA GLY B 225 -3.14 -25.57 -28.12
C GLY B 225 -2.63 -26.86 -27.52
N VAL B 226 -2.05 -26.80 -26.32
CA VAL B 226 -1.54 -27.98 -25.63
C VAL B 226 -1.72 -27.75 -24.14
N ALA B 227 -2.60 -28.52 -23.51
CA ALA B 227 -2.91 -28.30 -22.10
C ALA B 227 -1.91 -29.03 -21.22
N MET B 228 -1.66 -28.46 -20.04
CA MET B 228 -0.82 -29.14 -19.06
C MET B 228 -1.43 -30.45 -18.61
N ARG B 229 -2.76 -30.55 -18.62
CA ARG B 229 -3.42 -31.81 -18.32
C ARG B 229 -3.01 -32.89 -19.31
N ALA B 230 -2.69 -32.50 -20.55
CA ALA B 230 -2.20 -33.44 -21.54
C ALA B 230 -0.76 -33.84 -21.31
N ASP B 231 -0.09 -33.23 -20.32
CA ASP B 231 1.30 -33.54 -19.98
C ASP B 231 1.36 -33.84 -18.49
N PRO B 232 0.88 -35.01 -18.06
CA PRO B 232 0.92 -35.35 -16.63
C PRO B 232 2.33 -35.50 -16.08
N ASP B 233 3.34 -35.67 -16.93
CA ASP B 233 4.69 -35.90 -16.44
C ASP B 233 5.29 -34.63 -15.85
N VAL B 234 4.97 -33.48 -16.42
CA VAL B 234 5.48 -32.22 -15.88
C VAL B 234 4.82 -31.92 -14.54
N ILE B 235 3.52 -32.17 -14.42
CA ILE B 235 2.81 -31.93 -13.17
C ILE B 235 3.38 -32.81 -12.07
N GLU B 236 3.68 -34.08 -12.39
CA GLU B 236 4.23 -34.97 -11.39
C GLU B 236 5.59 -34.50 -10.89
N VAL B 237 6.44 -34.02 -11.80
CA VAL B 237 7.75 -33.52 -11.38
C VAL B 237 7.62 -32.26 -10.54
N VAL B 238 6.70 -31.36 -10.92
CA VAL B 238 6.49 -30.16 -10.11
C VAL B 238 6.02 -30.54 -8.71
N LYS B 239 5.09 -31.49 -8.62
CA LYS B 239 4.60 -31.91 -7.31
C LYS B 239 5.71 -32.58 -6.50
N ARG B 240 6.59 -33.34 -7.18
CA ARG B 240 7.72 -33.95 -6.49
C ARG B 240 8.66 -32.89 -5.94
N ILE B 241 8.93 -31.85 -6.72
CA ILE B 241 9.79 -30.78 -6.23
C ILE B 241 9.15 -30.10 -5.03
N HIS B 242 7.86 -29.85 -5.10
CA HIS B 242 7.16 -29.21 -3.97
C HIS B 242 7.23 -30.07 -2.72
N ARG B 243 6.99 -31.37 -2.86
CA ARG B 243 7.03 -32.25 -1.69
C ARG B 243 8.44 -32.38 -1.13
N ALA B 244 9.45 -32.44 -1.99
CA ALA B 244 10.83 -32.50 -1.53
C ALA B 244 11.19 -31.22 -0.77
N ARG B 245 10.78 -30.08 -1.28
CA ARG B 245 11.01 -28.81 -0.58
C ARG B 245 10.34 -28.82 0.79
N THR B 246 9.09 -29.27 0.85
CA THR B 246 8.36 -29.29 2.11
C THR B 246 9.03 -30.21 3.13
N LEU B 247 9.40 -31.42 2.70
CA LEU B 247 10.03 -32.36 3.60
C LEU B 247 11.38 -31.87 4.07
N GLY B 248 12.16 -31.26 3.19
CA GLY B 248 13.44 -30.73 3.59
C GLY B 248 13.32 -29.56 4.55
N GLY B 249 12.31 -28.72 4.36
CA GLY B 249 12.08 -27.63 5.28
C GLY B 249 11.49 -28.05 6.61
N TYR B 250 10.85 -29.22 6.66
CA TYR B 250 10.30 -29.69 7.93
C TYR B 250 11.39 -30.29 8.81
N ILE B 251 11.98 -31.41 8.37
CA ILE B 251 13.11 -32.04 9.03
C ILE B 251 13.96 -32.69 7.95
N PRO B 252 15.16 -32.18 7.68
CA PRO B 252 15.96 -32.70 6.55
C PRO B 252 16.79 -33.93 6.92
N THR B 253 16.12 -35.08 6.99
CA THR B 253 16.77 -36.34 7.27
C THR B 253 16.35 -37.37 6.23
N ASN B 254 17.08 -38.48 6.20
CA ASN B 254 16.73 -39.56 5.29
C ASN B 254 15.42 -40.24 5.69
N GLU B 255 15.05 -40.14 6.96
CA GLU B 255 13.81 -40.78 7.41
C GLU B 255 12.59 -39.99 6.95
N THR B 256 12.63 -38.66 7.04
CA THR B 256 11.48 -37.88 6.61
C THR B 256 11.34 -37.85 5.09
N PHE B 257 12.41 -38.14 4.37
CA PHE B 257 12.34 -38.21 2.91
C PHE B 257 11.93 -39.58 2.42
N LYS B 258 11.69 -40.52 3.32
CA LYS B 258 11.09 -41.78 2.91
C LYS B 258 9.64 -41.61 2.50
N GLY B 259 9.00 -40.52 2.93
CA GLY B 259 7.65 -40.21 2.51
C GLY B 259 7.61 -39.30 1.31
N LEU B 260 8.49 -39.56 0.35
CA LEU B 260 8.62 -38.73 -0.83
C LEU B 260 7.86 -39.31 -2.02
N VAL C 2 32.34 -39.91 18.84
CA VAL C 2 31.81 -39.09 17.76
C VAL C 2 30.37 -39.50 17.46
N LYS C 3 29.59 -38.58 16.93
CA LYS C 3 28.22 -38.87 16.53
C LYS C 3 27.99 -38.81 15.03
N TYR C 4 28.89 -38.19 14.28
CA TYR C 4 28.83 -38.17 12.82
C TYR C 4 29.96 -39.02 12.26
N GLU C 5 29.61 -39.94 11.38
CA GLU C 5 30.62 -40.76 10.72
C GLU C 5 31.16 -40.11 9.47
N ASP C 6 30.73 -38.89 9.15
CA ASP C 6 31.20 -38.21 7.97
C ASP C 6 32.69 -37.88 8.09
N LYS C 7 33.43 -38.13 7.02
CA LYS C 7 34.83 -37.75 6.91
C LYS C 7 34.98 -36.82 5.71
N ILE C 8 35.91 -35.89 5.81
CA ILE C 8 36.21 -34.98 4.70
C ILE C 8 37.72 -34.92 4.53
N SER C 9 38.14 -34.62 3.31
CA SER C 9 39.53 -34.33 3.02
C SER C 9 39.67 -32.84 2.76
N LEU C 10 40.66 -32.23 3.39
CA LEU C 10 40.81 -30.78 3.37
C LEU C 10 41.81 -30.38 2.30
N TYR C 11 41.43 -29.42 1.46
CA TYR C 11 42.27 -28.88 0.40
C TYR C 11 42.48 -27.39 0.64
N ASP C 12 43.64 -26.88 0.26
CA ASP C 12 43.94 -25.47 0.44
C ASP C 12 43.32 -24.68 -0.71
N ALA C 13 43.66 -23.38 -0.79
CA ALA C 13 43.07 -22.53 -1.81
C ALA C 13 43.67 -22.76 -3.19
N LYS C 14 44.81 -23.46 -3.27
CA LYS C 14 45.42 -23.79 -4.55
C LYS C 14 45.02 -25.16 -5.05
N GLY C 15 44.09 -25.84 -4.37
CA GLY C 15 43.66 -27.15 -4.79
C GLY C 15 44.57 -28.29 -4.40
N ASN C 16 45.49 -28.07 -3.46
CA ASN C 16 46.36 -29.14 -2.99
C ASN C 16 45.77 -29.80 -1.75
N LEU C 17 45.94 -31.11 -1.67
CA LEU C 17 45.47 -31.87 -0.52
C LEU C 17 46.26 -31.49 0.73
N VAL C 18 45.56 -31.29 1.83
CA VAL C 18 46.15 -30.99 3.13
C VAL C 18 46.07 -32.19 4.06
N ALA C 19 44.87 -32.73 4.25
CA ALA C 19 44.69 -33.89 5.10
C ALA C 19 43.48 -34.68 4.62
N GLU C 20 43.46 -35.96 4.98
CA GLU C 20 42.41 -36.89 4.59
C GLU C 20 41.73 -37.46 5.82
N ASN C 21 40.48 -37.89 5.64
CA ASN C 21 39.70 -38.53 6.69
C ASN C 21 39.57 -37.64 7.93
N VAL C 22 39.41 -36.34 7.71
CA VAL C 22 39.19 -35.41 8.82
C VAL C 22 37.75 -35.53 9.28
N PRO C 23 37.49 -35.72 10.57
CA PRO C 23 36.12 -35.77 11.06
C PRO C 23 35.37 -34.48 10.75
N LEU C 24 34.08 -34.63 10.42
CA LEU C 24 33.28 -33.49 10.01
C LEU C 24 33.15 -32.46 11.11
N GLU C 25 33.16 -32.90 12.37
CA GLU C 25 33.02 -31.96 13.48
C GLU C 25 34.31 -31.23 13.81
N ALA C 26 35.42 -31.58 13.17
CA ALA C 26 36.66 -30.84 13.37
C ALA C 26 36.56 -29.42 12.86
N ILE C 27 35.63 -29.13 11.96
CA ILE C 27 35.40 -27.79 11.46
C ILE C 27 34.17 -27.15 12.10
N SER C 28 33.57 -27.80 13.08
CA SER C 28 32.38 -27.26 13.71
C SER C 28 32.71 -25.99 14.48
N PRO C 29 31.83 -25.00 14.47
CA PRO C 29 32.08 -23.80 15.29
C PRO C 29 32.21 -24.10 16.77
N LEU C 30 31.58 -25.17 17.26
CA LEU C 30 31.66 -25.52 18.67
C LEU C 30 32.95 -26.24 19.03
N TYR C 31 33.78 -26.60 18.05
CA TYR C 31 34.98 -27.36 18.33
C TYR C 31 36.23 -26.67 17.78
N ASN C 32 36.10 -26.03 16.62
CA ASN C 32 37.25 -25.45 15.94
C ASN C 32 37.82 -24.30 16.74
N PRO C 33 39.09 -24.35 17.14
CA PRO C 33 39.67 -23.22 17.90
C PRO C 33 39.72 -21.92 17.11
N THR C 34 39.97 -22.01 15.80
CA THR C 34 40.10 -20.81 14.99
C THR C 34 38.79 -20.03 14.94
N ILE C 35 37.67 -20.73 14.79
CA ILE C 35 36.38 -20.04 14.74
C ILE C 35 36.09 -19.35 16.06
N LYS C 36 36.42 -20.01 17.18
CA LYS C 36 36.29 -19.38 18.48
C LYS C 36 37.11 -18.10 18.56
N SER C 37 38.37 -18.18 18.12
CA SER C 37 39.24 -17.01 18.21
C SER C 37 38.73 -15.86 17.34
N MET C 38 38.25 -16.18 16.13
CA MET C 38 37.70 -15.13 15.27
C MET C 38 36.46 -14.50 15.89
N VAL C 39 35.59 -15.30 16.51
CA VAL C 39 34.40 -14.74 17.13
C VAL C 39 34.79 -13.82 18.29
N LYS C 40 35.73 -14.26 19.12
CA LYS C 40 36.18 -13.42 20.23
C LYS C 40 36.80 -12.13 19.74
N ASN C 41 37.65 -12.20 18.71
CA ASN C 41 38.30 -11.01 18.20
C ASN C 41 37.29 -10.05 17.58
N ILE C 42 36.29 -10.58 16.87
CA ILE C 42 35.24 -9.72 16.35
C ILE C 42 34.51 -9.03 17.48
N LYS C 43 34.25 -9.76 18.56
CA LYS C 43 33.52 -9.18 19.68
C LYS C 43 34.30 -8.06 20.36
N ARG C 44 35.61 -8.25 20.54
CA ARG C 44 36.39 -7.34 21.37
C ARG C 44 37.20 -6.30 20.60
N THR C 45 37.06 -6.23 19.29
CA THR C 45 37.86 -5.30 18.49
C THR C 45 37.03 -4.08 18.10
N VAL C 46 37.62 -2.90 18.28
CA VAL C 46 36.98 -1.63 17.96
C VAL C 46 37.96 -0.79 17.14
N ALA C 47 37.43 -0.06 16.16
CA ALA C 47 38.24 0.81 15.32
C ALA C 47 37.88 2.26 15.61
N VAL C 48 38.90 3.08 15.86
CA VAL C 48 38.73 4.48 16.21
C VAL C 48 39.31 5.33 15.09
N ASN C 49 38.58 6.37 14.70
CA ASN C 49 39.00 7.29 13.64
C ASN C 49 39.44 8.60 14.29
N LEU C 50 40.74 8.69 14.59
CA LEU C 50 41.26 9.89 15.24
C LEU C 50 41.18 11.10 14.32
N ALA C 51 41.48 10.92 13.04
CA ALA C 51 41.38 12.02 12.09
C ALA C 51 39.95 12.52 11.98
N GLY C 52 38.99 11.59 12.00
CA GLY C 52 37.60 12.00 12.00
C GLY C 52 37.22 12.79 13.24
N ILE C 53 37.71 12.36 14.40
CA ILE C 53 37.43 13.11 15.64
C ILE C 53 38.00 14.51 15.55
N GLU C 54 39.25 14.62 15.07
CA GLU C 54 39.88 15.92 14.94
C GLU C 54 39.10 16.83 13.99
N GLY C 55 38.70 16.29 12.84
CA GLY C 55 37.95 17.09 11.88
C GLY C 55 36.59 17.49 12.39
N THR C 56 35.90 16.58 13.07
CA THR C 56 34.58 16.89 13.61
C THR C 56 34.68 17.96 14.68
N LEU C 57 35.66 17.87 15.58
CA LEU C 57 35.79 18.84 16.64
C LEU C 57 36.25 20.19 16.11
N ALA C 58 37.14 20.19 15.12
CA ALA C 58 37.67 21.45 14.59
C ALA C 58 36.57 22.27 13.92
N ALA C 59 35.68 21.62 13.18
CA ALA C 59 34.61 22.30 12.48
C ALA C 59 33.30 22.34 13.26
N GLY C 60 33.25 21.73 14.44
CA GLY C 60 32.01 21.63 15.18
C GLY C 60 30.95 20.83 14.45
N LYS C 61 31.36 19.77 13.76
CA LYS C 61 30.49 18.98 12.91
C LYS C 61 29.74 17.89 13.66
N ILE C 62 29.47 18.09 14.95
CA ILE C 62 28.76 17.09 15.73
C ILE C 62 27.32 16.99 15.24
N GLY C 63 26.78 15.78 15.28
CA GLY C 63 25.48 15.49 14.68
C GLY C 63 25.60 14.47 13.56
N GLY C 64 24.44 14.08 13.04
CA GLY C 64 24.41 13.01 12.06
C GLY C 64 24.86 13.39 10.67
N LYS C 65 24.05 14.15 9.95
CA LYS C 65 24.28 14.38 8.52
C LYS C 65 23.91 15.82 8.20
N GLY C 66 24.90 16.60 7.79
CA GLY C 66 24.69 18.01 7.56
C GLY C 66 24.50 18.83 8.81
N CYS C 67 24.70 18.23 9.98
CA CYS C 67 24.51 18.91 11.26
C CYS C 67 25.82 19.53 11.72
N GLN C 68 25.72 20.69 12.35
CA GLN C 68 26.88 21.44 12.78
C GLN C 68 26.44 22.47 13.80
N VAL C 69 27.06 22.47 14.98
CA VAL C 69 26.66 23.36 16.07
C VAL C 69 27.66 24.52 16.11
N PRO C 70 27.24 25.74 15.78
CA PRO C 70 28.17 26.87 15.89
C PRO C 70 28.54 27.16 17.33
N GLY C 71 29.81 27.47 17.54
CA GLY C 71 30.32 27.82 18.85
C GLY C 71 30.88 26.65 19.64
N ARG C 72 30.54 25.42 19.28
CA ARG C 72 31.04 24.25 19.99
C ARG C 72 32.15 23.56 19.20
N THR C 73 33.25 24.29 19.00
CA THR C 73 34.39 23.80 18.25
C THR C 73 35.58 23.70 19.18
N LEU C 74 36.27 22.56 19.14
CA LEU C 74 37.48 22.33 19.92
C LEU C 74 38.63 22.08 18.97
N ASP C 75 39.73 22.79 19.16
CA ASP C 75 40.91 22.65 18.32
C ASP C 75 41.96 21.84 19.07
N ILE C 76 41.98 20.53 18.81
CA ILE C 76 42.94 19.62 19.42
C ILE C 76 43.67 18.88 18.31
N SER C 77 44.90 18.48 18.60
CA SER C 77 45.74 17.75 17.66
C SER C 77 45.73 16.28 18.07
N ALA C 78 44.67 15.57 17.66
CA ALA C 78 44.56 14.16 18.00
C ALA C 78 45.52 13.31 17.19
N VAL C 79 45.61 13.55 15.88
CA VAL C 79 46.50 12.77 15.03
C VAL C 79 47.95 13.08 15.36
N SER C 80 48.25 14.34 15.69
CA SER C 80 49.63 14.72 15.95
C SER C 80 50.20 13.97 17.16
N ASN C 81 49.41 13.86 18.23
CA ASN C 81 49.92 13.11 19.38
C ASN C 81 49.75 11.61 19.17
N ALA C 82 48.51 11.14 19.22
CA ALA C 82 48.10 9.81 18.76
C ALA C 82 48.62 8.83 19.81
N GLN C 83 49.92 8.89 20.09
CA GLN C 83 50.50 8.00 21.09
C GLN C 83 50.28 8.20 22.58
N ALA C 84 50.23 9.45 23.01
CA ALA C 84 49.76 9.75 24.35
C ALA C 84 48.30 9.31 24.51
N ILE C 85 47.48 9.57 23.49
CA ILE C 85 46.09 9.13 23.53
C ILE C 85 46.01 7.62 23.59
N ALA C 86 46.79 6.93 22.75
CA ALA C 86 46.76 5.47 22.75
C ALA C 86 47.23 4.90 24.08
N ASP C 87 48.29 5.47 24.64
CA ASP C 87 48.80 4.99 25.92
C ASP C 87 47.78 5.21 27.03
N GLU C 88 47.13 6.37 27.04
CA GLU C 88 46.13 6.65 28.06
C GLU C 88 44.93 5.72 27.92
N VAL C 89 44.47 5.48 26.69
CA VAL C 89 43.34 4.58 26.47
C VAL C 89 43.69 3.18 26.91
N GLU C 90 44.89 2.70 26.59
CA GLU C 90 45.30 1.37 27.02
C GLU C 90 45.39 1.29 28.54
N LYS C 91 45.91 2.34 29.18
CA LYS C 91 46.01 2.36 30.63
C LYS C 91 44.64 2.32 31.28
N ILE C 92 43.68 3.05 30.72
CA ILE C 92 42.32 3.05 31.29
C ILE C 92 41.66 1.69 31.09
N LEU C 93 41.74 1.14 29.87
CA LEU C 93 41.08 -0.13 29.58
C LEU C 93 41.79 -1.31 30.22
N LYS C 94 43.05 -1.16 30.58
CA LYS C 94 43.81 -2.27 31.16
C LYS C 94 43.11 -2.79 32.41
N VAL C 95 43.01 -4.10 32.52
CA VAL C 95 42.46 -4.75 33.69
C VAL C 95 43.56 -5.35 34.56
N SER C 96 44.44 -6.14 33.95
CA SER C 96 45.56 -6.74 34.67
C SER C 96 46.86 -6.47 33.93
N GLU C 97 47.95 -7.10 34.37
CA GLU C 97 49.24 -6.94 33.69
C GLU C 97 49.38 -7.92 32.53
N ASP C 98 49.11 -9.21 32.78
CA ASP C 98 49.07 -10.22 31.72
C ASP C 98 47.71 -10.16 31.01
N ASP C 99 47.46 -9.03 30.37
CA ASP C 99 46.14 -8.68 29.87
C ASP C 99 46.26 -8.24 28.42
N ASP C 100 45.26 -8.57 27.60
CA ASP C 100 45.37 -8.33 26.17
C ASP C 100 45.48 -6.85 25.83
N THR C 101 44.39 -6.10 26.02
CA THR C 101 44.36 -4.64 25.87
C THR C 101 45.18 -3.97 24.77
N ALA C 102 45.27 -4.59 23.60
CA ALA C 102 46.00 -4.00 22.49
C ALA C 102 45.40 -2.72 21.92
N VAL C 103 46.16 -1.64 21.93
CA VAL C 103 45.84 -0.41 21.20
C VAL C 103 47.00 -0.15 20.26
N LYS C 104 46.70 -0.09 18.96
CA LYS C 104 47.74 -0.05 17.94
C LYS C 104 47.46 1.07 16.96
N ILE C 105 48.54 1.67 16.46
CA ILE C 105 48.45 2.84 15.60
C ILE C 105 48.27 2.42 14.15
N ILE C 106 47.34 3.06 13.45
CA ILE C 106 46.97 2.72 12.08
C ILE C 106 47.15 3.96 11.21
N ASN C 107 47.77 3.77 10.04
CA ASN C 107 47.92 4.84 9.04
C ASN C 107 48.70 6.03 9.59
N GLY C 108 49.66 5.78 10.47
CA GLY C 108 50.47 6.86 11.00
C GLY C 108 49.74 7.82 11.90
N GLY C 109 48.84 7.32 12.74
CA GLY C 109 48.23 8.09 13.79
C GLY C 109 46.80 8.51 13.55
N LYS C 110 46.31 8.41 12.33
CA LYS C 110 44.95 8.87 12.05
C LYS C 110 43.88 7.84 12.39
N GLN C 111 44.27 6.63 12.79
CA GLN C 111 43.29 5.63 13.18
C GLN C 111 43.87 4.79 14.31
N LEU C 112 42.98 4.24 15.12
CA LEU C 112 43.35 3.37 16.23
C LEU C 112 42.62 2.05 16.09
N ALA C 113 43.32 0.96 16.37
CA ALA C 113 42.73 -0.37 16.41
C ALA C 113 42.87 -0.90 17.83
N VAL C 114 41.81 -0.78 18.62
CA VAL C 114 41.83 -1.12 20.04
C VAL C 114 41.14 -2.47 20.22
N GLN C 115 41.75 -3.33 21.02
CA GLN C 115 41.20 -4.63 21.37
C GLN C 115 40.92 -4.64 22.87
N VAL C 116 39.64 -4.56 23.24
CA VAL C 116 39.25 -4.55 24.65
C VAL C 116 39.60 -5.88 25.28
N PRO C 117 40.12 -5.91 26.51
CA PRO C 117 40.48 -7.20 27.13
C PRO C 117 39.29 -8.10 27.30
N THR C 118 39.54 -9.41 27.23
CA THR C 118 38.46 -10.39 27.39
C THR C 118 37.89 -10.39 28.80
N ALA C 119 38.62 -9.87 29.77
CA ALA C 119 38.12 -9.84 31.15
C ALA C 119 36.88 -8.97 31.27
N ARG C 120 36.82 -7.88 30.49
CA ARG C 120 35.64 -7.03 30.48
C ARG C 120 34.49 -7.64 29.70
N LEU C 121 34.74 -8.68 28.91
CA LEU C 121 33.68 -9.33 28.14
C LEU C 121 33.20 -10.62 28.77
N GLU C 122 33.95 -11.19 29.71
CA GLU C 122 33.46 -12.37 30.42
C GLU C 122 32.33 -12.03 31.38
N VAL C 123 32.21 -10.78 31.81
CA VAL C 123 31.15 -10.38 32.73
C VAL C 123 30.21 -9.43 32.02
N ALA C 124 30.07 -9.60 30.71
CA ALA C 124 29.12 -8.83 29.91
C ALA C 124 28.17 -9.81 29.23
N ALA C 125 26.88 -9.45 29.22
CA ALA C 125 25.89 -10.31 28.59
C ALA C 125 25.87 -10.17 27.07
N GLU C 126 26.54 -9.18 26.51
CA GLU C 126 26.57 -8.98 25.07
C GLU C 126 27.93 -8.40 24.71
N TYR C 127 28.10 -8.12 23.42
CA TYR C 127 29.36 -7.62 22.88
C TYR C 127 29.47 -6.10 22.93
N SER C 128 28.41 -5.39 23.29
CA SER C 128 28.41 -3.93 23.21
C SER C 128 29.33 -3.27 24.22
N VAL C 129 29.88 -4.03 25.17
CA VAL C 129 30.78 -3.45 26.16
C VAL C 129 32.04 -2.92 25.51
N SER C 130 32.45 -3.52 24.40
CA SER C 130 33.70 -3.09 23.75
C SER C 130 33.61 -1.64 23.30
N MET C 131 32.57 -1.30 22.54
CA MET C 131 32.46 0.05 22.02
C MET C 131 32.22 1.06 23.13
N LEU C 132 31.39 0.71 24.12
CA LEU C 132 31.11 1.64 25.20
C LEU C 132 32.35 1.89 26.07
N SER C 133 33.08 0.83 26.41
CA SER C 133 34.31 1.01 27.18
C SER C 133 35.34 1.81 26.40
N THR C 134 35.49 1.53 25.11
CA THR C 134 36.44 2.28 24.30
C THR C 134 36.03 3.75 24.19
N ALA C 135 34.74 4.01 24.04
CA ALA C 135 34.28 5.39 23.97
C ALA C 135 34.57 6.13 25.27
N MET C 136 34.30 5.50 26.41
CA MET C 136 34.57 6.14 27.69
C MET C 136 36.06 6.39 27.89
N ALA C 137 36.89 5.39 27.58
CA ALA C 137 38.32 5.55 27.72
C ALA C 137 38.85 6.65 26.81
N LEU C 138 38.33 6.73 25.58
CA LEU C 138 38.74 7.76 24.66
C LEU C 138 38.33 9.14 25.14
N LYS C 139 37.12 9.27 25.69
CA LYS C 139 36.68 10.55 26.22
C LYS C 139 37.58 11.00 27.36
N GLU C 140 37.89 10.09 28.28
CA GLU C 140 38.76 10.43 29.39
C GLU C 140 40.16 10.80 28.91
N ALA C 141 40.70 10.05 27.95
CA ALA C 141 42.03 10.32 27.44
C ALA C 141 42.09 11.68 26.74
N LEU C 142 41.06 12.01 25.96
CA LEU C 142 41.05 13.30 25.27
C LEU C 142 40.88 14.45 26.25
N ILE C 143 40.04 14.27 27.28
CA ILE C 143 39.86 15.33 28.26
C ILE C 143 41.11 15.53 29.08
N LYS C 144 41.87 14.47 29.35
CA LYS C 144 43.05 14.60 30.19
C LYS C 144 44.27 15.10 29.39
N THR C 145 44.47 14.58 28.17
CA THR C 145 45.64 14.97 27.38
C THR C 145 45.61 16.44 27.04
N PHE C 146 44.60 16.87 26.29
CA PHE C 146 44.31 18.29 26.11
C PHE C 146 43.37 18.72 27.22
N ASN C 147 43.73 19.78 27.94
CA ASN C 147 42.98 20.17 29.13
C ASN C 147 41.65 20.76 28.71
N ILE C 148 40.71 19.87 28.36
CA ILE C 148 39.39 20.30 27.94
C ILE C 148 38.63 20.85 29.15
N ASP C 149 37.90 21.95 28.92
CA ASP C 149 37.11 22.56 29.98
C ASP C 149 35.97 21.64 30.36
N MET C 150 35.44 21.85 31.57
CA MET C 150 34.34 21.03 32.07
C MET C 150 33.09 21.16 31.20
N PHE C 151 32.94 22.28 30.51
CA PHE C 151 31.74 22.56 29.73
C PHE C 151 31.86 22.13 28.27
N ASP C 152 32.89 21.36 27.92
CA ASP C 152 33.07 20.83 26.57
C ASP C 152 33.18 19.31 26.53
N GLY C 153 33.04 18.64 27.67
CA GLY C 153 33.00 17.19 27.65
C GLY C 153 31.85 16.64 26.85
N SER C 154 30.72 17.35 26.86
CA SER C 154 29.59 16.94 26.04
C SER C 154 29.94 17.02 24.55
N THR C 155 30.66 18.06 24.15
CA THR C 155 31.12 18.16 22.76
C THR C 155 32.04 17.01 22.40
N VAL C 156 32.96 16.67 23.31
CA VAL C 156 33.85 15.54 23.06
C VAL C 156 33.06 14.25 22.91
N HIS C 157 32.08 14.04 23.78
CA HIS C 157 31.23 12.85 23.71
C HIS C 157 30.50 12.79 22.38
N ALA C 158 29.94 13.92 21.94
CA ALA C 158 29.22 13.94 20.67
C ALA C 158 30.15 13.64 19.51
N ALA C 159 31.39 14.12 19.57
CA ALA C 159 32.34 13.81 18.52
C ALA C 159 32.71 12.34 18.50
N ILE C 160 32.78 11.70 19.66
CA ILE C 160 33.19 10.30 19.70
C ILE C 160 32.03 9.37 19.39
N VAL C 161 30.94 9.51 20.13
CA VAL C 161 29.84 8.55 20.02
C VAL C 161 28.79 9.07 19.04
N GLY C 162 28.25 10.24 19.29
CA GLY C 162 27.39 10.89 18.32
C GLY C 162 25.93 10.53 18.45
N ASN C 163 25.14 11.43 19.02
CA ASN C 163 23.69 11.32 19.14
C ASN C 163 23.22 10.10 19.92
N TYR C 164 24.08 9.40 20.66
CA TYR C 164 23.71 8.09 21.17
C TYR C 164 22.52 8.12 22.13
N PRO C 165 22.51 8.93 23.20
CA PRO C 165 21.37 8.82 24.13
C PRO C 165 20.04 9.08 23.46
N GLN C 166 19.98 10.07 22.56
CA GLN C 166 18.75 10.34 21.82
C GLN C 166 18.52 9.32 20.73
N VAL C 167 19.56 8.96 19.99
CA VAL C 167 19.44 8.05 18.86
C VAL C 167 20.23 6.80 19.22
N MET C 168 19.53 5.69 19.44
CA MET C 168 20.17 4.56 20.13
C MET C 168 21.09 3.77 19.22
N ASP C 169 22.15 4.42 18.75
CA ASP C 169 23.22 3.78 17.99
C ASP C 169 24.35 4.79 17.86
N TYR C 170 25.36 4.45 17.06
CA TYR C 170 26.50 5.33 16.78
C TYR C 170 26.40 5.77 15.33
N ALA C 171 25.73 6.90 15.10
CA ALA C 171 25.47 7.36 13.74
C ALA C 171 26.54 8.33 13.23
N GLY C 172 26.70 9.46 13.92
CA GLY C 172 27.66 10.46 13.51
C GLY C 172 28.97 10.35 14.26
N SER C 173 29.22 9.19 14.86
CA SER C 173 30.42 9.00 15.64
C SER C 173 31.62 8.57 14.82
N ASN C 174 32.76 8.51 15.48
CA ASN C 174 34.02 8.10 14.86
C ASN C 174 34.56 6.83 15.50
N ILE C 175 33.68 5.97 15.99
CA ILE C 175 34.05 4.70 16.56
C ILE C 175 33.14 3.64 15.95
N ALA C 176 33.73 2.51 15.54
CA ALA C 176 32.98 1.52 14.78
C ALA C 176 33.43 0.12 15.15
N SER C 177 32.53 -0.84 14.93
CA SER C 177 32.80 -2.25 15.14
C SER C 177 32.11 -3.04 14.04
N LEU C 178 32.50 -4.31 13.91
CA LEU C 178 31.92 -5.15 12.87
C LEU C 178 30.48 -5.51 13.19
N LEU C 179 30.12 -5.61 14.47
CA LEU C 179 28.77 -5.97 14.89
C LEU C 179 27.97 -4.72 15.24
N GLY C 180 26.72 -4.70 14.82
CA GLY C 180 25.84 -3.60 15.11
C GLY C 180 25.17 -3.74 16.47
N ALA C 181 24.34 -2.77 16.80
CA ALA C 181 23.65 -2.77 18.07
C ALA C 181 22.67 -3.94 18.13
N PRO C 182 22.64 -4.68 19.25
CA PRO C 182 21.71 -5.81 19.36
C PRO C 182 20.25 -5.41 19.26
N SER C 183 19.91 -4.17 19.59
CA SER C 183 18.54 -3.70 19.43
C SER C 183 18.16 -3.51 17.96
N MET C 184 19.13 -3.53 17.06
CA MET C 184 18.88 -3.31 15.64
C MET C 184 19.12 -4.57 14.82
N MET C 185 18.73 -5.72 15.35
CA MET C 185 18.88 -6.99 14.65
C MET C 185 17.59 -7.35 13.93
N GLU C 186 17.72 -8.21 12.92
CA GLU C 186 16.54 -8.68 12.20
C GLU C 186 15.77 -9.67 13.05
N GLY C 187 16.47 -10.57 13.75
CA GLY C 187 15.85 -11.54 14.62
C GLY C 187 16.81 -11.87 15.74
N LEU C 188 16.37 -12.78 16.61
CA LEU C 188 17.20 -13.18 17.75
C LEU C 188 18.33 -14.08 17.28
N GLY C 189 19.55 -13.77 17.71
CA GLY C 189 20.72 -14.50 17.29
C GLY C 189 21.32 -14.08 15.98
N TYR C 190 20.89 -12.95 15.43
CA TYR C 190 21.32 -12.49 14.12
C TYR C 190 22.55 -11.60 14.18
N ALA C 191 23.23 -11.54 15.32
CA ALA C 191 24.32 -10.58 15.49
C ALA C 191 25.47 -10.88 14.54
N LEU C 192 25.82 -12.16 14.38
CA LEU C 192 26.99 -12.51 13.59
C LEU C 192 26.77 -12.39 12.09
N ARG C 193 25.53 -12.28 11.63
CA ARG C 193 25.29 -12.08 10.20
C ARG C 193 25.21 -10.60 9.85
N ASN C 194 26.16 -9.82 10.31
CA ASN C 194 26.15 -8.39 10.08
C ASN C 194 27.31 -7.90 9.23
N ILE C 195 28.33 -8.73 9.02
CA ILE C 195 29.48 -8.33 8.23
C ILE C 195 29.11 -8.41 6.75
N PRO C 196 29.15 -7.30 6.02
CA PRO C 196 28.79 -7.33 4.60
C PRO C 196 29.84 -8.07 3.78
N VAL C 197 29.46 -8.33 2.52
CA VAL C 197 30.36 -9.03 1.60
C VAL C 197 31.62 -8.22 1.37
N ASN C 198 31.48 -6.90 1.24
CA ASN C 198 32.63 -6.05 0.95
C ASN C 198 33.66 -6.10 2.08
N HIS C 199 33.20 -6.14 3.33
CA HIS C 199 34.12 -6.25 4.45
C HIS C 199 34.88 -7.57 4.41
N ALA C 200 34.20 -8.65 4.08
CA ALA C 200 34.86 -9.95 3.97
C ALA C 200 35.88 -9.96 2.85
N VAL C 201 35.57 -9.31 1.73
CA VAL C 201 36.49 -9.27 0.60
C VAL C 201 37.70 -8.41 0.93
N ALA C 202 37.48 -7.25 1.55
CA ALA C 202 38.58 -6.35 1.88
C ALA C 202 39.49 -6.96 2.94
N THR C 203 38.92 -7.64 3.93
CA THR C 203 39.73 -8.23 4.99
C THR C 203 40.66 -9.30 4.43
N THR C 204 40.19 -10.10 3.48
CA THR C 204 40.98 -11.16 2.90
C THR C 204 41.79 -10.71 1.70
N LYS C 205 41.74 -9.41 1.37
CA LYS C 205 42.52 -8.83 0.27
C LYS C 205 42.14 -9.45 -1.07
N LYS C 206 40.83 -9.52 -1.32
CA LYS C 206 40.28 -9.92 -2.61
C LYS C 206 40.78 -11.29 -3.06
N ASN C 207 40.90 -12.22 -2.11
CA ASN C 207 41.21 -13.60 -2.41
C ASN C 207 39.91 -14.40 -2.39
N MET C 208 39.58 -15.04 -3.52
CA MET C 208 38.26 -15.63 -3.70
C MET C 208 37.99 -16.70 -2.64
N MET C 209 38.89 -17.67 -2.51
CA MET C 209 38.65 -18.78 -1.60
C MET C 209 38.61 -18.31 -0.16
N ASN C 210 39.49 -17.37 0.21
CA ASN C 210 39.52 -16.88 1.59
C ASN C 210 38.27 -16.06 1.91
N ALA C 211 37.80 -15.24 0.97
CA ALA C 211 36.59 -14.48 1.21
C ALA C 211 35.39 -15.42 1.34
N ILE C 212 35.33 -16.46 0.51
CA ILE C 212 34.26 -17.45 0.62
C ILE C 212 34.32 -18.12 1.98
N ALA C 213 35.52 -18.49 2.42
CA ALA C 213 35.66 -19.14 3.72
C ALA C 213 35.21 -18.22 4.85
N PHE C 214 35.59 -16.94 4.77
CA PHE C 214 35.19 -15.98 5.80
C PHE C 214 33.67 -15.86 5.88
N SER C 215 33.03 -15.63 4.74
CA SER C 215 31.58 -15.48 4.74
C SER C 215 30.87 -16.74 5.22
N SER C 216 31.34 -17.90 4.76
CA SER C 216 30.70 -19.16 5.17
C SER C 216 30.87 -19.41 6.65
N VAL C 217 32.07 -19.15 7.19
CA VAL C 217 32.29 -19.36 8.62
C VAL C 217 31.37 -18.47 9.43
N MET C 218 31.29 -17.19 9.06
CA MET C 218 30.41 -16.29 9.80
C MET C 218 28.95 -16.73 9.72
N GLU C 219 28.48 -17.07 8.52
CA GLU C 219 27.07 -17.42 8.35
C GLU C 219 26.71 -18.69 9.10
N GLN C 220 27.56 -19.72 9.03
CA GLN C 220 27.21 -20.97 9.70
C GLN C 220 27.38 -20.88 11.21
N THR C 221 28.36 -20.12 11.69
CA THR C 221 28.43 -19.86 13.12
C THR C 221 27.19 -19.13 13.60
N ALA C 222 26.68 -18.20 12.79
CA ALA C 222 25.45 -17.52 13.15
C ALA C 222 24.28 -18.50 13.20
N THR C 223 24.20 -19.42 12.24
CA THR C 223 23.13 -20.41 12.28
C THR C 223 23.21 -21.26 13.53
N PHE C 224 24.43 -21.58 13.97
CA PHE C 224 24.58 -22.27 15.24
C PHE C 224 24.09 -21.40 16.40
N GLU C 225 24.27 -20.09 16.29
CA GLU C 225 23.81 -19.19 17.35
C GLU C 225 22.30 -19.00 17.32
N MET C 226 21.68 -19.00 16.15
CA MET C 226 20.25 -18.77 16.04
C MET C 226 19.41 -19.96 16.49
N GLY C 227 20.04 -21.05 16.93
CA GLY C 227 19.31 -22.25 17.25
C GLY C 227 18.92 -23.08 16.06
N ASP C 228 19.31 -22.66 14.85
CA ASP C 228 18.91 -23.40 13.65
C ASP C 228 19.68 -24.70 13.51
N ALA C 229 20.99 -24.67 13.75
CA ALA C 229 21.83 -25.86 13.62
C ALA C 229 21.84 -26.66 14.92
N VAL C 230 20.66 -27.13 15.30
CA VAL C 230 20.47 -27.89 16.53
C VAL C 230 19.71 -29.17 16.19
N GLY C 231 20.28 -30.31 16.57
CA GLY C 231 19.59 -31.57 16.39
C GLY C 231 19.74 -32.12 14.98
N SER C 232 18.64 -32.18 14.25
CA SER C 232 18.65 -32.77 12.92
C SER C 232 19.23 -31.85 11.87
N PHE C 233 19.27 -30.55 12.12
CA PHE C 233 19.79 -29.58 11.16
C PHE C 233 21.29 -29.32 11.33
N GLU C 234 21.88 -29.81 12.42
CA GLU C 234 23.29 -29.57 12.65
C GLU C 234 24.14 -30.21 11.57
N ARG C 235 23.81 -31.44 11.16
CA ARG C 235 24.58 -32.11 10.12
C ARG C 235 24.51 -31.35 8.81
N GLN C 236 23.32 -30.85 8.45
CA GLN C 236 23.18 -30.14 7.20
C GLN C 236 24.01 -28.86 7.22
N HIS C 237 24.03 -28.16 8.35
CA HIS C 237 24.79 -26.91 8.37
C HIS C 237 26.30 -27.18 8.43
N LEU C 238 26.72 -28.24 9.12
CA LEU C 238 28.13 -28.61 9.13
C LEU C 238 28.61 -29.00 7.73
N LEU C 239 27.82 -29.81 7.02
CA LEU C 239 28.19 -30.18 5.66
C LEU C 239 28.17 -28.97 4.73
N GLY C 240 27.21 -28.08 4.91
CA GLY C 240 27.19 -26.86 4.13
C GLY C 240 28.46 -26.04 4.32
N LEU C 241 28.85 -25.85 5.58
CA LEU C 241 30.09 -25.12 5.85
C LEU C 241 31.28 -25.81 5.19
N ALA C 242 31.43 -27.12 5.42
CA ALA C 242 32.60 -27.83 4.92
C ALA C 242 32.69 -27.78 3.40
N TYR C 243 31.58 -27.94 2.71
CA TYR C 243 31.63 -28.07 1.25
C TYR C 243 31.51 -26.74 0.52
N GLN C 244 30.87 -25.74 1.09
CA GLN C 244 30.73 -24.46 0.43
C GLN C 244 31.81 -23.46 0.82
N GLY C 245 32.31 -23.52 2.05
CA GLY C 245 33.28 -22.53 2.48
C GLY C 245 34.71 -23.02 2.48
N LEU C 246 34.93 -24.23 2.97
CA LEU C 246 36.28 -24.74 3.19
C LEU C 246 36.77 -25.65 2.08
N ASN C 247 36.03 -25.75 0.97
CA ASN C 247 36.48 -26.49 -0.20
C ASN C 247 36.80 -27.94 0.14
N ALA C 248 35.92 -28.56 0.93
CA ALA C 248 36.10 -29.95 1.28
C ALA C 248 35.96 -30.82 0.04
N ASP C 249 36.80 -31.85 -0.05
CA ASP C 249 36.88 -32.75 -1.19
C ASP C 249 37.23 -32.03 -2.49
N ASN C 250 37.62 -30.75 -2.40
CA ASN C 250 38.06 -29.96 -3.55
C ASN C 250 36.95 -29.78 -4.58
N LEU C 251 35.69 -29.83 -4.14
CA LEU C 251 34.58 -29.79 -5.09
C LEU C 251 34.51 -28.46 -5.82
N VAL C 252 34.70 -27.34 -5.12
CA VAL C 252 34.57 -26.03 -5.76
C VAL C 252 35.66 -25.86 -6.81
N ILE C 253 36.90 -26.19 -6.46
CA ILE C 253 38.00 -26.06 -7.40
C ILE C 253 37.81 -27.01 -8.58
N ASP C 254 37.35 -28.24 -8.30
CA ASP C 254 37.14 -29.21 -9.37
C ASP C 254 36.08 -28.74 -10.34
N PHE C 255 34.97 -28.21 -9.84
CA PHE C 255 33.91 -27.73 -10.72
C PHE C 255 34.38 -26.53 -11.53
N ILE C 256 35.12 -25.61 -10.91
CA ILE C 256 35.63 -24.45 -11.64
C ILE C 256 36.58 -24.89 -12.73
N LYS C 257 37.48 -25.83 -12.43
CA LYS C 257 38.42 -26.32 -13.44
C LYS C 257 37.69 -27.03 -14.57
N ALA C 258 36.67 -27.81 -14.25
CA ALA C 258 35.93 -28.51 -15.28
C ALA C 258 35.08 -27.56 -16.13
N ASN C 259 34.76 -26.37 -15.62
CA ASN C 259 33.95 -25.44 -16.39
C ASN C 259 34.66 -24.12 -16.64
N ALA C 260 35.94 -24.18 -17.02
CA ALA C 260 36.69 -22.95 -17.27
C ALA C 260 36.10 -22.18 -18.43
N LYS C 261 35.68 -22.88 -19.49
CA LYS C 261 35.03 -22.26 -20.64
C LYS C 261 33.53 -22.50 -20.64
N GLY C 262 32.95 -22.87 -19.51
CA GLY C 262 31.58 -23.32 -19.46
C GLY C 262 30.59 -22.23 -19.05
N THR C 263 29.36 -22.65 -18.87
CA THR C 263 28.24 -21.81 -18.49
C THR C 263 27.64 -22.34 -17.18
N VAL C 264 26.51 -21.76 -16.77
CA VAL C 264 25.82 -22.26 -15.59
C VAL C 264 25.26 -23.65 -15.84
N GLY C 265 24.77 -23.90 -17.06
CA GLY C 265 24.24 -25.21 -17.38
C GLY C 265 25.29 -26.30 -17.31
N SER C 266 26.51 -26.01 -17.78
CA SER C 266 27.58 -27.00 -17.70
C SER C 266 27.99 -27.25 -16.26
N VAL C 267 27.95 -26.21 -15.42
CA VAL C 267 28.23 -26.41 -13.99
C VAL C 267 27.18 -27.31 -13.37
N VAL C 268 25.90 -27.09 -13.71
CA VAL C 268 24.85 -27.96 -13.22
C VAL C 268 25.10 -29.40 -13.66
N GLU C 269 25.51 -29.58 -14.92
CA GLU C 269 25.78 -30.93 -15.42
C GLU C 269 26.91 -31.60 -14.65
N THR C 270 28.00 -30.86 -14.40
CA THR C 270 29.12 -31.44 -13.64
C THR C 270 28.72 -31.76 -12.21
N VAL C 271 27.91 -30.90 -11.59
CA VAL C 271 27.45 -31.16 -10.23
C VAL C 271 26.64 -32.45 -10.18
N ILE C 272 25.71 -32.61 -11.12
CA ILE C 272 24.89 -33.82 -11.13
C ILE C 272 25.75 -35.04 -11.40
N ASP C 273 26.71 -34.92 -12.31
CA ASP C 273 27.59 -36.05 -12.59
C ASP C 273 28.38 -36.46 -11.37
N ARG C 274 28.91 -35.49 -10.63
CA ARG C 274 29.69 -35.80 -9.42
C ARG C 274 28.80 -36.41 -8.35
N ALA C 275 27.57 -35.88 -8.18
CA ALA C 275 26.66 -36.45 -7.21
C ALA C 275 26.29 -37.89 -7.55
N ILE C 276 26.08 -38.17 -8.83
CA ILE C 276 25.79 -39.54 -9.25
C ILE C 276 26.99 -40.44 -9.02
N ALA C 277 28.19 -39.97 -9.36
CA ALA C 277 29.38 -40.79 -9.24
C ALA C 277 29.72 -41.08 -7.77
N ASP C 278 29.40 -40.15 -6.88
CA ASP C 278 29.70 -40.33 -5.46
C ASP C 278 28.61 -41.09 -4.71
N GLY C 279 27.56 -41.52 -5.39
CA GLY C 279 26.47 -42.19 -4.72
C GLY C 279 25.53 -41.28 -3.96
N VAL C 280 25.65 -39.97 -4.12
CA VAL C 280 24.83 -39.05 -3.35
C VAL C 280 23.38 -39.11 -3.80
N ILE C 281 23.15 -39.20 -5.10
CA ILE C 281 21.79 -39.29 -5.64
C ILE C 281 21.68 -40.54 -6.50
N VAL C 282 20.49 -41.13 -6.51
CA VAL C 282 20.20 -42.31 -7.31
C VAL C 282 18.97 -42.02 -8.16
N VAL C 283 18.63 -42.98 -9.01
CA VAL C 283 17.46 -42.84 -9.88
C VAL C 283 16.22 -43.28 -9.13
N ASP C 284 15.27 -42.37 -8.95
CA ASP C 284 14.00 -42.72 -8.33
C ASP C 284 13.18 -43.63 -9.24
N LYS C 285 12.78 -43.11 -10.39
CA LYS C 285 12.00 -43.87 -11.36
C LYS C 285 12.12 -43.18 -12.70
N THR C 286 11.93 -43.95 -13.76
CA THR C 286 11.91 -43.42 -15.12
C THR C 286 10.45 -43.24 -15.54
N MET C 287 10.09 -42.01 -15.90
CA MET C 287 8.73 -41.73 -16.30
C MET C 287 8.46 -42.30 -17.68
N SER C 288 7.21 -42.15 -18.15
CA SER C 288 6.84 -42.64 -19.46
C SER C 288 7.61 -41.91 -20.56
N SER C 289 7.77 -40.61 -20.41
CA SER C 289 8.51 -39.80 -21.39
C SER C 289 9.99 -39.70 -21.03
N GLY C 290 10.62 -40.83 -20.78
CA GLY C 290 12.00 -40.78 -20.29
C GLY C 290 12.07 -40.06 -18.96
N PHE C 291 13.06 -39.19 -18.83
CA PHE C 291 13.25 -38.36 -17.64
C PHE C 291 13.28 -39.21 -16.37
N ASN C 292 14.37 -39.96 -16.22
CA ASN C 292 14.56 -40.68 -14.97
C ASN C 292 14.68 -39.70 -13.81
N MET C 293 13.72 -39.76 -12.88
CA MET C 293 13.74 -38.92 -11.70
C MET C 293 14.87 -39.33 -10.76
N TYR C 294 15.33 -38.38 -9.95
CA TYR C 294 16.43 -38.62 -9.03
C TYR C 294 15.97 -38.32 -7.61
N LYS C 295 16.37 -39.18 -6.69
CA LYS C 295 16.12 -38.99 -5.27
C LYS C 295 17.44 -39.06 -4.53
N PRO C 296 17.60 -38.27 -3.47
CA PRO C 296 18.90 -38.22 -2.76
C PRO C 296 19.06 -39.41 -1.85
N ALA C 297 20.14 -40.16 -2.05
CA ALA C 297 20.51 -41.19 -1.08
C ALA C 297 21.09 -40.58 0.18
N ASP C 298 21.50 -39.31 0.13
CA ASP C 298 21.99 -38.57 1.28
C ASP C 298 21.50 -37.13 1.12
N VAL C 299 20.48 -36.77 1.89
CA VAL C 299 19.82 -35.48 1.71
C VAL C 299 20.77 -34.34 2.02
N ASN C 300 21.44 -34.41 3.18
CA ASN C 300 22.34 -33.34 3.58
C ASN C 300 23.55 -33.25 2.67
N LYS C 301 24.10 -34.40 2.28
CA LYS C 301 25.25 -34.39 1.38
C LYS C 301 24.87 -33.86 0.01
N TRP C 302 23.65 -34.16 -0.46
CA TRP C 302 23.20 -33.58 -1.72
C TRP C 302 23.07 -32.06 -1.61
N ASN C 303 22.53 -31.58 -0.49
CA ASN C 303 22.45 -30.13 -0.30
C ASN C 303 23.83 -29.51 -0.31
N ALA C 304 24.80 -30.16 0.33
CA ALA C 304 26.17 -29.64 0.35
C ALA C 304 26.79 -29.63 -1.04
N TYR C 305 26.58 -30.70 -1.82
CA TYR C 305 27.09 -30.74 -3.19
C TYR C 305 26.48 -29.64 -4.03
N ALA C 306 25.17 -29.42 -3.90
CA ALA C 306 24.52 -28.35 -4.64
C ALA C 306 25.04 -26.98 -4.22
N ALA C 307 25.36 -26.81 -2.94
CA ALA C 307 25.91 -25.53 -2.49
C ALA C 307 27.30 -25.29 -3.05
N ALA C 308 28.15 -26.31 -3.04
CA ALA C 308 29.47 -26.19 -3.65
C ALA C 308 29.35 -25.88 -5.13
N GLY C 309 28.43 -26.55 -5.81
CA GLY C 309 28.20 -26.25 -7.21
C GLY C 309 27.67 -24.85 -7.44
N LEU C 310 26.86 -24.33 -6.50
CA LEU C 310 26.39 -22.96 -6.61
C LEU C 310 27.55 -21.98 -6.53
N VAL C 311 28.46 -22.20 -5.60
CA VAL C 311 29.64 -21.34 -5.51
C VAL C 311 30.47 -21.43 -6.79
N ALA C 312 30.67 -22.65 -7.30
CA ALA C 312 31.44 -22.83 -8.52
C ALA C 312 30.77 -22.15 -9.70
N ALA C 313 29.44 -22.22 -9.79
CA ALA C 313 28.72 -21.58 -10.88
C ALA C 313 28.85 -20.07 -10.81
N VAL C 314 28.76 -19.50 -9.61
CA VAL C 314 28.96 -18.06 -9.47
C VAL C 314 30.36 -17.68 -9.91
N ALA C 315 31.36 -18.46 -9.49
CA ALA C 315 32.74 -18.17 -9.89
C ALA C 315 32.89 -18.23 -11.39
N VAL C 316 32.32 -19.25 -12.04
CA VAL C 316 32.46 -19.41 -13.48
C VAL C 316 31.80 -18.26 -14.22
N SER C 317 30.56 -17.94 -13.87
CA SER C 317 29.84 -16.90 -14.59
C SER C 317 30.46 -15.52 -14.38
N CYS C 318 30.80 -15.19 -13.14
CA CYS C 318 31.36 -13.88 -12.86
C CYS C 318 32.82 -13.77 -13.25
N GLY C 319 33.51 -14.89 -13.50
CA GLY C 319 34.85 -14.82 -14.02
C GLY C 319 34.84 -14.73 -15.53
N ALA C 320 33.78 -15.27 -16.15
CA ALA C 320 33.59 -15.05 -17.57
C ALA C 320 33.24 -13.59 -17.85
N ALA C 321 32.32 -13.02 -17.07
CA ALA C 321 31.95 -11.62 -17.30
C ALA C 321 32.90 -10.65 -16.63
N ARG C 322 33.70 -11.10 -15.65
CA ARG C 322 34.54 -10.24 -14.83
C ARG C 322 33.75 -9.10 -14.20
N ALA C 323 32.47 -9.36 -13.94
CA ALA C 323 31.58 -8.40 -13.30
C ALA C 323 30.80 -9.13 -12.21
N ALA C 324 30.48 -8.40 -11.14
CA ALA C 324 29.85 -8.97 -9.97
C ALA C 324 28.34 -8.77 -9.95
N GLN C 325 27.74 -8.41 -11.08
CA GLN C 325 26.31 -8.16 -11.13
C GLN C 325 25.50 -9.39 -11.51
N ASN C 326 26.15 -10.53 -11.74
CA ASN C 326 25.46 -11.73 -12.19
C ASN C 326 25.02 -12.64 -11.05
N VAL C 327 25.35 -12.32 -9.80
CA VAL C 327 25.19 -13.28 -8.71
C VAL C 327 23.74 -13.69 -8.55
N ALA C 328 22.84 -12.72 -8.56
CA ALA C 328 21.43 -13.02 -8.31
C ALA C 328 20.88 -13.99 -9.35
N SER C 329 21.08 -13.67 -10.63
CA SER C 329 20.59 -14.53 -11.70
C SER C 329 21.27 -15.89 -11.66
N VAL C 330 22.57 -15.92 -11.38
CA VAL C 330 23.29 -17.19 -11.37
C VAL C 330 22.71 -18.13 -10.33
N ILE C 331 22.50 -17.63 -9.11
CA ILE C 331 21.96 -18.47 -8.04
C ILE C 331 20.54 -18.90 -8.37
N LEU C 332 19.70 -17.94 -8.77
CA LEU C 332 18.31 -18.24 -9.09
C LEU C 332 18.21 -19.34 -10.14
N TYR C 333 18.89 -19.16 -11.27
CA TYR C 333 18.70 -20.06 -12.38
C TYR C 333 19.57 -21.31 -12.30
N PHE C 334 20.64 -21.29 -11.51
CA PHE C 334 21.30 -22.53 -11.14
C PHE C 334 20.32 -23.44 -10.42
N ASN C 335 19.64 -22.90 -9.40
CA ASN C 335 18.67 -23.71 -8.66
C ASN C 335 17.53 -24.15 -9.57
N ASP C 336 17.02 -23.25 -10.41
CA ASP C 336 15.92 -23.57 -11.31
C ASP C 336 16.30 -24.71 -12.27
N ILE C 337 17.44 -24.57 -12.94
CA ILE C 337 17.88 -25.56 -13.91
C ILE C 337 18.12 -26.89 -13.23
N LEU C 338 18.76 -26.88 -12.05
CA LEU C 338 19.00 -28.13 -11.34
C LEU C 338 17.70 -28.82 -10.97
N GLU C 339 16.74 -28.07 -10.46
CA GLU C 339 15.47 -28.66 -10.03
C GLU C 339 14.73 -29.29 -11.20
N TYR C 340 14.63 -28.57 -12.31
CA TYR C 340 13.86 -29.10 -13.43
C TYR C 340 14.68 -30.00 -14.34
N GLU C 341 15.96 -30.19 -14.02
CA GLU C 341 16.82 -31.16 -14.68
C GLU C 341 16.79 -32.50 -13.98
N THR C 342 16.72 -32.51 -12.65
CA THR C 342 16.79 -33.76 -11.90
C THR C 342 15.51 -34.14 -11.16
N GLY C 343 14.62 -33.19 -10.91
CA GLY C 343 13.48 -33.46 -10.06
C GLY C 343 13.77 -33.40 -8.58
N LEU C 344 14.97 -32.99 -8.20
CA LEU C 344 15.60 -32.80 -6.90
C LEU C 344 15.38 -31.39 -6.38
N PRO C 345 15.42 -31.18 -5.07
CA PRO C 345 15.37 -29.81 -4.55
C PRO C 345 16.71 -29.11 -4.70
N GLY C 346 16.64 -27.79 -4.79
CA GLY C 346 17.83 -26.98 -4.93
C GLY C 346 18.57 -26.84 -3.62
N VAL C 347 19.47 -25.84 -3.58
CA VAL C 347 20.19 -25.54 -2.36
C VAL C 347 19.22 -24.94 -1.35
N ASP C 348 19.23 -25.48 -0.13
CA ASP C 348 18.42 -25.00 0.98
C ASP C 348 16.92 -25.11 0.69
N TYR C 349 16.52 -26.01 -0.20
CA TYR C 349 15.11 -26.33 -0.45
C TYR C 349 14.32 -25.08 -0.85
N GLY C 350 14.86 -24.33 -1.80
CA GLY C 350 14.20 -23.17 -2.33
C GLY C 350 14.52 -21.87 -1.62
N ARG C 351 15.12 -21.93 -0.43
CA ARG C 351 15.46 -20.71 0.27
C ARG C 351 16.58 -19.97 -0.44
N SER C 352 17.53 -20.70 -1.03
CA SER C 352 18.57 -20.05 -1.82
C SER C 352 17.97 -19.32 -3.01
N MET C 353 17.01 -19.94 -3.70
CA MET C 353 16.36 -19.29 -4.83
C MET C 353 15.56 -18.07 -4.39
N GLY C 354 14.87 -18.16 -3.25
CA GLY C 354 14.14 -17.01 -2.75
C GLY C 354 15.06 -15.86 -2.38
N THR C 355 16.17 -16.16 -1.71
CA THR C 355 17.16 -15.14 -1.41
C THR C 355 17.78 -14.57 -2.67
N ALA C 356 17.94 -15.39 -3.71
CA ALA C 356 18.44 -14.87 -4.98
C ALA C 356 17.44 -13.92 -5.63
N VAL C 357 16.15 -14.22 -5.51
CA VAL C 357 15.13 -13.27 -5.97
C VAL C 357 15.24 -11.98 -5.18
N GLY C 358 15.52 -12.09 -3.88
CA GLY C 358 15.76 -10.90 -3.07
C GLY C 358 16.94 -10.09 -3.57
N PHE C 359 18.05 -10.77 -3.85
CA PHE C 359 19.21 -10.10 -4.44
C PHE C 359 18.85 -9.40 -5.74
N SER C 360 18.12 -10.11 -6.61
CA SER C 360 17.75 -9.55 -7.91
C SER C 360 16.97 -8.26 -7.75
N PHE C 361 15.90 -8.29 -6.96
CA PHE C 361 15.10 -7.08 -6.87
C PHE C 361 15.74 -6.04 -5.96
N PHE C 362 16.78 -6.40 -5.21
CA PHE C 362 17.48 -5.44 -4.39
C PHE C 362 18.61 -4.73 -5.13
N SER C 363 19.12 -5.31 -6.22
CA SER C 363 20.28 -4.73 -6.89
C SER C 363 20.07 -4.53 -8.39
N HIS C 364 18.83 -4.56 -8.88
CA HIS C 364 18.63 -4.53 -10.33
C HIS C 364 17.44 -3.69 -10.75
N SER C 365 17.10 -2.63 -10.04
CA SER C 365 15.96 -1.82 -10.45
C SER C 365 16.02 -0.47 -9.74
N ILE C 366 15.08 0.41 -10.10
CA ILE C 366 14.94 1.66 -9.37
C ILE C 366 14.40 1.41 -7.98
N TYR C 367 13.50 0.43 -7.81
CA TYR C 367 13.27 -0.07 -6.47
C TYR C 367 14.41 -0.92 -5.92
N GLY C 368 15.48 -1.12 -6.68
CA GLY C 368 16.68 -1.68 -6.08
C GLY C 368 17.39 -0.68 -5.19
N GLY C 369 18.25 -1.19 -4.33
CA GLY C 369 19.06 -0.32 -3.49
C GLY C 369 20.43 -0.91 -3.20
N GLY C 370 21.48 -0.21 -3.59
CA GLY C 370 22.82 -0.72 -3.40
C GLY C 370 23.16 -1.83 -4.37
N GLY C 371 24.36 -2.39 -4.19
CA GLY C 371 24.83 -3.46 -5.02
C GLY C 371 25.13 -4.70 -4.20
N PRO C 372 25.67 -5.74 -4.85
CA PRO C 372 25.94 -7.00 -4.15
C PRO C 372 26.98 -6.89 -3.05
N GLY C 373 27.82 -5.86 -3.05
CA GLY C 373 28.88 -5.77 -2.05
C GLY C 373 28.39 -5.51 -0.65
N ILE C 374 27.18 -4.97 -0.50
CA ILE C 374 26.66 -4.63 0.81
C ILE C 374 25.63 -5.66 1.29
N PHE C 375 25.66 -6.86 0.73
CA PHE C 375 24.78 -7.93 1.19
C PHE C 375 25.26 -8.47 2.53
N ASN C 376 24.31 -8.76 3.42
CA ASN C 376 24.60 -9.43 4.67
C ASN C 376 23.34 -10.13 5.15
N GLY C 377 23.51 -11.07 6.07
CA GLY C 377 22.37 -11.83 6.55
C GLY C 377 21.45 -11.10 7.49
N ASN C 378 21.86 -9.93 7.99
CA ASN C 378 21.06 -9.15 8.92
C ASN C 378 20.14 -8.16 8.23
N HIS C 379 19.67 -8.48 7.03
CA HIS C 379 18.77 -7.62 6.30
C HIS C 379 17.46 -8.36 6.04
N VAL C 380 16.37 -7.59 5.93
CA VAL C 380 15.07 -8.19 5.68
C VAL C 380 15.02 -8.88 4.32
N VAL C 381 15.86 -8.46 3.38
CA VAL C 381 15.82 -9.02 2.04
C VAL C 381 16.69 -10.26 1.90
N THR C 382 17.73 -10.39 2.71
CA THR C 382 18.75 -11.42 2.51
C THR C 382 18.84 -12.42 3.66
N ARG C 383 17.89 -12.40 4.59
CA ARG C 383 17.96 -13.23 5.79
C ARG C 383 17.42 -14.64 5.57
N HIS C 384 16.82 -14.92 4.43
CA HIS C 384 15.95 -16.09 4.30
C HIS C 384 16.72 -17.39 4.13
N SER C 385 17.89 -17.36 3.51
CA SER C 385 18.74 -18.54 3.43
C SER C 385 19.65 -18.58 4.65
N LYS C 386 19.76 -19.75 5.26
CA LYS C 386 20.56 -19.92 6.46
C LYS C 386 22.00 -20.23 6.06
N GLY C 387 22.69 -19.18 5.61
CA GLY C 387 24.09 -19.29 5.26
C GLY C 387 24.42 -20.12 4.05
N PHE C 388 23.62 -20.04 3.00
CA PHE C 388 23.90 -20.74 1.76
C PHE C 388 23.92 -19.83 0.54
N ALA C 389 23.42 -18.60 0.65
CA ALA C 389 23.34 -17.70 -0.49
C ALA C 389 24.34 -16.55 -0.44
N ILE C 390 24.90 -16.25 0.72
CA ILE C 390 25.82 -15.12 0.88
C ILE C 390 27.25 -15.46 0.44
N PRO C 391 27.82 -16.60 0.81
CA PRO C 391 29.23 -16.86 0.47
C PRO C 391 29.51 -16.79 -1.02
N PRO C 392 28.63 -17.27 -1.91
CA PRO C 392 28.90 -17.07 -3.35
C PRO C 392 29.01 -15.62 -3.79
N VAL C 393 28.30 -14.70 -3.13
CA VAL C 393 28.43 -13.30 -3.48
C VAL C 393 29.85 -12.81 -3.24
N CYS C 394 30.55 -13.39 -2.26
CA CYS C 394 31.93 -13.03 -2.02
C CYS C 394 32.82 -13.40 -3.19
N ALA C 395 32.60 -14.59 -3.77
CA ALA C 395 33.32 -14.95 -4.98
C ALA C 395 32.99 -13.99 -6.11
N ALA C 396 31.71 -13.63 -6.24
CA ALA C 396 31.32 -12.71 -7.31
C ALA C 396 32.04 -11.38 -7.17
N MET C 397 32.11 -10.84 -5.96
CA MET C 397 32.74 -9.53 -5.78
C MET C 397 34.25 -9.61 -5.85
N CYS C 398 34.83 -10.76 -5.53
CA CYS C 398 36.26 -10.95 -5.76
C CYS C 398 36.58 -11.00 -7.25
N ALA C 399 35.65 -11.51 -8.06
CA ALA C 399 35.88 -11.60 -9.51
C ALA C 399 35.60 -10.31 -10.25
N ASP C 400 35.07 -9.28 -9.58
CA ASP C 400 34.70 -8.05 -10.26
C ASP C 400 35.94 -7.27 -10.66
N ALA C 401 35.98 -6.84 -11.91
CA ALA C 401 37.09 -6.04 -12.43
C ALA C 401 36.78 -4.55 -12.38
N GLY C 402 36.39 -4.04 -11.21
CA GLY C 402 36.21 -2.62 -11.03
C GLY C 402 35.09 -1.99 -11.83
N THR C 403 33.91 -2.62 -11.85
CA THR C 403 32.74 -2.05 -12.52
C THR C 403 31.58 -1.83 -11.57
N GLN C 404 31.86 -1.69 -10.27
CA GLN C 404 30.82 -1.55 -9.25
C GLN C 404 31.00 -0.23 -8.51
N MET C 405 29.87 0.43 -8.23
CA MET C 405 29.92 1.65 -7.43
C MET C 405 30.22 1.32 -5.98
N PHE C 406 29.70 0.21 -5.47
CA PHE C 406 29.95 -0.23 -4.10
C PHE C 406 31.12 -1.20 -4.05
N SER C 407 32.25 -0.74 -4.58
CA SER C 407 33.45 -1.57 -4.59
C SER C 407 34.01 -1.68 -3.18
N PRO C 408 34.75 -2.75 -2.88
CA PRO C 408 35.33 -2.89 -1.53
C PRO C 408 36.25 -1.75 -1.15
N GLU C 409 36.96 -1.17 -2.11
CA GLU C 409 37.85 -0.06 -1.81
C GLU C 409 37.08 1.17 -1.32
N HIS C 410 35.86 1.36 -1.82
CA HIS C 410 35.08 2.52 -1.43
C HIS C 410 34.46 2.36 -0.04
N THR C 411 34.05 1.15 0.33
CA THR C 411 33.23 0.96 1.50
C THR C 411 33.94 0.26 2.66
N SER C 412 35.13 -0.31 2.45
CA SER C 412 35.72 -1.12 3.50
C SER C 412 37.22 -0.87 3.65
N GLY C 413 37.69 0.33 3.32
CA GLY C 413 39.11 0.60 3.46
C GLY C 413 39.59 0.51 4.89
N LEU C 414 38.88 1.18 5.80
CA LEU C 414 39.26 1.15 7.21
C LEU C 414 39.12 -0.26 7.78
N VAL C 415 38.04 -0.96 7.41
CA VAL C 415 37.81 -2.31 7.90
C VAL C 415 38.95 -3.23 7.47
N GLY C 416 39.35 -3.13 6.20
CA GLY C 416 40.45 -3.95 5.74
C GLY C 416 41.76 -3.60 6.43
N SER C 417 42.03 -2.30 6.61
CA SER C 417 43.26 -1.89 7.27
C SER C 417 43.32 -2.40 8.70
N VAL C 418 42.18 -2.43 9.39
CA VAL C 418 42.18 -2.87 10.78
C VAL C 418 42.25 -4.38 10.88
N TYR C 419 41.36 -5.09 10.19
CA TYR C 419 41.23 -6.52 10.40
C TYR C 419 42.13 -7.37 9.53
N SER C 420 42.84 -6.78 8.57
CA SER C 420 43.79 -7.54 7.77
C SER C 420 45.06 -7.85 8.53
N ALA C 421 45.27 -7.25 9.70
CA ALA C 421 46.46 -7.53 10.48
C ALA C 421 46.40 -8.89 11.15
N PHE C 422 45.20 -9.38 11.44
CA PHE C 422 45.03 -10.68 12.06
C PHE C 422 45.13 -11.77 11.01
N ASP C 423 45.94 -12.79 11.30
CA ASP C 423 46.17 -13.86 10.33
C ASP C 423 44.92 -14.68 10.11
N GLU C 424 44.14 -14.94 11.16
CA GLU C 424 42.94 -15.73 11.03
C GLU C 424 41.85 -15.02 10.24
N PHE C 425 41.94 -13.69 10.10
CA PHE C 425 40.97 -12.95 9.30
C PHE C 425 41.44 -12.78 7.86
N ARG C 426 42.76 -12.62 7.67
CA ARG C 426 43.27 -12.40 6.33
C ARG C 426 43.23 -13.68 5.50
N GLU C 427 43.54 -14.82 6.11
CA GLU C 427 43.48 -16.12 5.46
C GLU C 427 42.63 -17.05 6.30
N PRO C 428 41.31 -16.86 6.32
CA PRO C 428 40.45 -17.73 7.11
C PRO C 428 40.57 -19.18 6.72
N MET C 429 40.74 -19.46 5.43
CA MET C 429 40.74 -20.84 4.95
C MET C 429 41.91 -21.62 5.53
N LYS C 430 43.12 -21.08 5.41
CA LYS C 430 44.32 -21.80 5.87
C LYS C 430 44.29 -22.03 7.37
N TYR C 431 43.93 -21.01 8.14
CA TYR C 431 43.99 -21.14 9.59
C TYR C 431 42.82 -21.94 10.14
N VAL C 432 41.65 -21.88 9.50
CA VAL C 432 40.57 -22.78 9.89
C VAL C 432 40.96 -24.23 9.61
N ILE C 433 41.63 -24.47 8.48
CA ILE C 433 42.11 -25.81 8.19
C ILE C 433 43.11 -26.28 9.23
N GLU C 434 44.05 -25.40 9.62
CA GLU C 434 45.04 -25.78 10.63
C GLU C 434 44.37 -26.05 11.98
N GLY C 435 43.42 -25.21 12.37
CA GLY C 435 42.71 -25.44 13.62
C GLY C 435 41.95 -26.75 13.61
N ALA C 436 41.34 -27.08 12.48
CA ALA C 436 40.66 -28.37 12.36
C ALA C 436 41.68 -29.51 12.43
N LEU C 437 42.88 -29.31 11.89
CA LEU C 437 43.91 -30.33 11.98
C LEU C 437 44.39 -30.53 13.41
N SER C 438 44.38 -29.48 14.21
CA SER C 438 44.86 -29.60 15.59
C SER C 438 43.93 -30.40 16.48
N ILE C 439 42.67 -30.60 16.08
CA ILE C 439 41.71 -31.31 16.91
C ILE C 439 41.19 -32.54 16.16
N LYS C 440 42.00 -33.07 15.26
CA LYS C 440 41.58 -34.23 14.49
C LYS C 440 41.39 -35.45 15.37
N ASP C 441 42.29 -35.66 16.33
CA ASP C 441 42.33 -36.90 17.08
C ASP C 441 41.41 -36.93 18.29
N GLN C 442 40.78 -35.81 18.64
CA GLN C 442 39.92 -35.78 19.81
C GLN C 442 38.53 -36.33 19.54
N PHE C 443 38.21 -36.66 18.29
CA PHE C 443 36.90 -37.16 17.95
C PHE C 443 36.90 -38.69 17.87
N VAL D 2 45.07 -3.34 43.43
CA VAL D 2 46.42 -2.93 43.08
C VAL D 2 46.51 -1.42 42.97
N LYS D 3 45.61 -0.84 42.19
CA LYS D 3 45.55 0.60 42.01
C LYS D 3 44.67 1.29 43.03
N TYR D 4 44.01 0.54 43.91
CA TYR D 4 43.18 1.09 44.96
C TYR D 4 43.73 0.64 46.30
N GLU D 5 44.04 1.61 47.16
CA GLU D 5 44.71 1.33 48.43
C GLU D 5 43.73 1.14 49.58
N ASP D 6 42.43 1.28 49.34
CA ASP D 6 41.45 1.20 50.41
C ASP D 6 40.98 -0.24 50.59
N LYS D 7 40.93 -0.68 51.85
CA LYS D 7 40.50 -2.01 52.21
C LYS D 7 39.11 -1.96 52.82
N ILE D 8 38.46 -3.12 52.86
CA ILE D 8 37.13 -3.25 53.46
C ILE D 8 37.10 -4.51 54.32
N SER D 9 36.23 -4.50 55.30
CA SER D 9 35.91 -5.71 56.05
C SER D 9 34.76 -6.45 55.35
N LEU D 10 34.52 -7.67 55.78
CA LEU D 10 33.48 -8.50 55.17
C LEU D 10 32.63 -9.12 56.27
N TYR D 11 31.33 -8.87 56.23
CA TYR D 11 30.38 -9.40 57.19
C TYR D 11 29.31 -10.19 56.44
N ASP D 12 28.81 -11.25 57.08
CA ASP D 12 27.79 -12.07 56.46
C ASP D 12 26.43 -11.41 56.65
N ALA D 13 25.37 -12.10 56.24
CA ALA D 13 24.02 -11.53 56.35
C ALA D 13 23.54 -11.47 57.79
N LYS D 14 24.21 -12.16 58.71
CA LYS D 14 23.86 -12.12 60.12
C LYS D 14 24.69 -11.13 60.92
N GLY D 15 25.58 -10.38 60.27
CA GLY D 15 26.39 -9.41 60.95
C GLY D 15 27.66 -9.94 61.58
N ASN D 16 28.02 -11.18 61.31
CA ASN D 16 29.24 -11.77 61.87
C ASN D 16 30.43 -11.47 60.96
N LEU D 17 31.58 -11.19 61.58
CA LEU D 17 32.78 -10.89 60.81
C LEU D 17 33.27 -12.12 60.06
N VAL D 18 33.70 -11.90 58.83
CA VAL D 18 34.26 -12.96 57.99
C VAL D 18 35.75 -12.75 57.78
N ALA D 19 36.15 -11.57 57.32
CA ALA D 19 37.55 -11.26 57.15
C ALA D 19 37.74 -9.76 57.12
N GLU D 20 38.96 -9.32 57.43
CA GLU D 20 39.32 -7.91 57.44
C GLU D 20 40.43 -7.66 56.42
N ASN D 21 40.65 -6.38 56.14
CA ASN D 21 41.72 -5.93 55.24
C ASN D 21 41.59 -6.56 53.86
N VAL D 22 40.37 -6.74 53.39
CA VAL D 22 40.14 -7.26 52.04
C VAL D 22 40.27 -6.09 51.06
N PRO D 23 41.07 -6.22 50.00
CA PRO D 23 41.18 -5.12 49.03
C PRO D 23 39.85 -4.86 48.35
N LEU D 24 39.64 -3.60 47.97
CA LEU D 24 38.38 -3.22 47.33
C LEU D 24 38.16 -3.99 46.04
N GLU D 25 39.23 -4.26 45.30
CA GLU D 25 39.10 -4.94 44.02
C GLU D 25 38.70 -6.40 44.15
N ALA D 26 38.73 -6.96 45.36
CA ALA D 26 38.39 -8.37 45.51
C ALA D 26 36.93 -8.64 45.20
N ILE D 27 36.06 -7.65 45.35
CA ILE D 27 34.65 -7.79 45.01
C ILE D 27 34.33 -7.23 43.63
N SER D 28 35.35 -6.87 42.87
CA SER D 28 35.12 -6.27 41.56
C SER D 28 34.52 -7.30 40.61
N PRO D 29 33.59 -6.91 39.75
CA PRO D 29 33.09 -7.85 38.73
C PRO D 29 34.19 -8.38 37.83
N LEU D 30 35.24 -7.60 37.60
CA LEU D 30 36.32 -8.02 36.72
C LEU D 30 37.30 -8.98 37.38
N TYR D 31 37.19 -9.20 38.69
CA TYR D 31 38.14 -10.08 39.36
C TYR D 31 37.44 -11.18 40.15
N ASN D 32 36.28 -10.88 40.73
CA ASN D 32 35.63 -11.83 41.62
C ASN D 32 35.13 -13.03 40.84
N PRO D 33 35.58 -14.25 41.17
CA PRO D 33 35.11 -15.43 40.41
C PRO D 33 33.63 -15.68 40.52
N THR D 34 33.02 -15.38 41.67
CA THR D 34 31.61 -15.66 41.84
C THR D 34 30.74 -14.78 40.96
N ILE D 35 31.10 -13.51 40.79
CA ILE D 35 30.34 -12.63 39.91
C ILE D 35 30.45 -13.09 38.46
N LYS D 36 31.66 -13.49 38.04
CA LYS D 36 31.82 -14.04 36.70
C LYS D 36 30.97 -15.28 36.51
N SER D 37 30.97 -16.18 37.50
CA SER D 37 30.18 -17.40 37.41
C SER D 37 28.70 -17.08 37.34
N MET D 38 28.23 -16.10 38.12
CA MET D 38 26.83 -15.73 38.09
C MET D 38 26.44 -15.16 36.73
N VAL D 39 27.29 -14.32 36.14
CA VAL D 39 26.97 -13.76 34.83
C VAL D 39 26.97 -14.86 33.76
N LYS D 40 27.94 -15.78 33.83
CA LYS D 40 27.97 -16.87 32.87
C LYS D 40 26.75 -17.77 32.99
N ASN D 41 26.35 -18.09 34.22
CA ASN D 41 25.23 -19.00 34.44
C ASN D 41 23.89 -18.34 34.16
N ILE D 42 23.78 -17.03 34.34
CA ILE D 42 22.52 -16.36 34.07
C ILE D 42 22.23 -16.31 32.59
N LYS D 43 23.25 -16.43 31.74
CA LYS D 43 23.07 -16.38 30.30
C LYS D 43 22.67 -17.71 29.69
N ARG D 44 22.88 -18.82 30.40
CA ARG D 44 22.66 -20.14 29.85
C ARG D 44 21.54 -20.91 30.54
N THR D 45 20.93 -20.35 31.58
CA THR D 45 19.86 -21.03 32.31
C THR D 45 18.52 -20.58 31.76
N VAL D 46 17.65 -21.54 31.45
CA VAL D 46 16.34 -21.28 30.87
C VAL D 46 15.30 -22.05 31.68
N ALA D 47 14.16 -21.43 31.93
CA ALA D 47 13.07 -22.05 32.67
C ALA D 47 12.01 -22.52 31.69
N VAL D 48 11.55 -23.76 31.86
CA VAL D 48 10.59 -24.38 30.96
C VAL D 48 9.35 -24.74 31.77
N ASN D 49 8.18 -24.32 31.28
CA ASN D 49 6.90 -24.58 31.92
C ASN D 49 6.24 -25.75 31.18
N LEU D 50 6.56 -26.97 31.61
CA LEU D 50 5.99 -28.15 30.96
C LEU D 50 4.48 -28.22 31.16
N ALA D 51 4.00 -27.94 32.38
CA ALA D 51 2.56 -27.94 32.62
C ALA D 51 1.88 -26.87 31.78
N GLY D 52 2.52 -25.71 31.63
CA GLY D 52 1.98 -24.69 30.76
C GLY D 52 1.89 -25.13 29.32
N ILE D 53 2.91 -25.86 28.85
CA ILE D 53 2.89 -26.38 27.48
C ILE D 53 1.73 -27.35 27.31
N GLU D 54 1.58 -28.27 28.27
CA GLU D 54 0.50 -29.25 28.18
C GLU D 54 -0.87 -28.57 28.20
N GLY D 55 -1.05 -27.58 29.08
CA GLY D 55 -2.32 -26.88 29.13
C GLY D 55 -2.60 -26.06 27.89
N THR D 56 -1.58 -25.39 27.35
CA THR D 56 -1.76 -24.61 26.14
C THR D 56 -2.13 -25.50 24.96
N LEU D 57 -1.47 -26.65 24.84
CA LEU D 57 -1.75 -27.53 23.72
C LEU D 57 -3.11 -28.20 23.87
N ALA D 58 -3.49 -28.54 25.09
CA ALA D 58 -4.76 -29.25 25.30
C ALA D 58 -5.95 -28.39 24.94
N ALA D 59 -5.87 -27.09 25.19
CA ALA D 59 -6.98 -26.19 24.93
C ALA D 59 -6.78 -25.33 23.69
N GLY D 60 -5.68 -25.50 22.97
CA GLY D 60 -5.40 -24.66 21.82
C GLY D 60 -5.26 -23.19 22.18
N LYS D 61 -4.59 -22.91 23.30
CA LYS D 61 -4.46 -21.55 23.82
C LYS D 61 -3.26 -20.81 23.25
N ILE D 62 -2.83 -21.17 22.04
CA ILE D 62 -1.68 -20.51 21.44
C ILE D 62 -2.08 -19.12 20.97
N GLY D 63 -1.11 -18.21 20.97
CA GLY D 63 -1.32 -16.89 20.41
C GLY D 63 -1.34 -15.75 21.40
N GLY D 64 -1.08 -16.03 22.67
CA GLY D 64 -0.97 -14.95 23.63
C GLY D 64 -2.23 -14.76 24.46
N LYS D 65 -2.53 -13.49 24.74
CA LYS D 65 -3.56 -13.13 25.71
C LYS D 65 -4.96 -13.34 25.13
N GLY D 66 -5.73 -14.23 25.73
CA GLY D 66 -7.11 -14.43 25.32
C GLY D 66 -7.30 -15.03 23.95
N CYS D 67 -6.27 -15.68 23.41
CA CYS D 67 -6.29 -16.18 22.04
C CYS D 67 -6.43 -17.70 22.04
N GLN D 68 -7.36 -18.19 21.23
CA GLN D 68 -7.52 -19.62 21.00
C GLN D 68 -7.63 -19.87 19.51
N VAL D 69 -7.00 -20.95 19.04
CA VAL D 69 -7.19 -21.37 17.65
C VAL D 69 -7.95 -22.68 17.65
N PRO D 70 -9.25 -22.67 17.39
CA PRO D 70 -9.99 -23.93 17.35
C PRO D 70 -9.50 -24.83 16.23
N GLY D 71 -9.39 -26.12 16.54
CA GLY D 71 -8.89 -27.11 15.63
C GLY D 71 -7.43 -27.45 15.83
N ARG D 72 -6.64 -26.53 16.38
CA ARG D 72 -5.23 -26.78 16.67
C ARG D 72 -5.07 -27.16 18.14
N THR D 73 -5.55 -28.36 18.46
CA THR D 73 -5.53 -28.90 19.81
C THR D 73 -4.77 -30.22 19.82
N LEU D 74 -3.78 -30.33 20.69
CA LEU D 74 -3.00 -31.55 20.84
C LEU D 74 -3.12 -32.05 22.26
N ASP D 75 -3.37 -33.35 22.41
CA ASP D 75 -3.45 -33.98 23.73
C ASP D 75 -2.16 -34.75 23.96
N ILE D 76 -1.24 -34.15 24.72
CA ILE D 76 0.01 -34.78 25.09
C ILE D 76 0.10 -34.81 26.61
N SER D 77 1.08 -35.57 27.09
CA SER D 77 1.27 -35.79 28.53
C SER D 77 2.67 -35.39 28.94
N ALA D 78 3.03 -34.12 28.68
CA ALA D 78 4.39 -33.67 28.92
C ALA D 78 4.82 -33.89 30.37
N VAL D 79 3.93 -33.58 31.32
CA VAL D 79 4.32 -33.66 32.73
C VAL D 79 4.60 -35.10 33.13
N SER D 80 3.83 -36.05 32.58
CA SER D 80 4.05 -37.46 32.89
C SER D 80 5.36 -37.96 32.27
N ASN D 81 5.65 -37.53 31.03
CA ASN D 81 6.86 -37.92 30.33
C ASN D 81 7.97 -36.89 30.49
N ALA D 82 7.97 -36.15 31.61
CA ALA D 82 8.95 -35.10 31.81
C ALA D 82 10.37 -35.64 31.81
N GLN D 83 10.59 -36.82 32.39
CA GLN D 83 11.93 -37.38 32.41
C GLN D 83 12.43 -37.69 31.00
N ALA D 84 11.57 -38.29 30.18
CA ALA D 84 11.96 -38.59 28.80
C ALA D 84 12.22 -37.31 28.00
N ILE D 85 11.37 -36.31 28.19
CA ILE D 85 11.55 -35.05 27.49
C ILE D 85 12.86 -34.38 27.91
N ALA D 86 13.16 -34.40 29.21
CA ALA D 86 14.39 -33.81 29.70
C ALA D 86 15.61 -34.55 29.15
N ASP D 87 15.53 -35.89 29.10
CA ASP D 87 16.64 -36.65 28.55
C ASP D 87 16.87 -36.32 27.08
N GLU D 88 15.78 -36.20 26.31
CA GLU D 88 15.93 -35.86 24.90
C GLU D 88 16.50 -34.46 24.71
N VAL D 89 16.04 -33.49 25.52
CA VAL D 89 16.56 -32.13 25.41
C VAL D 89 18.04 -32.09 25.77
N GLU D 90 18.43 -32.83 26.82
CA GLU D 90 19.84 -32.89 27.19
C GLU D 90 20.67 -33.52 26.08
N LYS D 91 20.16 -34.56 25.44
CA LYS D 91 20.88 -35.17 24.33
C LYS D 91 21.04 -34.20 23.18
N ILE D 92 20.00 -33.43 22.87
CA ILE D 92 20.06 -32.51 21.75
C ILE D 92 21.04 -31.36 22.04
N LEU D 93 20.99 -30.81 23.25
CA LEU D 93 21.81 -29.64 23.57
C LEU D 93 23.25 -29.97 23.92
N LYS D 94 23.54 -31.21 24.34
CA LYS D 94 24.89 -31.57 24.75
C LYS D 94 25.87 -31.32 23.61
N VAL D 95 27.02 -30.73 23.93
CA VAL D 95 27.99 -30.44 22.89
C VAL D 95 28.88 -31.66 22.64
N SER D 96 29.66 -32.09 23.64
CA SER D 96 30.47 -33.29 23.41
C SER D 96 30.16 -34.43 24.36
N GLU D 97 30.61 -34.39 25.61
CA GLU D 97 30.23 -35.42 26.57
C GLU D 97 30.19 -34.89 27.99
N ASP D 98 31.02 -33.89 28.26
CA ASP D 98 31.30 -33.46 29.63
C ASP D 98 31.10 -31.97 29.82
N ASP D 99 30.42 -31.31 28.88
CA ASP D 99 30.08 -29.91 29.05
C ASP D 99 29.14 -29.74 30.23
N ASP D 100 28.88 -28.48 30.57
CA ASP D 100 27.98 -28.15 31.68
C ASP D 100 26.54 -28.05 31.17
N THR D 101 26.05 -29.16 30.64
CA THR D 101 24.67 -29.28 30.19
C THR D 101 23.90 -30.06 31.23
N ALA D 102 22.86 -29.43 31.78
CA ALA D 102 22.03 -30.07 32.79
C ALA D 102 20.58 -29.68 32.58
N VAL D 103 19.68 -30.65 32.76
CA VAL D 103 18.24 -30.42 32.71
C VAL D 103 17.66 -31.10 33.95
N LYS D 104 17.46 -30.33 35.01
CA LYS D 104 16.93 -30.90 36.24
C LYS D 104 15.41 -30.81 36.26
N ILE D 105 14.79 -31.73 36.98
CA ILE D 105 13.34 -31.82 37.09
C ILE D 105 12.89 -31.03 38.31
N ILE D 106 11.90 -30.16 38.12
CA ILE D 106 11.43 -29.27 39.17
C ILE D 106 9.94 -29.48 39.35
N ASN D 107 9.49 -29.59 40.60
CA ASN D 107 8.08 -29.71 40.95
C ASN D 107 7.47 -31.00 40.37
N GLY D 108 8.20 -32.09 40.48
CA GLY D 108 7.69 -33.36 39.98
C GLY D 108 7.44 -33.37 38.50
N GLY D 109 8.34 -32.78 37.72
CA GLY D 109 8.20 -32.71 36.29
C GLY D 109 7.34 -31.57 35.79
N LYS D 110 6.80 -30.75 36.68
CA LYS D 110 5.94 -29.66 36.25
C LYS D 110 6.74 -28.54 35.60
N GLN D 111 8.03 -28.44 35.92
CA GLN D 111 8.92 -27.44 35.35
C GLN D 111 10.25 -28.08 35.01
N LEU D 112 10.98 -27.43 34.11
CA LEU D 112 12.31 -27.86 33.71
C LEU D 112 13.28 -26.70 33.88
N ALA D 113 14.47 -27.01 34.36
CA ALA D 113 15.56 -26.03 34.46
C ALA D 113 16.72 -26.54 33.61
N VAL D 114 16.89 -25.95 32.43
CA VAL D 114 17.91 -26.40 31.50
C VAL D 114 19.04 -25.38 31.48
N GLN D 115 20.27 -25.89 31.34
CA GLN D 115 21.46 -25.07 31.26
C GLN D 115 22.20 -25.47 29.98
N VAL D 116 22.19 -24.61 28.97
CA VAL D 116 22.87 -24.90 27.72
C VAL D 116 24.36 -24.88 28.00
N PRO D 117 25.17 -25.65 27.27
CA PRO D 117 26.62 -25.67 27.55
C PRO D 117 27.26 -24.34 27.24
N THR D 118 28.34 -24.03 27.94
CA THR D 118 29.06 -22.79 27.69
C THR D 118 29.72 -22.79 26.33
N ALA D 119 30.08 -23.96 25.81
CA ALA D 119 30.67 -24.04 24.47
C ALA D 119 29.73 -23.50 23.41
N ARG D 120 28.43 -23.57 23.66
CA ARG D 120 27.45 -23.00 22.75
C ARG D 120 27.34 -21.48 22.88
N LEU D 121 27.85 -20.92 23.96
CA LEU D 121 27.83 -19.47 24.16
C LEU D 121 29.16 -18.80 23.88
N GLU D 122 30.25 -19.55 23.82
CA GLU D 122 31.54 -18.95 23.47
C GLU D 122 31.51 -18.39 22.05
N VAL D 123 30.89 -19.11 21.13
CA VAL D 123 30.84 -18.72 19.72
C VAL D 123 29.56 -17.95 19.41
N ALA D 124 28.87 -17.46 20.42
CA ALA D 124 27.67 -16.65 20.25
C ALA D 124 27.98 -15.22 20.64
N ALA D 125 27.43 -14.27 19.88
CA ALA D 125 27.69 -12.87 20.17
C ALA D 125 26.94 -12.40 21.42
N GLU D 126 25.80 -12.99 21.72
CA GLU D 126 24.96 -12.54 22.82
C GLU D 126 24.40 -13.77 23.53
N TYR D 127 23.38 -13.54 24.35
CA TYR D 127 22.83 -14.57 25.24
C TYR D 127 21.57 -15.23 24.69
N SER D 128 21.05 -14.76 23.56
CA SER D 128 19.80 -15.30 23.03
C SER D 128 19.93 -16.73 22.53
N VAL D 129 21.15 -17.25 22.40
CA VAL D 129 21.34 -18.61 21.90
C VAL D 129 20.72 -19.62 22.84
N SER D 130 20.74 -19.37 24.15
CA SER D 130 20.22 -20.33 25.11
C SER D 130 18.72 -20.56 24.90
N MET D 131 17.95 -19.48 24.82
CA MET D 131 16.51 -19.61 24.69
C MET D 131 16.13 -20.25 23.36
N LEU D 132 16.78 -19.84 22.26
CA LEU D 132 16.46 -20.41 20.96
C LEU D 132 16.85 -21.88 20.86
N SER D 133 18.04 -22.22 21.37
CA SER D 133 18.46 -23.62 21.37
C SER D 133 17.53 -24.48 22.21
N THR D 134 17.13 -23.98 23.38
CA THR D 134 16.22 -24.74 24.23
C THR D 134 14.85 -24.88 23.56
N ALA D 135 14.38 -23.83 22.89
CA ALA D 135 13.11 -23.93 22.18
C ALA D 135 13.17 -25.00 21.10
N MET D 136 14.25 -25.00 20.31
CA MET D 136 14.37 -26.00 19.25
C MET D 136 14.50 -27.41 19.83
N ALA D 137 15.27 -27.57 20.89
CA ALA D 137 15.41 -28.87 21.52
C ALA D 137 14.08 -29.37 22.07
N LEU D 138 13.30 -28.48 22.68
CA LEU D 138 11.98 -28.84 23.18
C LEU D 138 11.06 -29.24 22.04
N LYS D 139 11.07 -28.49 20.94
CA LYS D 139 10.23 -28.84 19.81
C LYS D 139 10.57 -30.22 19.27
N GLU D 140 11.86 -30.49 19.09
CA GLU D 140 12.27 -31.81 18.61
C GLU D 140 11.89 -32.92 19.58
N ALA D 141 12.09 -32.70 20.88
CA ALA D 141 11.78 -33.72 21.86
C ALA D 141 10.28 -34.00 21.91
N LEU D 142 9.45 -32.96 21.81
CA LEU D 142 8.01 -33.16 21.82
C LEU D 142 7.54 -33.85 20.55
N ILE D 143 8.11 -33.48 19.40
CA ILE D 143 7.73 -34.10 18.14
C ILE D 143 8.12 -35.57 18.11
N LYS D 144 9.26 -35.91 18.70
CA LYS D 144 9.76 -37.28 18.63
C LYS D 144 9.22 -38.18 19.73
N THR D 145 8.89 -37.64 20.91
CA THR D 145 8.33 -38.44 21.98
C THR D 145 6.88 -38.82 21.68
N PHE D 146 6.02 -37.81 21.54
CA PHE D 146 4.67 -38.02 21.01
C PHE D 146 4.73 -37.83 19.50
N ASN D 147 4.29 -38.84 18.76
CA ASN D 147 4.46 -38.85 17.31
C ASN D 147 3.53 -37.81 16.70
N ILE D 148 3.92 -36.54 16.84
CA ILE D 148 3.08 -35.44 16.40
C ILE D 148 3.12 -35.34 14.88
N ASP D 149 1.94 -35.12 14.29
CA ASP D 149 1.83 -35.06 12.84
C ASP D 149 2.66 -33.90 12.28
N MET D 150 3.09 -34.05 11.03
CA MET D 150 3.93 -33.04 10.40
C MET D 150 3.20 -31.71 10.29
N PHE D 151 1.87 -31.73 10.25
CA PHE D 151 1.08 -30.52 10.15
C PHE D 151 0.76 -29.89 11.50
N ASP D 152 1.37 -30.37 12.58
CA ASP D 152 1.16 -29.84 13.92
C ASP D 152 2.43 -29.34 14.59
N GLY D 153 3.58 -29.45 13.92
CA GLY D 153 4.78 -28.86 14.47
C GLY D 153 4.67 -27.36 14.63
N SER D 154 3.87 -26.72 13.76
CA SER D 154 3.62 -25.30 13.90
C SER D 154 2.89 -25.00 15.21
N THR D 155 1.89 -25.80 15.55
CA THR D 155 1.19 -25.63 16.83
C THR D 155 2.14 -25.84 17.99
N VAL D 156 3.01 -26.84 17.89
CA VAL D 156 3.99 -27.06 18.96
C VAL D 156 4.88 -25.85 19.14
N HIS D 157 5.37 -25.29 18.02
CA HIS D 157 6.23 -24.12 18.09
C HIS D 157 5.51 -22.95 18.72
N ALA D 158 4.25 -22.73 18.35
CA ALA D 158 3.49 -21.65 18.95
C ALA D 158 3.25 -21.88 20.43
N ALA D 159 3.17 -23.15 20.86
CA ALA D 159 3.01 -23.44 22.27
C ALA D 159 4.27 -23.12 23.05
N ILE D 160 5.44 -23.39 22.46
CA ILE D 160 6.69 -23.20 23.20
C ILE D 160 7.10 -21.73 23.22
N VAL D 161 7.18 -21.10 22.07
CA VAL D 161 7.40 -19.66 21.97
C VAL D 161 6.12 -19.04 21.42
N GLY D 162 5.74 -17.89 21.94
CA GLY D 162 4.41 -17.38 21.64
C GLY D 162 4.18 -17.00 20.20
N ASN D 163 4.70 -15.85 19.79
CA ASN D 163 4.53 -15.34 18.44
C ASN D 163 5.84 -14.85 17.90
N TYR D 164 6.92 -15.62 18.13
CA TYR D 164 8.26 -15.07 17.98
C TYR D 164 8.53 -14.46 16.62
N PRO D 165 8.29 -15.14 15.49
CA PRO D 165 8.59 -14.48 14.21
C PRO D 165 7.82 -13.20 14.02
N GLN D 166 6.56 -13.16 14.45
CA GLN D 166 5.74 -11.97 14.30
C GLN D 166 6.01 -10.95 15.41
N VAL D 167 6.22 -11.43 16.63
CA VAL D 167 6.50 -10.59 17.78
C VAL D 167 7.89 -10.95 18.29
N MET D 168 8.82 -10.00 18.23
CA MET D 168 10.19 -10.31 18.60
C MET D 168 10.33 -10.46 20.12
N ASP D 169 9.77 -11.53 20.65
CA ASP D 169 9.72 -11.79 22.08
C ASP D 169 9.13 -13.18 22.28
N TYR D 170 9.15 -13.65 23.53
CA TYR D 170 8.45 -14.88 23.92
C TYR D 170 7.37 -14.47 24.90
N ALA D 171 6.23 -14.03 24.38
CA ALA D 171 5.17 -13.47 25.21
C ALA D 171 4.16 -14.53 25.63
N GLY D 172 3.54 -15.19 24.67
CA GLY D 172 2.59 -16.24 24.97
C GLY D 172 3.18 -17.60 25.16
N SER D 173 4.51 -17.72 25.17
CA SER D 173 5.16 -19.01 25.28
C SER D 173 5.29 -19.46 26.71
N ASN D 174 5.83 -20.67 26.87
CA ASN D 174 6.04 -21.29 28.16
C ASN D 174 7.53 -21.47 28.46
N ILE D 175 8.36 -20.59 27.90
CA ILE D 175 9.80 -20.62 28.12
C ILE D 175 10.21 -19.23 28.61
N ALA D 176 11.14 -19.20 29.56
CA ALA D 176 11.47 -17.94 30.22
C ALA D 176 12.92 -17.93 30.66
N SER D 177 13.43 -16.72 30.90
CA SER D 177 14.76 -16.52 31.42
C SER D 177 14.75 -15.26 32.28
N LEU D 178 15.80 -15.13 33.10
CA LEU D 178 15.91 -13.93 33.93
C LEU D 178 16.07 -12.68 33.08
N LEU D 179 16.90 -12.74 32.05
CA LEU D 179 17.13 -11.60 31.18
C LEU D 179 16.02 -11.48 30.13
N GLY D 180 15.70 -10.24 29.77
CA GLY D 180 14.72 -10.00 28.74
C GLY D 180 15.32 -10.13 27.35
N ALA D 181 14.43 -10.02 26.35
CA ALA D 181 14.88 -10.07 24.97
C ALA D 181 15.70 -8.83 24.62
N PRO D 182 16.72 -8.98 23.78
CA PRO D 182 17.55 -7.81 23.42
C PRO D 182 16.77 -6.70 22.74
N SER D 183 15.60 -7.01 22.16
CA SER D 183 14.78 -5.96 21.57
C SER D 183 14.10 -5.08 22.60
N MET D 184 14.07 -5.49 23.87
CA MET D 184 13.44 -4.72 24.93
C MET D 184 14.40 -3.77 25.64
N MET D 185 15.68 -3.80 25.29
CA MET D 185 16.67 -2.94 25.94
C MET D 185 16.40 -1.47 25.63
N GLU D 186 16.54 -0.63 26.63
CA GLU D 186 16.34 0.80 26.47
C GLU D 186 17.62 1.56 26.19
N GLY D 187 18.77 0.91 26.29
CA GLY D 187 20.03 1.55 25.98
C GLY D 187 21.08 0.48 25.74
N LEU D 188 22.19 0.91 25.18
CA LEU D 188 23.27 -0.03 24.91
C LEU D 188 23.92 -0.48 26.21
N GLY D 189 24.12 -1.79 26.35
CA GLY D 189 24.68 -2.36 27.55
C GLY D 189 23.71 -2.61 28.68
N TYR D 190 22.40 -2.52 28.42
CA TYR D 190 21.39 -2.64 29.45
C TYR D 190 20.85 -4.07 29.61
N ALA D 191 21.57 -5.07 29.10
CA ALA D 191 21.07 -6.43 29.14
C ALA D 191 20.92 -6.93 30.57
N LEU D 192 21.91 -6.65 31.42
CA LEU D 192 21.86 -7.12 32.80
C LEU D 192 20.97 -6.29 33.69
N ARG D 193 20.45 -5.16 33.20
CA ARG D 193 19.56 -4.32 33.97
C ARG D 193 18.10 -4.71 33.82
N ASN D 194 17.77 -5.65 32.93
CA ASN D 194 16.40 -5.98 32.61
C ASN D 194 15.86 -7.12 33.47
N ILE D 195 16.32 -7.25 34.70
CA ILE D 195 15.82 -8.25 35.64
C ILE D 195 14.86 -7.56 36.60
N PRO D 196 13.56 -7.83 36.54
CA PRO D 196 12.62 -7.14 37.42
C PRO D 196 12.86 -7.48 38.89
N VAL D 197 12.41 -6.56 39.74
CA VAL D 197 12.61 -6.71 41.18
C VAL D 197 11.96 -7.99 41.68
N ASN D 198 10.79 -8.33 41.15
CA ASN D 198 10.09 -9.54 41.58
C ASN D 198 10.91 -10.78 41.27
N HIS D 199 11.58 -10.81 40.12
CA HIS D 199 12.43 -11.94 39.78
C HIS D 199 13.56 -12.10 40.78
N ALA D 200 14.19 -10.99 41.17
CA ALA D 200 15.28 -11.06 42.14
C ALA D 200 14.79 -11.49 43.52
N VAL D 201 13.60 -11.03 43.91
CA VAL D 201 13.07 -11.41 45.22
C VAL D 201 12.68 -12.89 45.23
N ALA D 202 12.04 -13.36 44.16
CA ALA D 202 11.64 -14.77 44.11
C ALA D 202 12.85 -15.68 43.99
N THR D 203 13.90 -15.25 43.29
CA THR D 203 15.10 -16.08 43.16
C THR D 203 15.77 -16.29 44.51
N THR D 204 15.80 -15.26 45.35
CA THR D 204 16.44 -15.34 46.65
C THR D 204 15.50 -15.80 47.75
N LYS D 205 14.28 -16.19 47.41
CA LYS D 205 13.31 -16.72 48.37
C LYS D 205 13.01 -15.71 49.46
N LYS D 206 12.85 -14.45 49.07
CA LYS D 206 12.41 -13.37 49.97
C LYS D 206 13.33 -13.19 51.16
N ASN D 207 14.63 -13.29 50.92
CA ASN D 207 15.64 -12.97 51.93
C ASN D 207 16.19 -11.58 51.65
N MET D 208 16.08 -10.69 52.63
CA MET D 208 16.34 -9.27 52.39
C MET D 208 17.80 -9.03 52.01
N MET D 209 18.74 -9.53 52.81
CA MET D 209 20.15 -9.27 52.54
C MET D 209 20.60 -9.93 51.24
N ASN D 210 20.14 -11.16 51.00
CA ASN D 210 20.50 -11.85 49.76
C ASN D 210 19.89 -11.17 48.55
N ALA D 211 18.67 -10.69 48.65
CA ALA D 211 18.07 -9.97 47.55
C ALA D 211 18.81 -8.68 47.26
N ILE D 212 19.22 -7.97 48.31
CA ILE D 212 20.04 -6.77 48.13
C ILE D 212 21.33 -7.13 47.41
N ALA D 213 21.99 -8.19 47.85
CA ALA D 213 23.25 -8.59 47.22
C ALA D 213 23.05 -8.94 45.75
N PHE D 214 22.00 -9.71 45.44
CA PHE D 214 21.73 -10.09 44.06
C PHE D 214 21.50 -8.87 43.18
N SER D 215 20.60 -7.98 43.62
CA SER D 215 20.26 -6.82 42.82
C SER D 215 21.46 -5.90 42.65
N SER D 216 22.24 -5.69 43.73
CA SER D 216 23.39 -4.81 43.65
C SER D 216 24.46 -5.38 42.73
N VAL D 217 24.72 -6.69 42.83
CA VAL D 217 25.72 -7.31 41.97
C VAL D 217 25.31 -7.15 40.52
N MET D 218 24.03 -7.42 40.21
CA MET D 218 23.58 -7.29 38.82
C MET D 218 23.70 -5.86 38.33
N GLU D 219 23.27 -4.89 39.15
CA GLU D 219 23.28 -3.49 38.72
C GLU D 219 24.71 -2.98 38.51
N GLN D 220 25.62 -3.32 39.41
CA GLN D 220 26.99 -2.81 39.27
C GLN D 220 27.73 -3.53 38.14
N THR D 221 27.48 -4.82 37.95
CA THR D 221 28.04 -5.50 36.79
C THR D 221 27.52 -4.88 35.50
N ALA D 222 26.25 -4.46 35.50
CA ALA D 222 25.72 -3.78 34.34
C ALA D 222 26.42 -2.45 34.10
N THR D 223 26.68 -1.69 35.17
CA THR D 223 27.40 -0.43 35.01
C THR D 223 28.79 -0.67 34.45
N PHE D 224 29.43 -1.77 34.84
CA PHE D 224 30.69 -2.14 34.20
C PHE D 224 30.47 -2.43 32.72
N GLU D 225 29.38 -3.13 32.38
CA GLU D 225 29.11 -3.46 30.98
C GLU D 225 28.75 -2.23 30.17
N MET D 226 28.01 -1.29 30.76
CA MET D 226 27.64 -0.08 30.03
C MET D 226 28.81 0.86 29.79
N GLY D 227 29.99 0.55 30.32
CA GLY D 227 31.13 1.43 30.23
C GLY D 227 31.12 2.57 31.22
N ASP D 228 30.17 2.60 32.14
CA ASP D 228 30.09 3.70 33.10
C ASP D 228 31.16 3.58 34.17
N ALA D 229 31.48 2.35 34.59
CA ALA D 229 32.45 2.12 35.66
C ALA D 229 33.83 1.84 35.10
N VAL D 230 34.34 2.77 34.30
CA VAL D 230 35.71 2.70 33.79
C VAL D 230 36.38 4.03 34.07
N GLY D 231 37.71 3.99 34.14
CA GLY D 231 38.46 5.21 34.40
C GLY D 231 38.27 5.68 35.81
N SER D 232 37.92 6.96 35.96
CA SER D 232 37.77 7.58 37.27
C SER D 232 36.41 7.32 37.91
N PHE D 233 35.49 6.68 37.20
CA PHE D 233 34.19 6.34 37.76
C PHE D 233 34.17 4.94 38.35
N GLU D 234 35.25 4.18 38.25
CA GLU D 234 35.23 2.78 38.67
C GLU D 234 35.22 2.64 40.19
N ARG D 235 35.97 3.50 40.89
CA ARG D 235 36.05 3.38 42.33
C ARG D 235 34.71 3.66 42.99
N GLN D 236 33.97 4.62 42.45
CA GLN D 236 32.66 4.95 43.00
C GLN D 236 31.73 3.75 42.96
N HIS D 237 31.71 3.03 41.85
CA HIS D 237 30.83 1.88 41.73
C HIS D 237 31.34 0.68 42.50
N LEU D 238 32.67 0.52 42.59
CA LEU D 238 33.22 -0.53 43.44
C LEU D 238 32.80 -0.34 44.89
N LEU D 239 32.92 0.89 45.40
CA LEU D 239 32.53 1.16 46.77
C LEU D 239 31.02 1.05 46.95
N GLY D 240 30.26 1.48 45.95
CA GLY D 240 28.81 1.34 46.04
C GLY D 240 28.37 -0.11 46.11
N LEU D 241 29.03 -0.98 45.36
CA LEU D 241 28.73 -2.41 45.44
C LEU D 241 29.17 -3.00 46.77
N ALA D 242 30.35 -2.61 47.25
CA ALA D 242 30.86 -3.19 48.49
C ALA D 242 30.04 -2.78 49.69
N TYR D 243 29.65 -1.51 49.79
CA TYR D 243 28.96 -1.02 50.98
C TYR D 243 27.45 -1.19 50.89
N GLN D 244 26.85 -0.84 49.76
CA GLN D 244 25.42 -1.05 49.53
C GLN D 244 25.28 -2.29 48.67
N GLY D 245 25.15 -3.43 49.32
CA GLY D 245 25.03 -4.68 48.60
C GLY D 245 25.72 -5.84 49.28
N LEU D 246 26.84 -5.56 49.95
CA LEU D 246 27.56 -6.60 50.68
C LEU D 246 27.89 -6.17 52.10
N ASN D 247 27.31 -5.08 52.59
CA ASN D 247 27.52 -4.48 53.91
C ASN D 247 28.96 -4.65 54.39
N ALA D 248 29.89 -4.10 53.60
CA ALA D 248 31.32 -4.29 53.82
C ALA D 248 31.71 -4.12 55.29
N ASP D 249 31.55 -2.93 55.84
CA ASP D 249 31.92 -2.68 57.22
C ASP D 249 30.78 -2.97 58.19
N ASN D 250 29.85 -3.84 57.81
CA ASN D 250 28.63 -4.09 58.56
C ASN D 250 27.79 -2.83 58.71
N LEU D 251 27.90 -1.92 57.74
CA LEU D 251 27.21 -0.64 57.85
C LEU D 251 25.69 -0.81 57.84
N VAL D 252 25.18 -1.65 56.93
CA VAL D 252 23.73 -1.79 56.79
C VAL D 252 23.13 -2.38 58.07
N ILE D 253 23.71 -3.48 58.55
CA ILE D 253 23.21 -4.11 59.77
C ILE D 253 23.38 -3.18 60.96
N ASP D 254 24.48 -2.43 61.00
CA ASP D 254 24.70 -1.50 62.10
C ASP D 254 23.64 -0.42 62.14
N PHE D 255 23.33 0.18 60.99
CA PHE D 255 22.31 1.21 60.96
C PHE D 255 20.94 0.67 61.31
N ILE D 256 20.60 -0.51 60.78
CA ILE D 256 19.30 -1.09 61.10
C ILE D 256 19.20 -1.40 62.58
N LYS D 257 20.26 -1.94 63.17
CA LYS D 257 20.25 -2.22 64.60
C LYS D 257 20.11 -0.95 65.41
N ALA D 258 20.83 0.10 65.02
CA ALA D 258 20.74 1.36 65.74
C ALA D 258 19.39 2.03 65.58
N ASN D 259 18.61 1.64 64.57
CA ASN D 259 17.30 2.25 64.38
C ASN D 259 16.19 1.22 64.32
N ALA D 260 16.17 0.31 65.30
CA ALA D 260 15.17 -0.76 65.29
C ALA D 260 13.76 -0.21 65.41
N LYS D 261 13.57 0.82 66.24
CA LYS D 261 12.28 1.47 66.42
C LYS D 261 12.35 2.93 66.01
N GLY D 262 13.07 3.23 64.93
CA GLY D 262 13.31 4.58 64.50
C GLY D 262 12.60 4.93 63.19
N THR D 263 12.84 6.16 62.77
CA THR D 263 12.28 6.70 61.54
C THR D 263 13.41 6.94 60.54
N VAL D 264 13.07 7.56 59.41
CA VAL D 264 14.08 7.85 58.39
C VAL D 264 15.06 8.90 58.88
N GLY D 265 14.56 9.91 59.60
CA GLY D 265 15.44 10.95 60.11
C GLY D 265 16.48 10.43 61.07
N SER D 266 16.10 9.46 61.90
CA SER D 266 17.07 8.84 62.81
C SER D 266 18.14 8.10 62.04
N VAL D 267 17.76 7.41 60.96
CA VAL D 267 18.75 6.73 60.13
C VAL D 267 19.70 7.73 59.50
N VAL D 268 19.17 8.88 59.06
CA VAL D 268 20.03 9.92 58.50
C VAL D 268 21.02 10.42 59.54
N GLU D 269 20.54 10.64 60.77
CA GLU D 269 21.44 11.09 61.83
C GLU D 269 22.52 10.07 62.13
N THR D 270 22.14 8.78 62.15
CA THR D 270 23.12 7.72 62.37
C THR D 270 24.17 7.70 61.27
N VAL D 271 23.73 7.85 60.01
CA VAL D 271 24.66 7.83 58.89
C VAL D 271 25.65 8.98 59.00
N ILE D 272 25.16 10.18 59.31
CA ILE D 272 26.04 11.34 59.41
C ILE D 272 27.02 11.17 60.57
N ASP D 273 26.53 10.67 61.70
CA ASP D 273 27.42 10.45 62.84
C ASP D 273 28.52 9.45 62.52
N ARG D 274 28.17 8.36 61.86
CA ARG D 274 29.18 7.36 61.49
C ARG D 274 30.17 7.94 60.49
N ALA D 275 29.68 8.72 59.52
CA ALA D 275 30.58 9.33 58.54
C ALA D 275 31.56 10.28 59.19
N ILE D 276 31.08 11.08 60.15
CA ILE D 276 31.98 11.99 60.86
C ILE D 276 32.99 11.20 61.69
N ALA D 277 32.53 10.15 62.37
CA ALA D 277 33.44 9.36 63.21
C ALA D 277 34.53 8.70 62.38
N ASP D 278 34.19 8.20 61.19
CA ASP D 278 35.17 7.54 60.34
C ASP D 278 36.05 8.52 59.57
N GLY D 279 35.77 9.82 59.65
CA GLY D 279 36.57 10.80 58.96
C GLY D 279 36.22 10.99 57.50
N VAL D 280 35.11 10.42 57.03
CA VAL D 280 34.73 10.54 55.63
C VAL D 280 34.35 11.98 55.30
N ILE D 281 33.67 12.66 56.21
CA ILE D 281 33.25 14.03 56.00
C ILE D 281 33.80 14.90 57.11
N VAL D 282 34.11 16.14 56.77
CA VAL D 282 34.63 17.12 57.72
C VAL D 282 33.83 18.40 57.58
N VAL D 283 33.93 19.25 58.60
CA VAL D 283 33.22 20.52 58.59
C VAL D 283 33.94 21.47 57.64
N ASP D 284 33.25 21.87 56.58
CA ASP D 284 33.82 22.83 55.64
C ASP D 284 33.91 24.22 56.25
N LYS D 285 32.76 24.78 56.61
CA LYS D 285 32.70 26.10 57.21
C LYS D 285 31.51 26.14 58.15
N THR D 286 31.53 27.10 59.07
CA THR D 286 30.40 27.38 59.94
C THR D 286 29.78 28.69 59.48
N MET D 287 28.50 28.64 59.15
CA MET D 287 27.82 29.79 58.59
C MET D 287 27.43 30.77 59.69
N SER D 288 26.89 31.92 59.28
CA SER D 288 26.49 32.94 60.23
C SER D 288 25.40 32.43 61.17
N SER D 289 24.43 31.69 60.63
CA SER D 289 23.34 31.15 61.42
C SER D 289 23.75 29.95 62.26
N GLY D 290 25.02 29.58 62.26
CA GLY D 290 25.48 28.42 63.00
C GLY D 290 25.39 27.11 62.26
N PHE D 291 24.91 27.12 61.02
CA PHE D 291 24.84 25.90 60.23
C PHE D 291 26.25 25.42 59.89
N ASN D 292 26.49 24.13 60.09
CA ASN D 292 27.79 23.53 59.84
C ASN D 292 27.74 22.84 58.48
N MET D 293 28.30 23.50 57.47
CA MET D 293 28.37 22.92 56.13
C MET D 293 29.50 21.90 56.09
N TYR D 294 29.21 20.72 55.58
CA TYR D 294 30.17 19.62 55.53
C TYR D 294 30.69 19.42 54.12
N LYS D 295 31.92 18.95 54.02
CA LYS D 295 32.53 18.58 52.75
C LYS D 295 33.10 17.18 52.87
N PRO D 296 33.12 16.42 51.77
CA PRO D 296 33.61 15.05 51.83
C PRO D 296 35.13 15.00 51.75
N ALA D 297 35.76 14.41 52.76
CA ALA D 297 37.18 14.12 52.66
C ALA D 297 37.46 13.03 51.64
N ASP D 298 36.52 12.09 51.48
CA ASP D 298 36.57 11.07 50.44
C ASP D 298 35.21 11.06 49.77
N VAL D 299 35.17 11.46 48.50
CA VAL D 299 33.90 11.63 47.80
C VAL D 299 33.23 10.27 47.61
N ASN D 300 33.96 9.30 47.10
CA ASN D 300 33.38 7.99 46.81
C ASN D 300 33.01 7.24 48.08
N LYS D 301 33.83 7.37 49.12
CA LYS D 301 33.48 6.74 50.40
C LYS D 301 32.22 7.36 50.99
N TRP D 302 32.07 8.67 50.85
CA TRP D 302 30.83 9.30 51.31
C TRP D 302 29.63 8.80 50.53
N ASN D 303 29.79 8.65 49.22
CA ASN D 303 28.72 8.09 48.40
C ASN D 303 28.34 6.69 48.87
N ALA D 304 29.34 5.85 49.14
CA ALA D 304 29.07 4.49 49.60
C ALA D 304 28.37 4.49 50.95
N TYR D 305 28.81 5.34 51.88
CA TYR D 305 28.17 5.44 53.18
C TYR D 305 26.72 5.86 53.05
N ALA D 306 26.45 6.86 52.20
CA ALA D 306 25.08 7.31 52.01
C ALA D 306 24.22 6.23 51.39
N ALA D 307 24.77 5.46 50.45
CA ALA D 307 23.99 4.38 49.84
C ALA D 307 23.66 3.29 50.85
N ALA D 308 24.62 2.91 51.69
CA ALA D 308 24.35 1.93 52.72
C ALA D 308 23.27 2.44 53.68
N GLY D 309 23.36 3.71 54.04
CA GLY D 309 22.33 4.29 54.89
C GLY D 309 20.96 4.31 54.23
N LEU D 310 20.92 4.53 52.92
CA LEU D 310 19.66 4.50 52.19
C LEU D 310 19.04 3.12 52.24
N VAL D 311 19.84 2.07 52.03
CA VAL D 311 19.32 0.71 52.15
C VAL D 311 18.80 0.46 53.55
N ALA D 312 19.55 0.89 54.57
CA ALA D 312 19.12 0.69 55.95
C ALA D 312 17.82 1.43 56.24
N ALA D 313 17.68 2.65 55.71
CA ALA D 313 16.47 3.44 55.94
C ALA D 313 15.26 2.77 55.29
N VAL D 314 15.42 2.28 54.06
CA VAL D 314 14.33 1.56 53.42
C VAL D 314 13.94 0.34 54.25
N ALA D 315 14.93 -0.41 54.71
CA ALA D 315 14.65 -1.59 55.53
C ALA D 315 13.88 -1.20 56.78
N VAL D 316 14.32 -0.15 57.47
CA VAL D 316 13.68 0.26 58.72
C VAL D 316 12.23 0.66 58.47
N SER D 317 12.00 1.53 57.48
CA SER D 317 10.66 2.05 57.27
C SER D 317 9.71 0.96 56.76
N CYS D 318 10.12 0.19 55.76
CA CYS D 318 9.26 -0.84 55.22
C CYS D 318 9.19 -2.08 56.10
N GLY D 319 10.00 -2.16 57.15
CA GLY D 319 9.82 -3.21 58.13
C GLY D 319 8.90 -2.76 59.23
N ALA D 320 8.94 -1.46 59.55
CA ALA D 320 7.96 -0.91 60.48
C ALA D 320 6.55 -1.01 59.90
N ALA D 321 6.40 -0.67 58.62
CA ALA D 321 5.08 -0.75 58.01
C ALA D 321 4.75 -2.16 57.51
N ARG D 322 5.75 -2.99 57.24
CA ARG D 322 5.56 -4.30 56.63
C ARG D 322 4.79 -4.19 55.32
N ALA D 323 4.97 -3.08 54.62
CA ALA D 323 4.38 -2.85 53.32
C ALA D 323 5.44 -2.28 52.40
N ALA D 324 5.46 -2.75 51.16
CA ALA D 324 6.50 -2.35 50.21
C ALA D 324 6.06 -1.19 49.33
N GLN D 325 5.13 -0.37 49.77
CA GLN D 325 4.72 0.79 49.01
C GLN D 325 5.37 2.08 49.50
N ASN D 326 6.22 2.00 50.52
CA ASN D 326 6.91 3.17 51.05
C ASN D 326 8.28 3.39 50.42
N VAL D 327 8.69 2.53 49.47
CA VAL D 327 10.07 2.53 49.02
C VAL D 327 10.44 3.87 48.41
N ALA D 328 9.60 4.36 47.48
CA ALA D 328 9.93 5.56 46.75
C ALA D 328 9.99 6.77 47.67
N SER D 329 9.05 6.88 48.60
CA SER D 329 9.08 7.98 49.55
C SER D 329 10.33 7.93 50.42
N VAL D 330 10.70 6.73 50.88
CA VAL D 330 11.87 6.63 51.74
C VAL D 330 13.12 7.01 50.97
N ILE D 331 13.27 6.53 49.74
CA ILE D 331 14.46 6.85 48.96
C ILE D 331 14.52 8.34 48.66
N LEU D 332 13.36 8.95 48.38
CA LEU D 332 13.32 10.39 48.14
C LEU D 332 13.75 11.17 49.38
N TYR D 333 13.11 10.89 50.51
CA TYR D 333 13.26 11.77 51.65
C TYR D 333 14.47 11.46 52.51
N PHE D 334 15.05 10.27 52.40
CA PHE D 334 16.37 10.06 52.98
C PHE D 334 17.36 11.04 52.40
N ASN D 335 17.44 11.10 51.07
CA ASN D 335 18.33 12.04 50.40
C ASN D 335 17.93 13.48 50.68
N ASP D 336 16.63 13.76 50.67
CA ASP D 336 16.17 15.13 50.87
C ASP D 336 16.54 15.66 52.25
N ILE D 337 16.36 14.84 53.30
CA ILE D 337 16.74 15.24 54.64
C ILE D 337 18.26 15.29 54.80
N LEU D 338 18.98 14.34 54.20
CA LEU D 338 20.43 14.31 54.34
C LEU D 338 21.06 15.56 53.73
N GLU D 339 20.62 15.95 52.54
CA GLU D 339 21.26 17.07 51.85
C GLU D 339 21.10 18.36 52.63
N TYR D 340 19.92 18.64 53.16
CA TYR D 340 19.70 19.89 53.87
C TYR D 340 20.06 19.79 55.35
N GLU D 341 20.39 18.60 55.84
CA GLU D 341 20.98 18.49 57.16
C GLU D 341 22.48 18.69 57.14
N THR D 342 23.16 18.29 56.06
CA THR D 342 24.61 18.40 56.00
C THR D 342 25.12 19.40 54.97
N GLY D 343 24.36 19.68 53.92
CA GLY D 343 24.86 20.49 52.82
C GLY D 343 25.62 19.72 51.77
N LEU D 344 25.70 18.42 51.89
CA LEU D 344 26.35 17.41 51.08
C LEU D 344 25.40 16.89 50.00
N PRO D 345 25.92 16.40 48.88
CA PRO D 345 25.06 15.82 47.86
C PRO D 345 24.49 14.48 48.31
N GLY D 346 23.40 14.09 47.64
CA GLY D 346 22.70 12.87 47.98
C GLY D 346 23.46 11.60 47.62
N VAL D 347 22.74 10.48 47.51
CA VAL D 347 23.40 9.19 47.33
C VAL D 347 24.12 9.11 45.99
N ASP D 348 23.48 9.57 44.93
CA ASP D 348 24.11 9.52 43.61
C ASP D 348 24.14 10.90 42.98
N TYR D 349 24.48 11.91 43.78
CA TYR D 349 24.45 13.31 43.34
C TYR D 349 23.07 13.67 42.81
N GLY D 350 22.04 13.23 43.52
CA GLY D 350 20.68 13.52 43.17
C GLY D 350 20.06 12.57 42.17
N ARG D 351 20.83 11.65 41.60
CA ARG D 351 20.29 10.75 40.60
C ARG D 351 19.39 9.70 41.24
N SER D 352 19.68 9.30 42.48
CA SER D 352 18.80 8.38 43.17
C SER D 352 17.53 9.06 43.65
N MET D 353 17.63 10.34 44.02
CA MET D 353 16.44 11.11 44.38
C MET D 353 15.49 11.25 43.19
N GLY D 354 16.03 11.52 42.00
CA GLY D 354 15.16 11.65 40.83
C GLY D 354 14.50 10.33 40.47
N THR D 355 15.25 9.23 40.59
CA THR D 355 14.65 7.92 40.39
C THR D 355 13.54 7.67 41.40
N ALA D 356 13.75 8.07 42.65
CA ALA D 356 12.69 7.93 43.64
C ALA D 356 11.49 8.79 43.32
N VAL D 357 11.71 9.99 42.78
CA VAL D 357 10.59 10.85 42.40
C VAL D 357 9.76 10.20 41.30
N GLY D 358 10.41 9.69 40.26
CA GLY D 358 9.68 8.99 39.22
C GLY D 358 9.01 7.72 39.70
N PHE D 359 9.66 7.02 40.62
CA PHE D 359 9.08 5.83 41.22
C PHE D 359 7.81 6.17 42.01
N SER D 360 7.85 7.25 42.79
CA SER D 360 6.66 7.71 43.49
C SER D 360 5.55 8.06 42.51
N PHE D 361 5.91 8.78 41.46
CA PHE D 361 4.92 9.15 40.43
C PHE D 361 4.24 7.92 39.86
N PHE D 362 5.01 7.03 39.25
CA PHE D 362 4.43 5.93 38.51
C PHE D 362 3.95 4.80 39.39
N SER D 363 4.21 4.85 40.69
CA SER D 363 3.65 3.88 41.63
C SER D 363 2.43 4.42 42.36
N HIS D 364 1.98 5.63 42.04
CA HIS D 364 0.85 6.24 42.74
C HIS D 364 -0.06 7.02 41.80
N SER D 365 -0.03 6.73 40.49
CA SER D 365 -0.77 7.56 39.56
C SER D 365 -1.40 6.68 38.49
N ILE D 366 -1.96 7.34 37.46
CA ILE D 366 -2.64 6.67 36.37
C ILE D 366 -1.77 6.50 35.13
N TYR D 367 -0.56 7.06 35.12
CA TYR D 367 0.20 7.20 33.88
C TYR D 367 1.05 6.00 33.55
N GLY D 368 1.02 4.95 34.36
CA GLY D 368 1.82 3.78 34.07
C GLY D 368 2.38 3.15 35.32
N GLY D 369 3.48 2.41 35.18
CA GLY D 369 4.08 1.77 36.31
C GLY D 369 3.14 0.76 36.94
N GLY D 370 3.31 0.58 38.24
CA GLY D 370 2.50 -0.36 38.99
C GLY D 370 3.09 -0.59 40.37
N GLY D 371 3.10 -1.83 40.83
CA GLY D 371 3.74 -2.16 42.08
C GLY D 371 5.25 -2.01 41.96
N PRO D 372 5.93 -1.86 43.09
CA PRO D 372 7.39 -1.75 43.05
C PRO D 372 8.09 -2.97 42.49
N GLY D 373 7.43 -4.13 42.49
CA GLY D 373 8.07 -5.35 42.04
C GLY D 373 8.19 -5.49 40.54
N ILE D 374 7.48 -4.66 39.77
CA ILE D 374 7.55 -4.75 38.32
C ILE D 374 8.57 -3.80 37.72
N PHE D 375 9.31 -3.07 38.54
CA PHE D 375 10.34 -2.16 38.05
C PHE D 375 11.68 -2.87 37.98
N ASN D 376 12.58 -2.31 37.16
CA ASN D 376 13.91 -2.87 36.97
C ASN D 376 14.83 -1.75 36.54
N GLY D 377 16.13 -2.06 36.42
CA GLY D 377 17.08 -1.09 35.94
C GLY D 377 16.91 -0.74 34.48
N ASN D 378 16.26 -1.61 33.70
CA ASN D 378 15.96 -1.32 32.32
C ASN D 378 14.71 -0.46 32.14
N HIS D 379 13.88 -0.35 33.17
CA HIS D 379 12.65 0.42 33.07
C HIS D 379 12.96 1.89 32.79
N VAL D 380 12.10 2.52 32.00
CA VAL D 380 12.29 3.93 31.67
C VAL D 380 12.19 4.82 32.91
N VAL D 381 11.56 4.34 33.96
CA VAL D 381 11.40 5.14 35.17
C VAL D 381 12.56 4.97 36.14
N THR D 382 13.19 3.79 36.17
CA THR D 382 14.19 3.47 37.18
C THR D 382 15.56 3.19 36.57
N ARG D 383 15.83 3.67 35.37
CA ARG D 383 17.12 3.47 34.73
C ARG D 383 18.12 4.57 35.06
N HIS D 384 17.72 5.57 35.85
CA HIS D 384 18.48 6.80 35.93
C HIS D 384 19.59 6.75 36.98
N SER D 385 19.42 5.95 38.02
CA SER D 385 20.47 5.78 39.01
C SER D 385 21.27 4.54 38.66
N LYS D 386 22.59 4.70 38.56
CA LYS D 386 23.46 3.62 38.09
C LYS D 386 23.74 2.64 39.24
N GLY D 387 22.72 1.88 39.58
CA GLY D 387 22.88 0.80 40.52
C GLY D 387 22.81 1.17 41.99
N PHE D 388 22.13 2.26 42.32
CA PHE D 388 22.04 2.70 43.70
C PHE D 388 20.61 2.78 44.22
N ALA D 389 19.61 2.45 43.40
CA ALA D 389 18.22 2.59 43.80
C ALA D 389 17.42 1.29 43.78
N ILE D 390 17.84 0.28 43.01
CA ILE D 390 17.10 -0.97 42.88
C ILE D 390 17.29 -1.90 44.08
N PRO D 391 18.50 -2.03 44.64
CA PRO D 391 18.66 -2.89 45.83
C PRO D 391 17.75 -2.49 46.98
N PRO D 392 17.57 -1.19 47.25
CA PRO D 392 16.55 -0.83 48.26
C PRO D 392 15.15 -1.29 47.92
N VAL D 393 14.78 -1.25 46.64
CA VAL D 393 13.46 -1.72 46.24
C VAL D 393 13.32 -3.21 46.50
N CYS D 394 14.38 -3.97 46.21
CA CYS D 394 14.35 -5.40 46.49
C CYS D 394 14.22 -5.67 47.98
N ALA D 395 14.95 -4.92 48.80
CA ALA D 395 14.83 -5.08 50.25
C ALA D 395 13.41 -4.80 50.72
N ALA D 396 12.81 -3.73 50.21
CA ALA D 396 11.46 -3.38 50.64
C ALA D 396 10.45 -4.43 50.20
N MET D 397 10.57 -4.94 48.98
CA MET D 397 9.65 -5.98 48.53
C MET D 397 9.85 -7.26 49.33
N CYS D 398 11.06 -7.50 49.83
CA CYS D 398 11.28 -8.63 50.72
C CYS D 398 10.59 -8.40 52.06
N ALA D 399 10.58 -7.17 52.55
CA ALA D 399 9.93 -6.87 53.83
C ALA D 399 8.42 -6.85 53.75
N ASP D 400 7.84 -6.89 52.55
CA ASP D 400 6.39 -6.81 52.39
C ASP D 400 5.71 -8.02 53.03
N ALA D 401 4.51 -7.78 53.56
CA ALA D 401 3.74 -8.81 54.23
C ALA D 401 2.57 -9.31 53.41
N GLY D 402 2.34 -8.77 52.23
CA GLY D 402 1.27 -9.26 51.37
C GLY D 402 0.22 -8.22 51.02
N THR D 403 0.61 -6.95 50.96
CA THR D 403 -0.31 -5.88 50.60
C THR D 403 -0.27 -5.54 49.12
N GLN D 404 0.56 -6.22 48.34
CA GLN D 404 0.72 -5.93 46.91
C GLN D 404 0.10 -7.06 46.11
N MET D 405 -0.69 -6.72 45.09
CA MET D 405 -1.22 -7.76 44.22
C MET D 405 -0.16 -8.29 43.28
N PHE D 406 0.64 -7.41 42.68
CA PHE D 406 1.69 -7.84 41.77
C PHE D 406 2.93 -8.26 42.55
N SER D 407 2.69 -9.22 43.44
CA SER D 407 3.73 -9.80 44.27
C SER D 407 4.59 -10.75 43.45
N PRO D 408 5.75 -11.17 43.98
CA PRO D 408 6.56 -12.15 43.25
C PRO D 408 5.81 -13.43 42.91
N GLU D 409 4.89 -13.87 43.77
CA GLU D 409 4.12 -15.07 43.47
C GLU D 409 3.25 -14.87 42.23
N HIS D 410 2.65 -13.69 42.09
CA HIS D 410 1.80 -13.43 40.93
C HIS D 410 2.63 -13.29 39.66
N THR D 411 3.78 -12.62 39.76
CA THR D 411 4.55 -12.25 38.57
C THR D 411 5.63 -13.28 38.23
N SER D 412 6.43 -13.68 39.22
CA SER D 412 7.55 -14.58 38.99
C SER D 412 7.31 -15.88 39.75
N GLY D 413 6.53 -16.78 39.16
CA GLY D 413 6.35 -18.08 39.75
C GLY D 413 7.24 -19.12 39.11
N LEU D 414 7.26 -19.14 37.78
CA LEU D 414 8.13 -20.08 37.07
C LEU D 414 9.59 -19.69 37.20
N VAL D 415 9.89 -18.42 36.96
CA VAL D 415 11.28 -17.95 37.02
C VAL D 415 11.84 -18.13 38.42
N GLY D 416 11.08 -17.74 39.44
CA GLY D 416 11.56 -17.86 40.80
C GLY D 416 11.80 -19.31 41.19
N SER D 417 10.84 -20.18 40.89
CA SER D 417 10.97 -21.58 41.27
C SER D 417 12.15 -22.25 40.57
N VAL D 418 12.36 -21.92 39.29
CA VAL D 418 13.46 -22.54 38.57
C VAL D 418 14.80 -22.01 39.07
N TYR D 419 14.93 -20.68 39.21
CA TYR D 419 16.22 -20.09 39.54
C TYR D 419 16.56 -20.18 41.01
N SER D 420 15.61 -20.52 41.89
CA SER D 420 15.93 -20.72 43.28
C SER D 420 16.69 -22.01 43.53
N ALA D 421 16.73 -22.92 42.56
CA ALA D 421 17.35 -24.22 42.76
C ALA D 421 18.87 -24.15 42.76
N PHE D 422 19.45 -23.05 42.27
CA PHE D 422 20.90 -22.91 42.20
C PHE D 422 21.37 -22.05 43.37
N ASP D 423 22.31 -22.59 44.14
CA ASP D 423 22.76 -21.93 45.36
C ASP D 423 23.38 -20.57 45.07
N GLU D 424 24.05 -20.44 43.93
CA GLU D 424 24.70 -19.18 43.60
C GLU D 424 23.69 -18.06 43.41
N PHE D 425 22.56 -18.36 42.78
CA PHE D 425 21.51 -17.36 42.61
C PHE D 425 20.71 -17.14 43.88
N ARG D 426 20.52 -18.17 44.69
CA ARG D 426 19.65 -18.05 45.86
C ARG D 426 20.33 -17.31 47.01
N GLU D 427 21.62 -17.51 47.22
CA GLU D 427 22.37 -16.85 48.29
C GLU D 427 23.61 -16.20 47.69
N PRO D 428 23.44 -15.13 46.90
CA PRO D 428 24.61 -14.51 46.27
C PRO D 428 25.58 -13.92 47.27
N MET D 429 25.10 -13.48 48.43
CA MET D 429 25.95 -12.73 49.35
C MET D 429 27.11 -13.60 49.86
N LYS D 430 26.80 -14.78 50.37
CA LYS D 430 27.83 -15.64 50.94
C LYS D 430 28.81 -16.13 49.90
N TYR D 431 28.36 -16.43 48.69
CA TYR D 431 29.27 -16.89 47.65
C TYR D 431 30.13 -15.77 47.07
N VAL D 432 29.60 -14.55 46.97
CA VAL D 432 30.43 -13.43 46.58
C VAL D 432 31.49 -13.17 47.63
N ILE D 433 31.12 -13.25 48.92
CA ILE D 433 32.12 -13.11 49.97
C ILE D 433 33.18 -14.20 49.86
N GLU D 434 32.76 -15.43 49.57
CA GLU D 434 33.71 -16.53 49.44
C GLU D 434 34.67 -16.31 48.28
N GLY D 435 34.16 -15.82 47.14
CA GLY D 435 35.04 -15.54 46.01
C GLY D 435 36.03 -14.43 46.32
N ALA D 436 35.57 -13.38 47.00
CA ALA D 436 36.48 -12.32 47.41
C ALA D 436 37.55 -12.86 48.34
N LEU D 437 37.18 -13.74 49.28
CA LEU D 437 38.19 -14.35 50.13
C LEU D 437 39.17 -15.19 49.34
N SER D 438 38.69 -15.88 48.29
CA SER D 438 39.58 -16.71 47.49
C SER D 438 40.63 -15.86 46.78
N ILE D 439 40.22 -14.72 46.21
CA ILE D 439 41.17 -13.86 45.50
C ILE D 439 41.73 -12.76 46.40
N LYS D 440 41.55 -12.88 47.72
CA LYS D 440 42.06 -11.88 48.66
C LYS D 440 43.55 -11.61 48.47
N ASP D 441 44.36 -12.65 48.35
CA ASP D 441 45.81 -12.51 48.40
C ASP D 441 46.44 -12.21 47.05
N GLN D 442 45.65 -12.05 45.99
CA GLN D 442 46.20 -11.87 44.66
C GLN D 442 46.44 -10.41 44.30
N PHE D 443 46.05 -9.47 45.15
CA PHE D 443 46.24 -8.06 44.86
C PHE D 443 47.42 -7.49 45.63
N GLU E 4 4.75 49.81 39.72
CA GLU E 4 5.69 48.99 38.97
C GLU E 4 5.07 48.54 37.65
N LYS E 5 5.87 48.56 36.59
CA LYS E 5 5.42 48.16 35.26
C LYS E 5 5.89 46.75 34.96
N ARG E 6 4.94 45.89 34.62
CA ARG E 6 5.23 44.51 34.27
C ARG E 6 4.50 44.16 32.97
N LEU E 7 5.13 43.29 32.17
CA LEU E 7 4.57 42.95 30.88
C LEU E 7 3.29 42.13 31.01
N PHE E 8 3.12 41.42 32.13
CA PHE E 8 1.95 40.58 32.34
C PHE E 8 0.80 41.33 32.98
N LEU E 9 0.97 42.62 33.30
CA LEU E 9 -0.06 43.35 34.02
C LEU E 9 -1.32 43.50 33.18
N LYS E 10 -1.18 43.83 31.90
CA LYS E 10 -2.34 44.10 31.06
C LYS E 10 -3.24 42.87 30.94
N ALA E 11 -2.64 41.70 30.74
CA ALA E 11 -3.43 40.48 30.66
C ALA E 11 -4.17 40.20 31.95
N LEU E 12 -3.51 40.44 33.10
CA LEU E 12 -4.17 40.24 34.38
C LEU E 12 -5.32 41.20 34.56
N LYS E 13 -5.17 42.45 34.11
CA LYS E 13 -6.29 43.39 34.13
C LYS E 13 -7.45 42.88 33.29
N GLU E 14 -7.15 42.34 32.10
CA GLU E 14 -8.22 41.85 31.24
C GLU E 14 -8.86 40.59 31.79
N LYS E 15 -8.06 39.68 32.35
CA LYS E 15 -8.59 38.40 32.79
C LYS E 15 -9.39 38.53 34.10
N PHE E 16 -8.89 39.31 35.05
CA PHE E 16 -9.46 39.37 36.38
C PHE E 16 -10.18 40.70 36.59
N GLU E 17 -11.35 40.65 37.21
CA GLU E 17 -12.13 41.85 37.44
C GLU E 17 -11.58 42.67 38.61
N GLU E 18 -11.00 42.02 39.60
CA GLU E 18 -10.45 42.72 40.75
C GLU E 18 -9.03 43.18 40.45
N ASP E 19 -8.46 43.92 41.39
CA ASP E 19 -7.08 44.37 41.24
C ASP E 19 -6.13 43.17 41.27
N PRO E 20 -5.11 43.14 40.41
CA PRO E 20 -4.17 42.02 40.43
C PRO E 20 -3.43 41.87 41.75
N LYS E 21 -3.33 42.94 42.54
CA LYS E 21 -2.70 42.87 43.85
C LYS E 21 -3.70 42.55 44.96
N GLU E 22 -4.99 42.46 44.64
CA GLU E 22 -6.00 42.20 45.65
C GLU E 22 -5.97 40.74 46.07
N LYS E 23 -6.00 40.48 47.38
CA LYS E 23 -5.76 39.17 47.94
C LYS E 23 -7.05 38.36 48.17
N TYR E 24 -8.22 38.94 47.93
CA TYR E 24 -9.48 38.29 48.25
C TYR E 24 -10.46 38.41 47.09
N THR E 25 -11.38 37.46 47.02
CA THR E 25 -12.43 37.45 46.00
C THR E 25 -13.60 36.62 46.52
N LYS E 26 -14.53 36.30 45.63
CA LYS E 26 -15.70 35.51 45.99
C LYS E 26 -15.94 34.44 44.93
N PHE E 27 -16.47 33.30 45.37
CA PHE E 27 -16.67 32.16 44.48
C PHE E 27 -18.09 31.64 44.48
N TYR E 28 -18.33 30.56 43.74
CA TYR E 28 -19.59 29.83 43.72
C TYR E 28 -20.76 30.69 43.27
N THR E 29 -20.52 31.67 42.42
CA THR E 29 -21.59 32.57 41.99
C THR E 29 -21.59 32.78 40.48
N PHE E 30 -21.01 31.86 39.73
CA PHE E 30 -20.87 32.02 38.29
C PHE E 30 -21.79 31.11 37.50
N GLY E 31 -22.58 30.27 38.16
CA GLY E 31 -23.50 29.39 37.48
C GLY E 31 -22.90 28.10 36.97
N GLY E 32 -21.67 27.77 37.35
CA GLY E 32 -21.05 26.55 36.89
C GLY E 32 -20.53 26.65 35.48
N TRP E 33 -20.74 25.61 34.67
CA TRP E 33 -20.24 25.61 33.31
C TRP E 33 -20.97 26.59 32.40
N GLU E 34 -22.11 27.14 32.83
CA GLU E 34 -22.84 28.09 32.00
C GLU E 34 -22.09 29.39 31.81
N GLN E 35 -21.12 29.69 32.66
CA GLN E 35 -20.37 30.93 32.55
C GLN E 35 -19.47 30.99 31.32
N SER E 36 -19.26 29.86 30.65
CA SER E 36 -18.36 29.78 29.50
C SER E 36 -19.17 29.50 28.23
N ALA E 37 -18.95 30.31 27.19
CA ALA E 37 -19.64 30.09 25.93
C ALA E 37 -19.22 28.79 25.27
N ARG E 38 -17.95 28.41 25.41
CA ARG E 38 -17.47 27.17 24.83
C ARG E 38 -18.19 25.97 25.41
N LYS E 39 -18.41 25.96 26.72
CA LYS E 39 -19.08 24.83 27.35
C LYS E 39 -20.53 24.73 26.92
N ARG E 40 -21.21 25.87 26.78
CA ARG E 40 -22.59 25.85 26.31
C ARG E 40 -22.68 25.37 24.86
N GLU E 41 -21.75 25.81 24.02
CA GLU E 41 -21.71 25.31 22.65
C GLU E 41 -21.47 23.81 22.63
N PHE E 42 -20.59 23.33 23.51
CA PHE E 42 -20.34 21.90 23.62
C PHE E 42 -21.60 21.15 24.04
N VAL E 43 -22.37 21.73 24.97
CA VAL E 43 -23.59 21.06 25.43
C VAL E 43 -24.61 20.96 24.31
N GLU E 44 -24.82 22.07 23.59
CA GLU E 44 -25.77 22.04 22.48
C GLU E 44 -25.34 21.04 21.42
N ALA E 45 -24.05 21.05 21.05
CA ALA E 45 -23.56 20.08 20.09
C ALA E 45 -23.82 18.67 20.61
N ASN E 46 -23.39 18.36 21.83
CA ASN E 46 -23.55 17.01 22.36
C ASN E 46 -24.99 16.55 22.29
N GLU E 47 -25.94 17.44 22.57
CA GLU E 47 -27.34 17.05 22.45
C GLU E 47 -27.67 16.67 21.01
N LYS E 48 -27.29 17.52 20.06
CA LYS E 48 -27.63 17.24 18.66
C LYS E 48 -26.97 15.96 18.18
N ILE E 49 -25.68 15.80 18.44
CA ILE E 49 -24.98 14.58 18.05
C ILE E 49 -25.59 13.36 18.69
N VAL E 50 -25.88 13.41 20.00
CA VAL E 50 -26.43 12.23 20.64
C VAL E 50 -27.70 11.80 19.94
N SER E 51 -28.64 12.75 19.79
CA SER E 51 -29.94 12.42 19.20
C SER E 51 -29.80 11.91 17.77
N GLU E 52 -28.95 12.55 16.96
CA GLU E 52 -28.88 12.19 15.55
C GLU E 52 -28.02 10.96 15.31
N LYS E 53 -26.74 11.05 15.66
CA LYS E 53 -25.78 10.02 15.29
C LYS E 53 -25.63 8.92 16.33
N ARG E 54 -25.85 9.20 17.62
CA ARG E 54 -25.52 8.19 18.61
C ARG E 54 -26.71 7.33 18.99
N GLN E 55 -27.90 7.63 18.48
CA GLN E 55 -29.11 6.86 18.78
C GLN E 55 -29.35 6.74 20.28
N GLY E 56 -29.12 7.84 20.99
CA GLY E 56 -29.45 7.90 22.40
C GLY E 56 -28.35 7.52 23.36
N ILE E 57 -27.21 7.03 22.88
CA ILE E 57 -26.10 6.73 23.77
C ILE E 57 -25.50 8.06 24.23
N PRO E 58 -25.44 8.31 25.54
CA PRO E 58 -24.92 9.60 26.01
C PRO E 58 -23.44 9.77 25.66
N LEU E 59 -23.05 11.01 25.41
CA LEU E 59 -21.66 11.34 25.09
C LEU E 59 -21.05 12.30 26.09
N TYR E 60 -21.68 13.45 26.33
CA TYR E 60 -21.13 14.50 27.18
C TYR E 60 -22.13 14.81 28.28
N ASN E 61 -21.75 14.52 29.52
CA ASN E 61 -22.62 14.73 30.68
C ASN E 61 -21.85 15.59 31.69
N PRO E 62 -22.03 16.90 31.65
CA PRO E 62 -21.38 17.75 32.66
C PRO E 62 -21.87 17.49 34.08
N ASP E 63 -23.02 16.83 34.25
CA ASP E 63 -23.59 16.65 35.57
C ASP E 63 -22.89 15.54 36.36
N ILE E 64 -22.00 14.77 35.74
CA ILE E 64 -21.24 13.77 36.47
C ILE E 64 -19.83 14.31 36.70
N GLY E 65 -19.20 13.82 37.76
CA GLY E 65 -17.86 14.26 38.08
C GLY E 65 -17.85 15.60 38.81
N VAL E 66 -16.75 16.31 38.66
CA VAL E 66 -16.55 17.59 39.36
C VAL E 66 -17.57 18.60 38.84
N PRO E 67 -18.18 19.41 39.70
CA PRO E 67 -18.97 20.54 39.20
C PRO E 67 -18.04 21.62 38.67
N LEU E 68 -17.92 21.71 37.35
CA LEU E 68 -16.98 22.63 36.75
C LEU E 68 -17.46 24.06 36.89
N GLY E 69 -16.50 24.98 37.03
CA GLY E 69 -16.82 26.39 37.08
C GLY E 69 -17.18 26.93 38.45
N GLN E 70 -16.77 26.25 39.52
CA GLN E 70 -16.96 26.82 40.85
C GLN E 70 -16.18 28.11 41.02
N ARG E 71 -15.08 28.26 40.28
CA ARG E 71 -14.31 29.48 40.22
C ARG E 71 -14.51 30.12 38.85
N LYS E 72 -13.95 31.31 38.68
CA LYS E 72 -14.07 32.03 37.42
C LYS E 72 -13.10 31.45 36.40
N LEU E 73 -13.63 30.89 35.32
CA LEU E 73 -12.81 30.31 34.26
C LEU E 73 -12.19 31.44 33.45
N MET E 74 -10.89 31.62 33.58
CA MET E 74 -10.23 32.77 32.99
C MET E 74 -10.01 32.58 31.49
N PRO E 75 -10.01 33.67 30.72
CA PRO E 75 -9.57 33.61 29.34
C PRO E 75 -8.05 33.71 29.26
N TYR E 76 -7.53 33.41 28.08
CA TYR E 76 -6.09 33.36 27.89
C TYR E 76 -5.68 34.32 26.78
N LYS E 77 -4.77 35.23 27.11
CA LYS E 77 -4.08 36.01 26.10
C LYS E 77 -3.06 35.12 25.39
N LEU E 78 -2.48 35.66 24.33
CA LEU E 78 -1.35 35.01 23.68
C LEU E 78 -0.21 36.02 23.60
N SER E 79 0.98 35.61 24.03
CA SER E 79 2.07 36.54 24.22
C SER E 79 2.39 37.31 22.95
N ASN E 80 2.55 38.61 23.09
CA ASN E 80 2.86 39.54 22.00
C ASN E 80 1.73 39.63 20.97
N THR E 81 0.58 39.04 21.24
CA THR E 81 -0.59 39.16 20.39
C THR E 81 -1.74 39.74 21.19
N ASP E 82 -2.50 40.63 20.58
CA ASP E 82 -3.62 41.29 21.25
C ASP E 82 -4.94 40.60 20.92
N ASP E 83 -5.01 39.31 21.24
CA ASP E 83 -6.25 38.57 21.07
C ASP E 83 -6.36 37.53 22.17
N TYR E 84 -7.59 37.37 22.68
CA TYR E 84 -7.86 36.49 23.80
C TYR E 84 -8.69 35.31 23.33
N CYS E 85 -8.53 34.19 24.02
CA CYS E 85 -9.29 32.99 23.68
C CYS E 85 -9.51 32.18 24.95
N GLU E 86 -10.55 31.36 24.93
CA GLU E 86 -10.80 30.44 26.03
C GLU E 86 -9.75 29.34 26.04
N GLY E 87 -9.63 28.68 27.19
CA GLY E 87 -8.67 27.61 27.30
C GLY E 87 -9.01 26.40 26.46
N ASP E 88 -10.30 26.22 26.15
CA ASP E 88 -10.71 25.08 25.34
C ASP E 88 -10.28 25.23 23.90
N ASP E 89 -10.16 26.46 23.41
CA ASP E 89 -9.71 26.70 22.05
C ASP E 89 -8.24 26.37 21.85
N LEU E 90 -7.47 26.28 22.92
CA LEU E 90 -6.05 25.98 22.84
C LEU E 90 -5.74 24.50 22.97
N HIS E 91 -6.75 23.66 23.18
CA HIS E 91 -6.54 22.23 23.16
C HIS E 91 -6.13 21.80 21.75
N PHE E 92 -5.14 20.90 21.66
CA PHE E 92 -4.59 20.57 20.36
C PHE E 92 -5.62 19.91 19.46
N LEU E 93 -6.61 19.23 20.04
CA LEU E 93 -7.66 18.65 19.22
C LEU E 93 -8.65 19.69 18.73
N ASN E 94 -8.90 20.74 19.52
CA ASN E 94 -9.80 21.81 19.13
C ASN E 94 -9.11 22.90 18.32
N ASN E 95 -7.80 22.86 18.20
CA ASN E 95 -7.02 23.89 17.51
C ASN E 95 -6.41 23.27 16.26
N ALA E 96 -6.86 23.74 15.09
CA ALA E 96 -6.29 23.25 13.84
C ALA E 96 -4.89 23.79 13.59
N ALA E 97 -4.53 24.91 14.20
CA ALA E 97 -3.20 25.47 14.01
C ALA E 97 -2.13 24.56 14.60
N ILE E 98 -2.37 24.02 15.80
CA ILE E 98 -1.40 23.11 16.42
C ILE E 98 -1.30 21.82 15.61
N GLN E 99 -2.43 21.33 15.13
CA GLN E 99 -2.43 20.14 14.30
C GLN E 99 -1.63 20.35 13.02
N GLN E 100 -1.79 21.51 12.39
CA GLN E 100 -1.02 21.80 11.18
C GLN E 100 0.45 22.05 11.51
N LEU E 101 0.75 22.59 12.68
CA LEU E 101 2.13 22.74 13.10
C LEU E 101 2.82 21.39 13.15
N TRP E 102 2.15 20.39 13.71
CA TRP E 102 2.74 19.06 13.73
C TRP E 102 2.73 18.43 12.34
N ASP E 103 1.69 18.69 11.55
CA ASP E 103 1.61 18.10 10.21
C ASP E 103 2.75 18.58 9.33
N ASP E 104 3.07 19.87 9.36
CA ASP E 104 4.09 20.41 8.48
C ASP E 104 5.46 19.84 8.82
N ILE E 105 5.75 19.64 10.11
CA ILE E 105 7.01 19.03 10.51
C ILE E 105 7.02 17.56 10.14
N ARG E 106 5.90 16.87 10.31
CA ARG E 106 5.86 15.43 10.06
C ARG E 106 6.10 15.10 8.60
N ARG E 107 5.56 15.91 7.69
CA ARG E 107 5.56 15.59 6.27
C ARG E 107 6.74 16.20 5.51
N THR E 108 7.84 16.51 6.18
CA THR E 108 8.99 17.13 5.54
C THR E 108 10.18 16.18 5.54
N VAL E 109 10.76 15.97 4.36
CA VAL E 109 12.00 15.23 4.20
C VAL E 109 12.89 16.03 3.25
N ILE E 110 14.17 16.19 3.62
CA ILE E 110 15.14 16.91 2.80
C ILE E 110 16.10 15.89 2.21
N VAL E 111 16.24 15.90 0.89
CA VAL E 111 17.11 14.98 0.18
C VAL E 111 18.11 15.78 -0.63
N GLY E 112 19.40 15.45 -0.47
CA GLY E 112 20.43 16.11 -1.24
C GLY E 112 20.57 15.48 -2.61
N MET E 113 20.68 16.32 -3.63
CA MET E 113 20.85 15.88 -5.01
C MET E 113 22.15 16.44 -5.55
N ASP E 114 23.23 15.83 -5.16
CA ASP E 114 24.55 16.02 -5.73
C ASP E 114 25.20 14.69 -6.08
N THR E 115 24.99 13.67 -5.26
CA THR E 115 25.43 12.32 -5.63
C THR E 115 24.62 11.80 -6.80
N ALA E 116 23.32 12.10 -6.83
CA ALA E 116 22.50 11.69 -7.95
C ALA E 116 22.97 12.34 -9.24
N HIS E 117 23.28 13.63 -9.20
CA HIS E 117 23.77 14.31 -10.38
C HIS E 117 25.12 13.77 -10.84
N SER E 118 26.01 13.50 -9.88
CA SER E 118 27.32 12.96 -10.23
C SER E 118 27.21 11.57 -10.83
N VAL E 119 26.32 10.74 -10.29
CA VAL E 119 26.13 9.40 -10.84
C VAL E 119 25.50 9.48 -12.23
N LEU E 120 24.56 10.40 -12.42
CA LEU E 120 23.97 10.57 -13.75
C LEU E 120 25.02 11.00 -14.77
N GLU E 121 25.88 11.95 -14.39
CA GLU E 121 26.86 12.47 -15.34
C GLU E 121 27.90 11.42 -15.69
N LYS E 122 28.49 10.79 -14.70
CA LYS E 122 29.65 9.92 -14.94
C LYS E 122 29.23 8.49 -15.28
N ARG E 123 28.55 7.82 -14.35
CA ARG E 123 28.24 6.41 -14.56
C ARG E 123 27.19 6.23 -15.65
N LEU E 124 26.12 7.01 -15.59
CA LEU E 124 25.00 6.81 -16.51
C LEU E 124 25.18 7.50 -17.85
N GLY E 125 26.17 8.39 -17.99
CA GLY E 125 26.39 9.07 -19.25
C GLY E 125 25.24 9.95 -19.69
N VAL E 126 24.65 10.70 -18.76
CA VAL E 126 23.55 11.62 -19.04
C VAL E 126 23.98 13.00 -18.59
N GLU E 127 23.83 13.98 -19.46
CA GLU E 127 24.19 15.35 -19.09
C GLU E 127 23.17 15.94 -18.13
N VAL E 128 23.66 16.72 -17.17
CA VAL E 128 22.83 17.39 -16.18
C VAL E 128 23.03 18.88 -16.34
N THR E 129 21.95 19.59 -16.65
CA THR E 129 21.95 21.03 -16.88
C THR E 129 20.83 21.64 -16.08
N PRO E 130 20.86 22.96 -15.84
CA PRO E 130 19.75 23.61 -15.15
C PRO E 130 18.41 23.39 -15.83
N GLU E 131 18.38 23.27 -17.15
CA GLU E 131 17.13 22.93 -17.83
C GLU E 131 16.65 21.54 -17.44
N THR E 132 17.57 20.58 -17.34
CA THR E 132 17.18 19.24 -16.92
C THR E 132 16.74 19.23 -15.46
N ILE E 133 17.37 20.06 -14.62
CA ILE E 133 16.93 20.16 -13.23
C ILE E 133 15.52 20.74 -13.17
N ASN E 134 15.23 21.74 -13.99
CA ASN E 134 13.88 22.28 -14.04
C ASN E 134 12.88 21.23 -14.50
N GLU E 135 13.26 20.43 -15.50
CA GLU E 135 12.38 19.36 -15.94
C GLU E 135 12.12 18.35 -14.84
N TYR E 136 13.17 17.98 -14.11
CA TYR E 136 12.97 17.04 -13.00
C TYR E 136 12.08 17.64 -11.93
N MET E 137 12.23 18.92 -11.65
CA MET E 137 11.37 19.57 -10.65
C MET E 137 9.92 19.56 -11.09
N HIS E 138 9.66 19.82 -12.37
CA HIS E 138 8.30 19.70 -12.88
C HIS E 138 7.76 18.29 -12.70
N THR E 139 8.57 17.30 -13.04
CA THR E 139 8.13 15.91 -12.93
C THR E 139 7.79 15.55 -11.48
N ILE E 140 8.68 15.90 -10.56
CA ILE E 140 8.46 15.52 -9.17
C ILE E 140 7.30 16.29 -8.56
N ASN E 141 7.09 17.54 -8.99
CA ASN E 141 5.93 18.28 -8.49
C ASN E 141 4.62 17.67 -8.98
N HIS E 142 4.61 17.16 -10.21
CA HIS E 142 3.40 16.47 -10.64
C HIS E 142 3.22 15.14 -9.94
N SER E 143 4.32 14.42 -9.72
CA SER E 143 4.25 13.02 -9.29
C SER E 143 4.22 12.85 -7.78
N LEU E 144 4.74 13.81 -7.01
CA LEU E 144 4.81 13.63 -5.56
C LEU E 144 3.44 13.49 -4.92
N PRO E 145 2.44 14.36 -5.16
CA PRO E 145 1.16 14.19 -4.47
C PRO E 145 0.47 12.88 -4.76
N GLY E 146 0.08 12.65 -6.01
CA GLY E 146 -0.49 11.37 -6.39
C GLY E 146 -0.28 11.00 -7.83
N GLY E 147 0.50 11.79 -8.56
CA GLY E 147 0.49 11.72 -10.00
C GLY E 147 1.13 10.47 -10.55
N ALA E 148 0.74 10.14 -11.78
CA ALA E 148 1.36 9.08 -12.56
C ALA E 148 1.72 9.66 -13.92
N VAL E 149 3.00 9.67 -14.24
CA VAL E 149 3.48 10.33 -15.45
C VAL E 149 3.11 9.52 -16.68
N VAL E 150 2.60 10.21 -17.70
CA VAL E 150 2.15 9.68 -18.99
C VAL E 150 1.60 8.26 -18.90
N GLN E 151 0.75 8.01 -17.90
CA GLN E 151 0.10 6.70 -17.73
C GLN E 151 -1.33 6.96 -17.24
N GLU E 152 -2.26 7.07 -18.18
CA GLU E 152 -3.65 7.29 -17.80
C GLU E 152 -4.28 6.04 -17.19
N HIS E 153 -3.74 4.87 -17.51
CA HIS E 153 -4.31 3.63 -16.99
C HIS E 153 -3.99 3.41 -15.51
N MET E 154 -3.11 4.22 -14.93
CA MET E 154 -2.72 4.05 -13.54
C MET E 154 -3.61 4.87 -12.62
N VAL E 155 -3.95 4.28 -11.47
CA VAL E 155 -4.77 4.94 -10.47
C VAL E 155 -3.99 6.08 -9.83
N GLU E 156 -4.63 7.25 -9.71
CA GLU E 156 -3.99 8.41 -9.14
C GLU E 156 -4.89 9.02 -8.06
N VAL E 157 -4.25 9.69 -7.10
CA VAL E 157 -4.97 10.37 -6.03
C VAL E 157 -5.66 11.61 -6.58
N HIS E 158 -6.82 11.94 -6.02
CA HIS E 158 -7.54 13.13 -6.44
C HIS E 158 -6.67 14.36 -6.20
N PRO E 159 -6.48 15.21 -7.21
CA PRO E 159 -5.58 16.37 -7.03
C PRO E 159 -6.01 17.32 -5.92
N SER E 160 -7.32 17.52 -5.74
CA SER E 160 -7.78 18.44 -4.71
C SER E 160 -7.54 17.89 -3.31
N LEU E 161 -7.24 16.60 -3.19
CA LEU E 161 -7.00 15.98 -1.91
C LEU E 161 -5.60 16.23 -1.37
N ALA E 162 -4.69 16.73 -2.21
CA ALA E 162 -3.30 16.93 -1.83
C ALA E 162 -2.81 18.29 -2.29
N TRP E 163 -3.62 19.31 -2.06
CA TRP E 163 -3.27 20.66 -2.49
C TRP E 163 -2.09 21.24 -1.71
N ASP E 164 -1.70 20.62 -0.60
CA ASP E 164 -0.61 21.11 0.22
C ASP E 164 0.73 20.45 -0.11
N CYS E 165 0.77 19.58 -1.11
CA CYS E 165 2.00 18.86 -1.45
C CYS E 165 2.84 19.68 -2.41
N TYR E 166 4.10 19.87 -2.06
CA TYR E 166 5.03 20.61 -2.89
C TYR E 166 6.38 19.91 -2.89
N ALA E 167 7.14 20.15 -3.95
CA ALA E 167 8.55 19.74 -4.01
C ALA E 167 9.36 20.99 -4.33
N ARG E 168 10.28 21.34 -3.45
CA ARG E 168 11.05 22.57 -3.59
C ARG E 168 12.53 22.24 -3.65
N ILE E 169 13.31 23.21 -4.12
CA ILE E 169 14.76 23.04 -4.27
C ILE E 169 15.44 24.27 -3.70
N PHE E 170 16.61 24.06 -3.10
CA PHE E 170 17.47 25.15 -2.69
C PHE E 170 18.91 24.70 -2.83
N THR E 171 19.82 25.67 -2.94
CA THR E 171 21.21 25.37 -3.16
C THR E 171 22.08 26.51 -2.64
N GLY E 172 23.28 26.16 -2.18
CA GLY E 172 24.28 27.14 -1.82
C GLY E 172 25.09 27.66 -2.99
N ASP E 173 24.85 27.12 -4.18
CA ASP E 173 25.50 27.59 -5.40
C ASP E 173 24.68 28.73 -5.98
N ASP E 174 25.27 29.92 -6.04
CA ASP E 174 24.52 31.11 -6.44
C ASP E 174 24.13 31.06 -7.91
N GLU E 175 25.09 30.71 -8.78
CA GLU E 175 24.81 30.71 -10.22
C GLU E 175 23.74 29.67 -10.56
N LEU E 176 23.87 28.46 -10.00
CA LEU E 176 22.84 27.46 -10.22
C LEU E 176 21.50 27.93 -9.65
N ALA E 177 21.53 28.63 -8.52
CA ALA E 177 20.29 29.10 -7.92
C ALA E 177 19.57 30.09 -8.83
N ASP E 178 20.31 31.02 -9.43
CA ASP E 178 19.66 31.98 -10.31
C ASP E 178 19.39 31.41 -11.70
N GLU E 179 19.99 30.29 -12.06
CA GLU E 179 19.64 29.63 -13.31
C GLU E 179 18.40 28.76 -13.20
N LEU E 180 17.96 28.46 -11.99
CA LEU E 180 16.82 27.57 -11.77
C LEU E 180 15.51 28.35 -11.81
N ASP E 181 14.43 27.62 -12.01
CA ASP E 181 13.11 28.24 -12.03
C ASP E 181 12.71 28.70 -10.63
N SER E 182 12.19 29.93 -10.55
CA SER E 182 11.78 30.49 -9.28
C SER E 182 10.41 29.98 -8.83
N ARG E 183 9.72 29.21 -9.66
CA ARG E 183 8.43 28.67 -9.27
C ARG E 183 8.56 27.73 -8.10
N PHE E 184 9.63 26.93 -8.06
CA PHE E 184 9.84 25.91 -7.05
C PHE E 184 11.26 25.98 -6.50
N LEU E 185 11.69 27.18 -6.13
CA LEU E 185 12.99 27.40 -5.52
C LEU E 185 12.82 28.14 -4.20
N ILE E 186 13.56 27.70 -3.18
CA ILE E 186 13.64 28.39 -1.90
C ILE E 186 14.88 29.27 -1.95
N ASP E 187 14.69 30.56 -2.19
CA ASP E 187 15.81 31.48 -2.39
C ASP E 187 16.37 31.91 -1.04
N ILE E 188 17.58 31.45 -0.73
CA ILE E 188 18.22 31.82 0.52
C ILE E 188 18.53 33.31 0.55
N ASN E 189 18.91 33.88 -0.59
CA ASN E 189 19.35 35.27 -0.63
C ASN E 189 18.21 36.22 -0.28
N LYS E 190 17.00 35.96 -0.77
CA LYS E 190 15.89 36.88 -0.56
C LYS E 190 15.04 36.50 0.64
N LEU E 191 15.30 35.37 1.29
CA LEU E 191 14.55 34.99 2.48
C LEU E 191 15.29 35.32 3.77
N PHE E 192 16.61 35.45 3.72
CA PHE E 192 17.42 35.69 4.90
C PHE E 192 18.14 37.02 4.78
N PRO E 193 18.49 37.65 5.90
CA PRO E 193 19.36 38.83 5.85
C PRO E 193 20.72 38.47 5.28
N GLU E 194 21.47 39.51 4.90
CA GLU E 194 22.71 39.30 4.15
C GLU E 194 23.71 38.46 4.92
N GLU E 195 23.98 38.82 6.18
CA GLU E 195 24.96 38.07 6.96
C GLU E 195 24.48 36.66 7.26
N GLN E 196 23.20 36.50 7.59
CA GLN E 196 22.65 35.18 7.82
C GLN E 196 22.70 34.34 6.55
N ALA E 197 22.38 34.94 5.41
CA ALA E 197 22.44 34.21 4.15
C ALA E 197 23.87 33.77 3.84
N GLU E 198 24.85 34.65 4.08
CA GLU E 198 26.24 34.27 3.85
C GLU E 198 26.65 33.12 4.76
N THR E 199 26.29 33.19 6.04
CA THR E 199 26.64 32.12 6.97
C THR E 199 26.01 30.80 6.56
N LEU E 200 24.73 30.85 6.16
CA LEU E 200 24.04 29.62 5.76
C LEU E 200 24.62 29.04 4.48
N LYS E 201 24.99 29.90 3.53
CA LYS E 201 25.59 29.41 2.30
C LYS E 201 26.96 28.79 2.56
N ALA E 202 27.74 29.41 3.45
CA ALA E 202 29.04 28.84 3.80
C ALA E 202 28.87 27.50 4.50
N ALA E 203 27.90 27.39 5.40
CA ALA E 203 27.67 26.13 6.10
C ALA E 203 27.17 25.05 5.16
N ILE E 204 26.25 25.40 4.26
CA ILE E 204 25.68 24.43 3.33
C ILE E 204 26.73 23.98 2.33
N GLY E 205 27.45 24.94 1.75
CA GLY E 205 28.42 24.64 0.72
C GLY E 205 27.88 24.94 -0.66
N LYS E 206 28.43 24.29 -1.69
CA LYS E 206 28.00 24.48 -3.06
C LYS E 206 27.11 23.32 -3.52
N LYS E 207 26.28 22.81 -2.62
CA LYS E 207 25.47 21.63 -2.87
C LYS E 207 24.00 22.00 -3.06
N THR E 208 23.29 21.11 -3.71
CA THR E 208 21.87 21.30 -4.04
C THR E 208 21.03 20.30 -3.26
N TYR E 209 19.92 20.79 -2.71
CA TYR E 209 19.02 19.97 -1.92
C TYR E 209 17.59 20.19 -2.39
N GLN E 210 16.79 19.12 -2.34
CA GLN E 210 15.37 19.20 -2.64
C GLN E 210 14.58 18.89 -1.38
N VAL E 211 13.53 19.66 -1.16
CA VAL E 211 12.62 19.47 -0.03
C VAL E 211 11.31 18.90 -0.57
N SER E 212 10.86 17.80 0.01
CA SER E 212 9.61 17.18 -0.39
C SER E 212 8.61 17.31 0.75
N ARG E 213 7.47 17.92 0.47
CA ARG E 213 6.38 18.03 1.43
C ARG E 213 5.30 17.03 1.01
N VAL E 214 5.33 15.86 1.61
CA VAL E 214 4.30 14.85 1.38
C VAL E 214 2.96 15.42 1.79
N PRO E 215 1.85 15.11 1.11
CA PRO E 215 0.56 15.67 1.51
C PRO E 215 0.20 15.29 2.93
N SER E 216 -0.53 16.19 3.60
CA SER E 216 -0.87 15.97 5.01
C SER E 216 -1.72 14.73 5.19
N LEU E 217 -2.64 14.46 4.24
CA LEU E 217 -3.52 13.31 4.36
C LEU E 217 -2.75 12.01 4.51
N VAL E 218 -1.58 11.91 3.87
CA VAL E 218 -0.78 10.69 3.97
C VAL E 218 -0.34 10.46 5.40
N GLY E 219 0.10 11.52 6.08
CA GLY E 219 0.47 11.39 7.47
C GLY E 219 -0.72 11.20 8.39
N ARG E 220 -1.88 11.73 8.01
CA ARG E 220 -3.08 11.52 8.81
C ARG E 220 -3.49 10.04 8.79
N VAL E 221 -3.58 9.45 7.60
CA VAL E 221 -4.03 8.07 7.50
C VAL E 221 -2.97 7.12 8.07
N CYS E 222 -1.73 7.31 7.68
CA CYS E 222 -0.62 6.46 8.08
C CYS E 222 0.11 7.08 9.28
N ASP E 223 1.33 6.65 9.53
CA ASP E 223 2.15 7.20 10.60
C ASP E 223 3.22 8.12 10.01
N GLY E 224 4.17 8.53 10.84
CA GLY E 224 5.25 9.40 10.40
C GLY E 224 6.33 8.70 9.60
N GLY E 225 6.48 7.39 9.75
CA GLY E 225 7.45 6.66 8.97
C GLY E 225 7.06 6.43 7.53
N THR E 226 5.83 6.80 7.16
CA THR E 226 5.39 6.70 5.77
C THR E 226 5.99 7.81 4.92
N ILE E 227 6.34 8.93 5.53
CA ILE E 227 6.75 10.12 4.78
C ILE E 227 8.02 9.86 4.00
N SER E 228 9.02 9.27 4.64
CA SER E 228 10.29 9.02 3.98
C SER E 228 10.13 8.07 2.81
N ARG E 229 9.36 7.00 3.00
CA ARG E 229 9.15 6.03 1.93
C ARG E 229 8.40 6.66 0.76
N TRP E 230 7.37 7.45 1.04
CA TRP E 230 6.63 8.13 -0.01
C TRP E 230 7.54 9.06 -0.80
N SER E 231 8.34 9.85 -0.10
CA SER E 231 9.27 10.75 -0.76
C SER E 231 10.27 10.00 -1.61
N ALA E 232 10.84 8.92 -1.08
CA ALA E 232 11.85 8.17 -1.83
C ALA E 232 11.26 7.55 -3.09
N MET E 233 10.07 6.94 -2.98
CA MET E 233 9.47 6.31 -4.15
C MET E 233 9.17 7.34 -5.23
N GLN E 234 8.57 8.47 -4.85
CA GLN E 234 8.24 9.48 -5.85
C GLN E 234 9.50 10.09 -6.46
N ILE E 235 10.55 10.28 -5.65
CA ILE E 235 11.79 10.83 -6.18
C ILE E 235 12.41 9.88 -7.20
N GLY E 236 12.42 8.59 -6.90
CA GLY E 236 12.94 7.63 -7.86
C GLY E 236 12.17 7.59 -9.16
N MET E 237 10.83 7.57 -9.06
CA MET E 237 10.02 7.59 -10.27
C MET E 237 10.27 8.83 -11.10
N SER E 238 10.33 10.00 -10.46
CA SER E 238 10.54 11.23 -11.18
C SER E 238 11.92 11.28 -11.81
N PHE E 239 12.93 10.74 -11.13
CA PHE E 239 14.27 10.75 -11.69
C PHE E 239 14.37 9.84 -12.92
N ILE E 240 13.74 8.66 -12.87
CA ILE E 240 13.81 7.79 -14.05
C ILE E 240 12.84 8.21 -15.14
N THR E 241 11.89 9.10 -14.86
CA THR E 241 10.99 9.61 -15.88
C THR E 241 11.55 10.85 -16.58
N ALA E 242 12.12 11.79 -15.81
CA ALA E 242 12.66 13.01 -16.37
C ALA E 242 13.88 12.72 -17.25
N TYR E 243 14.91 12.11 -16.67
CA TYR E 243 16.09 11.73 -17.42
C TYR E 243 15.85 10.37 -18.07
N LYS E 244 15.93 10.32 -19.39
CA LYS E 244 15.81 9.06 -20.12
C LYS E 244 17.19 8.45 -20.25
N LEU E 245 17.35 7.21 -19.77
CA LEU E 245 18.65 6.57 -19.63
C LEU E 245 18.64 5.21 -20.31
N CYS E 246 19.73 4.90 -21.00
CA CYS E 246 19.86 3.64 -21.75
C CYS E 246 20.81 2.66 -21.08
N ALA E 247 21.24 2.95 -19.86
CA ALA E 247 22.09 2.02 -19.13
C ALA E 247 21.27 0.85 -18.60
N GLY E 248 21.96 -0.12 -18.01
CA GLY E 248 21.31 -1.32 -17.52
C GLY E 248 20.52 -1.07 -16.25
N GLU E 249 20.05 -2.18 -15.67
CA GLU E 249 19.25 -2.09 -14.45
C GLU E 249 20.11 -2.02 -13.19
N ALA E 250 21.32 -2.58 -13.20
CA ALA E 250 22.19 -2.49 -12.03
C ALA E 250 22.66 -1.05 -11.81
N ALA E 251 23.06 -0.38 -12.89
CA ALA E 251 23.40 1.03 -12.81
C ALA E 251 22.22 1.84 -12.30
N THR E 252 21.01 1.42 -12.64
CA THR E 252 19.83 2.08 -12.08
C THR E 252 19.73 1.85 -10.58
N ALA E 253 20.16 0.69 -10.08
CA ALA E 253 20.15 0.48 -8.63
C ALA E 253 21.17 1.38 -7.93
N ASP E 254 22.36 1.51 -8.51
CA ASP E 254 23.34 2.44 -7.95
C ASP E 254 22.80 3.87 -7.96
N PHE E 255 22.15 4.26 -9.05
CA PHE E 255 21.57 5.59 -9.12
C PHE E 255 20.46 5.76 -8.10
N SER E 256 19.66 4.73 -7.88
CA SER E 256 18.58 4.81 -6.91
C SER E 256 19.14 5.04 -5.51
N TYR E 257 20.19 4.30 -5.14
CA TYR E 257 20.83 4.57 -3.86
C TYR E 257 21.32 6.00 -3.79
N ALA E 258 22.01 6.46 -4.84
CA ALA E 258 22.55 7.81 -4.82
C ALA E 258 21.46 8.86 -4.73
N SER E 259 20.27 8.58 -5.27
CA SER E 259 19.24 9.60 -5.40
C SER E 259 18.28 9.65 -4.22
N LYS E 260 18.01 8.51 -3.58
CA LYS E 260 16.99 8.54 -2.50
C LYS E 260 17.41 7.70 -1.28
N MHS E 261 18.69 7.36 -1.16
CA MHS E 261 19.15 6.63 0.06
C MHS E 261 20.54 7.12 0.49
O MHS E 261 21.20 6.38 1.23
CB MHS E 261 19.19 5.12 -0.19
CG MHS E 261 18.00 4.55 -0.91
ND1 MHS E 261 16.79 4.25 -0.27
CD2 MHS E 261 17.84 4.20 -2.22
CE1 MHS E 261 15.98 3.74 -1.24
NE2 MHS E 261 16.56 3.70 -2.41
CM MHS E 261 16.48 4.44 1.14
N ALA E 262 20.95 8.32 0.07
CA ALA E 262 22.32 8.78 0.38
C ALA E 262 22.31 9.99 1.31
N ASP E 263 21.76 11.12 0.87
CA ASP E 263 21.80 12.35 1.66
C ASP E 263 20.40 12.74 2.13
N VAL E 264 19.70 11.79 2.74
CA VAL E 264 18.37 12.04 3.26
C VAL E 264 18.48 12.61 4.67
N ILE E 265 17.77 13.71 4.92
CA ILE E 265 17.68 14.31 6.24
C ILE E 265 16.25 14.19 6.73
N GLN E 266 16.06 13.52 7.86
CA GLN E 266 14.76 13.33 8.47
C GLN E 266 14.57 14.29 9.63
N MET E 267 13.32 14.56 9.97
CA MET E 267 13.03 15.46 11.08
C MET E 267 13.29 14.78 12.41
N GLY E 268 12.93 13.51 12.55
CA GLY E 268 13.14 12.80 13.78
C GLY E 268 13.58 11.38 13.52
N ASN E 269 14.18 10.78 14.54
CA ASN E 269 14.65 9.40 14.48
C ASN E 269 13.63 8.46 15.10
N ALA E 270 13.84 7.17 14.86
CA ALA E 270 12.98 6.16 15.45
C ALA E 270 13.31 5.97 16.91
N LEU E 271 12.29 5.57 17.69
CA LEU E 271 12.50 5.43 19.12
C LEU E 271 12.47 3.97 19.55
N PRO E 272 13.27 3.60 20.53
CA PRO E 272 13.35 2.20 20.95
C PRO E 272 12.45 1.87 22.13
N GLY E 273 12.38 0.59 22.48
CA GLY E 273 11.74 0.19 23.73
C GLY E 273 10.25 0.40 23.71
N ARG E 274 9.72 0.86 24.85
CA ARG E 274 8.26 1.10 24.98
C ARG E 274 7.83 2.31 24.17
N AGM E 275 8.79 3.13 23.72
CA AGM E 275 8.45 4.31 22.88
CB AGM E 275 9.41 5.46 23.17
CG AGM E 275 9.23 6.11 24.52
CD AGM E 275 10.46 6.90 24.99
CE2 AGM E 275 10.54 8.25 24.31
NE1 AGM E 275 11.68 6.13 24.74
CZ AGM E 275 12.06 5.03 25.37
NH1 AGM E 275 11.58 4.75 26.57
NH2 AGM E 275 12.93 4.20 24.80
C AGM E 275 8.51 3.91 21.41
O AGM E 275 8.55 4.81 20.56
N ALA E 276 8.49 2.60 21.12
CA ALA E 276 8.58 2.10 19.73
C ALA E 276 7.82 3.10 18.86
N ARG E 277 8.51 3.71 17.89
CA ARG E 277 7.86 4.61 16.95
C ARG E 277 8.80 4.69 15.75
N GLY E 278 8.23 5.06 14.61
CA GLY E 278 9.02 5.29 13.43
C GLY E 278 9.66 6.66 13.44
N PRO E 279 10.34 6.98 12.35
CA PRO E 279 10.91 8.33 12.21
C PRO E 279 9.81 9.35 12.00
N ASN E 280 10.21 10.62 12.05
CA ASN E 280 9.32 11.76 11.85
C ASN E 280 8.15 11.74 12.84
N GLU E 281 8.44 11.32 14.06
CA GLU E 281 7.51 11.42 15.18
C GLU E 281 8.04 12.42 16.19
N PRO E 282 7.19 13.11 16.94
CA PRO E 282 7.67 14.25 17.74
C PRO E 282 8.64 13.86 18.83
N GLY E 283 8.70 12.58 19.21
CA GLY E 283 9.64 12.14 20.21
C GLY E 283 11.06 11.96 19.72
N GLY E 284 11.28 11.99 18.41
CA GLY E 284 12.60 11.87 17.85
C GLY E 284 13.22 13.18 17.42
N ILE E 285 12.53 14.29 17.57
CA ILE E 285 13.02 15.59 17.13
C ILE E 285 13.90 16.16 18.23
N ARG E 286 15.18 16.40 17.90
CA ARG E 286 16.10 16.98 18.85
C ARG E 286 15.79 18.46 19.06
N PHE E 287 16.28 18.99 20.19
CA PHE E 287 15.97 20.37 20.54
C PHE E 287 16.58 21.36 19.55
N GLY E 288 17.80 21.08 19.08
CA GLY E 288 18.39 21.93 18.06
C GLY E 288 17.61 21.90 16.77
N ILE E 289 17.09 20.74 16.39
CA ILE E 289 16.29 20.63 15.17
C ILE E 289 15.04 21.47 15.28
N LEU E 290 14.37 21.43 16.43
CA LEU E 290 13.17 22.25 16.61
C LEU E 290 13.51 23.72 16.65
N SER E 291 14.66 24.09 17.21
CA SER E 291 15.09 25.49 17.17
C SER E 291 15.31 25.93 15.73
N ASP E 292 15.87 25.05 14.90
CA ASP E 292 16.09 25.38 13.50
C ASP E 292 14.78 25.43 12.71
N VAL E 293 13.78 24.66 13.14
CA VAL E 293 12.49 24.67 12.46
C VAL E 293 11.85 26.05 12.59
N VAL E 294 11.88 26.62 13.79
CA VAL E 294 11.29 27.94 14.02
C VAL E 294 12.15 29.00 13.35
N GLN E 295 11.51 29.87 12.59
CA GLN E 295 12.21 30.91 11.84
C GLN E 295 11.82 32.28 12.39
N THR E 296 12.42 32.65 13.52
CA THR E 296 12.33 33.99 14.04
C THR E 296 13.67 34.70 14.02
N THR E 297 14.77 33.96 13.93
CA THR E 297 16.08 34.54 13.67
C THR E 297 16.10 35.27 12.33
N ARG E 298 15.20 34.92 11.41
CA ARG E 298 15.14 35.60 10.13
C ARG E 298 14.56 37.00 10.27
N VAL E 299 13.49 37.15 11.04
CA VAL E 299 12.68 38.37 11.04
C VAL E 299 12.82 39.17 12.32
N SER E 300 13.65 38.73 13.27
CA SER E 300 13.79 39.44 14.53
C SER E 300 15.23 39.37 15.01
N GLU E 301 15.72 40.49 15.53
CA GLU E 301 17.04 40.56 16.13
C GLU E 301 17.01 40.48 17.64
N ASP E 302 15.83 40.36 18.24
CA ASP E 302 15.71 40.28 19.69
C ASP E 302 15.98 38.85 20.14
N PRO E 303 16.98 38.63 21.00
CA PRO E 303 17.27 37.25 21.41
C PRO E 303 16.19 36.64 22.27
N VAL E 304 15.56 37.44 23.14
CA VAL E 304 14.53 36.91 24.00
C VAL E 304 13.33 36.46 23.19
N GLU E 305 12.92 37.25 22.20
CA GLU E 305 11.80 36.86 21.35
C GLU E 305 12.13 35.60 20.56
N GLN E 306 13.38 35.50 20.07
CA GLN E 306 13.79 34.31 19.33
C GLN E 306 13.73 33.07 20.21
N SER E 307 14.13 33.18 21.47
CA SER E 307 14.05 32.04 22.36
C SER E 307 12.61 31.72 22.74
N LEU E 308 11.77 32.74 22.89
CA LEU E 308 10.41 32.52 23.35
C LEU E 308 9.52 31.93 22.26
N GLU E 309 9.80 32.25 21.00
CA GLU E 309 9.06 31.58 19.93
C GLU E 309 9.37 30.09 19.89
N VAL E 310 10.64 29.73 20.09
CA VAL E 310 11.00 28.33 20.17
C VAL E 310 10.38 27.68 21.41
N VAL E 311 10.29 28.43 22.51
CA VAL E 311 9.63 27.91 23.70
C VAL E 311 8.16 27.61 23.40
N ALA E 312 7.48 28.52 22.73
CA ALA E 312 6.06 28.32 22.41
C ALA E 312 5.88 27.12 21.51
N THR E 313 6.69 27.02 20.46
CA THR E 313 6.58 25.89 19.53
C THR E 313 6.90 24.58 20.23
N GLY E 314 7.94 24.56 21.06
CA GLY E 314 8.30 23.35 21.77
C GLY E 314 7.26 22.95 22.79
N ALA E 315 6.64 23.92 23.47
CA ALA E 315 5.55 23.60 24.37
C ALA E 315 4.40 22.97 23.60
N ALA E 316 3.93 23.65 22.55
CA ALA E 316 2.81 23.14 21.78
C ALA E 316 3.09 21.77 21.20
N LEU E 317 4.32 21.49 20.80
CA LEU E 317 4.62 20.17 20.26
C LEU E 317 4.82 19.15 21.37
N TYR E 318 5.89 19.32 22.14
CA TYR E 318 6.29 18.30 23.12
C TYR E 318 5.25 18.13 24.22
N ASP E 319 4.85 19.22 24.87
CA ASP E 319 3.94 19.07 26.00
C ASP E 319 2.54 18.70 25.56
N GLN E 320 2.02 19.38 24.55
CA GLN E 320 0.65 19.07 24.15
C GLN E 320 0.60 17.81 23.29
N ILE E 321 1.14 17.85 22.08
CA ILE E 321 0.90 16.74 21.17
C ILE E 321 1.64 15.50 21.67
N TRP E 322 2.96 15.56 21.68
CA TRP E 322 3.78 14.40 22.03
C TRP E 322 3.37 13.80 23.36
N LEU E 323 3.50 14.58 24.44
CA LEU E 323 3.25 14.01 25.76
C LEU E 323 1.78 13.80 26.06
N GLY E 324 0.91 14.79 25.78
CA GLY E 324 -0.46 14.66 26.23
C GLY E 324 -1.31 13.81 25.31
N ALA E 325 -0.81 13.46 24.13
CA ALA E 325 -1.54 12.52 23.28
C ALA E 325 -0.72 11.28 22.95
N TYR E 326 0.46 11.45 22.35
CA TYR E 326 1.24 10.30 21.92
C TYR E 326 1.60 9.40 23.08
N MET E 327 1.82 9.98 24.27
CA MET E 327 2.34 9.26 25.41
C MET E 327 1.34 9.07 26.54
N SER E 328 0.38 9.99 26.69
CA SER E 328 -0.66 9.81 27.70
C SER E 328 -2.05 9.69 27.09
N GLY E 329 -2.53 10.72 26.39
CA GLY E 329 -3.89 10.72 25.90
C GLY E 329 -4.88 11.19 26.94
N GLY E 330 -6.09 11.47 26.48
CA GLY E 330 -7.13 11.99 27.35
C GLY E 330 -7.39 13.45 27.11
N ILE E 331 -7.73 14.19 28.18
CA ILE E 331 -7.92 15.63 28.06
C ILE E 331 -6.61 16.29 27.66
N GLY E 332 -5.52 15.89 28.28
CA GLY E 332 -4.20 16.29 27.84
C GLY E 332 -3.52 17.25 28.78
N PHE E 333 -2.34 17.68 28.36
CA PHE E 333 -1.47 18.57 29.11
C PHE E 333 -1.41 19.94 28.50
N THR E 334 -2.56 20.46 28.06
CA THR E 334 -2.60 21.79 27.48
C THR E 334 -2.24 22.85 28.50
N GLN E 335 -2.44 22.54 29.79
CA GLN E 335 -2.42 23.61 30.76
C GLN E 335 -0.99 24.12 30.78
N TYR E 336 -0.10 23.14 30.92
CA TYR E 336 1.31 23.30 31.19
C TYR E 336 1.98 24.04 30.08
N ALA E 337 1.60 23.72 28.84
CA ALA E 337 2.15 24.35 27.66
C ALA E 337 1.63 25.76 27.49
N THR E 338 0.33 25.98 27.67
CA THR E 338 -0.18 27.35 27.55
C THR E 338 0.46 28.26 28.58
N ALA E 339 0.84 27.72 29.74
CA ALA E 339 1.48 28.57 30.75
C ALA E 339 2.77 29.20 30.24
N SER E 340 3.42 28.60 29.26
CA SER E 340 4.68 29.13 28.76
C SER E 340 4.51 30.11 27.60
N TYR E 341 3.32 30.25 27.03
CA TYR E 341 3.15 31.19 25.93
C TYR E 341 1.84 31.96 25.93
N THR E 342 1.08 31.96 27.01
CA THR E 342 -0.22 32.64 26.98
C THR E 342 -0.11 34.11 27.40
N ASP E 343 0.29 34.37 28.64
CA ASP E 343 0.49 35.74 29.05
C ASP E 343 1.98 36.07 28.95
N ASP E 344 2.30 37.34 29.15
CA ASP E 344 3.68 37.77 29.00
C ASP E 344 4.45 37.54 30.29
N ILE E 345 4.05 36.52 31.05
CA ILE E 345 4.73 36.18 32.29
C ILE E 345 6.15 35.70 32.00
N LEU E 346 6.29 34.71 31.12
CA LEU E 346 7.62 34.26 30.74
C LEU E 346 8.36 35.34 29.98
N ASP E 347 7.65 36.14 29.18
CA ASP E 347 8.29 37.26 28.51
C ASP E 347 8.87 38.24 29.51
N ASP E 348 8.09 38.59 30.54
CA ASP E 348 8.61 39.52 31.55
C ASP E 348 9.81 38.93 32.29
N PHE E 349 9.73 37.66 32.67
CA PHE E 349 10.82 37.04 33.40
C PHE E 349 12.08 36.98 32.54
N SER E 350 11.94 36.62 31.26
CA SER E 350 13.10 36.51 30.38
C SER E 350 13.70 37.87 30.08
N TYR E 351 12.85 38.90 29.93
CA TYR E 351 13.38 40.23 29.70
C TYR E 351 14.14 40.73 30.93
N TYR E 352 13.64 40.42 32.13
CA TYR E 352 14.40 40.78 33.32
C TYR E 352 15.73 40.04 33.37
N ALA E 353 15.73 38.75 33.01
CA ALA E 353 16.98 37.98 33.01
C ALA E 353 17.99 38.57 32.03
N LEU E 354 17.53 38.92 30.82
CA LEU E 354 18.41 39.53 29.85
C LEU E 354 18.94 40.87 30.34
N ASP E 355 18.09 41.69 30.95
CA ASP E 355 18.54 42.97 31.46
C ASP E 355 19.58 42.80 32.55
N TYR E 356 19.35 41.86 33.46
CA TYR E 356 20.31 41.61 34.54
C TYR E 356 21.65 41.14 33.97
N VAL E 357 21.62 40.22 33.02
CA VAL E 357 22.87 39.72 32.43
C VAL E 357 23.60 40.84 31.70
N GLU E 358 22.87 41.65 30.93
CA GLU E 358 23.50 42.75 30.21
C GLU E 358 24.11 43.76 31.15
N LYS E 359 23.44 44.05 32.27
CA LYS E 359 23.98 45.02 33.20
C LYS E 359 25.19 44.48 33.95
N LYS E 360 25.21 43.19 34.25
CA LYS E 360 26.27 42.64 35.08
C LYS E 360 27.42 42.03 34.29
N TYR E 361 27.14 41.10 33.37
CA TYR E 361 28.18 40.37 32.68
C TYR E 361 28.38 40.79 31.23
N GLY E 362 27.44 41.53 30.65
CA GLY E 362 27.48 41.80 29.24
C GLY E 362 26.72 40.75 28.45
N ARG E 363 26.46 41.07 27.18
CA ARG E 363 25.61 40.21 26.36
C ARG E 363 26.20 38.81 26.22
N MET E 364 27.50 38.72 25.95
CA MET E 364 28.22 37.45 25.97
C MET E 364 29.59 37.64 26.58
N GLY E 365 29.67 38.41 27.66
CA GLY E 365 30.93 38.90 28.18
C GLY E 365 31.66 38.00 29.14
N THR E 366 31.20 36.78 29.36
CA THR E 366 31.86 35.90 30.32
C THR E 366 31.96 34.48 29.77
N LYS E 367 33.03 33.80 30.13
CA LYS E 367 33.13 32.37 29.88
C LYS E 367 32.28 31.61 30.90
N ALA E 368 31.77 30.45 30.48
CA ALA E 368 30.89 29.67 31.32
C ALA E 368 31.65 29.12 32.52
N THR E 369 31.39 29.69 33.69
CA THR E 369 31.90 29.18 34.96
C THR E 369 30.74 28.89 35.89
N MET E 370 31.03 28.17 36.96
CA MET E 370 29.97 27.81 37.90
C MET E 370 29.41 29.05 38.59
N ASP E 371 30.27 30.00 38.96
CA ASP E 371 29.81 31.15 39.73
C ASP E 371 28.78 31.98 38.97
N VAL E 372 29.02 32.23 37.68
CA VAL E 372 28.06 33.02 36.92
C VAL E 372 26.75 32.27 36.77
N VAL E 373 26.82 30.95 36.55
CA VAL E 373 25.60 30.15 36.47
C VAL E 373 24.80 30.30 37.75
N GLU E 374 25.46 30.11 38.89
CA GLU E 374 24.75 30.16 40.16
C GLU E 374 24.13 31.52 40.41
N ASP E 375 24.90 32.59 40.20
CA ASP E 375 24.36 33.90 40.57
C ASP E 375 23.25 34.35 39.63
N VAL E 376 23.41 34.13 38.32
CA VAL E 376 22.36 34.51 37.38
C VAL E 376 21.09 33.71 37.64
N ALA E 377 21.22 32.39 37.79
CA ALA E 377 20.04 31.56 38.01
C ALA E 377 19.35 31.93 39.32
N GLY E 378 20.13 32.15 40.38
CA GLY E 378 19.53 32.53 41.65
C GLY E 378 18.80 33.84 41.58
N GLU E 379 19.40 34.85 40.92
CA GLU E 379 18.76 36.15 40.83
C GLU E 379 17.46 36.06 40.06
N VAL E 380 17.47 35.37 38.91
CA VAL E 380 16.26 35.29 38.10
C VAL E 380 15.18 34.52 38.83
N THR E 381 15.55 33.42 39.51
CA THR E 381 14.56 32.65 40.25
C THR E 381 13.94 33.46 41.38
N LEU E 382 14.76 34.19 42.12
CA LEU E 382 14.23 35.00 43.21
C LEU E 382 13.28 36.06 42.68
N TYR E 383 13.65 36.71 41.57
CA TYR E 383 12.77 37.72 40.98
C TYR E 383 11.44 37.10 40.57
N ALA E 384 11.48 35.95 39.90
CA ALA E 384 10.24 35.33 39.44
C ALA E 384 9.35 34.93 40.61
N LEU E 385 9.95 34.36 41.65
CA LEU E 385 9.15 33.90 42.78
C LEU E 385 8.54 35.07 43.53
N GLU E 386 9.28 36.17 43.70
CA GLU E 386 8.65 37.30 44.36
C GLU E 386 7.59 37.96 43.48
N GLN E 387 7.74 37.87 42.15
CA GLN E 387 6.67 38.32 41.26
C GLN E 387 5.41 37.50 41.48
N TYR E 388 5.57 36.18 41.62
CA TYR E 388 4.41 35.35 41.96
C TYR E 388 3.83 35.74 43.31
N ASP E 389 4.70 36.07 44.26
CA ASP E 389 4.24 36.36 45.62
C ASP E 389 3.40 37.63 45.68
N ASP E 390 3.86 38.71 45.04
CA ASP E 390 3.20 40.00 45.26
C ASP E 390 2.09 40.31 44.26
N TYR E 391 1.74 39.36 43.39
CA TYR E 391 0.63 39.52 42.46
C TYR E 391 -0.29 38.30 42.60
N PRO E 392 -1.25 38.35 43.52
CA PRO E 392 -2.12 37.18 43.73
C PRO E 392 -2.85 36.73 42.48
N ALA E 393 -3.23 37.65 41.60
CA ALA E 393 -3.84 37.25 40.33
C ALA E 393 -2.90 36.42 39.49
N LEU E 394 -1.59 36.73 39.53
CA LEU E 394 -0.63 35.92 38.81
C LEU E 394 -0.57 34.50 39.35
N LEU E 395 -0.61 34.34 40.67
CA LEU E 395 -0.60 33.01 41.25
C LEU E 395 -1.88 32.26 40.93
N GLU E 396 -3.01 32.97 40.85
CA GLU E 396 -4.25 32.32 40.42
C GLU E 396 -4.19 31.91 38.96
N ASP E 397 -3.51 32.70 38.13
CA ASP E 397 -3.39 32.37 36.71
C ASP E 397 -2.55 31.12 36.50
N HIS E 398 -1.41 31.03 37.18
CA HIS E 398 -0.58 29.83 37.15
C HIS E 398 -0.85 29.01 38.42
N PHE E 399 -2.00 28.34 38.43
CA PHE E 399 -2.45 27.69 39.65
C PHE E 399 -1.64 26.43 39.96
N GLY E 400 -1.15 25.72 38.94
CA GLY E 400 -0.37 24.54 39.19
C GLY E 400 1.09 24.88 39.50
N GLY E 401 1.68 24.09 40.39
CA GLY E 401 3.07 24.32 40.75
C GLY E 401 4.04 24.08 39.60
N SER E 402 3.72 23.12 38.74
CA SER E 402 4.58 22.78 37.61
C SER E 402 4.74 23.95 36.66
N MGN E 403 3.62 24.57 36.31
CA MGN E 403 3.60 25.67 35.34
CB1 MGN E 403 2.22 26.29 35.04
CB2 MGN E 403 4.18 25.25 33.99
CG MGN E 403 1.08 25.95 35.96
CD MGN E 403 -0.23 25.98 35.21
OE1 MGN E 403 -0.78 27.03 34.88
NE2 MGN E 403 -0.78 24.78 34.88
C MGN E 403 4.41 26.86 35.84
O MGN E 403 4.98 27.65 35.10
N ARG E 404 4.47 27.00 37.17
CA ARG E 404 5.25 28.07 37.78
C ARG E 404 6.72 27.73 37.75
N ALA E 405 7.02 26.50 38.16
CA ALA E 405 8.40 26.04 38.20
C ALA E 405 9.03 26.10 36.82
N ALA E 406 8.31 25.63 35.80
CA ALA E 406 8.86 25.62 34.45
C ALA E 406 9.14 27.02 33.95
N VAL E 407 8.23 27.96 34.21
CA VAL E 407 8.42 29.32 33.73
C VAL E 407 9.63 29.98 34.41
N ALA E 408 9.71 29.87 35.73
CA ALA E 408 10.84 30.48 36.42
C ALA E 408 12.17 29.84 35.99
N ALA E 409 12.19 28.51 35.86
CA ALA E 409 13.43 27.85 35.48
C ALA E 409 13.81 28.15 34.03
N ALA E 410 12.82 28.30 33.15
CA ALA E 410 13.11 28.68 31.77
C ALA E 410 13.71 30.08 31.72
N ALA E 411 13.17 31.01 32.51
CA ALA E 411 13.77 32.34 32.56
C ALA E 411 15.21 32.27 33.03
N SER E 412 15.48 31.47 34.08
CA SER E 412 16.84 31.36 34.59
C SER E 412 17.78 30.75 33.56
N GLY E 413 17.34 29.70 32.87
CA GLY E 413 18.18 29.07 31.87
C GLY E 413 18.46 29.97 30.69
N ILE E 414 17.46 30.72 30.26
CA ILE E 414 17.66 31.68 29.16
C ILE E 414 18.64 32.76 29.59
N GLY E 415 18.53 33.23 30.84
CA GLY E 415 19.49 34.20 31.32
C GLY E 415 20.91 33.67 31.34
N VAL E 416 21.09 32.44 31.81
CA VAL E 416 22.44 31.88 31.86
C VAL E 416 22.99 31.67 30.44
N CYS E 417 22.15 31.20 29.53
CA CYS E 417 22.59 31.02 28.14
C CYS E 417 22.94 32.35 27.50
N MET E 418 22.21 33.41 27.82
CA MET E 418 22.60 34.74 27.36
C MET E 418 23.97 35.10 27.89
N ALA E 419 24.20 34.90 29.19
CA ALA E 419 25.46 35.32 29.79
C ALA E 419 26.64 34.56 29.19
N THR E 420 26.51 33.26 28.99
CA THR E 420 27.66 32.44 28.62
C THR E 420 27.66 31.93 27.19
N GLY E 421 26.49 31.79 26.56
CA GLY E 421 26.43 31.22 25.23
C GLY E 421 26.56 29.71 25.17
N ASN E 422 26.55 29.03 26.31
CA ASN E 422 26.65 27.59 26.38
C ASN E 422 25.31 27.02 26.81
N SER E 423 24.80 26.04 26.07
CA SER E 423 23.47 25.50 26.35
C SER E 423 23.46 24.63 27.60
N ASN E 424 24.56 23.90 27.84
CA ASN E 424 24.62 23.07 29.04
C ASN E 424 24.71 23.90 30.30
N ALA E 425 25.39 25.05 30.23
CA ALA E 425 25.35 25.99 31.34
C ALA E 425 23.94 26.50 31.58
N GLY E 426 23.20 26.76 30.51
CA GLY E 426 21.81 27.19 30.66
C GLY E 426 20.95 26.14 31.32
N VAL E 427 21.12 24.87 30.94
CA VAL E 427 20.33 23.82 31.57
C VAL E 427 20.75 23.63 33.03
N ASN E 428 22.03 23.82 33.34
CA ASN E 428 22.47 23.79 34.73
C ASN E 428 21.79 24.88 35.54
N GLY E 429 21.69 26.09 34.97
CA GLY E 429 20.96 27.15 35.63
C GLY E 429 19.49 26.82 35.82
N TRP E 430 18.89 26.15 34.83
CA TRP E 430 17.52 25.68 34.97
C TRP E 430 17.36 24.78 36.20
N TYR E 431 18.28 23.83 36.36
CA TYR E 431 18.17 22.89 37.49
C TYR E 431 18.39 23.57 38.82
N LEU E 432 19.36 24.49 38.89
CA LEU E 432 19.54 25.25 40.12
C LEU E 432 18.30 26.06 40.46
N SER E 433 17.68 26.66 39.43
CA SER E 433 16.44 27.38 39.65
C SER E 433 15.36 26.47 40.21
N GLN E 434 15.29 25.24 39.71
CA GLN E 434 14.25 24.32 40.18
C GLN E 434 14.42 24.00 41.66
N ILE E 435 15.64 23.67 42.09
CA ILE E 435 15.79 23.33 43.50
C ILE E 435 15.65 24.56 44.39
N LEU E 436 16.08 25.73 43.91
CA LEU E 436 15.88 26.95 44.69
C LEU E 436 14.40 27.28 44.82
N HIS E 437 13.63 27.07 43.76
CA HIS E 437 12.17 27.22 43.82
C HIS E 437 11.57 26.29 44.86
N LYS E 438 12.02 25.03 44.86
CA LYS E 438 11.50 24.07 45.82
C LYS E 438 11.76 24.52 47.25
N GLU E 439 12.97 25.02 47.52
CA GLU E 439 13.26 25.49 48.88
C GLU E 439 12.52 26.77 49.21
N TYR E 440 12.27 27.62 48.22
CA TYR E 440 11.60 28.90 48.46
C TYR E 440 10.14 28.67 48.84
N HIS E 441 9.37 28.02 47.97
CA HIS E 441 7.94 27.92 48.20
C HIS E 441 7.53 26.63 48.91
N SER E 442 8.50 25.78 49.29
CA SER E 442 8.19 24.48 49.88
C SER E 442 7.26 23.69 48.97
N ARG E 443 7.50 23.78 47.67
CA ARG E 443 6.60 23.25 46.66
C ARG E 443 7.36 23.09 45.36
N LEU E 444 6.83 22.24 44.50
CA LEU E 444 7.29 22.08 43.13
C LEU E 444 6.10 21.62 42.30
N GLY E 445 6.35 20.95 41.20
CA GLY E 445 5.27 20.46 40.37
C GLY E 445 4.50 19.31 40.96
N PHE E 446 4.00 18.41 40.11
CA PHE E 446 3.19 17.28 40.55
C PHE E 446 4.11 16.22 41.17
N TYR E 447 3.53 15.07 41.52
CA TYR E 447 4.31 13.92 42.04
C TYR E 447 5.63 13.47 41.46
CA GL3 E 448 6.92 13.11 39.48
N GL3 E 448 5.76 13.57 40.15
C GL3 E 448 7.41 14.13 38.48
S GL3 E 448 8.71 13.43 37.61
N TYR E 449 7.34 15.39 38.89
CA TYR E 449 7.71 16.48 38.02
C TYR E 449 9.22 16.67 38.03
N ASP E 450 9.83 16.46 39.19
CA ASP E 450 11.26 16.72 39.36
C ASP E 450 12.10 15.46 39.39
N LEU E 451 11.74 14.44 38.61
CA LEU E 451 12.67 13.33 38.41
C LEU E 451 13.93 13.81 37.74
N GLN E 452 13.78 14.59 36.66
CA GLN E 452 14.92 15.05 35.90
C GLN E 452 15.56 16.30 36.49
N ASP E 453 14.92 16.94 37.46
CA ASP E 453 15.49 18.14 38.07
C ASP E 453 16.38 17.82 39.26
N GLN E 454 16.19 16.63 39.84
CA GLN E 454 17.12 16.18 40.91
C GLN E 454 18.29 15.48 40.23
N SMC E 455 18.02 14.79 39.10
CA SMC E 455 19.08 14.09 38.34
CB SMC E 455 18.40 13.12 37.40
SG SMC E 455 18.44 11.38 37.87
CS SMC E 455 16.72 10.93 37.65
C SMC E 455 19.82 15.07 37.44
O SMC E 455 20.94 14.75 37.02
N GLY E 456 19.21 16.22 37.13
CA GLY E 456 19.79 17.18 36.17
C GLY E 456 21.15 17.73 36.54
N ALA E 457 21.30 18.32 37.72
CA ALA E 457 22.57 18.98 38.01
C ALA E 457 23.74 18.04 37.71
N SER E 458 23.61 16.77 38.06
CA SER E 458 24.70 15.83 37.82
C SER E 458 24.82 15.45 36.35
N ASN E 459 23.72 15.49 35.61
CA ASN E 459 23.72 15.09 34.22
C ASN E 459 23.92 16.25 33.26
N SER E 460 23.95 17.49 33.74
CA SER E 460 24.06 18.62 32.84
C SER E 460 25.43 18.67 32.17
N LEU E 461 26.49 18.48 32.94
CA LEU E 461 27.86 18.53 32.43
C LEU E 461 28.53 17.16 32.47
N ALA E 462 27.76 16.09 32.52
CA ALA E 462 28.32 14.75 32.62
C ALA E 462 29.04 14.38 31.33
N ILE E 463 29.89 13.37 31.42
CA ILE E 463 30.61 12.83 30.28
C ILE E 463 30.37 11.34 30.11
N ARG E 464 29.41 10.78 30.83
CA ARG E 464 29.10 9.36 30.71
C ARG E 464 28.22 9.10 29.50
N ASN E 465 28.16 7.84 29.10
CA ASN E 465 27.60 7.50 27.79
C ASN E 465 26.13 7.87 27.68
N ASP E 466 25.32 7.44 28.64
CA ASP E 466 23.89 7.71 28.59
C ASP E 466 23.49 9.00 29.30
N GLU E 467 24.46 9.75 29.83
CA GLU E 467 24.17 11.00 30.51
C GLU E 467 24.65 12.23 29.76
N ALA E 468 25.68 12.09 28.93
CA ALA E 468 26.29 13.23 28.27
C ALA E 468 25.64 13.48 26.92
N ALA E 469 25.34 14.73 26.63
CA ALA E 469 24.95 15.20 25.31
C ALA E 469 24.85 16.72 25.35
N PRO E 470 25.25 17.41 24.29
CA PRO E 470 24.90 18.83 24.20
C PRO E 470 23.40 19.00 24.17
N LEU E 471 22.92 20.11 24.74
CA LEU E 471 21.49 20.32 24.81
C LEU E 471 20.86 20.41 23.43
N GLU E 472 21.64 20.80 22.41
CA GLU E 472 21.13 20.79 21.05
C GLU E 472 20.89 19.36 20.55
N LEU E 473 21.68 18.41 21.02
CA LEU E 473 21.56 17.02 20.59
C LEU E 473 20.63 16.21 21.48
N ARG E 474 20.05 16.82 22.51
CA ARG E 474 19.10 16.12 23.36
C ARG E 474 17.69 16.27 22.78
N GLY E 475 16.77 15.49 23.33
CA GLY E 475 15.40 15.53 22.88
C GLY E 475 14.50 14.71 23.76
N PRO E 476 13.28 14.44 23.30
CA PRO E 476 12.34 13.66 24.10
C PRO E 476 12.79 12.23 24.40
N ASN E 477 13.74 11.69 23.63
CA ASN E 477 14.24 10.36 23.91
C ASN E 477 15.44 10.36 24.85
N TYR E 478 15.90 11.52 25.28
CA TYR E 478 16.92 11.56 26.31
C TYR E 478 16.37 10.90 27.57
N PRO E 479 17.09 9.97 28.18
CA PRO E 479 16.48 9.12 29.23
C PRO E 479 15.85 9.91 30.38
N ASN E 480 16.45 11.02 30.79
CA ASN E 480 15.87 11.79 31.88
C ASN E 480 14.59 12.52 31.43
N TYR E 481 14.51 12.92 30.16
CA TYR E 481 13.42 13.74 29.67
C TYR E 481 12.30 12.92 29.06
N ALA E 482 12.34 11.59 29.20
CA ALA E 482 11.47 10.74 28.42
C ALA E 482 9.99 10.91 28.75
N MET E 483 9.66 11.09 30.03
CA MET E 483 8.28 10.94 30.48
C MET E 483 7.58 12.23 30.84
N ASN E 484 8.23 13.13 31.57
CA ASN E 484 7.50 14.13 32.33
C ASN E 484 7.28 15.42 31.54
N VAL E 485 6.17 16.07 31.85
CA VAL E 485 5.71 17.25 31.15
C VAL E 485 6.34 18.49 31.76
N GLY E 486 6.32 19.59 31.01
CA GLY E 486 6.76 20.87 31.52
C GLY E 486 8.23 21.17 31.40
N HIS E 487 8.99 20.38 30.64
CA HIS E 487 10.43 20.60 30.50
C HIS E 487 10.86 20.82 29.07
N GLN E 488 10.41 19.96 28.14
CA GLN E 488 11.09 19.82 26.85
C GLN E 488 11.00 21.08 26.00
N GLY E 489 9.82 21.72 25.96
CA GLY E 489 9.71 22.95 25.19
C GLY E 489 10.63 24.05 25.71
N GLU E 490 10.73 24.15 27.04
CA GLU E 490 11.67 25.09 27.64
C GLU E 490 13.12 24.69 27.37
N TYR E 491 13.41 23.39 27.29
CA TYR E 491 14.76 22.97 26.91
C TYR E 491 15.10 23.41 25.50
N ALA E 492 14.15 23.28 24.58
CA ALA E 492 14.38 23.76 23.22
C ALA E 492 14.58 25.26 23.21
N GLY E 493 13.81 25.99 24.02
CA GLY E 493 14.00 27.44 24.10
C GLY E 493 15.37 27.81 24.63
N ILE E 494 15.86 27.07 25.62
CA ILE E 494 17.19 27.34 26.17
C ILE E 494 18.27 27.02 25.14
N ALA E 495 18.10 25.92 24.40
CA ALA E 495 19.05 25.59 23.34
C ALA E 495 19.09 26.68 22.28
N GLN E 496 17.93 27.23 21.92
CA GLN E 496 17.92 28.36 20.99
C GLN E 496 18.59 29.58 21.60
N ALA E 497 18.34 29.86 22.87
CA ALA E 497 18.90 31.04 23.51
C ALA E 497 20.42 30.96 23.58
N ALA E 498 20.97 29.75 23.64
CA ALA E 498 22.42 29.60 23.61
C ALA E 498 23.01 30.19 22.34
N HIS E 499 22.28 30.16 21.23
CA HIS E 499 22.76 30.68 19.96
C HIS E 499 22.25 32.07 19.64
N SER E 500 21.09 32.46 20.20
CA SER E 500 20.62 33.82 20.01
C SER E 500 21.56 34.83 20.65
N ALA E 501 22.24 34.43 21.73
CA ALA E 501 23.22 35.31 22.35
C ALA E 501 24.39 35.59 21.43
N ARG E 502 24.80 34.60 20.63
CA ARG E 502 25.89 34.76 19.69
C ARG E 502 25.45 35.32 18.35
N GLY E 503 24.15 35.50 18.14
CA GLY E 503 23.65 35.94 16.85
C GLY E 503 23.84 34.93 15.74
N ASP E 504 23.72 33.65 16.05
CA ASP E 504 23.93 32.60 15.06
C ASP E 504 22.74 32.52 14.10
N ALA E 505 23.05 32.17 12.85
CA ALA E 505 22.00 32.01 11.85
C ALA E 505 21.23 30.70 12.02
N PHE E 506 21.85 29.70 12.64
CA PHE E 506 21.20 28.42 12.89
C PHE E 506 21.78 27.82 14.15
N ALA E 507 21.13 26.76 14.63
CA ALA E 507 21.51 26.11 15.87
C ALA E 507 22.15 24.74 15.66
N LEU E 508 21.54 23.89 14.86
CA LEU E 508 22.08 22.55 14.66
C LEU E 508 22.17 22.15 13.20
N ASN E 509 21.20 22.54 12.38
CA ASN E 509 21.16 22.10 10.99
C ASN E 509 20.79 23.25 10.05
N PRO E 510 21.70 23.71 9.20
CA PRO E 510 21.34 24.77 8.24
C PRO E 510 20.28 24.33 7.25
N LEU E 511 20.30 23.07 6.85
CA LEU E 511 19.35 22.59 5.85
C LEU E 511 17.92 22.65 6.37
N VAL E 512 17.72 22.30 7.64
CA VAL E 512 16.39 22.36 8.23
C VAL E 512 15.90 23.80 8.28
N LYS E 513 16.79 24.73 8.65
CA LYS E 513 16.42 26.14 8.68
C LYS E 513 15.98 26.63 7.31
N VAL E 514 16.79 26.38 6.28
CA VAL E 514 16.44 26.83 4.94
C VAL E 514 15.15 26.14 4.47
N ALA E 515 15.00 24.85 4.77
CA ALA E 515 13.83 24.11 4.31
C ALA E 515 12.56 24.66 4.93
N PHE E 516 12.60 25.04 6.19
CA PHE E 516 11.41 25.56 6.85
C PHE E 516 11.27 27.06 6.68
N ALA E 517 12.20 27.71 5.99
CA ALA E 517 11.97 29.07 5.52
C ALA E 517 11.04 29.12 4.32
N ASP E 518 10.57 27.97 3.85
CA ASP E 518 9.78 27.90 2.62
C ASP E 518 8.45 28.62 2.77
N PRO E 519 8.11 29.55 1.86
CA PRO E 519 6.81 30.23 1.94
C PRO E 519 5.62 29.35 1.64
N MET E 520 5.81 28.15 1.10
CA MET E 520 4.69 27.30 0.70
C MET E 520 4.10 26.50 1.84
N LEU E 521 4.68 26.58 3.05
CA LEU E 521 4.16 25.83 4.18
C LEU E 521 2.82 26.42 4.62
N VAL E 522 1.93 25.53 5.08
CA VAL E 522 0.63 25.98 5.56
C VAL E 522 0.78 26.74 6.88
N PHE E 523 1.58 26.22 7.80
CA PHE E 523 1.85 26.85 9.08
C PHE E 523 3.13 27.67 8.94
N ASP E 524 3.03 28.97 9.14
CA ASP E 524 4.19 29.85 9.00
C ASP E 524 4.93 29.88 10.33
N PHE E 525 6.13 29.29 10.34
CA PHE E 525 6.93 29.14 11.55
C PHE E 525 7.64 30.43 11.96
N SER E 526 7.43 31.51 11.22
CA SER E 526 7.98 32.80 11.64
C SER E 526 7.28 33.35 12.86
N LYS E 527 5.99 33.04 13.04
CA LYS E 527 5.20 33.53 14.16
C LYS E 527 4.29 32.41 14.66
N PRO E 528 4.85 31.43 15.37
CA PRO E 528 3.99 30.34 15.88
C PRO E 528 2.88 30.79 16.80
N ARG E 529 3.15 31.76 17.67
CA ARG E 529 2.13 32.23 18.61
C ARG E 529 0.97 32.88 17.89
N LYS E 530 1.25 33.68 16.87
CA LYS E 530 0.17 34.30 16.10
C LYS E 530 -0.67 33.24 15.39
N GLU E 531 -0.03 32.21 14.85
CA GLU E 531 -0.78 31.18 14.15
C GLU E 531 -1.62 30.36 15.12
N ILE E 532 -1.12 30.09 16.31
CA ILE E 532 -1.92 29.40 17.32
C ILE E 532 -3.11 30.25 17.72
N ALA E 533 -2.89 31.56 17.84
CA ALA E 533 -4.01 32.47 18.12
C ALA E 533 -5.05 32.42 17.01
N ARG E 534 -4.61 32.39 15.75
CA ARG E 534 -5.55 32.29 14.63
C ARG E 534 -6.31 30.99 14.67
N GLY E 535 -5.62 29.89 14.98
CA GLY E 535 -6.30 28.60 15.05
C GLY E 535 -7.32 28.53 16.18
N ALA E 536 -7.01 29.17 17.31
CA ALA E 536 -7.94 29.19 18.43
C ALA E 536 -9.20 30.00 18.11
N LEU E 537 -9.16 30.82 17.07
CA LEU E 537 -10.31 31.61 16.65
C LEU E 537 -11.05 30.98 15.49
N ARG E 538 -10.71 29.74 15.14
CA ARG E 538 -11.32 29.03 14.00
C ARG E 538 -11.14 29.79 12.70
N GLU E 539 -9.95 30.37 12.50
CA GLU E 539 -9.63 31.08 11.27
C GLU E 539 -8.37 30.54 10.62
N PHE E 540 -8.01 29.29 10.90
CA PHE E 540 -6.82 28.67 10.34
C PHE E 540 -7.22 27.62 9.33
N GLU E 541 -6.67 27.73 8.12
CA GLU E 541 -6.99 26.83 7.02
C GLU E 541 -6.00 25.67 7.04
N ALA E 542 -6.43 24.54 7.59
CA ALA E 542 -5.58 23.36 7.68
C ALA E 542 -5.81 22.45 6.49
N ALA E 543 -4.84 21.56 6.27
CA ALA E 543 -4.89 20.61 5.17
C ALA E 543 -5.14 19.21 5.71
N GLY E 544 -5.39 18.28 4.79
CA GLY E 544 -5.69 16.92 5.13
C GLY E 544 -7.17 16.59 5.27
N GLU E 545 -8.04 17.47 4.80
CA GLU E 545 -9.48 17.27 4.91
C GLU E 545 -10.00 16.55 3.69
N ARG E 546 -10.75 15.47 3.90
CA ARG E 546 -11.31 14.67 2.81
C ARG E 546 -12.70 15.16 2.43
N ASP E 547 -12.81 16.44 2.11
CA ASP E 547 -14.11 17.02 1.78
C ASP E 547 -14.62 16.54 0.43
N VAL E 548 -13.73 16.24 -0.51
CA VAL E 548 -14.15 15.92 -1.87
C VAL E 548 -14.47 14.44 -2.06
N ILE E 549 -14.26 13.61 -1.04
CA ILE E 549 -14.56 12.19 -1.14
C ILE E 549 -15.60 11.78 -0.10
N LEU E 550 -16.37 12.73 0.41
CA LEU E 550 -17.36 12.46 1.43
C LEU E 550 -18.71 13.03 1.03
N PRO E 551 -19.80 12.41 1.43
CA PRO E 551 -21.12 12.96 1.11
C PRO E 551 -21.38 14.28 1.82
N ALA E 552 -22.15 15.14 1.17
CA ALA E 552 -22.49 16.43 1.76
C ALA E 552 -23.49 16.28 2.91
N LYS E 553 -24.43 15.34 2.79
CA LYS E 553 -25.41 15.12 3.84
C LYS E 553 -24.75 14.49 5.07
N ALA F 2 -24.37 18.86 5.63
CA ALA F 2 -25.38 19.89 5.87
C ALA F 2 -26.73 19.25 6.18
N TYR F 3 -27.68 20.07 6.62
CA TYR F 3 -29.05 19.61 6.84
C TYR F 3 -29.87 19.93 5.60
N ILE F 4 -30.55 18.93 5.08
CA ILE F 4 -31.35 19.08 3.86
C ILE F 4 -32.78 18.65 4.18
N ASP F 5 -33.72 19.53 3.91
CA ASP F 5 -35.13 19.17 4.01
C ASP F 5 -35.91 19.94 2.96
N VAL F 6 -36.91 19.27 2.38
CA VAL F 6 -37.70 19.83 1.30
C VAL F 6 -39.17 19.81 1.71
N GLU F 7 -39.85 20.94 1.53
CA GLU F 7 -41.26 21.06 1.86
C GLU F 7 -42.06 20.99 0.58
N CYS F 8 -42.57 19.80 0.26
CA CYS F 8 -43.36 19.58 -0.95
C CYS F 8 -44.43 18.54 -0.67
N ASN F 9 -45.59 18.73 -1.29
CA ASN F 9 -46.68 17.78 -1.19
C ASN F 9 -46.58 16.66 -2.21
N ASP F 10 -45.58 16.71 -3.10
CA ASP F 10 -45.32 15.65 -4.06
C ASP F 10 -44.29 14.70 -3.47
N GLU F 11 -44.64 13.41 -3.38
CA GLU F 11 -43.75 12.45 -2.74
C GLU F 11 -42.47 12.26 -3.54
N ALA F 12 -42.60 12.01 -4.84
CA ALA F 12 -41.41 11.77 -5.66
C ALA F 12 -40.56 13.02 -5.78
N GLY F 13 -41.20 14.18 -5.92
CA GLY F 13 -40.46 15.43 -6.02
C GLY F 13 -39.61 15.68 -4.79
N LYS F 14 -40.15 15.38 -3.61
CA LYS F 14 -39.40 15.60 -2.36
C LYS F 14 -38.09 14.82 -2.37
N ALA F 15 -38.16 13.51 -2.60
CA ALA F 15 -36.96 12.69 -2.56
C ALA F 15 -35.99 13.06 -3.68
N ILE F 16 -36.52 13.26 -4.89
CA ILE F 16 -35.63 13.55 -6.02
C ILE F 16 -34.92 14.88 -5.81
N TYR F 17 -35.63 15.90 -5.35
CA TYR F 17 -35.00 17.19 -5.16
C TYR F 17 -34.12 17.22 -3.92
N GLU F 18 -34.37 16.36 -2.93
CA GLU F 18 -33.41 16.20 -1.86
C GLU F 18 -32.10 15.64 -2.38
N ARG F 19 -32.18 14.64 -3.26
CA ARG F 19 -30.97 14.11 -3.90
C ARG F 19 -30.28 15.18 -4.75
N ILE F 20 -31.07 16.00 -5.45
CA ILE F 20 -30.50 17.05 -6.29
C ILE F 20 -29.76 18.07 -5.42
N ILE F 21 -30.36 18.46 -4.29
CA ILE F 21 -29.70 19.40 -3.40
C ILE F 21 -28.41 18.81 -2.84
N GLN F 22 -28.45 17.54 -2.43
CA GLN F 22 -27.25 16.91 -1.90
C GLN F 22 -26.15 16.86 -2.96
N THR F 23 -26.52 16.51 -4.19
CA THR F 23 -25.53 16.41 -5.26
C THR F 23 -24.94 17.77 -5.60
N SER F 24 -25.78 18.81 -5.65
CA SER F 24 -25.28 20.15 -5.93
C SER F 24 -24.37 20.65 -4.83
N LEU F 25 -24.66 20.29 -3.57
CA LEU F 25 -23.75 20.64 -2.48
C LEU F 25 -22.42 19.90 -2.62
N GLU F 26 -22.47 18.61 -2.96
CA GLU F 26 -21.23 17.84 -3.10
C GLU F 26 -20.38 18.34 -4.25
N ASP F 27 -21.00 18.69 -5.38
CA ASP F 27 -20.25 19.08 -6.57
C ASP F 27 -19.45 20.36 -6.33
N LEU F 28 -20.06 21.33 -5.64
CA LEU F 28 -19.38 22.57 -5.33
C LEU F 28 -18.53 22.48 -4.08
N VAL F 29 -18.50 21.32 -3.42
CA VAL F 29 -17.82 21.12 -2.15
C VAL F 29 -18.29 22.18 -1.17
N LEU F 30 -19.58 22.17 -0.88
CA LEU F 30 -20.20 23.16 -0.01
C LEU F 30 -20.87 22.55 1.21
N GLY F 31 -20.72 21.24 1.41
CA GLY F 31 -21.43 20.58 2.50
C GLY F 31 -20.97 21.03 3.88
N LYS F 32 -19.66 21.12 4.09
CA LYS F 32 -19.13 21.49 5.40
C LYS F 32 -19.18 22.99 5.65
N SER F 33 -19.42 23.80 4.63
CA SER F 33 -19.45 25.24 4.79
C SER F 33 -20.85 25.79 4.99
N ILE F 34 -21.87 24.93 5.02
CA ILE F 34 -23.26 25.35 5.13
C ILE F 34 -23.90 24.57 6.27
N ILE F 35 -24.66 25.27 7.12
CA ILE F 35 -25.33 24.61 8.24
C ILE F 35 -26.60 23.94 7.78
N LYS F 36 -27.49 24.69 7.14
CA LYS F 36 -28.79 24.17 6.71
C LYS F 36 -29.09 24.62 5.29
N ALA F 37 -29.88 23.82 4.60
CA ALA F 37 -30.33 24.12 3.23
C ALA F 37 -31.75 23.59 3.11
N LYS F 38 -32.72 24.50 3.16
CA LYS F 38 -34.12 24.15 3.09
C LYS F 38 -34.71 24.67 1.79
N MET F 39 -35.50 23.83 1.11
CA MET F 39 -36.15 24.20 -0.13
C MET F 39 -37.65 24.00 0.01
N ILE F 40 -38.41 25.02 -0.36
CA ILE F 40 -39.87 24.98 -0.34
C ILE F 40 -40.36 24.89 -1.78
N CYS F 41 -41.05 23.81 -2.10
CA CYS F 41 -41.52 23.56 -3.46
C CYS F 41 -43.01 23.88 -3.53
N LYS F 42 -43.36 24.85 -4.38
CA LYS F 42 -44.74 25.16 -4.70
C LYS F 42 -44.87 25.06 -6.22
N GLN F 43 -45.39 23.93 -6.70
CA GLN F 43 -45.49 23.70 -8.13
C GLN F 43 -46.85 24.09 -8.70
N ASP F 44 -47.92 24.05 -7.90
CA ASP F 44 -49.22 24.45 -8.40
C ASP F 44 -49.23 25.90 -8.83
N VAL F 45 -48.68 26.77 -7.99
CA VAL F 45 -48.30 28.13 -8.38
C VAL F 45 -46.78 28.14 -8.53
N PRO F 46 -46.25 28.27 -9.74
CA PRO F 46 -44.83 27.94 -9.94
C PRO F 46 -43.90 28.92 -9.26
N TYR F 47 -43.32 28.49 -8.15
CA TYR F 47 -42.28 29.25 -7.46
C TYR F 47 -41.61 28.33 -6.45
N PHE F 48 -40.31 28.50 -6.28
CA PHE F 48 -39.52 27.70 -5.36
C PHE F 48 -38.66 28.62 -4.52
N ILE F 49 -38.44 28.22 -3.26
CA ILE F 49 -37.63 29.00 -2.32
C ILE F 49 -36.53 28.09 -1.81
N ILE F 50 -35.29 28.58 -1.85
CA ILE F 50 -34.14 27.88 -1.30
C ILE F 50 -33.44 28.81 -0.33
N GLY F 51 -33.30 28.36 0.91
CA GLY F 51 -32.63 29.13 1.95
C GLY F 51 -31.32 28.47 2.32
N ILE F 52 -30.33 29.28 2.65
CA ILE F 52 -28.99 28.81 3.00
C ILE F 52 -28.55 29.49 4.28
N LEU F 53 -28.16 28.69 5.27
CA LEU F 53 -27.55 29.22 6.49
C LEU F 53 -26.09 28.80 6.52
N PRO F 54 -25.15 29.70 6.20
CA PRO F 54 -23.75 29.31 6.17
C PRO F 54 -23.17 29.14 7.56
N LYS F 55 -22.04 28.45 7.61
CA LYS F 55 -21.32 28.27 8.85
C LYS F 55 -20.69 29.58 9.30
N SER F 56 -20.88 29.92 10.58
CA SER F 56 -20.39 31.18 11.14
C SER F 56 -20.90 32.38 10.36
N LYS F 125 -16.49 35.47 2.50
CA LYS F 125 -16.19 36.54 1.55
C LYS F 125 -17.11 36.48 0.34
N GLU F 126 -16.73 37.19 -0.73
CA GLU F 126 -17.58 37.22 -1.93
C GLU F 126 -17.48 35.92 -2.71
N ASP F 127 -16.35 35.21 -2.62
CA ASP F 127 -16.21 33.94 -3.32
C ASP F 127 -17.18 32.90 -2.79
N PHE F 128 -17.36 32.84 -1.47
CA PHE F 128 -18.34 31.92 -0.90
C PHE F 128 -19.74 32.27 -1.37
N ILE F 129 -20.06 33.56 -1.43
CA ILE F 129 -21.38 33.97 -1.92
C ILE F 129 -21.56 33.55 -3.37
N ASP F 130 -20.52 33.73 -4.19
CA ASP F 130 -20.61 33.30 -5.58
C ASP F 130 -20.87 31.81 -5.70
N ARG F 131 -20.17 31.02 -4.88
CA ARG F 131 -20.43 29.58 -4.86
C ARG F 131 -21.87 29.29 -4.46
N VAL F 132 -22.41 30.08 -3.52
CA VAL F 132 -23.78 29.86 -3.09
C VAL F 132 -24.77 30.16 -4.21
N LEU F 133 -24.55 31.25 -4.96
CA LEU F 133 -25.45 31.51 -6.08
C LEU F 133 -25.29 30.46 -7.18
N ASP F 134 -24.09 29.91 -7.35
CA ASP F 134 -23.94 28.79 -8.25
C ASP F 134 -24.78 27.61 -7.81
N PHE F 135 -24.81 27.35 -6.50
CA PHE F 135 -25.65 26.28 -5.96
C PHE F 135 -27.12 26.53 -6.24
N MET F 136 -27.58 27.77 -6.02
CA MET F 136 -28.97 28.10 -6.36
C MET F 136 -29.26 27.89 -7.84
N ASN F 137 -28.34 28.31 -8.71
CA ASN F 137 -28.55 28.12 -10.14
C ASN F 137 -28.63 26.66 -10.51
N ARG F 138 -27.81 25.82 -9.86
CA ARG F 138 -27.84 24.39 -10.15
C ARG F 138 -29.15 23.76 -9.69
N VAL F 139 -29.58 24.05 -8.46
CA VAL F 139 -30.73 23.34 -7.91
C VAL F 139 -32.04 23.78 -8.54
N PHE F 140 -32.21 25.07 -8.77
CA PHE F 140 -33.50 25.60 -9.21
C PHE F 140 -33.90 25.00 -10.55
N PRO F 141 -35.20 24.76 -10.77
CA PRO F 141 -35.65 24.28 -12.08
C PRO F 141 -35.37 25.32 -13.16
N GLU F 142 -35.16 24.83 -14.38
CA GLU F 142 -34.74 25.69 -15.47
C GLU F 142 -35.78 26.75 -15.80
N GLY F 143 -37.06 26.37 -15.82
CA GLY F 143 -38.10 27.28 -16.25
C GLY F 143 -38.29 28.48 -15.36
N MET F 144 -37.89 28.39 -14.10
CA MET F 144 -38.01 29.51 -13.17
C MET F 144 -36.80 30.41 -13.37
N ARG F 145 -36.96 31.42 -14.23
CA ARG F 145 -35.87 32.30 -14.60
C ARG F 145 -35.89 33.64 -13.88
N ILE F 146 -37.03 34.06 -13.34
CA ILE F 146 -37.12 35.31 -12.60
C ILE F 146 -36.79 35.01 -11.14
N ARG F 147 -35.65 35.52 -10.69
CA ARG F 147 -35.14 35.25 -9.35
C ARG F 147 -34.71 36.53 -8.67
N LYS F 148 -34.89 36.57 -7.35
CA LYS F 148 -34.37 37.65 -6.53
C LYS F 148 -33.93 37.08 -5.20
N THR F 149 -32.87 37.66 -4.64
CA THR F 149 -32.25 37.12 -3.44
C THR F 149 -32.14 38.19 -2.36
N ILE F 150 -32.14 37.75 -1.12
CA ILE F 150 -31.95 38.62 0.04
C ILE F 150 -30.83 38.04 0.89
N ARG F 151 -29.86 38.87 1.25
CA ARG F 151 -28.67 38.41 1.95
C ARG F 151 -28.46 39.27 3.20
N ASP F 152 -28.75 38.71 4.36
CA ASP F 152 -28.45 39.33 5.65
C ASP F 152 -27.86 38.28 6.60
N LYS F 153 -26.82 37.60 6.13
CA LYS F 153 -26.15 36.44 6.71
C LYS F 153 -26.95 35.16 6.43
N THR F 154 -28.15 35.27 5.89
CA THR F 154 -28.91 34.11 5.42
C THR F 154 -29.39 34.41 4.01
N ILE F 155 -28.89 33.65 3.04
CA ILE F 155 -29.19 33.89 1.63
C ILE F 155 -30.43 33.10 1.24
N VAL F 156 -31.46 33.81 0.79
CA VAL F 156 -32.72 33.21 0.39
C VAL F 156 -33.10 33.75 -0.98
N MET F 157 -33.48 32.86 -1.89
CA MET F 157 -33.82 33.26 -3.25
C MET F 157 -35.15 32.64 -3.66
N VAL F 158 -35.97 33.43 -4.35
CA VAL F 158 -37.27 32.98 -4.86
C VAL F 158 -37.18 32.97 -6.37
N ALA F 159 -37.52 31.84 -6.98
CA ALA F 159 -37.46 31.66 -8.42
C ALA F 159 -38.83 31.31 -8.95
N SER F 160 -39.27 32.02 -10.00
CA SER F 160 -40.55 31.75 -10.62
C SER F 160 -40.49 32.18 -12.07
N GLU F 161 -41.37 31.60 -12.88
CA GLU F 161 -41.52 32.00 -14.27
C GLU F 161 -42.30 33.30 -14.44
N LYS F 162 -42.98 33.74 -13.38
CA LYS F 162 -43.74 34.97 -13.34
C LYS F 162 -43.03 36.02 -12.49
N PRO F 163 -43.35 37.29 -12.65
CA PRO F 163 -42.78 38.31 -11.76
C PRO F 163 -43.10 38.01 -10.31
N ILE F 164 -42.10 38.24 -9.45
CA ILE F 164 -42.21 37.82 -8.05
C ILE F 164 -43.28 38.64 -7.35
N GLU F 165 -44.18 37.95 -6.64
CA GLU F 165 -45.22 38.61 -5.86
C GLU F 165 -44.72 38.87 -4.44
N GLU F 166 -45.45 39.73 -3.73
CA GLU F 166 -45.03 40.13 -2.39
C GLU F 166 -45.20 39.01 -1.38
N GLU F 167 -46.25 38.18 -1.53
CA GLU F 167 -46.45 37.08 -0.59
C GLU F 167 -45.30 36.08 -0.65
N TRP F 168 -44.77 35.85 -1.85
CA TRP F 168 -43.61 34.99 -1.99
C TRP F 168 -42.41 35.57 -1.25
N MET F 169 -42.21 36.88 -1.34
CA MET F 169 -41.12 37.52 -0.60
C MET F 169 -41.35 37.41 0.90
N ASN F 170 -42.60 37.52 1.35
CA ASN F 170 -42.90 37.35 2.77
C ASN F 170 -42.56 35.93 3.23
N GLU F 171 -42.91 34.93 2.42
CA GLU F 171 -42.54 33.56 2.73
C GLU F 171 -41.02 33.41 2.77
N ALA F 172 -40.32 34.11 1.87
CA ALA F 172 -38.86 34.07 1.87
C ALA F 172 -38.29 34.64 3.17
N VAL F 173 -38.81 35.77 3.64
CA VAL F 173 -38.31 36.33 4.88
C VAL F 173 -38.69 35.44 6.07
N LYS F 174 -39.86 34.81 6.03
CA LYS F 174 -40.20 33.87 7.09
C LYS F 174 -39.21 32.72 7.14
N LEU F 175 -38.85 32.18 5.98
CA LEU F 175 -37.84 31.13 5.92
C LEU F 175 -36.49 31.63 6.41
N GLN F 176 -36.15 32.88 6.08
CA GLN F 176 -34.88 33.45 6.52
C GLN F 176 -34.82 33.55 8.04
N GLU F 177 -35.88 34.06 8.65
CA GLU F 177 -35.91 34.15 10.11
C GLU F 177 -35.92 32.77 10.77
N GLU F 178 -36.63 31.81 10.18
CA GLU F 178 -36.62 30.46 10.71
C GLU F 178 -35.22 29.86 10.64
N LEU F 179 -34.51 30.11 9.54
CA LEU F 179 -33.14 29.62 9.39
C LEU F 179 -32.18 30.28 10.35
N LYS F 180 -32.41 31.56 10.67
CA LYS F 180 -31.52 32.27 11.57
C LYS F 180 -31.48 31.64 12.95
N ILE F 181 -32.65 31.24 13.46
CA ILE F 181 -32.76 30.73 14.83
C ILE F 181 -32.51 29.23 14.86
N PHE F 182 -32.07 28.66 13.74
CA PHE F 182 -31.82 27.23 13.68
C PHE F 182 -30.52 26.91 14.43
N LYS F 183 -30.61 26.01 15.41
CA LYS F 183 -29.46 25.62 16.19
C LYS F 183 -29.73 24.30 16.90
N LEU G 59 2.80 5.24 -46.42
CA LEU G 59 1.50 5.16 -45.78
C LEU G 59 1.65 5.16 -44.26
N TYR G 60 2.84 4.78 -43.79
CA TYR G 60 3.10 4.77 -42.35
C TYR G 60 3.13 6.20 -41.85
N ASN G 61 2.14 6.57 -41.04
CA ASN G 61 2.07 7.89 -40.44
C ASN G 61 2.47 7.80 -38.99
N PRO G 62 3.61 8.34 -38.58
CA PRO G 62 4.04 8.21 -37.18
C PRO G 62 3.24 9.07 -36.21
N ASP G 63 2.35 9.94 -36.69
CA ASP G 63 1.59 10.84 -35.84
C ASP G 63 0.15 10.37 -35.63
N ILE G 64 -0.11 9.08 -35.81
CA ILE G 64 -1.45 8.57 -35.55
C ILE G 64 -1.64 8.24 -34.08
N GLY G 65 -0.59 7.73 -33.43
CA GLY G 65 -0.66 7.37 -32.04
C GLY G 65 -1.22 5.97 -31.83
N VAL G 66 -1.16 5.52 -30.58
CA VAL G 66 -1.64 4.19 -30.22
C VAL G 66 -2.66 4.31 -29.09
N PRO G 67 -3.92 4.00 -29.34
CA PRO G 67 -4.90 3.95 -28.24
C PRO G 67 -4.51 2.88 -27.22
N LEU G 68 -4.74 3.19 -25.94
CA LEU G 68 -4.26 2.35 -24.87
C LEU G 68 -5.25 2.39 -23.70
N GLY G 69 -5.23 1.33 -22.90
CA GLY G 69 -6.00 1.28 -21.67
C GLY G 69 -7.50 1.27 -21.83
N GLN G 70 -8.00 0.49 -22.80
CA GLN G 70 -9.45 0.41 -22.99
C GLN G 70 -10.13 -0.25 -21.80
N ARG G 71 -9.55 -1.33 -21.27
CA ARG G 71 -10.17 -2.04 -20.16
C ARG G 71 -10.21 -1.19 -18.91
N LYS G 72 -9.14 -0.44 -18.64
CA LYS G 72 -9.09 0.39 -17.44
C LYS G 72 -10.10 1.52 -17.46
N LEU G 73 -10.63 1.86 -18.64
CA LEU G 73 -11.68 2.87 -18.71
C LEU G 73 -13.01 2.33 -18.23
N MET G 74 -13.24 1.03 -18.39
CA MET G 74 -14.50 0.44 -17.99
C MET G 74 -14.59 0.34 -16.47
N PRO G 75 -15.81 0.40 -15.92
CA PRO G 75 -15.97 0.35 -14.47
C PRO G 75 -15.63 -1.03 -13.91
N TYR G 76 -15.26 -1.03 -12.64
CA TYR G 76 -14.98 -2.25 -11.91
C TYR G 76 -16.19 -2.63 -11.07
N LYS G 77 -16.77 -3.79 -11.38
CA LYS G 77 -17.77 -4.35 -10.50
C LYS G 77 -17.12 -4.76 -9.18
N LEU G 78 -17.92 -4.97 -8.15
CA LEU G 78 -17.44 -5.45 -6.87
C LEU G 78 -18.06 -6.81 -6.59
N SER G 79 -17.23 -7.77 -6.19
CA SER G 79 -17.68 -9.14 -6.02
C SER G 79 -18.81 -9.21 -5.01
N ASN G 80 -19.80 -10.04 -5.32
CA ASN G 80 -20.96 -10.31 -4.48
C ASN G 80 -21.86 -9.09 -4.28
N THR G 81 -21.59 -8.00 -4.98
CA THR G 81 -22.46 -6.83 -4.94
C THR G 81 -23.02 -6.59 -6.33
N ASP G 82 -23.70 -5.46 -6.49
CA ASP G 82 -24.22 -5.04 -7.79
C ASP G 82 -23.86 -3.59 -8.07
N ASP G 83 -22.71 -3.15 -7.57
CA ASP G 83 -22.25 -1.77 -7.73
C ASP G 83 -21.04 -1.72 -8.64
N TYR G 84 -21.05 -0.75 -9.55
CA TYR G 84 -19.95 -0.52 -10.48
C TYR G 84 -19.26 0.78 -10.11
N CYS G 85 -17.94 0.74 -10.00
CA CYS G 85 -17.17 1.90 -9.59
C CYS G 85 -15.94 2.03 -10.47
N GLU G 86 -15.41 3.24 -10.54
CA GLU G 86 -14.19 3.49 -11.27
C GLU G 86 -12.99 2.96 -10.50
N GLY G 87 -11.91 2.69 -11.23
CA GLY G 87 -10.70 2.23 -10.58
C GLY G 87 -10.03 3.31 -9.75
N ASP G 88 -10.26 4.58 -10.09
CA ASP G 88 -9.69 5.68 -9.31
C ASP G 88 -10.34 5.81 -7.95
N ASP G 89 -11.59 5.37 -7.83
CA ASP G 89 -12.31 5.47 -6.57
C ASP G 89 -11.99 4.35 -5.60
N LEU G 90 -11.25 3.33 -6.04
CA LEU G 90 -10.82 2.25 -5.16
C LEU G 90 -9.45 2.48 -4.56
N HIS G 91 -8.82 3.61 -4.88
CA HIS G 91 -7.57 3.97 -4.21
C HIS G 91 -7.84 4.29 -2.75
N PHE G 92 -6.96 3.83 -1.86
CA PHE G 92 -7.21 3.98 -0.43
C PHE G 92 -7.24 5.44 -0.02
N LEU G 93 -6.56 6.32 -0.75
CA LEU G 93 -6.65 7.74 -0.45
C LEU G 93 -7.94 8.36 -0.95
N ASN G 94 -8.52 7.81 -2.02
CA ASN G 94 -9.75 8.34 -2.59
C ASN G 94 -11.00 7.66 -2.04
N ASN G 95 -10.86 6.62 -1.24
CA ASN G 95 -11.98 5.86 -0.71
C ASN G 95 -12.05 6.06 0.79
N ALA G 96 -13.08 6.79 1.25
CA ALA G 96 -13.24 7.02 2.67
C ALA G 96 -13.64 5.75 3.43
N ALA G 97 -14.18 4.76 2.73
CA ALA G 97 -14.56 3.52 3.41
C ALA G 97 -13.35 2.71 3.83
N ILE G 98 -12.33 2.65 2.98
CA ILE G 98 -11.11 1.94 3.34
C ILE G 98 -10.39 2.67 4.48
N GLN G 99 -10.37 4.00 4.42
CA GLN G 99 -9.78 4.77 5.50
C GLN G 99 -10.53 4.54 6.80
N GLN G 100 -11.86 4.49 6.76
CA GLN G 100 -12.62 4.24 7.97
C GLN G 100 -12.45 2.81 8.47
N LEU G 101 -12.28 1.85 7.56
CA LEU G 101 -11.95 0.49 7.98
C LEU G 101 -10.68 0.48 8.81
N TRP G 102 -9.62 1.09 8.29
CA TRP G 102 -8.37 1.13 9.02
C TRP G 102 -8.51 1.93 10.31
N ASP G 103 -9.27 3.02 10.29
CA ASP G 103 -9.46 3.82 11.48
C ASP G 103 -10.17 3.03 12.57
N ASP G 104 -11.22 2.29 12.21
CA ASP G 104 -11.96 1.52 13.20
C ASP G 104 -11.11 0.40 13.78
N ILE G 105 -10.30 -0.25 12.94
CA ILE G 105 -9.41 -1.27 13.50
C ILE G 105 -8.36 -0.63 14.40
N ARG G 106 -7.83 0.52 14.00
CA ARG G 106 -6.74 1.14 14.74
C ARG G 106 -7.17 1.61 16.12
N ARG G 107 -8.37 2.17 16.22
CA ARG G 107 -8.81 2.85 17.43
C ARG G 107 -9.51 1.95 18.42
N THR G 108 -9.39 0.63 18.27
CA THR G 108 -10.08 -0.31 19.13
C THR G 108 -9.10 -0.94 20.12
N VAL G 109 -9.45 -0.89 21.40
CA VAL G 109 -8.67 -1.54 22.46
C VAL G 109 -9.66 -2.20 23.40
N ILE G 110 -9.40 -3.47 23.72
CA ILE G 110 -10.26 -4.25 24.61
C ILE G 110 -9.54 -4.41 25.95
N VAL G 111 -10.21 -4.04 27.03
CA VAL G 111 -9.64 -4.06 28.36
C VAL G 111 -10.48 -4.98 29.23
N GLY G 112 -9.82 -5.92 29.90
CA GLY G 112 -10.52 -6.82 30.81
C GLY G 112 -10.73 -6.19 32.17
N MET G 113 -11.98 -5.84 32.49
CA MET G 113 -12.28 -5.13 33.73
C MET G 113 -12.67 -6.12 34.84
N ASP G 114 -11.76 -7.05 35.10
CA ASP G 114 -11.92 -8.01 36.19
C ASP G 114 -10.84 -7.86 37.25
N THR G 115 -9.59 -7.62 36.86
CA THR G 115 -8.54 -7.35 37.83
C THR G 115 -8.80 -6.03 38.56
N ALA G 116 -9.30 -5.02 37.83
CA ALA G 116 -9.62 -3.75 38.47
C ALA G 116 -10.74 -3.92 39.50
N HIS G 117 -11.75 -4.70 39.17
CA HIS G 117 -12.81 -4.99 40.14
C HIS G 117 -12.25 -5.70 41.36
N SER G 118 -11.32 -6.62 41.16
CA SER G 118 -10.73 -7.32 42.30
C SER G 118 -9.92 -6.37 43.17
N VAL G 119 -9.21 -5.42 42.55
CA VAL G 119 -8.49 -4.42 43.34
C VAL G 119 -9.48 -3.57 44.14
N LEU G 120 -10.57 -3.15 43.50
CA LEU G 120 -11.57 -2.34 44.21
C LEU G 120 -12.21 -3.12 45.35
N GLU G 121 -12.31 -4.45 45.22
CA GLU G 121 -12.98 -5.23 46.25
C GLU G 121 -12.05 -5.61 47.39
N LYS G 122 -10.81 -5.98 47.09
CA LYS G 122 -9.92 -6.55 48.10
C LYS G 122 -8.94 -5.55 48.68
N ARG G 123 -8.63 -4.47 47.98
CA ARG G 123 -7.68 -3.48 48.48
C ARG G 123 -8.36 -2.22 49.00
N LEU G 124 -9.25 -1.64 48.21
CA LEU G 124 -9.96 -0.42 48.59
C LEU G 124 -11.24 -0.69 49.37
N GLY G 125 -11.62 -1.95 49.54
CA GLY G 125 -12.83 -2.26 50.29
C GLY G 125 -14.10 -1.74 49.68
N VAL G 126 -14.11 -1.47 48.38
CA VAL G 126 -15.28 -0.95 47.69
C VAL G 126 -16.05 -2.13 47.09
N GLU G 127 -17.37 -2.07 47.17
CA GLU G 127 -18.22 -3.15 46.67
C GLU G 127 -18.66 -2.84 45.24
N VAL G 128 -18.51 -3.82 44.35
CA VAL G 128 -18.83 -3.67 42.94
C VAL G 128 -20.11 -4.43 42.66
N THR G 129 -21.12 -3.72 42.17
CA THR G 129 -22.43 -4.25 41.84
C THR G 129 -22.80 -3.77 40.44
N PRO G 130 -23.79 -4.40 39.80
CA PRO G 130 -24.19 -3.94 38.46
C PRO G 130 -24.59 -2.47 38.42
N GLU G 131 -25.15 -1.93 39.50
CA GLU G 131 -25.44 -0.50 39.53
C GLU G 131 -24.17 0.33 39.48
N THR G 132 -23.13 -0.09 40.22
CA THR G 132 -21.87 0.62 40.17
C THR G 132 -21.24 0.52 38.78
N ILE G 133 -21.38 -0.63 38.13
CA ILE G 133 -20.85 -0.78 36.78
C ILE G 133 -21.61 0.11 35.80
N ASN G 134 -22.93 0.23 35.98
CA ASN G 134 -23.69 1.14 35.13
C ASN G 134 -23.23 2.58 35.32
N GLU G 135 -23.00 2.99 36.57
CA GLU G 135 -22.52 4.33 36.83
C GLU G 135 -21.13 4.54 36.23
N TYR G 136 -20.26 3.53 36.33
CA TYR G 136 -18.95 3.62 35.73
C TYR G 136 -19.02 3.76 34.22
N MET G 137 -19.92 3.01 33.59
CA MET G 137 -20.07 3.11 32.14
C MET G 137 -20.56 4.49 31.74
N HIS G 138 -21.52 5.02 32.49
CA HIS G 138 -21.98 6.38 32.25
C HIS G 138 -20.82 7.36 32.35
N THR G 139 -19.95 7.17 33.34
CA THR G 139 -18.83 8.08 33.53
C THR G 139 -17.83 7.99 32.38
N ILE G 140 -17.44 6.76 32.02
CA ILE G 140 -16.40 6.60 31.02
C ILE G 140 -16.87 7.00 29.63
N ASN G 141 -18.17 6.85 29.34
CA ASN G 141 -18.66 7.33 28.06
C ASN G 141 -18.57 8.85 27.95
N HIS G 142 -18.46 9.54 29.08
CA HIS G 142 -18.23 10.98 29.08
C HIS G 142 -16.74 11.32 29.14
N SER G 143 -15.95 10.48 29.80
CA SER G 143 -14.54 10.80 30.01
C SER G 143 -13.67 10.39 28.82
N LEU G 144 -13.96 9.25 28.21
CA LEU G 144 -13.13 8.78 27.11
C LEU G 144 -13.07 9.74 25.93
N PRO G 145 -14.16 10.34 25.46
CA PRO G 145 -14.02 11.36 24.40
C PRO G 145 -13.23 12.58 24.81
N GLY G 146 -13.08 12.84 26.11
CA GLY G 146 -12.32 13.99 26.55
C GLY G 146 -13.05 14.95 27.47
N GLY G 147 -14.04 14.45 28.20
CA GLY G 147 -14.68 15.27 29.21
C GLY G 147 -13.95 15.21 30.55
N ALA G 148 -14.25 16.18 31.40
CA ALA G 148 -13.56 16.35 32.67
C ALA G 148 -14.38 15.75 33.80
N VAL G 149 -13.71 15.02 34.69
CA VAL G 149 -14.37 14.36 35.82
C VAL G 149 -13.85 14.85 37.16
N VAL G 150 -12.56 15.16 37.27
CA VAL G 150 -11.95 15.73 38.46
C VAL G 150 -11.02 16.87 38.04
N GLN G 151 -10.26 17.41 39.00
CA GLN G 151 -9.30 18.47 38.69
C GLN G 151 -10.01 19.69 38.13
N GLU G 152 -10.68 20.46 38.98
CA GLU G 152 -11.39 21.67 38.56
C GLU G 152 -10.58 22.54 37.60
N HIS G 153 -11.29 23.23 36.70
CA HIS G 153 -10.72 24.15 35.71
C HIS G 153 -10.13 23.61 34.41
N MET G 154 -10.46 22.37 34.06
CA MET G 154 -10.07 21.82 32.75
C MET G 154 -10.73 22.34 31.49
N VAL G 155 -10.02 22.14 30.39
CA VAL G 155 -10.58 22.34 29.06
C VAL G 155 -11.01 20.97 28.53
N GLU G 156 -11.92 20.99 27.57
CA GLU G 156 -12.49 19.75 27.04
C GLU G 156 -12.49 19.78 25.53
N VAL G 157 -12.42 18.59 24.93
CA VAL G 157 -12.46 18.50 23.47
C VAL G 157 -13.90 18.67 23.00
N HIS G 158 -14.04 19.18 21.78
CA HIS G 158 -15.35 19.43 21.22
C HIS G 158 -16.07 18.10 20.99
N PRO G 159 -17.29 17.94 21.51
CA PRO G 159 -18.02 16.68 21.28
C PRO G 159 -18.28 16.39 19.81
N SER G 160 -18.34 17.41 18.96
CA SER G 160 -18.57 17.18 17.54
C SER G 160 -17.43 16.40 16.89
N LEU G 161 -16.22 16.54 17.42
CA LEU G 161 -15.07 15.84 16.88
C LEU G 161 -14.93 14.42 17.40
N ALA G 162 -15.73 14.03 18.38
CA ALA G 162 -15.60 12.72 19.01
C ALA G 162 -16.94 12.01 19.05
N TRP G 163 -17.76 12.20 18.02
CA TRP G 163 -19.06 11.56 18.02
C TRP G 163 -18.96 10.05 17.78
N ASP G 164 -17.83 9.58 17.30
CA ASP G 164 -17.60 8.16 17.06
C ASP G 164 -16.96 7.46 18.25
N CYS G 165 -16.76 8.16 19.35
CA CYS G 165 -16.08 7.61 20.51
C CYS G 165 -17.08 6.90 21.41
N TYR G 166 -16.88 5.60 21.61
CA TYR G 166 -17.75 4.79 22.43
C TYR G 166 -16.92 3.97 23.41
N ALA G 167 -17.49 3.74 24.59
CA ALA G 167 -16.97 2.76 25.54
C ALA G 167 -18.08 1.73 25.75
N ARG G 168 -17.84 0.52 25.29
CA ARG G 168 -18.83 -0.55 25.34
C ARG G 168 -18.35 -1.64 26.29
N ILE G 169 -19.32 -2.39 26.82
CA ILE G 169 -19.03 -3.47 27.76
C ILE G 169 -19.73 -4.72 27.25
N PHE G 170 -19.03 -5.85 27.29
CA PHE G 170 -19.64 -7.13 27.03
C PHE G 170 -19.14 -8.13 28.06
N THR G 171 -19.95 -9.16 28.32
CA THR G 171 -19.60 -10.14 29.33
C THR G 171 -20.14 -11.49 28.92
N GLY G 172 -19.39 -12.53 29.28
CA GLY G 172 -19.89 -13.88 29.12
C GLY G 172 -20.79 -14.35 30.23
N ASP G 173 -20.99 -13.51 31.24
CA ASP G 173 -21.87 -13.83 32.37
C ASP G 173 -23.27 -13.35 32.04
N ASP G 174 -24.20 -14.28 31.87
CA ASP G 174 -25.56 -13.89 31.47
C ASP G 174 -26.30 -13.19 32.60
N GLU G 175 -26.08 -13.62 33.84
CA GLU G 175 -26.75 -12.98 34.96
C GLU G 175 -26.31 -11.53 35.11
N LEU G 176 -25.02 -11.24 34.93
CA LEU G 176 -24.55 -9.88 35.00
C LEU G 176 -24.99 -9.08 33.77
N ALA G 177 -24.99 -9.73 32.60
CA ALA G 177 -25.45 -9.06 31.40
C ALA G 177 -26.93 -8.75 31.43
N ASP G 178 -27.70 -9.44 32.27
CA ASP G 178 -29.14 -9.18 32.35
C ASP G 178 -29.43 -7.82 32.95
N GLU G 179 -28.85 -7.52 34.11
CA GLU G 179 -29.07 -6.23 34.75
C GLU G 179 -27.97 -5.23 34.42
N LEU G 180 -27.70 -5.05 33.13
CA LEU G 180 -26.75 -4.07 32.63
C LEU G 180 -27.46 -3.15 31.65
N ASP G 181 -27.10 -1.87 31.69
CA ASP G 181 -27.72 -0.90 30.80
C ASP G 181 -27.46 -1.29 29.35
N SER G 182 -28.53 -1.58 28.61
CA SER G 182 -28.41 -2.03 27.23
C SER G 182 -27.84 -0.96 26.31
N ARG G 183 -27.77 0.29 26.76
CA ARG G 183 -27.15 1.34 25.96
C ARG G 183 -25.67 1.06 25.74
N PHE G 184 -24.98 0.59 26.77
CA PHE G 184 -23.54 0.38 26.71
C PHE G 184 -23.16 -1.09 26.53
N LEU G 185 -24.14 -1.97 26.33
CA LEU G 185 -23.89 -3.40 26.31
C LEU G 185 -23.80 -3.92 24.89
N ILE G 186 -22.75 -4.69 24.60
CA ILE G 186 -22.66 -5.46 23.36
C ILE G 186 -23.25 -6.83 23.68
N ASP G 187 -24.48 -7.07 23.22
CA ASP G 187 -25.20 -8.29 23.56
C ASP G 187 -24.75 -9.42 22.66
N ILE G 188 -24.09 -10.43 23.24
CA ILE G 188 -23.67 -11.59 22.45
C ILE G 188 -24.87 -12.40 22.02
N ASN G 189 -25.88 -12.51 22.88
CA ASN G 189 -27.07 -13.30 22.55
C ASN G 189 -27.81 -12.70 21.36
N LYS G 190 -27.95 -11.38 21.33
CA LYS G 190 -28.71 -10.74 20.26
C LYS G 190 -27.96 -10.68 18.95
N LEU G 191 -26.64 -10.50 18.98
CA LEU G 191 -25.87 -10.30 17.77
C LEU G 191 -25.41 -11.60 17.12
N PHE G 192 -25.42 -12.70 17.86
CA PHE G 192 -24.92 -13.96 17.32
C PHE G 192 -25.99 -15.03 17.37
N PRO G 193 -26.00 -15.95 16.40
CA PRO G 193 -26.91 -17.10 16.48
C PRO G 193 -26.63 -17.94 17.72
N GLU G 194 -27.59 -18.82 18.02
CA GLU G 194 -27.57 -19.53 19.30
C GLU G 194 -26.29 -20.34 19.48
N GLU G 195 -25.94 -21.17 18.49
CA GLU G 195 -24.74 -21.98 18.61
C GLU G 195 -23.48 -21.13 18.68
N GLN G 196 -23.40 -20.09 17.84
CA GLN G 196 -22.23 -19.21 17.87
C GLN G 196 -22.16 -18.44 19.18
N ALA G 197 -23.31 -17.98 19.68
CA ALA G 197 -23.31 -17.29 20.97
C ALA G 197 -22.83 -18.20 22.09
N GLU G 198 -23.29 -19.46 22.09
CA GLU G 198 -22.84 -20.40 23.12
C GLU G 198 -21.34 -20.65 23.01
N THR G 199 -20.83 -20.81 21.79
CA THR G 199 -19.40 -21.03 21.61
C THR G 199 -18.59 -19.83 22.10
N LEU G 200 -19.03 -18.63 21.76
CA LEU G 200 -18.31 -17.44 22.18
C LEU G 200 -18.36 -17.26 23.69
N LYS G 201 -19.49 -17.54 24.31
CA LYS G 201 -19.58 -17.42 25.77
C LYS G 201 -18.71 -18.47 26.45
N ALA G 202 -18.68 -19.69 25.92
CA ALA G 202 -17.83 -20.73 26.50
C ALA G 202 -16.37 -20.34 26.39
N ALA G 203 -15.97 -19.74 25.26
CA ALA G 203 -14.58 -19.33 25.11
C ALA G 203 -14.24 -18.15 26.03
N ILE G 204 -15.12 -17.15 26.10
CA ILE G 204 -14.86 -15.96 26.90
C ILE G 204 -14.95 -16.28 28.38
N GLY G 205 -15.96 -17.03 28.80
CA GLY G 205 -16.14 -17.34 30.19
C GLY G 205 -16.88 -16.26 30.94
N LYS G 206 -16.97 -16.44 32.25
CA LYS G 206 -17.68 -15.49 33.12
C LYS G 206 -16.81 -14.27 33.42
N LYS G 207 -16.37 -13.61 32.36
CA LYS G 207 -15.49 -12.47 32.45
C LYS G 207 -16.14 -11.26 31.80
N THR G 208 -15.82 -10.09 32.31
CA THR G 208 -16.36 -8.82 31.82
C THR G 208 -15.24 -8.07 31.12
N TYR G 209 -15.53 -7.55 29.93
CA TYR G 209 -14.56 -6.81 29.15
C TYR G 209 -15.16 -5.48 28.74
N GLN G 210 -14.29 -4.49 28.60
CA GLN G 210 -14.68 -3.15 28.14
C GLN G 210 -13.98 -2.88 26.82
N VAL G 211 -14.75 -2.42 25.84
CA VAL G 211 -14.22 -2.05 24.53
C VAL G 211 -14.20 -0.55 24.45
N SER G 212 -13.02 0.02 24.25
CA SER G 212 -12.86 1.46 24.10
C SER G 212 -12.55 1.77 22.65
N ARG G 213 -13.37 2.61 22.04
CA ARG G 213 -13.12 3.12 20.70
C ARG G 213 -12.83 4.61 20.84
N VAL G 214 -11.55 4.96 20.90
CA VAL G 214 -11.13 6.35 21.02
C VAL G 214 -11.46 7.03 19.71
N PRO G 215 -11.59 8.36 19.67
CA PRO G 215 -12.00 9.03 18.43
C PRO G 215 -11.00 8.77 17.31
N SER G 216 -11.51 8.75 16.08
CA SER G 216 -10.66 8.56 14.91
C SER G 216 -9.70 9.73 14.73
N LEU G 217 -10.14 10.94 15.12
CA LEU G 217 -9.27 12.10 15.02
C LEU G 217 -7.99 11.92 15.82
N VAL G 218 -8.06 11.18 16.92
CA VAL G 218 -6.88 10.94 17.74
C VAL G 218 -5.86 10.12 16.97
N GLY G 219 -6.30 9.05 16.34
CA GLY G 219 -5.39 8.23 15.56
C GLY G 219 -4.96 8.86 14.26
N ARG G 220 -5.68 9.87 13.79
CA ARG G 220 -5.29 10.58 12.59
C ARG G 220 -4.28 11.67 12.86
N VAL G 221 -4.43 12.41 13.96
CA VAL G 221 -3.42 13.39 14.34
C VAL G 221 -2.14 12.69 14.79
N CYS G 222 -2.28 11.71 15.67
CA CYS G 222 -1.17 10.95 16.21
C CYS G 222 -0.99 9.66 15.41
N ASP G 223 -0.30 8.69 15.99
CA ASP G 223 -0.14 7.38 15.38
C ASP G 223 -1.00 6.36 16.12
N GLY G 224 -0.78 5.07 15.81
CA GLY G 224 -1.56 4.01 16.41
C GLY G 224 -1.15 3.60 17.80
N GLY G 225 0.05 4.02 18.26
CA GLY G 225 0.45 3.73 19.61
C GLY G 225 -0.19 4.60 20.67
N THR G 226 -0.95 5.60 20.24
CA THR G 226 -1.65 6.51 21.15
C THR G 226 -2.86 5.86 21.80
N ILE G 227 -3.46 4.87 21.13
CA ILE G 227 -4.80 4.41 21.48
C ILE G 227 -4.83 3.75 22.85
N SER G 228 -3.88 2.85 23.10
CA SER G 228 -3.87 2.13 24.36
C SER G 228 -3.65 3.08 25.53
N ARG G 229 -2.74 4.04 25.38
CA ARG G 229 -2.49 5.00 26.44
C ARG G 229 -3.69 5.90 26.68
N TRP G 230 -4.34 6.35 25.61
CA TRP G 230 -5.55 7.17 25.75
C TRP G 230 -6.61 6.40 26.54
N SER G 231 -6.87 5.16 26.15
CA SER G 231 -7.86 4.36 26.84
C SER G 231 -7.48 4.13 28.29
N ALA G 232 -6.19 3.89 28.57
CA ALA G 232 -5.76 3.62 29.94
C ALA G 232 -5.94 4.84 30.83
N MET G 233 -5.55 6.02 30.36
CA MET G 233 -5.76 7.23 31.16
C MET G 233 -7.23 7.45 31.44
N GLN G 234 -8.07 7.34 30.41
CA GLN G 234 -9.49 7.62 30.64
C GLN G 234 -10.14 6.56 31.53
N ILE G 235 -9.70 5.32 31.43
CA ILE G 235 -10.21 4.26 32.30
C ILE G 235 -9.85 4.53 33.74
N GLY G 236 -8.61 4.91 34.00
CA GLY G 236 -8.21 5.24 35.36
C GLY G 236 -8.99 6.42 35.92
N MET G 237 -9.17 7.46 35.10
CA MET G 237 -9.93 8.61 35.58
C MET G 237 -11.36 8.24 35.91
N SER G 238 -12.02 7.48 35.02
CA SER G 238 -13.40 7.09 35.27
C SER G 238 -13.51 6.19 36.49
N PHE G 239 -12.51 5.33 36.72
CA PHE G 239 -12.54 4.48 37.91
C PHE G 239 -12.44 5.31 39.18
N ILE G 240 -11.53 6.29 39.20
CA ILE G 240 -11.36 7.02 40.46
C ILE G 240 -12.51 7.98 40.69
N THR G 241 -13.20 8.42 39.63
CA THR G 241 -14.31 9.34 39.84
C THR G 241 -15.66 8.65 39.98
N ALA G 242 -15.79 7.40 39.56
CA ALA G 242 -17.07 6.71 39.67
C ALA G 242 -17.24 6.03 41.01
N TYR G 243 -16.15 5.65 41.66
CA TYR G 243 -16.20 4.97 42.95
C TYR G 243 -15.76 5.85 44.10
N LYS G 244 -15.56 7.15 43.86
CA LYS G 244 -15.23 8.12 44.90
C LYS G 244 -13.95 7.72 45.64
N LEU G 245 -12.88 7.52 44.89
CA LEU G 245 -11.59 7.14 45.46
C LEU G 245 -10.66 8.36 45.52
N CYS G 246 -9.56 8.17 46.23
CA CYS G 246 -8.49 9.17 46.23
C CYS G 246 -7.91 9.31 44.84
N ALA G 247 -7.66 10.55 44.43
CA ALA G 247 -7.08 10.81 43.12
C ALA G 247 -5.57 10.61 43.22
N GLY G 248 -5.16 9.34 43.22
CA GLY G 248 -3.76 9.00 43.28
C GLY G 248 -3.32 8.30 44.56
N GLU G 249 -3.16 6.98 44.49
CA GLU G 249 -2.60 6.17 45.56
C GLU G 249 -2.05 4.90 44.92
N ALA G 250 -1.68 3.93 45.76
CA ALA G 250 -1.11 2.69 45.22
C ALA G 250 -2.13 1.94 44.37
N ALA G 251 -3.37 1.86 44.82
CA ALA G 251 -4.40 1.18 44.05
C ALA G 251 -4.61 1.84 42.69
N THR G 252 -4.38 3.15 42.61
CA THR G 252 -4.44 3.82 41.31
C THR G 252 -3.37 3.27 40.37
N ALA G 253 -2.16 3.03 40.90
CA ALA G 253 -1.12 2.41 40.10
C ALA G 253 -1.52 1.01 39.68
N ASP G 254 -2.22 0.29 40.54
CA ASP G 254 -2.69 -1.04 40.17
C ASP G 254 -3.68 -0.99 39.01
N PHE G 255 -4.65 -0.07 39.07
CA PHE G 255 -5.54 0.16 37.95
C PHE G 255 -4.77 0.49 36.68
N SER G 256 -3.82 1.41 36.79
CA SER G 256 -3.08 1.87 35.62
C SER G 256 -2.30 0.72 34.99
N TYR G 257 -1.63 -0.08 35.80
CA TYR G 257 -0.87 -1.20 35.25
C TYR G 257 -1.79 -2.22 34.60
N ALA G 258 -2.91 -2.54 35.26
CA ALA G 258 -3.84 -3.49 34.67
C ALA G 258 -4.30 -3.02 33.30
N SER G 259 -4.83 -1.80 33.24
CA SER G 259 -5.38 -1.27 32.00
C SER G 259 -4.33 -0.95 30.95
N LYS G 260 -3.06 -0.87 31.36
CA LYS G 260 -2.00 -0.49 30.39
C LYS G 260 -1.43 -1.73 29.70
N MHS G 261 -1.37 -2.87 30.41
CA MHS G 261 -0.74 -4.08 29.82
C MHS G 261 -1.25 -5.43 30.32
O MHS G 261 -1.25 -6.39 29.52
CB MHS G 261 0.77 -4.14 30.15
CG MHS G 261 1.35 -2.89 30.74
ND1 MHS G 261 2.15 -2.02 30.01
CD2 MHS G 261 1.25 -2.35 31.98
CE1 MHS G 261 2.48 -1.01 30.86
NE2 MHS G 261 1.96 -1.17 32.05
CM MHS G 261 2.55 -2.18 28.61
N ALA G 262 -1.67 -5.52 31.58
CA ALA G 262 -2.06 -6.82 32.16
C ALA G 262 -3.34 -7.29 31.47
N ASP G 263 -4.37 -6.46 31.36
CA ASP G 263 -5.64 -6.91 30.83
C ASP G 263 -5.99 -6.31 29.48
N VAL G 264 -5.06 -5.63 28.85
CA VAL G 264 -5.32 -4.94 27.59
C VAL G 264 -5.14 -5.92 26.43
N ILE G 265 -5.98 -5.73 25.40
CA ILE G 265 -5.86 -6.48 24.16
C ILE G 265 -5.62 -5.47 23.04
N GLN G 266 -4.48 -5.59 22.37
CA GLN G 266 -4.13 -4.72 21.26
C GLN G 266 -4.48 -5.39 19.95
N MET G 267 -4.92 -4.59 18.98
CA MET G 267 -5.14 -5.13 17.65
C MET G 267 -3.83 -5.58 17.01
N GLY G 268 -2.78 -4.79 17.16
CA GLY G 268 -1.49 -5.13 16.59
C GLY G 268 -0.34 -4.91 17.53
N ASN G 269 0.61 -5.85 17.56
CA ASN G 269 1.77 -5.72 18.41
C ASN G 269 2.75 -4.69 17.85
N ALA G 270 3.59 -4.16 18.73
CA ALA G 270 4.62 -3.22 18.31
C ALA G 270 5.71 -3.95 17.55
N LEU G 271 6.42 -3.19 16.71
CA LEU G 271 7.50 -3.73 15.88
C LEU G 271 8.77 -2.94 16.12
N PRO G 272 9.40 -3.12 17.28
CA PRO G 272 10.64 -2.39 17.57
C PRO G 272 11.82 -2.96 16.79
N GLY G 273 12.84 -2.11 16.61
CA GLY G 273 14.05 -2.51 15.93
C GLY G 273 14.14 -2.01 14.51
N ARG G 274 14.35 -2.93 13.58
CA ARG G 274 14.44 -2.56 12.15
C ARG G 274 13.09 -2.03 11.65
N AGM G 275 12.01 -2.77 11.91
CA AGM G 275 10.66 -2.34 11.41
CB AGM G 275 9.61 -3.37 11.80
CG AGM G 275 8.65 -3.75 10.69
CD AGM G 275 9.27 -4.61 9.59
CE2 AGM G 275 8.19 -5.21 8.70
NE1 AGM G 275 10.09 -5.67 10.17
CZ AGM G 275 11.24 -6.12 9.67
NH1 AGM G 275 12.22 -5.28 9.39
NH2 AGM G 275 11.40 -7.41 9.46
C AGM G 275 10.35 -0.95 11.97
O AGM G 275 9.78 -0.15 11.20
N ALA G 276 10.65 -0.70 13.24
CA ALA G 276 10.47 0.64 13.85
C ALA G 276 9.02 1.13 13.72
N ARG G 277 8.07 0.49 14.42
CA ARG G 277 6.70 0.97 14.43
C ARG G 277 6.07 0.66 15.77
N GLY G 278 5.05 1.44 16.13
CA GLY G 278 4.36 1.27 17.37
C GLY G 278 3.28 0.21 17.27
N PRO G 279 2.56 -0.01 18.36
CA PRO G 279 1.45 -0.96 18.33
C PRO G 279 0.26 -0.38 17.57
N ASN G 280 -0.70 -1.26 17.29
CA ASN G 280 -1.91 -0.90 16.56
C ASN G 280 -1.59 -0.28 15.20
N GLU G 281 -0.60 -0.85 14.53
CA GLU G 281 -0.29 -0.53 13.14
C GLU G 281 -0.58 -1.76 12.28
N PRO G 282 -0.89 -1.59 10.99
CA PRO G 282 -1.33 -2.74 10.20
C PRO G 282 -0.26 -3.81 10.04
N GLY G 283 1.00 -3.48 10.27
CA GLY G 283 2.05 -4.48 10.24
C GLY G 283 2.09 -5.39 11.44
N GLY G 284 1.38 -5.04 12.50
CA GLY G 284 1.30 -5.86 13.69
C GLY G 284 0.06 -6.68 13.83
N ILE G 285 -0.89 -6.58 12.90
CA ILE G 285 -2.13 -7.33 12.98
C ILE G 285 -1.92 -8.70 12.38
N ARG G 286 -2.11 -9.74 13.18
CA ARG G 286 -1.97 -11.10 12.70
C ARG G 286 -3.16 -11.46 11.82
N PHE G 287 -3.01 -12.56 11.07
CA PHE G 287 -4.04 -12.95 10.12
C PHE G 287 -5.30 -13.43 10.84
N GLY G 288 -5.14 -14.14 11.95
CA GLY G 288 -6.31 -14.58 12.70
C GLY G 288 -7.07 -13.41 13.30
N ILE G 289 -6.36 -12.37 13.72
CA ILE G 289 -7.02 -11.19 14.27
C ILE G 289 -7.87 -10.52 13.21
N LEU G 290 -7.35 -10.38 12.00
CA LEU G 290 -8.13 -9.80 10.92
C LEU G 290 -9.28 -10.70 10.51
N SER G 291 -9.10 -12.02 10.59
CA SER G 291 -10.21 -12.92 10.34
C SER G 291 -11.32 -12.72 11.36
N ASP G 292 -10.96 -12.50 12.63
CA ASP G 292 -11.96 -12.26 13.66
C ASP G 292 -12.57 -10.87 13.56
N VAL G 293 -11.89 -9.92 12.94
CA VAL G 293 -12.48 -8.59 12.76
C VAL G 293 -13.67 -8.67 11.82
N VAL G 294 -13.55 -9.42 10.73
CA VAL G 294 -14.62 -9.54 9.75
C VAL G 294 -15.77 -10.34 10.37
N GLN G 295 -17.00 -9.85 10.20
CA GLN G 295 -18.16 -10.38 10.90
C GLN G 295 -19.12 -11.12 9.99
N THR G 296 -18.66 -11.57 8.83
CA THR G 296 -19.54 -12.32 7.93
C THR G 296 -19.89 -13.69 8.50
N THR G 297 -19.09 -14.21 9.44
CA THR G 297 -19.34 -15.54 9.98
C THR G 297 -20.66 -15.60 10.75
N ARG G 298 -21.09 -14.51 11.35
CA ARG G 298 -22.30 -14.50 12.16
C ARG G 298 -23.53 -14.08 11.38
N VAL G 299 -23.39 -13.68 10.11
CA VAL G 299 -24.53 -13.29 9.30
C VAL G 299 -24.72 -14.16 8.07
N SER G 300 -23.75 -15.04 7.75
CA SER G 300 -23.85 -15.89 6.58
C SER G 300 -23.27 -17.26 6.91
N GLU G 301 -23.79 -18.29 6.24
CA GLU G 301 -23.34 -19.66 6.44
C GLU G 301 -22.53 -20.19 5.27
N ASP G 302 -22.22 -19.37 4.28
CA ASP G 302 -21.45 -19.81 3.13
C ASP G 302 -19.97 -19.69 3.45
N PRO G 303 -19.24 -20.80 3.58
CA PRO G 303 -17.82 -20.71 3.96
C PRO G 303 -16.98 -19.95 2.95
N VAL G 304 -17.28 -20.13 1.66
CA VAL G 304 -16.53 -19.41 0.64
C VAL G 304 -16.79 -17.92 0.74
N GLU G 305 -18.03 -17.52 1.01
CA GLU G 305 -18.33 -16.10 1.16
C GLU G 305 -17.59 -15.48 2.32
N GLN G 306 -17.52 -16.19 3.45
CA GLN G 306 -16.78 -15.69 4.60
C GLN G 306 -15.30 -15.55 4.29
N SER G 307 -14.71 -16.58 3.69
CA SER G 307 -13.29 -16.50 3.34
C SER G 307 -13.03 -15.38 2.35
N LEU G 308 -13.95 -15.14 1.42
CA LEU G 308 -13.71 -14.11 0.41
C LEU G 308 -13.90 -12.72 0.98
N GLU G 309 -14.82 -12.53 1.92
CA GLU G 309 -14.91 -11.24 2.61
C GLU G 309 -13.65 -10.97 3.41
N VAL G 310 -13.10 -12.00 4.05
CA VAL G 310 -11.84 -11.83 4.75
C VAL G 310 -10.71 -11.52 3.76
N VAL G 311 -10.73 -12.15 2.59
CA VAL G 311 -9.73 -11.84 1.56
C VAL G 311 -9.83 -10.38 1.13
N ALA G 312 -11.05 -9.89 0.91
CA ALA G 312 -11.23 -8.51 0.51
C ALA G 312 -10.72 -7.55 1.57
N THR G 313 -11.10 -7.80 2.83
CA THR G 313 -10.62 -6.94 3.91
C THR G 313 -9.11 -7.00 4.05
N GLY G 314 -8.53 -8.20 3.93
CA GLY G 314 -7.09 -8.34 4.04
C GLY G 314 -6.35 -7.65 2.92
N ALA G 315 -6.86 -7.78 1.70
CA ALA G 315 -6.25 -7.06 0.58
C ALA G 315 -6.30 -5.56 0.82
N ALA G 316 -7.49 -5.04 1.11
CA ALA G 316 -7.66 -3.60 1.29
C ALA G 316 -6.81 -3.08 2.45
N LEU G 317 -6.62 -3.87 3.49
CA LEU G 317 -5.80 -3.40 4.61
C LEU G 317 -4.32 -3.57 4.29
N TYR G 318 -3.86 -4.81 4.20
CA TYR G 318 -2.44 -5.06 3.99
C TYR G 318 -1.96 -4.48 2.67
N ASP G 319 -2.42 -5.06 1.55
CA ASP G 319 -1.78 -4.75 0.28
C ASP G 319 -1.95 -3.28 -0.09
N GLN G 320 -3.12 -2.71 0.18
CA GLN G 320 -3.28 -1.30 -0.14
C GLN G 320 -2.63 -0.43 0.93
N ILE G 321 -3.18 -0.41 2.13
CA ILE G 321 -2.72 0.57 3.11
C ILE G 321 -1.30 0.23 3.53
N TRP G 322 -1.10 -0.94 4.14
CA TRP G 322 0.17 -1.22 4.79
C TRP G 322 1.31 -1.19 3.78
N LEU G 323 1.18 -1.94 2.71
CA LEU G 323 2.28 -2.05 1.75
C LEU G 323 2.39 -0.88 0.80
N GLY G 324 1.28 -0.36 0.23
CA GLY G 324 1.41 0.70 -0.73
C GLY G 324 1.55 2.08 -0.10
N ALA G 325 1.36 2.18 1.22
CA ALA G 325 1.60 3.46 1.85
C ALA G 325 2.61 3.40 2.98
N TYR G 326 2.43 2.49 3.93
CA TYR G 326 3.33 2.45 5.08
C TYR G 326 4.73 2.07 4.69
N MET G 327 4.88 1.18 3.71
CA MET G 327 6.18 0.67 3.30
C MET G 327 6.52 1.01 1.86
N SER G 328 5.71 1.84 1.21
CA SER G 328 5.95 2.32 -0.15
C SER G 328 5.32 3.71 -0.24
N GLY G 329 5.00 4.14 -1.45
CA GLY G 329 4.33 5.42 -1.56
C GLY G 329 3.75 5.63 -2.95
N GLY G 330 3.21 6.83 -3.14
CA GLY G 330 2.70 7.24 -4.43
C GLY G 330 1.47 6.49 -4.90
N ILE G 331 1.58 5.87 -6.07
CA ILE G 331 0.43 5.19 -6.67
C ILE G 331 -0.04 4.06 -5.76
N GLY G 332 0.90 3.35 -5.14
CA GLY G 332 0.52 2.25 -4.29
C GLY G 332 0.16 1.03 -5.12
N PHE G 333 -0.52 0.09 -4.47
CA PHE G 333 -0.92 -1.17 -5.08
C PHE G 333 -2.43 -1.29 -4.98
N THR G 334 -3.13 -0.65 -5.91
CA THR G 334 -4.59 -0.73 -5.95
C THR G 334 -5.05 -1.86 -6.86
N GLN G 335 -4.48 -1.96 -8.06
CA GLN G 335 -4.86 -3.03 -8.98
C GLN G 335 -4.31 -4.38 -8.56
N TYR G 336 -3.34 -4.40 -7.64
CA TYR G 336 -2.90 -5.68 -7.08
C TYR G 336 -3.91 -6.22 -6.09
N ALA G 337 -4.55 -5.34 -5.34
CA ALA G 337 -5.50 -5.74 -4.31
C ALA G 337 -6.91 -5.88 -4.85
N THR G 338 -7.35 -4.97 -5.72
CA THR G 338 -8.69 -5.06 -6.26
C THR G 338 -8.88 -6.30 -7.12
N ALA G 339 -7.79 -6.92 -7.58
CA ALA G 339 -7.90 -8.14 -8.36
C ALA G 339 -8.57 -9.25 -7.57
N SER G 340 -8.51 -9.20 -6.25
CA SER G 340 -9.08 -10.24 -5.40
C SER G 340 -10.51 -9.95 -4.98
N TYR G 341 -11.04 -8.75 -5.22
CA TYR G 341 -12.42 -8.50 -4.80
C TYR G 341 -13.23 -7.65 -5.77
N THR G 342 -12.79 -7.50 -7.02
CA THR G 342 -13.60 -6.69 -7.93
C THR G 342 -14.56 -7.54 -8.75
N ASP G 343 -14.04 -8.42 -9.59
CA ASP G 343 -14.90 -9.31 -10.34
C ASP G 343 -14.93 -10.67 -9.67
N ASP G 344 -15.90 -11.48 -10.06
CA ASP G 344 -16.11 -12.76 -9.40
C ASP G 344 -15.08 -13.81 -9.74
N ILE G 345 -14.01 -13.42 -10.43
CA ILE G 345 -12.96 -14.37 -10.78
C ILE G 345 -12.51 -15.21 -9.59
N LEU G 346 -12.13 -14.56 -8.50
CA LEU G 346 -11.75 -15.31 -7.30
C LEU G 346 -12.95 -16.03 -6.72
N ASP G 347 -14.14 -15.43 -6.80
CA ASP G 347 -15.35 -16.10 -6.33
C ASP G 347 -15.62 -17.35 -7.16
N ASP G 348 -15.52 -17.27 -8.47
CA ASP G 348 -15.76 -18.43 -9.32
C ASP G 348 -14.74 -19.52 -9.05
N PHE G 349 -13.47 -19.16 -8.93
CA PHE G 349 -12.44 -20.15 -8.66
C PHE G 349 -12.65 -20.80 -7.31
N SER G 350 -13.01 -20.02 -6.29
CA SER G 350 -13.22 -20.57 -4.95
C SER G 350 -14.45 -21.47 -4.92
N TYR G 351 -15.51 -21.10 -5.62
CA TYR G 351 -16.69 -21.95 -5.65
C TYR G 351 -16.40 -23.25 -6.38
N TYR G 352 -15.59 -23.19 -7.45
CA TYR G 352 -15.16 -24.43 -8.09
C TYR G 352 -14.35 -25.29 -7.14
N ALA G 353 -13.46 -24.67 -6.37
CA ALA G 353 -12.65 -25.43 -5.40
C ALA G 353 -13.54 -26.11 -4.37
N LEU G 354 -14.52 -25.37 -3.84
CA LEU G 354 -15.42 -25.97 -2.86
C LEU G 354 -16.25 -27.09 -3.47
N ASP G 355 -16.74 -26.91 -4.70
CA ASP G 355 -17.50 -27.97 -5.34
C ASP G 355 -16.65 -29.22 -5.54
N TYR G 356 -15.41 -29.05 -5.99
CA TYR G 356 -14.52 -30.19 -6.19
C TYR G 356 -14.24 -30.89 -4.87
N VAL G 357 -13.95 -30.13 -3.82
CA VAL G 357 -13.63 -30.72 -2.52
C VAL G 357 -14.84 -31.47 -1.97
N GLU G 358 -16.02 -30.87 -2.02
CA GLU G 358 -17.21 -31.53 -1.54
C GLU G 358 -17.60 -32.73 -2.38
N LYS G 359 -17.21 -32.74 -3.66
CA LYS G 359 -17.51 -33.89 -4.51
C LYS G 359 -16.58 -35.07 -4.22
N LYS G 360 -15.31 -34.83 -3.90
CA LYS G 360 -14.41 -35.94 -3.66
C LYS G 360 -13.94 -36.11 -2.22
N TYR G 361 -13.99 -35.08 -1.39
CA TYR G 361 -13.53 -35.19 -0.01
C TYR G 361 -14.61 -34.88 1.00
N GLY G 362 -15.31 -33.76 0.85
CA GLY G 362 -16.19 -33.25 1.88
C GLY G 362 -15.59 -32.06 2.60
N ARG G 363 -16.45 -31.37 3.36
CA ARG G 363 -16.03 -30.15 4.03
C ARG G 363 -14.94 -30.42 5.08
N MET G 364 -15.01 -31.57 5.73
CA MET G 364 -13.92 -31.98 6.61
C MET G 364 -13.67 -33.47 6.48
N GLY G 365 -13.90 -34.03 5.30
CA GLY G 365 -13.88 -35.47 5.16
C GLY G 365 -12.52 -36.10 5.19
N THR G 366 -11.45 -35.31 5.18
CA THR G 366 -10.11 -35.86 5.14
C THR G 366 -9.22 -35.12 6.14
N LYS G 367 -8.20 -35.82 6.61
CA LYS G 367 -7.20 -35.23 7.48
C LYS G 367 -6.04 -34.72 6.64
N ALA G 368 -5.47 -33.58 7.04
CA ALA G 368 -4.42 -32.92 6.28
C ALA G 368 -3.23 -33.84 6.05
N THR G 369 -3.01 -34.22 4.80
CA THR G 369 -1.85 -34.97 4.38
C THR G 369 -1.28 -34.32 3.13
N MET G 370 -0.09 -34.76 2.71
CA MET G 370 0.52 -34.15 1.54
C MET G 370 -0.27 -34.44 0.28
N ASP G 371 -0.79 -35.67 0.15
CA ASP G 371 -1.48 -36.07 -1.08
C ASP G 371 -2.71 -35.22 -1.34
N VAL G 372 -3.52 -34.94 -0.32
CA VAL G 372 -4.70 -34.12 -0.54
C VAL G 372 -4.31 -32.70 -0.90
N VAL G 373 -3.23 -32.20 -0.32
CA VAL G 373 -2.76 -30.86 -0.66
C VAL G 373 -2.38 -30.81 -2.14
N GLU G 374 -1.58 -31.78 -2.60
CA GLU G 374 -1.19 -31.80 -4.00
C GLU G 374 -2.42 -31.90 -4.90
N ASP G 375 -3.33 -32.82 -4.58
CA ASP G 375 -4.50 -33.03 -5.42
C ASP G 375 -5.32 -31.76 -5.56
N VAL G 376 -5.72 -31.18 -4.42
CA VAL G 376 -6.63 -30.04 -4.47
C VAL G 376 -5.95 -28.83 -5.09
N ALA G 377 -4.73 -28.52 -4.65
CA ALA G 377 -4.06 -27.34 -5.18
C ALA G 377 -3.79 -27.47 -6.66
N GLY G 378 -3.33 -28.64 -7.11
CA GLY G 378 -3.09 -28.83 -8.53
C GLY G 378 -4.37 -28.73 -9.35
N GLU G 379 -5.45 -29.34 -8.88
CA GLU G 379 -6.70 -29.29 -9.62
C GLU G 379 -7.21 -27.85 -9.75
N VAL G 380 -7.19 -27.11 -8.65
CA VAL G 380 -7.71 -25.75 -8.68
C VAL G 380 -6.82 -24.85 -9.52
N THR G 381 -5.50 -25.03 -9.43
CA THR G 381 -4.60 -24.21 -10.24
C THR G 381 -4.79 -24.50 -11.72
N LEU G 382 -4.89 -25.77 -12.10
CA LEU G 382 -5.13 -26.10 -13.49
C LEU G 382 -6.44 -25.51 -13.98
N TYR G 383 -7.48 -25.59 -13.17
CA TYR G 383 -8.77 -25.03 -13.57
C TYR G 383 -8.69 -23.52 -13.75
N ALA G 384 -8.03 -22.83 -12.82
CA ALA G 384 -7.94 -21.38 -12.91
C ALA G 384 -7.15 -20.94 -14.13
N LEU G 385 -6.03 -21.61 -14.41
CA LEU G 385 -5.25 -21.25 -15.59
C LEU G 385 -5.98 -21.59 -16.87
N GLU G 386 -6.73 -22.69 -16.89
CA GLU G 386 -7.56 -23.00 -18.05
C GLU G 386 -8.62 -21.93 -18.27
N GLN G 387 -9.21 -21.42 -17.18
CA GLN G 387 -10.18 -20.34 -17.31
C GLN G 387 -9.53 -19.08 -17.86
N TYR G 388 -8.31 -18.78 -17.41
CA TYR G 388 -7.60 -17.63 -17.96
C TYR G 388 -7.35 -17.80 -19.45
N ASP G 389 -6.98 -19.02 -19.87
CA ASP G 389 -6.75 -19.28 -21.28
C ASP G 389 -8.04 -19.16 -22.10
N ASP G 390 -9.15 -19.67 -21.57
CA ASP G 390 -10.38 -19.77 -22.36
C ASP G 390 -11.03 -18.42 -22.58
N TYR G 391 -11.00 -17.53 -21.59
CA TYR G 391 -11.73 -16.28 -21.65
C TYR G 391 -10.77 -15.11 -21.70
N PRO G 392 -10.55 -14.50 -22.87
CA PRO G 392 -9.65 -13.35 -22.94
C PRO G 392 -10.09 -12.17 -22.08
N ALA G 393 -11.37 -12.08 -21.76
CA ALA G 393 -11.82 -11.02 -20.85
C ALA G 393 -11.17 -11.16 -19.49
N LEU G 394 -11.10 -12.39 -18.97
CA LEU G 394 -10.45 -12.63 -17.69
C LEU G 394 -8.96 -12.29 -17.76
N LEU G 395 -8.31 -12.67 -18.85
CA LEU G 395 -6.87 -12.42 -18.99
C LEU G 395 -6.57 -10.93 -19.08
N GLU G 396 -7.39 -10.18 -19.82
CA GLU G 396 -7.18 -8.75 -19.93
C GLU G 396 -7.61 -8.01 -18.67
N ASP G 397 -8.49 -8.61 -17.86
CA ASP G 397 -8.80 -8.04 -16.57
C ASP G 397 -7.62 -8.16 -15.60
N HIS G 398 -7.05 -9.35 -15.50
CA HIS G 398 -5.85 -9.57 -14.71
C HIS G 398 -4.63 -9.60 -15.61
N PHE G 399 -4.29 -8.41 -16.13
CA PHE G 399 -3.22 -8.33 -17.11
C PHE G 399 -1.86 -8.67 -16.50
N GLY G 400 -1.62 -8.21 -15.29
CA GLY G 400 -0.34 -8.49 -14.64
C GLY G 400 -0.28 -9.93 -14.13
N GLY G 401 0.91 -10.51 -14.23
CA GLY G 401 1.08 -11.90 -13.81
C GLY G 401 0.90 -12.10 -12.32
N SER G 402 1.20 -11.08 -11.52
CA SER G 402 1.09 -11.17 -10.07
C SER G 402 -0.36 -11.33 -9.63
N MGN G 403 -1.25 -10.58 -10.27
CA MGN G 403 -2.68 -10.64 -10.01
CB1 MGN G 403 -3.48 -9.75 -10.98
CB2 MGN G 403 -3.03 -10.20 -8.58
CG MGN G 403 -2.82 -8.40 -11.15
CD MGN G 403 -3.72 -7.43 -11.88
OE1 MGN G 403 -3.61 -7.24 -13.10
NE2 MGN G 403 -4.66 -6.74 -11.17
C MGN G 403 -3.21 -12.07 -10.21
O MGN G 403 -3.91 -12.67 -9.39
N ARG G 404 -2.86 -12.62 -11.36
CA ARG G 404 -3.28 -13.96 -11.74
C ARG G 404 -2.72 -15.01 -10.79
N ALA G 405 -1.43 -14.89 -10.48
CA ALA G 405 -0.79 -15.83 -9.58
C ALA G 405 -1.45 -15.81 -8.21
N ALA G 406 -1.70 -14.60 -7.68
CA ALA G 406 -2.32 -14.47 -6.38
C ALA G 406 -3.73 -15.05 -6.37
N VAL G 407 -4.51 -14.78 -7.42
CA VAL G 407 -5.88 -15.26 -7.46
C VAL G 407 -5.92 -16.78 -7.53
N ALA G 408 -5.14 -17.37 -8.43
CA ALA G 408 -5.14 -18.83 -8.54
C ALA G 408 -4.65 -19.49 -7.27
N ALA G 409 -3.58 -18.94 -6.67
CA ALA G 409 -3.05 -19.54 -5.45
C ALA G 409 -3.99 -19.38 -4.28
N ALA G 410 -4.70 -18.24 -4.21
CA ALA G 410 -5.69 -18.05 -3.16
C ALA G 410 -6.82 -19.06 -3.28
N ALA G 411 -7.29 -19.30 -4.51
CA ALA G 411 -8.32 -20.30 -4.70
C ALA G 411 -7.83 -21.68 -4.30
N SER G 412 -6.59 -22.03 -4.67
CA SER G 412 -6.06 -23.34 -4.32
C SER G 412 -5.92 -23.51 -2.81
N GLY G 413 -5.41 -22.48 -2.14
CA GLY G 413 -5.28 -22.55 -0.69
C GLY G 413 -6.62 -22.63 0.01
N ILE G 414 -7.61 -21.88 -0.45
CA ILE G 414 -8.95 -21.95 0.11
C ILE G 414 -9.52 -23.35 -0.07
N GLY G 415 -9.29 -23.95 -1.24
CA GLY G 415 -9.77 -25.30 -1.45
C GLY G 415 -9.12 -26.31 -0.51
N VAL G 416 -7.81 -26.21 -0.34
CA VAL G 416 -7.13 -27.12 0.58
C VAL G 416 -7.63 -26.94 2.00
N CYS G 417 -7.87 -25.68 2.40
CA CYS G 417 -8.38 -25.42 3.75
C CYS G 417 -9.79 -25.99 3.91
N MET G 418 -10.64 -25.85 2.91
CA MET G 418 -11.97 -26.44 2.97
C MET G 418 -11.91 -27.96 2.96
N ALA G 419 -10.84 -28.55 2.45
CA ALA G 419 -10.75 -30.00 2.49
C ALA G 419 -10.25 -30.51 3.83
N THR G 420 -9.25 -29.83 4.41
CA THR G 420 -8.56 -30.35 5.58
C THR G 420 -8.84 -29.60 6.87
N GLY G 421 -9.23 -28.34 6.81
CA GLY G 421 -9.43 -27.57 8.02
C GLY G 421 -8.15 -27.12 8.70
N ASN G 422 -7.03 -27.11 7.98
CA ASN G 422 -5.74 -26.70 8.51
C ASN G 422 -5.21 -25.55 7.69
N SER G 423 -4.78 -24.48 8.36
CA SER G 423 -4.33 -23.30 7.64
C SER G 423 -2.93 -23.48 7.04
N ASN G 424 -2.06 -24.22 7.72
CA ASN G 424 -0.73 -24.46 7.17
C ASN G 424 -0.78 -25.32 5.93
N ALA G 425 -1.68 -26.30 5.89
CA ALA G 425 -1.95 -27.00 4.65
C ALA G 425 -2.45 -26.04 3.58
N GLY G 426 -3.21 -25.01 3.98
CA GLY G 426 -3.67 -24.03 3.02
C GLY G 426 -2.54 -23.26 2.38
N VAL G 427 -1.59 -22.78 3.19
CA VAL G 427 -0.46 -22.06 2.60
C VAL G 427 0.40 -23.01 1.77
N ASN G 428 0.55 -24.26 2.21
CA ASN G 428 1.29 -25.22 1.39
C ASN G 428 0.66 -25.37 0.02
N GLY G 429 -0.67 -25.48 -0.03
CA GLY G 429 -1.35 -25.52 -1.31
C GLY G 429 -1.15 -24.25 -2.12
N TRP G 430 -1.13 -23.10 -1.44
CA TRP G 430 -0.88 -21.83 -2.13
C TRP G 430 0.49 -21.84 -2.81
N TYR G 431 1.51 -22.35 -2.12
CA TYR G 431 2.86 -22.33 -2.68
C TYR G 431 3.00 -23.35 -3.81
N LEU G 432 2.35 -24.50 -3.68
CA LEU G 432 2.31 -25.44 -4.80
C LEU G 432 1.65 -24.82 -6.01
N SER G 433 0.56 -24.07 -5.78
CA SER G 433 -0.10 -23.40 -6.89
C SER G 433 0.82 -22.40 -7.55
N GLN G 434 1.60 -21.66 -6.76
CA GLN G 434 2.52 -20.68 -7.35
C GLN G 434 3.54 -21.36 -8.25
N ILE G 435 4.21 -22.40 -7.73
CA ILE G 435 5.25 -23.03 -8.54
C ILE G 435 4.69 -23.88 -9.67
N LEU G 436 3.38 -24.18 -9.66
CA LEU G 436 2.75 -24.84 -10.79
C LEU G 436 2.32 -23.83 -11.85
N HIS G 437 1.81 -22.68 -11.42
CA HIS G 437 1.55 -21.57 -12.32
C HIS G 437 2.81 -21.19 -13.09
N LYS G 438 3.95 -21.18 -12.40
CA LYS G 438 5.21 -20.81 -13.04
C LYS G 438 5.54 -21.74 -14.20
N GLU G 439 5.33 -23.04 -14.03
CA GLU G 439 5.62 -23.98 -15.11
C GLU G 439 4.53 -23.97 -16.18
N TYR G 440 3.29 -23.68 -15.80
CA TYR G 440 2.21 -23.65 -16.78
C TYR G 440 2.40 -22.52 -17.77
N HIS G 441 2.61 -21.30 -17.28
CA HIS G 441 2.67 -20.14 -18.17
C HIS G 441 4.07 -19.64 -18.43
N SER G 442 5.09 -20.25 -17.80
CA SER G 442 6.47 -19.80 -17.92
C SER G 442 6.64 -18.34 -17.49
N ARG G 443 5.87 -17.94 -16.47
CA ARG G 443 5.93 -16.60 -15.91
C ARG G 443 5.12 -16.61 -14.62
N LEU G 444 5.55 -15.82 -13.64
CA LEU G 444 4.82 -15.72 -12.38
C LEU G 444 4.34 -14.31 -12.10
N GLY G 445 5.24 -13.34 -12.01
CA GLY G 445 4.85 -11.98 -11.69
C GLY G 445 6.04 -11.07 -11.87
N PHE G 446 5.95 -9.89 -11.25
CA PHE G 446 7.10 -9.00 -11.26
C PHE G 446 8.26 -9.65 -10.51
N TYR G 447 9.48 -9.40 -10.96
CA TYR G 447 10.59 -10.07 -10.32
C TYR G 447 10.81 -9.43 -8.97
CA GL3 G 448 10.75 -9.81 -6.60
N GL3 G 448 10.86 -10.27 -7.94
C GL3 G 448 9.45 -10.22 -5.93
S GL3 G 448 9.84 -10.77 -4.35
N TYR G 449 8.60 -10.87 -6.70
CA TYR G 449 7.29 -11.33 -6.23
C TYR G 449 7.38 -12.68 -5.55
N ASP G 450 8.13 -13.60 -6.15
CA ASP G 450 8.17 -14.97 -5.69
C ASP G 450 9.31 -15.25 -4.72
N LEU G 451 9.73 -14.25 -3.95
CA LEU G 451 10.69 -14.49 -2.87
C LEU G 451 10.09 -15.45 -1.85
N GLN G 452 8.99 -15.05 -1.22
CA GLN G 452 8.35 -15.91 -0.23
C GLN G 452 7.75 -17.15 -0.85
N ASP G 453 7.44 -17.13 -2.15
CA ASP G 453 6.84 -18.29 -2.78
C ASP G 453 7.87 -19.38 -3.05
N GLN G 454 9.14 -19.01 -3.12
CA GLN G 454 10.23 -20.01 -3.33
C GLN G 454 10.57 -20.66 -2.00
N SMC G 455 10.70 -19.88 -0.93
CA SMC G 455 11.02 -20.44 0.41
CB SMC G 455 11.65 -19.37 1.27
SG SMC G 455 12.63 -18.13 0.39
CS SMC G 455 12.10 -16.64 1.21
C SMC G 455 9.74 -20.93 1.09
O SMC G 455 9.86 -21.60 2.13
N GLY G 456 8.58 -20.59 0.53
CA GLY G 456 7.30 -20.96 1.18
C GLY G 456 7.17 -22.43 1.48
N ALA G 457 7.31 -23.30 0.47
CA ALA G 457 7.07 -24.71 0.70
C ALA G 457 7.88 -25.21 1.89
N SER G 458 9.14 -24.78 2.00
CA SER G 458 9.98 -25.21 3.10
C SER G 458 9.52 -24.58 4.42
N ASN G 459 9.03 -23.34 4.38
CA ASN G 459 8.69 -22.64 5.60
C ASN G 459 7.26 -22.89 6.08
N SER G 460 6.41 -23.50 5.26
CA SER G 460 5.00 -23.63 5.62
C SER G 460 4.80 -24.59 6.80
N LEU G 461 5.50 -25.71 6.81
CA LEU G 461 5.40 -26.68 7.89
C LEU G 461 6.66 -26.71 8.75
N ALA G 462 7.49 -25.69 8.66
CA ALA G 462 8.75 -25.67 9.40
C ALA G 462 8.49 -25.58 10.90
N ILE G 463 9.49 -26.01 11.67
CA ILE G 463 9.45 -25.91 13.12
C ILE G 463 10.59 -25.08 13.68
N ARG G 464 11.43 -24.50 12.84
CA ARG G 464 12.52 -23.68 13.32
C ARG G 464 12.00 -22.33 13.81
N ASN G 465 12.78 -21.70 14.68
CA ASN G 465 12.29 -20.55 15.45
C ASN G 465 11.87 -19.41 14.54
N ASP G 466 12.70 -19.09 13.55
CA ASP G 466 12.44 -17.94 12.70
C ASP G 466 11.42 -18.24 11.60
N GLU G 467 11.08 -19.50 11.38
CA GLU G 467 10.26 -19.90 10.24
C GLU G 467 8.93 -20.52 10.62
N ALA G 468 8.75 -20.98 11.85
CA ALA G 468 7.54 -21.67 12.26
C ALA G 468 6.55 -20.68 12.84
N ALA G 469 5.30 -20.77 12.40
CA ALA G 469 4.18 -20.07 13.01
C ALA G 469 2.89 -20.59 12.38
N PRO G 470 1.86 -20.88 13.18
CA PRO G 470 0.55 -21.15 12.59
C PRO G 470 0.07 -19.95 11.81
N LEU G 471 -0.61 -20.21 10.69
CA LEU G 471 -0.95 -19.11 9.78
C LEU G 471 -1.84 -18.07 10.46
N GLU G 472 -2.59 -18.47 11.48
CA GLU G 472 -3.34 -17.49 12.26
C GLU G 472 -2.40 -16.58 13.04
N LEU G 473 -1.28 -17.12 13.51
CA LEU G 473 -0.30 -16.34 14.26
C LEU G 473 0.71 -15.64 13.37
N ARG G 474 0.69 -15.89 12.07
CA ARG G 474 1.55 -15.16 11.16
C ARG G 474 0.97 -13.79 10.86
N GLY G 475 1.78 -12.96 10.21
CA GLY G 475 1.34 -11.62 9.86
C GLY G 475 2.34 -10.94 8.96
N PRO G 476 2.11 -9.66 8.70
CA PRO G 476 3.06 -8.91 7.85
C PRO G 476 4.45 -8.81 8.43
N ASN G 477 4.64 -9.08 9.71
CA ASN G 477 5.98 -9.10 10.30
C ASN G 477 6.63 -10.47 10.26
N TYR G 478 5.96 -11.46 9.70
CA TYR G 478 6.62 -12.73 9.44
C TYR G 478 7.77 -12.48 8.46
N PRO G 479 8.97 -13.01 8.72
CA PRO G 479 10.14 -12.57 7.95
C PRO G 479 10.02 -12.73 6.44
N ASN G 480 9.38 -13.80 5.97
CA ASN G 480 9.22 -13.98 4.52
C ASN G 480 8.20 -13.01 3.94
N TYR G 481 7.17 -12.66 4.70
CA TYR G 481 6.03 -11.91 4.18
C TYR G 481 6.21 -10.41 4.30
N ALA G 482 7.38 -9.94 4.72
CA ALA G 482 7.54 -8.58 5.21
C ALA G 482 7.66 -7.54 4.11
N MET G 483 7.78 -7.94 2.85
CA MET G 483 8.09 -6.96 1.81
C MET G 483 7.13 -6.94 0.62
N ASN G 484 6.60 -8.07 0.16
CA ASN G 484 6.03 -8.18 -1.17
C ASN G 484 4.50 -8.08 -1.15
N VAL G 485 3.96 -7.44 -2.18
CA VAL G 485 2.52 -7.29 -2.32
C VAL G 485 1.93 -8.55 -2.95
N GLY G 486 0.61 -8.69 -2.84
CA GLY G 486 -0.09 -9.78 -3.47
C GLY G 486 -0.08 -11.09 -2.72
N HIS G 487 0.23 -11.07 -1.44
CA HIS G 487 0.25 -12.31 -0.66
C HIS G 487 -0.58 -12.25 0.61
N GLN G 488 -0.57 -11.11 1.31
CA GLN G 488 -1.00 -11.11 2.71
C GLN G 488 -2.50 -11.21 2.87
N GLY G 489 -3.27 -10.47 2.06
CA GLY G 489 -4.72 -10.55 2.17
C GLY G 489 -5.23 -11.94 1.87
N GLU G 490 -4.63 -12.60 0.87
CA GLU G 490 -4.99 -13.97 0.56
C GLU G 490 -4.56 -14.93 1.67
N TYR G 491 -3.45 -14.64 2.35
CA TYR G 491 -3.07 -15.44 3.51
C TYR G 491 -4.12 -15.33 4.61
N ALA G 492 -4.62 -14.12 4.87
CA ALA G 492 -5.67 -13.95 5.85
C ALA G 492 -6.93 -14.70 5.44
N GLY G 493 -7.27 -14.66 4.15
CA GLY G 493 -8.41 -15.41 3.68
C GLY G 493 -8.26 -16.91 3.84
N ILE G 494 -7.04 -17.42 3.61
CA ILE G 494 -6.79 -18.84 3.80
C ILE G 494 -6.91 -19.22 5.27
N ALA G 495 -6.40 -18.36 6.16
CA ALA G 495 -6.54 -18.61 7.59
C ALA G 495 -8.00 -18.64 8.01
N GLN G 496 -8.81 -17.73 7.46
CA GLN G 496 -10.23 -17.75 7.77
C GLN G 496 -10.90 -19.00 7.20
N ALA G 497 -10.56 -19.38 5.97
CA ALA G 497 -11.16 -20.55 5.36
C ALA G 497 -10.84 -21.82 6.12
N ALA G 498 -9.71 -21.85 6.82
CA ALA G 498 -9.40 -23.01 7.65
C ALA G 498 -10.46 -23.23 8.72
N HIS G 499 -11.12 -22.16 9.18
CA HIS G 499 -12.13 -22.26 10.22
C HIS G 499 -13.55 -22.21 9.68
N SER G 500 -13.76 -21.56 8.53
CA SER G 500 -15.07 -21.62 7.89
C SER G 500 -15.42 -23.03 7.46
N ALA G 501 -14.42 -23.86 7.19
CA ALA G 501 -14.67 -25.26 6.88
C ALA G 501 -15.27 -26.00 8.06
N ARG G 502 -14.80 -25.69 9.28
CA ARG G 502 -15.28 -26.34 10.48
C ARG G 502 -16.52 -25.66 11.08
N GLY G 503 -16.95 -24.54 10.52
CA GLY G 503 -18.05 -23.80 11.09
C GLY G 503 -17.72 -23.20 12.45
N ASP G 504 -16.51 -22.71 12.63
CA ASP G 504 -16.09 -22.15 13.90
C ASP G 504 -16.67 -20.76 14.09
N ALA G 505 -16.89 -20.40 15.36
CA ALA G 505 -17.41 -19.06 15.67
C ALA G 505 -16.33 -18.00 15.52
N PHE G 506 -15.06 -18.37 15.69
CA PHE G 506 -13.96 -17.43 15.64
C PHE G 506 -12.70 -18.18 15.23
N ALA G 507 -11.67 -17.41 14.87
CA ALA G 507 -10.42 -17.96 14.39
C ALA G 507 -9.30 -17.90 15.42
N LEU G 508 -9.09 -16.75 16.03
CA LEU G 508 -7.98 -16.60 16.96
C LEU G 508 -8.38 -15.96 18.29
N ASN G 509 -9.29 -14.99 18.28
CA ASN G 509 -9.62 -14.28 19.50
C ASN G 509 -11.12 -14.02 19.59
N PRO G 510 -11.80 -14.66 20.54
CA PRO G 510 -13.25 -14.39 20.68
C PRO G 510 -13.56 -12.97 21.06
N LEU G 511 -12.68 -12.33 21.84
CA LEU G 511 -12.93 -10.96 22.26
C LEU G 511 -12.95 -10.00 21.07
N VAL G 512 -12.05 -10.21 20.12
CA VAL G 512 -12.03 -9.36 18.92
C VAL G 512 -13.33 -9.55 18.13
N LYS G 513 -13.79 -10.79 18.00
CA LYS G 513 -15.02 -11.06 17.26
C LYS G 513 -16.21 -10.36 17.92
N VAL G 514 -16.33 -10.50 19.24
CA VAL G 514 -17.44 -9.85 19.93
C VAL G 514 -17.31 -8.33 19.87
N ALA G 515 -16.08 -7.82 19.99
CA ALA G 515 -15.88 -6.38 19.98
C ALA G 515 -16.25 -5.77 18.64
N PHE G 516 -15.94 -6.45 17.55
CA PHE G 516 -16.25 -5.92 16.24
C PHE G 516 -17.63 -6.33 15.76
N ALA G 517 -18.36 -7.12 16.53
CA ALA G 517 -19.79 -7.30 16.29
C ALA G 517 -20.62 -6.10 16.74
N ASP G 518 -19.97 -5.07 17.27
CA ASP G 518 -20.71 -3.92 17.80
C ASP G 518 -21.43 -3.18 16.68
N PRO G 519 -22.73 -2.90 16.84
CA PRO G 519 -23.47 -2.20 15.78
C PRO G 519 -23.15 -0.72 15.66
N MET G 520 -22.43 -0.14 16.61
CA MET G 520 -22.15 1.29 16.59
C MET G 520 -20.85 1.64 15.89
N LEU G 521 -20.14 0.65 15.35
CA LEU G 521 -18.94 0.93 14.55
C LEU G 521 -19.31 1.69 13.29
N VAL G 522 -18.44 2.60 12.87
CA VAL G 522 -18.71 3.39 11.67
C VAL G 522 -18.64 2.52 10.42
N PHE G 523 -17.71 1.57 10.39
CA PHE G 523 -17.55 0.66 9.27
C PHE G 523 -18.27 -0.65 9.57
N ASP G 524 -19.09 -1.11 8.63
CA ASP G 524 -19.83 -2.35 8.78
C ASP G 524 -18.95 -3.51 8.31
N PHE G 525 -18.46 -4.29 9.26
CA PHE G 525 -17.55 -5.39 8.95
C PHE G 525 -18.28 -6.66 8.56
N SER G 526 -19.61 -6.68 8.60
CA SER G 526 -20.35 -7.85 8.12
C SER G 526 -20.22 -8.00 6.61
N LYS G 527 -20.25 -6.89 5.87
CA LYS G 527 -20.16 -6.89 4.42
C LYS G 527 -19.11 -5.88 3.99
N PRO G 528 -17.83 -6.22 4.11
CA PRO G 528 -16.77 -5.25 3.76
C PRO G 528 -16.83 -4.76 2.33
N ARG G 529 -17.14 -5.65 1.38
CA ARG G 529 -17.15 -5.25 -0.02
C ARG G 529 -18.25 -4.25 -0.32
N LYS G 530 -19.42 -4.42 0.31
CA LYS G 530 -20.49 -3.45 0.14
C LYS G 530 -20.08 -2.08 0.66
N GLU G 531 -19.40 -2.03 1.81
CA GLU G 531 -18.96 -0.75 2.35
C GLU G 531 -17.89 -0.12 1.48
N ILE G 532 -16.98 -0.93 0.92
CA ILE G 532 -15.98 -0.40 0.01
C ILE G 532 -16.65 0.20 -1.22
N ALA G 533 -17.66 -0.49 -1.75
CA ALA G 533 -18.41 0.04 -2.88
C ALA G 533 -19.12 1.34 -2.53
N ARG G 534 -19.71 1.41 -1.32
CA ARG G 534 -20.37 2.64 -0.89
C ARG G 534 -19.38 3.79 -0.78
N GLY G 535 -18.18 3.52 -0.26
CA GLY G 535 -17.17 4.55 -0.19
C GLY G 535 -16.71 5.00 -1.56
N ALA G 536 -16.61 4.06 -2.50
CA ALA G 536 -16.23 4.39 -3.87
C ALA G 536 -17.28 5.25 -4.56
N LEU G 537 -18.53 5.20 -4.12
CA LEU G 537 -19.61 5.97 -4.72
C LEU G 537 -19.91 7.25 -3.95
N ARG G 538 -19.05 7.64 -3.02
CA ARG G 538 -19.20 8.89 -2.26
C ARG G 538 -20.54 8.95 -1.54
N GLU G 539 -20.86 7.86 -0.84
CA GLU G 539 -22.05 7.85 0.00
C GLU G 539 -21.77 7.19 1.35
N PHE G 540 -20.51 7.10 1.76
CA PHE G 540 -20.11 6.56 3.03
C PHE G 540 -19.70 7.70 3.94
N GLU G 541 -20.32 7.79 5.12
CA GLU G 541 -20.01 8.83 6.09
C GLU G 541 -18.91 8.34 7.02
N ALA G 542 -17.79 9.05 7.03
CA ALA G 542 -16.63 8.67 7.82
C ALA G 542 -16.42 9.67 8.95
N ALA G 543 -15.83 9.18 10.04
CA ALA G 543 -15.52 10.01 11.20
C ALA G 543 -14.10 10.56 11.08
N GLY G 544 -13.69 11.32 12.10
CA GLY G 544 -12.39 11.94 12.10
C GLY G 544 -12.31 13.26 11.40
N GLU G 545 -13.40 13.73 10.80
CA GLU G 545 -13.40 15.02 10.15
C GLU G 545 -13.56 16.14 11.16
N ARG G 546 -12.91 17.27 10.90
CA ARG G 546 -12.88 18.40 11.80
C ARG G 546 -13.37 19.63 11.03
N ASP G 547 -14.68 19.75 10.90
CA ASP G 547 -15.25 20.90 10.21
C ASP G 547 -15.87 21.91 11.15
N VAL G 548 -16.10 21.55 12.41
CA VAL G 548 -16.62 22.50 13.39
C VAL G 548 -15.53 23.42 13.91
N ILE G 549 -14.25 23.05 13.76
CA ILE G 549 -13.14 23.86 14.20
C ILE G 549 -12.41 24.50 13.02
N LEU G 550 -13.01 24.50 11.84
CA LEU G 550 -12.36 25.02 10.65
C LEU G 550 -13.20 26.15 10.06
N PRO G 551 -12.57 27.09 9.37
CA PRO G 551 -13.33 28.18 8.76
C PRO G 551 -14.11 27.70 7.53
N ALA G 552 -15.11 28.49 7.16
CA ALA G 552 -15.89 28.20 5.97
C ALA G 552 -15.05 28.45 4.72
N LYS G 553 -15.09 27.51 3.79
CA LYS G 553 -14.34 27.61 2.55
C LYS G 553 -15.24 28.05 1.39
N MET H 1 -36.71 -11.69 -42.24
CA MET H 1 -35.71 -12.48 -42.95
C MET H 1 -34.33 -12.20 -42.35
N TYR H 2 -33.95 -10.93 -42.34
CA TYR H 2 -32.64 -10.49 -41.86
C TYR H 2 -32.81 -10.03 -40.42
N GLN H 3 -32.41 -10.86 -39.46
CA GLN H 3 -32.46 -10.42 -38.08
C GLN H 3 -31.13 -9.80 -37.68
N ILE H 4 -31.21 -8.65 -37.03
CA ILE H 4 -30.04 -7.82 -36.76
C ILE H 4 -29.58 -8.08 -35.33
N ILE H 5 -28.28 -8.35 -35.17
CA ILE H 5 -27.68 -8.64 -33.88
C ILE H 5 -26.40 -7.85 -33.76
N ARG H 6 -25.76 -7.95 -32.59
CA ARG H 6 -24.48 -7.32 -32.34
C ARG H 6 -23.45 -8.37 -31.98
N TYR H 7 -22.32 -8.34 -32.67
CA TYR H 7 -21.20 -9.23 -32.38
C TYR H 7 -20.12 -8.44 -31.68
N GLU H 8 -19.68 -8.94 -30.53
CA GLU H 8 -18.61 -8.33 -29.76
C GLU H 8 -17.45 -9.31 -29.70
N GLY H 9 -16.30 -8.89 -30.24
CA GLY H 9 -15.14 -9.76 -30.29
C GLY H 9 -13.86 -8.97 -30.50
N GLY H 10 -12.78 -9.65 -30.81
CA GLY H 10 -11.51 -9.01 -31.04
C GLY H 10 -11.28 -8.68 -32.50
N VAL H 11 -10.29 -7.83 -32.75
CA VAL H 11 -9.96 -7.46 -34.11
C VAL H 11 -9.11 -8.51 -34.81
N TYR H 12 -8.49 -9.40 -34.05
CA TYR H 12 -7.67 -10.45 -34.65
C TYR H 12 -8.57 -11.44 -35.39
N LYS H 13 -8.24 -11.69 -36.65
CA LYS H 13 -9.00 -12.57 -37.53
C LYS H 13 -10.45 -12.11 -37.71
N ASN H 14 -10.72 -10.82 -37.50
CA ASN H 14 -12.06 -10.31 -37.73
C ASN H 14 -12.35 -10.18 -39.23
N ASN H 15 -11.32 -10.00 -40.03
CA ASN H 15 -11.52 -9.90 -41.48
C ASN H 15 -12.04 -11.20 -42.06
N ILE H 16 -11.58 -12.34 -41.53
CA ILE H 16 -12.09 -13.62 -41.99
C ILE H 16 -13.58 -13.76 -41.66
N LEU H 17 -13.97 -13.31 -40.46
CA LEU H 17 -15.39 -13.35 -40.09
C LEU H 17 -16.21 -12.44 -40.99
N LYS H 18 -15.69 -11.26 -41.32
CA LYS H 18 -16.39 -10.37 -42.23
C LYS H 18 -16.53 -11.00 -43.61
N GLU H 19 -15.49 -11.73 -44.05
CA GLU H 19 -15.59 -12.46 -45.31
C GLU H 19 -16.67 -13.53 -45.25
N TRP H 20 -16.76 -14.23 -44.14
CA TRP H 20 -17.83 -15.24 -43.98
C TRP H 20 -19.20 -14.59 -44.04
N ILE H 21 -19.36 -13.44 -43.39
CA ILE H 21 -20.64 -12.74 -43.39
C ILE H 21 -20.99 -12.29 -44.81
N GLU H 22 -20.01 -11.80 -45.56
CA GLU H 22 -20.24 -11.45 -46.95
C GLU H 22 -20.61 -12.67 -47.77
N ASP H 23 -19.96 -13.80 -47.51
CA ASP H 23 -20.23 -15.02 -48.27
C ASP H 23 -21.65 -15.49 -48.06
N VAL H 24 -22.13 -15.50 -46.82
CA VAL H 24 -23.49 -15.97 -46.55
C VAL H 24 -24.54 -14.91 -46.84
N GLY H 25 -24.14 -13.72 -47.25
CA GLY H 25 -25.09 -12.70 -47.65
C GLY H 25 -25.50 -11.70 -46.60
N GLY H 26 -24.82 -11.66 -45.47
CA GLY H 26 -25.14 -10.68 -44.45
C GLY H 26 -24.58 -9.30 -44.78
N PHE H 27 -24.97 -8.34 -43.96
CA PHE H 27 -24.49 -6.97 -44.09
C PHE H 27 -23.96 -6.49 -42.75
N ILE H 28 -22.85 -5.76 -42.79
CA ILE H 28 -22.27 -5.16 -41.59
C ILE H 28 -22.83 -3.74 -41.50
N ILE H 29 -23.83 -3.55 -40.63
CA ILE H 29 -24.45 -2.25 -40.49
C ILE H 29 -23.52 -1.28 -39.77
N GLN H 30 -22.87 -1.74 -38.71
CA GLN H 30 -22.05 -0.88 -37.86
C GLN H 30 -20.75 -1.59 -37.55
N GLU H 31 -19.67 -0.81 -37.47
CA GLU H 31 -18.37 -1.33 -37.07
C GLU H 31 -17.65 -0.29 -36.23
N HIS H 32 -17.09 -0.72 -35.12
CA HIS H 32 -16.27 0.16 -34.29
C HIS H 32 -15.19 -0.67 -33.61
N VAL H 33 -13.95 -0.21 -33.72
CA VAL H 33 -12.81 -0.86 -33.10
C VAL H 33 -12.32 0.05 -31.99
N MET H 34 -12.33 -0.43 -30.75
CA MET H 34 -11.98 0.46 -29.64
C MET H 34 -10.47 0.50 -29.47
N GLN H 35 -9.87 -0.57 -28.96
CA GLN H 35 -8.42 -0.72 -28.99
C GLN H 35 -8.04 -2.04 -29.65
N LEU H 36 -8.58 -3.13 -29.12
CA LEU H 36 -8.34 -4.47 -29.64
C LEU H 36 -9.63 -5.26 -29.78
N ASP H 37 -10.77 -4.69 -29.41
CA ASP H 37 -12.06 -5.32 -29.57
C ASP H 37 -12.90 -4.54 -30.56
N VAL H 38 -13.72 -5.25 -31.32
CA VAL H 38 -14.54 -4.68 -32.36
C VAL H 38 -15.99 -5.06 -32.09
N TYR H 39 -16.88 -4.09 -32.21
CA TYR H 39 -18.31 -4.31 -32.06
C TYR H 39 -18.95 -4.15 -33.44
N MET H 40 -19.66 -5.18 -33.88
CA MET H 40 -20.27 -5.18 -35.21
C MET H 40 -21.77 -5.44 -35.08
N THR H 41 -22.56 -4.53 -35.63
CA THR H 41 -23.99 -4.75 -35.77
C THR H 41 -24.24 -5.33 -37.15
N ILE H 42 -24.66 -6.59 -37.19
CA ILE H 42 -24.74 -7.35 -38.44
C ILE H 42 -26.18 -7.79 -38.66
N ALA H 43 -26.61 -7.74 -39.91
CA ALA H 43 -27.92 -8.23 -40.33
C ALA H 43 -27.70 -9.41 -41.26
N ILE H 44 -28.04 -10.60 -40.79
CA ILE H 44 -27.84 -11.82 -41.57
C ILE H 44 -29.17 -12.57 -41.69
N PRO H 45 -29.32 -13.39 -42.72
CA PRO H 45 -30.57 -14.14 -42.89
C PRO H 45 -30.82 -15.09 -41.72
N GLN H 46 -32.11 -15.32 -41.44
CA GLN H 46 -32.47 -16.13 -40.28
C GLN H 46 -31.99 -17.57 -40.41
N ASN H 47 -31.92 -18.10 -41.63
CA ASN H 47 -31.49 -19.48 -41.80
C ASN H 47 -30.02 -19.69 -41.50
N GLU H 48 -29.26 -18.62 -41.31
CA GLU H 48 -27.84 -18.73 -40.99
C GLU H 48 -27.52 -18.27 -39.57
N ILE H 49 -28.52 -18.14 -38.71
CA ILE H 49 -28.29 -17.63 -37.35
C ILE H 49 -27.46 -18.63 -36.55
N GLU H 50 -27.83 -19.90 -36.56
CA GLU H 50 -27.06 -20.91 -35.84
C GLU H 50 -25.67 -21.06 -36.43
N ASN H 51 -25.55 -20.97 -37.75
CA ASN H 51 -24.23 -21.03 -38.36
C ASN H 51 -23.36 -19.88 -37.89
N PHE H 52 -23.92 -18.68 -37.79
CA PHE H 52 -23.15 -17.54 -37.33
C PHE H 52 -22.82 -17.65 -35.84
N LYS H 53 -23.71 -18.24 -35.04
CA LYS H 53 -23.38 -18.47 -33.64
C LYS H 53 -22.20 -19.42 -33.51
N GLU H 54 -22.21 -20.49 -34.32
CA GLU H 54 -21.09 -21.43 -34.33
C GLU H 54 -19.80 -20.73 -34.77
N GLU H 55 -19.90 -19.88 -35.79
CA GLU H 55 -18.71 -19.17 -36.27
C GLU H 55 -18.19 -18.19 -35.22
N ALA H 56 -19.10 -17.49 -34.54
CA ALA H 56 -18.68 -16.54 -33.51
C ALA H 56 -18.01 -17.24 -32.35
N LYS H 57 -18.54 -18.39 -31.93
CA LYS H 57 -17.90 -19.12 -30.84
C LYS H 57 -16.55 -19.70 -31.24
N LYS H 58 -16.24 -19.73 -32.54
CA LYS H 58 -14.92 -20.14 -32.97
C LYS H 58 -13.88 -19.04 -32.75
N TYR H 59 -14.28 -17.79 -32.91
CA TYR H 59 -13.41 -16.64 -32.68
C TYR H 59 -13.50 -16.12 -31.25
N LYS H 60 -14.15 -16.87 -30.35
CA LYS H 60 -14.37 -16.45 -28.97
C LYS H 60 -15.10 -15.11 -28.91
N GLY H 61 -16.04 -14.91 -29.83
CA GLY H 61 -16.88 -13.73 -29.82
C GLY H 61 -18.12 -13.93 -28.98
N LYS H 62 -18.94 -12.89 -28.95
CA LYS H 62 -20.17 -12.87 -28.17
C LYS H 62 -21.29 -12.32 -29.03
N ILE H 63 -22.44 -12.97 -28.99
CA ILE H 63 -23.63 -12.51 -29.71
C ILE H 63 -24.57 -11.90 -28.69
N VAL H 64 -24.96 -10.66 -28.91
CA VAL H 64 -25.91 -9.95 -28.06
C VAL H 64 -27.16 -9.67 -28.90
N GLU H 65 -28.30 -10.16 -28.43
CA GLU H 65 -29.55 -9.96 -29.14
C GLU H 65 -30.00 -8.51 -28.93
N THR H 66 -30.03 -7.73 -30.01
CA THR H 66 -30.42 -6.34 -29.92
C THR H 66 -31.83 -6.19 -30.46
N PRO H 67 -32.84 -5.97 -29.60
CA PRO H 67 -34.22 -5.89 -30.08
C PRO H 67 -34.58 -4.57 -30.75
N LEU H 68 -33.70 -3.57 -30.72
CA LEU H 68 -34.00 -2.26 -31.28
C LEU H 68 -32.99 -1.84 -32.34
N ALA H 69 -32.22 -2.77 -32.88
CA ALA H 69 -31.15 -2.40 -33.82
C ALA H 69 -31.66 -2.29 -35.25
N GLY H 70 -32.75 -1.58 -35.43
CA GLY H 70 -33.23 -1.26 -36.76
C GLY H 70 -33.98 0.04 -36.81
N ILE H 71 -33.98 0.78 -35.69
CA ILE H 71 -34.82 1.95 -35.51
C ILE H 71 -33.97 3.09 -34.99
N GLU H 72 -34.46 4.31 -35.19
CA GLU H 72 -33.83 5.50 -34.64
C GLU H 72 -34.83 6.24 -33.75
N ILE H 73 -34.39 6.61 -32.56
CA ILE H 73 -35.26 7.09 -31.49
C ILE H 73 -34.96 8.56 -31.23
N ALA H 74 -36.01 9.34 -31.03
CA ALA H 74 -35.87 10.76 -30.74
C ALA H 74 -36.09 10.99 -29.25
N ILE H 75 -35.00 11.08 -28.50
CA ILE H 75 -35.06 11.43 -27.09
C ILE H 75 -35.25 12.93 -26.99
N VAL H 76 -36.39 13.34 -26.45
CA VAL H 76 -36.79 14.74 -26.42
C VAL H 76 -36.56 15.26 -25.01
N SER H 77 -35.65 16.15 -24.87
CA SER H 77 -35.40 16.83 -23.61
C SER H 77 -35.90 18.26 -23.68
N PRO H 78 -36.40 18.81 -22.57
CA PRO H 78 -36.87 20.20 -22.60
C PRO H 78 -35.82 21.21 -22.98
N SER H 79 -34.55 20.91 -22.69
CA SER H 79 -33.45 21.80 -23.06
C SER H 79 -32.17 20.99 -23.02
N LEU H 80 -31.10 21.57 -23.56
CA LEU H 80 -29.78 20.96 -23.54
C LEU H 80 -28.92 21.48 -22.40
N SER H 81 -29.54 22.10 -21.39
CA SER H 81 -28.81 22.71 -20.30
C SER H 81 -28.37 21.67 -19.28
N ARG H 82 -27.76 22.14 -18.19
CA ARG H 82 -27.23 21.25 -17.18
C ARG H 82 -28.32 20.49 -16.43
N HIS H 83 -29.57 20.94 -16.52
CA HIS H 83 -30.64 20.30 -15.76
C HIS H 83 -30.96 18.92 -16.32
N HIS H 84 -31.08 18.79 -17.62
CA HIS H 84 -31.50 17.55 -18.25
C HIS H 84 -30.42 16.87 -19.06
N LEU H 85 -29.57 17.62 -19.76
CA LEU H 85 -28.70 17.00 -20.75
C LEU H 85 -27.61 16.13 -20.12
N PRO H 86 -26.70 16.66 -19.31
CA PRO H 86 -25.53 15.87 -18.91
C PRO H 86 -25.87 14.68 -18.04
N HIS H 87 -27.11 14.56 -17.57
CA HIS H 87 -27.53 13.42 -16.78
C HIS H 87 -29.03 13.22 -16.90
N ILE H 88 -29.42 11.94 -16.92
CA ILE H 88 -30.74 11.41 -17.28
C ILE H 88 -30.87 11.33 -18.79
N ALA H 89 -30.75 12.45 -19.49
CA ALA H 89 -30.91 12.43 -20.94
C ALA H 89 -29.86 11.55 -21.60
N CYS H 90 -28.59 11.70 -21.18
CA CYS H 90 -27.56 10.83 -21.72
C CYS H 90 -27.76 9.40 -21.27
N ASP H 91 -28.24 9.20 -20.04
CA ASP H 91 -28.48 7.84 -19.59
C ASP H 91 -29.57 7.18 -20.42
N VAL H 92 -30.63 7.92 -20.72
CA VAL H 92 -31.68 7.39 -21.59
C VAL H 92 -31.13 7.08 -22.98
N SER H 93 -30.36 8.02 -23.55
CA SER H 93 -29.82 7.83 -24.89
C SER H 93 -28.86 6.64 -24.93
N GLU H 94 -27.99 6.52 -23.94
CA GLU H 94 -27.01 5.45 -23.95
C GLU H 94 -27.66 4.11 -23.67
N TYR H 95 -28.69 4.07 -22.83
CA TYR H 95 -29.39 2.82 -22.61
C TYR H 95 -30.13 2.40 -23.87
N VAL H 96 -30.69 3.36 -24.61
CA VAL H 96 -31.29 3.06 -25.90
C VAL H 96 -30.24 2.51 -26.87
N ARG H 97 -29.04 3.13 -26.87
CA ARG H 97 -27.96 2.67 -27.73
C ARG H 97 -27.51 1.26 -27.35
N LYS H 98 -27.60 0.90 -26.08
CA LYS H 98 -27.18 -0.41 -25.61
C LYS H 98 -27.98 -1.53 -26.25
N PHE H 99 -29.16 -1.22 -26.80
CA PHE H 99 -30.00 -2.21 -27.46
C PHE H 99 -30.07 -1.99 -28.97
N GLY H 100 -29.10 -1.28 -29.52
CA GLY H 100 -28.93 -1.19 -30.96
C GLY H 100 -29.55 0.00 -31.64
N ALA H 101 -30.37 0.78 -30.94
CA ALA H 101 -31.04 1.87 -31.60
C ALA H 101 -30.09 3.03 -31.84
N LYS H 102 -30.48 3.93 -32.73
CA LYS H 102 -29.71 5.12 -33.04
C LYS H 102 -30.44 6.33 -32.49
N PRO H 103 -30.00 6.91 -31.39
CA PRO H 103 -30.74 8.02 -30.78
C PRO H 103 -30.33 9.37 -31.32
N ASN H 104 -31.21 10.34 -31.14
CA ASN H 104 -30.96 11.74 -31.50
C ASN H 104 -31.52 12.61 -30.40
N MET H 105 -30.66 13.36 -29.72
CA MET H 105 -31.12 14.29 -28.69
C MET H 105 -31.87 15.44 -29.32
N ILE H 106 -33.10 15.66 -28.89
CA ILE H 106 -33.93 16.76 -29.38
C ILE H 106 -34.17 17.71 -28.20
N GLY H 107 -33.41 18.79 -28.15
CA GLY H 107 -33.61 19.77 -27.09
C GLY H 107 -34.52 20.89 -27.51
N LEU H 108 -35.74 20.91 -26.98
CA LEU H 108 -36.72 21.91 -27.39
C LEU H 108 -36.24 23.30 -27.06
N ALA H 109 -36.55 24.25 -27.95
CA ALA H 109 -36.19 25.64 -27.72
C ALA H 109 -36.93 26.21 -26.52
N HIS H 110 -38.22 25.94 -26.42
CA HIS H 110 -39.08 26.45 -25.37
C HIS H 110 -39.76 25.32 -24.61
N GLY H 111 -38.99 24.30 -24.23
CA GLY H 111 -39.56 23.16 -23.54
C GLY H 111 -39.63 23.29 -22.03
N ALA H 112 -38.93 24.26 -21.44
CA ALA H 112 -38.86 24.39 -20.00
C ALA H 112 -39.94 25.33 -19.48
N GLY H 113 -40.28 25.14 -18.21
CA GLY H 113 -41.33 25.91 -17.58
C GLY H 113 -42.59 25.09 -17.38
N LYS H 114 -43.58 25.72 -16.76
CA LYS H 114 -44.88 25.09 -16.51
C LYS H 114 -45.93 25.54 -17.51
N ASN H 115 -46.19 26.84 -17.59
CA ASN H 115 -47.16 27.39 -18.52
C ASN H 115 -46.51 28.12 -19.68
N ILE H 116 -45.19 28.22 -19.70
CA ILE H 116 -44.48 28.90 -20.77
C ILE H 116 -43.82 27.91 -21.74
N SER H 117 -44.07 26.61 -21.57
CA SER H 117 -43.50 25.62 -22.46
C SER H 117 -44.32 25.51 -23.73
N GLU H 118 -43.63 25.42 -24.86
CA GLU H 118 -44.28 25.27 -26.16
C GLU H 118 -43.37 24.47 -27.06
N ILE H 119 -43.97 23.86 -28.08
CA ILE H 119 -43.25 23.06 -29.06
C ILE H 119 -43.53 23.63 -30.44
N ARG H 120 -42.48 23.88 -31.22
CA ARG H 120 -42.62 24.47 -32.53
C ARG H 120 -43.07 23.43 -33.55
N GLU H 121 -43.48 23.91 -34.72
CA GLU H 121 -43.87 23.00 -35.79
C GLU H 121 -42.66 22.28 -36.37
N LYS H 122 -41.54 22.98 -36.53
CA LYS H 122 -40.35 22.36 -37.08
C LYS H 122 -39.84 21.25 -36.16
N GLU H 123 -39.82 21.50 -34.86
CA GLU H 123 -39.46 20.45 -33.90
C GLU H 123 -40.44 19.30 -33.97
N LYS H 124 -41.73 19.60 -34.14
CA LYS H 124 -42.74 18.56 -34.26
C LYS H 124 -42.44 17.65 -35.45
N ARG H 125 -42.18 18.23 -36.62
CA ARG H 125 -41.89 17.44 -37.81
C ARG H 125 -40.60 16.66 -37.65
N LEU H 126 -39.57 17.28 -37.07
CA LEU H 126 -38.31 16.59 -36.85
C LEU H 126 -38.50 15.38 -35.95
N ILE H 127 -39.31 15.52 -34.91
CA ILE H 127 -39.63 14.38 -34.05
C ILE H 127 -40.39 13.33 -34.83
N GLN H 128 -41.35 13.76 -35.65
CA GLN H 128 -42.16 12.82 -36.42
C GLN H 128 -41.34 12.03 -37.43
N GLU H 129 -40.21 12.57 -37.89
CA GLU H 129 -39.37 11.85 -38.85
C GLU H 129 -38.79 10.57 -38.27
N HIS H 130 -38.74 10.43 -36.95
CA HIS H 130 -38.16 9.25 -36.33
C HIS H 130 -39.18 8.13 -36.26
N ASP H 131 -38.78 7.02 -35.62
CA ASP H 131 -39.67 5.88 -35.43
C ASP H 131 -40.45 5.98 -34.13
N ILE H 132 -39.78 6.38 -33.05
CA ILE H 132 -40.39 6.49 -31.72
C ILE H 132 -39.69 7.61 -30.97
N ALA H 133 -40.44 8.31 -30.14
CA ALA H 133 -39.92 9.44 -29.37
C ALA H 133 -40.06 9.16 -27.89
N ILE H 134 -38.98 9.41 -27.14
CA ILE H 134 -38.97 9.26 -25.69
C ILE H 134 -38.84 10.64 -25.08
N TYR H 135 -39.80 10.99 -24.22
CA TYR H 135 -39.81 12.29 -23.56
C TYR H 135 -39.25 12.15 -22.15
N VAL H 136 -38.33 13.03 -21.79
CA VAL H 136 -37.68 13.03 -20.49
C VAL H 136 -38.19 14.24 -19.73
N MET H 137 -39.19 14.03 -18.88
CA MET H 137 -39.89 15.11 -18.20
C MET H 137 -39.38 15.26 -16.77
N GLY H 138 -40.01 16.17 -16.02
CA GLY H 138 -39.57 16.51 -14.68
C GLY H 138 -40.12 15.57 -13.63
N ASN H 139 -40.14 16.06 -12.39
CA ASN H 139 -40.52 15.22 -11.26
C ASN H 139 -41.61 15.85 -10.41
N PHE H 140 -42.55 16.56 -11.03
CA PHE H 140 -43.70 17.10 -10.34
C PHE H 140 -44.95 16.74 -11.12
N GLU H 141 -45.93 16.14 -10.43
CA GLU H 141 -47.13 15.66 -11.10
C GLU H 141 -47.91 16.80 -11.74
N SER H 142 -48.07 17.92 -11.03
CA SER H 142 -48.81 19.04 -11.58
C SER H 142 -48.13 19.62 -12.82
N CYS H 143 -46.81 19.78 -12.76
CA CYS H 143 -46.09 20.33 -13.90
C CYS H 143 -46.23 19.45 -15.14
N ILE H 144 -46.11 18.14 -14.96
CA ILE H 144 -46.26 17.23 -16.08
C ILE H 144 -47.69 17.25 -16.61
N LEU H 145 -48.67 17.25 -15.71
CA LEU H 145 -50.06 17.23 -16.14
C LEU H 145 -50.43 18.50 -16.91
N ASP H 146 -49.80 19.61 -16.56
CA ASP H 146 -50.05 20.88 -17.24
C ASP H 146 -49.02 21.05 -18.38
N LYS H 147 -48.64 19.94 -19.00
CA LYS H 147 -47.64 19.96 -20.05
C LYS H 147 -47.95 18.95 -21.15
N THR H 148 -49.20 18.46 -21.21
CA THR H 148 -49.55 17.41 -22.16
C THR H 148 -49.45 17.90 -23.60
N HIS H 149 -49.60 19.19 -23.84
CA HIS H 149 -49.54 19.71 -25.20
C HIS H 149 -48.17 19.49 -25.84
N LEU H 150 -47.14 19.20 -25.04
CA LEU H 150 -45.84 18.89 -25.62
C LEU H 150 -45.86 17.56 -26.38
N PHE H 151 -46.56 16.56 -25.85
CA PHE H 151 -46.54 15.23 -26.45
C PHE H 151 -47.68 15.08 -27.47
N LYS H 152 -47.65 15.92 -28.49
CA LYS H 152 -48.64 15.87 -29.57
C LYS H 152 -47.92 15.54 -30.87
N VAL H 153 -47.68 14.26 -31.09
CA VAL H 153 -47.07 13.76 -32.32
C VAL H 153 -47.68 12.40 -32.62
N ASP H 154 -47.91 12.14 -33.90
CA ASP H 154 -48.46 10.84 -34.32
C ASP H 154 -47.36 9.79 -34.46
N ILE H 155 -46.57 9.66 -33.40
CA ILE H 155 -45.46 8.73 -33.32
C ILE H 155 -45.64 7.94 -32.04
N PRO H 156 -45.21 6.68 -31.96
CA PRO H 156 -45.23 5.99 -30.66
C PRO H 156 -44.46 6.78 -29.62
N LEU H 157 -45.01 6.84 -28.41
CA LEU H 157 -44.52 7.72 -27.37
C LEU H 157 -44.32 6.96 -26.08
N VAL H 158 -43.23 7.27 -25.38
CA VAL H 158 -43.01 6.84 -24.01
C VAL H 158 -42.57 8.06 -23.22
N VAL H 159 -43.31 8.40 -22.17
CA VAL H 159 -43.03 9.55 -21.33
C VAL H 159 -42.40 9.05 -20.04
N THR H 160 -41.28 9.65 -19.66
CA THR H 160 -40.62 9.36 -18.40
C THR H 160 -40.68 10.58 -17.49
N GLY H 161 -40.76 10.34 -16.19
CA GLY H 161 -40.88 11.44 -15.25
C GLY H 161 -40.53 10.97 -13.85
N GLY H 162 -40.61 11.92 -12.91
CA GLY H 162 -40.31 11.65 -11.53
C GLY H 162 -41.33 10.80 -10.81
N PRO H 163 -42.60 11.25 -10.79
CA PRO H 163 -43.62 10.50 -10.07
C PRO H 163 -43.77 9.08 -10.60
N GLU H 164 -44.07 8.16 -9.69
CA GLU H 164 -44.14 6.74 -10.04
C GLU H 164 -45.29 6.45 -11.00
N THR H 165 -46.40 7.18 -10.86
CA THR H 165 -47.56 6.94 -11.71
C THR H 165 -48.17 8.28 -12.12
N LEU H 166 -48.49 8.42 -13.40
CA LEU H 166 -49.10 9.62 -13.93
C LEU H 166 -50.45 9.29 -14.56
N ASP H 167 -51.26 10.31 -14.75
CA ASP H 167 -52.61 10.18 -15.30
C ASP H 167 -52.73 10.88 -16.65
N ILE H 168 -51.71 10.75 -17.49
CA ILE H 168 -51.73 11.31 -18.84
C ILE H 168 -52.26 10.24 -19.78
N PRO H 169 -52.89 10.62 -20.91
CA PRO H 169 -53.38 9.63 -21.88
C PRO H 169 -52.29 9.08 -22.80
N TYR H 170 -51.15 8.71 -22.21
CA TYR H 170 -50.04 8.13 -22.94
C TYR H 170 -49.38 7.07 -22.07
N THR H 171 -48.45 6.35 -22.66
CA THR H 171 -47.61 5.45 -21.88
C THR H 171 -46.69 6.27 -20.98
N TYR H 172 -46.55 5.85 -19.73
CA TYR H 172 -45.76 6.57 -18.76
C TYR H 172 -44.88 5.59 -17.98
N VAL H 173 -43.64 5.98 -17.74
CA VAL H 173 -42.71 5.23 -16.91
C VAL H 173 -42.24 6.15 -15.80
N GLY H 174 -42.46 5.73 -14.55
CA GLY H 174 -42.12 6.56 -13.41
C GLY H 174 -40.73 6.29 -12.88
N ASN H 175 -40.35 7.11 -11.89
CA ASN H 175 -39.06 7.03 -11.21
C ASN H 175 -37.88 7.35 -12.12
N LEU H 176 -38.10 8.13 -13.19
CA LEU H 176 -37.02 8.65 -14.01
C LEU H 176 -37.26 10.14 -14.19
N GLY H 177 -36.89 10.92 -13.19
CA GLY H 177 -37.11 12.34 -13.21
C GLY H 177 -35.87 13.11 -13.59
N ARG H 178 -35.92 14.41 -13.36
CA ARG H 178 -34.75 15.25 -13.55
C ARG H 178 -33.80 15.01 -12.39
N ARG H 179 -32.63 14.44 -12.68
CA ARG H 179 -31.64 14.13 -11.64
C ARG H 179 -30.34 14.85 -11.97
N ALA H 180 -29.32 14.56 -11.18
CA ALA H 180 -28.00 15.15 -11.37
C ALA H 180 -26.86 14.15 -11.24
N GLN H 181 -27.15 12.89 -10.96
CA GLN H 181 -26.15 11.84 -10.88
C GLN H 181 -26.33 10.85 -12.02
N ARG H 182 -25.29 10.06 -12.24
CA ARG H 182 -25.40 8.96 -13.18
C ARG H 182 -26.39 7.92 -12.66
N LEU H 183 -27.24 7.42 -13.55
CA LEU H 183 -28.25 6.43 -13.16
C LEU H 183 -27.55 5.11 -12.91
N ARG H 184 -27.35 4.77 -11.64
CA ARG H 184 -26.69 3.53 -11.27
C ARG H 184 -27.37 2.76 -10.14
N LYS H 185 -28.39 3.32 -9.50
CA LYS H 185 -29.08 2.59 -8.45
C LYS H 185 -30.00 1.53 -9.05
N GLY H 186 -30.35 0.54 -8.23
CA GLY H 186 -31.18 -0.55 -8.70
C GLY H 186 -32.54 -0.10 -9.17
N GLU H 187 -33.17 0.81 -8.42
CA GLU H 187 -34.48 1.32 -8.82
C GLU H 187 -34.39 2.07 -10.15
N GLU H 188 -33.35 2.89 -10.32
CA GLU H 188 -33.20 3.63 -11.56
C GLU H 188 -32.95 2.69 -12.75
N ILE H 189 -32.14 1.65 -12.53
CA ILE H 189 -31.91 0.66 -13.57
C ILE H 189 -33.21 -0.03 -13.94
N ARG H 190 -34.02 -0.38 -12.93
CA ARG H 190 -35.30 -1.03 -13.19
C ARG H 190 -36.22 -0.11 -14.00
N ALA H 191 -36.23 1.18 -13.68
CA ALA H 191 -37.06 2.11 -14.44
C ALA H 191 -36.58 2.22 -15.89
N LEU H 192 -35.27 2.23 -16.09
CA LEU H 192 -34.73 2.24 -17.45
C LEU H 192 -35.14 0.98 -18.21
N ARG H 193 -35.09 -0.18 -17.55
CA ARG H 193 -35.52 -1.42 -18.19
C ARG H 193 -37.00 -1.38 -18.52
N GLN H 194 -37.81 -0.77 -17.65
CA GLN H 194 -39.23 -0.64 -17.94
C GLN H 194 -39.47 0.23 -19.17
N MET H 195 -38.74 1.34 -19.28
CA MET H 195 -38.85 2.18 -20.47
C MET H 195 -38.43 1.42 -21.72
N ILE H 196 -37.36 0.64 -21.61
CA ILE H 196 -36.91 -0.18 -22.75
C ILE H 196 -37.99 -1.17 -23.15
N ASP H 197 -38.63 -1.81 -22.17
CA ASP H 197 -39.68 -2.78 -22.48
C ASP H 197 -40.86 -2.10 -23.16
N GLU H 198 -41.24 -0.91 -22.70
CA GLU H 198 -42.35 -0.20 -23.35
C GLU H 198 -42.02 0.15 -24.79
N VAL H 199 -40.83 0.69 -25.04
CA VAL H 199 -40.47 1.04 -26.41
C VAL H 199 -40.35 -0.22 -27.27
N THR H 200 -39.86 -1.32 -26.69
CA THR H 200 -39.78 -2.58 -27.44
C THR H 200 -41.17 -3.07 -27.83
N LYS H 201 -42.13 -2.98 -26.91
CA LYS H 201 -43.49 -3.42 -27.22
C LYS H 201 -44.08 -2.56 -28.33
N LYS H 202 -43.91 -1.24 -28.26
CA LYS H 202 -44.43 -0.38 -29.30
C LYS H 202 -43.78 -0.67 -30.65
N ILE H 203 -42.47 -0.90 -30.65
CA ILE H 203 -41.75 -1.18 -31.89
C ILE H 203 -42.19 -2.52 -32.48
N ASN H 204 -42.41 -3.53 -31.64
CA ASN H 204 -42.89 -4.82 -32.17
C ASN H 204 -44.29 -4.70 -32.73
N ASP H 205 -45.15 -3.92 -32.09
CA ASP H 205 -46.47 -3.65 -32.66
C ASP H 205 -46.34 -3.01 -34.04
N LYS H 206 -45.52 -1.95 -34.13
CA LYS H 206 -45.34 -1.28 -35.42
C LYS H 206 -44.73 -2.21 -36.45
N ARG H 207 -43.88 -3.14 -36.00
CA ARG H 207 -43.32 -4.13 -36.91
C ARG H 207 -44.40 -5.02 -37.47
N MET H 208 -45.37 -5.41 -36.64
CA MET H 208 -46.51 -6.18 -37.16
C MET H 208 -47.34 -5.36 -38.14
N GLU H 209 -47.60 -4.09 -37.82
CA GLU H 209 -48.27 -3.22 -38.79
C GLU H 209 -47.56 -3.23 -40.14
N LEU H 210 -46.23 -3.09 -40.13
CA LEU H 210 -45.49 -3.09 -41.38
C LEU H 210 -45.54 -4.44 -42.06
N SER H 211 -45.51 -5.53 -41.27
CA SER H 211 -45.54 -6.87 -41.83
C SER H 211 -46.87 -7.22 -42.47
N TYR H 212 -47.94 -6.50 -42.12
CA TYR H 212 -49.20 -6.71 -42.83
C TYR H 212 -49.05 -6.41 -44.32
N ASP H 213 -48.39 -5.30 -44.64
CA ASP H 213 -48.15 -4.89 -46.02
C ASP H 213 -46.66 -4.60 -46.16
N PRO H 214 -45.84 -5.62 -46.41
CA PRO H 214 -44.39 -5.42 -46.34
C PRO H 214 -43.93 -4.46 -47.43
N PRO H 215 -42.84 -3.74 -47.19
CA PRO H 215 -42.27 -2.90 -48.24
C PRO H 215 -41.66 -3.75 -49.35
N ILE H 216 -41.51 -3.12 -50.52
CA ILE H 216 -41.02 -3.85 -51.68
C ILE H 216 -39.60 -4.34 -51.45
N ILE H 217 -38.79 -3.57 -50.73
CA ILE H 217 -37.41 -3.96 -50.45
C ILE H 217 -37.11 -3.64 -49.00
N PRO H 218 -36.38 -4.49 -48.28
CA PRO H 218 -36.05 -4.18 -46.89
C PRO H 218 -35.15 -2.97 -46.80
N PRO H 219 -35.27 -2.17 -45.73
CA PRO H 219 -34.39 -1.00 -45.59
C PRO H 219 -32.91 -1.34 -45.52
N VAL H 220 -32.55 -2.46 -44.91
CA VAL H 220 -31.14 -2.79 -44.73
C VAL H 220 -30.49 -3.11 -46.08
N VAL H 221 -31.16 -3.93 -46.89
CA VAL H 221 -30.59 -4.24 -48.19
C VAL H 221 -30.61 -3.02 -49.11
N LEU H 222 -31.58 -2.13 -48.92
CA LEU H 222 -31.57 -0.88 -49.67
C LEU H 222 -30.37 -0.02 -49.30
N LYS H 223 -30.04 0.04 -48.00
CA LYS H 223 -28.85 0.75 -47.58
C LYS H 223 -27.59 0.13 -48.17
N ASP H 224 -27.53 -1.21 -48.19
CA ASP H 224 -26.38 -1.87 -48.79
C ASP H 224 -26.25 -1.53 -50.26
N GLU H 225 -27.36 -1.54 -51.00
CA GLU H 225 -27.32 -1.21 -52.42
C GLU H 225 -26.90 0.24 -52.63
N ILE H 226 -27.39 1.16 -51.81
CA ILE H 226 -26.99 2.55 -51.92
C ILE H 226 -25.50 2.70 -51.68
N GLU H 227 -24.98 2.01 -50.66
CA GLU H 227 -23.54 2.07 -50.40
C GLU H 227 -22.74 1.53 -51.57
N LYS H 228 -23.19 0.42 -52.17
CA LYS H 228 -22.47 -0.16 -53.30
C LYS H 228 -22.50 0.77 -54.51
N ARG H 229 -23.63 1.44 -54.74
CA ARG H 229 -23.78 2.29 -55.92
C ARG H 229 -23.21 3.69 -55.69
N ILE H 230 -23.73 4.40 -54.69
CA ILE H 230 -23.25 5.75 -54.40
C ILE H 230 -21.86 5.68 -53.80
N ASP H 231 -20.95 6.46 -54.35
CA ASP H 231 -19.55 6.46 -53.93
C ASP H 231 -19.20 7.66 -53.07
N GLU H 232 -20.17 8.44 -52.63
CA GLU H 232 -19.93 9.56 -51.74
C GLU H 232 -20.29 9.25 -50.30
N VAL H 233 -20.78 8.05 -50.01
CA VAL H 233 -21.22 7.73 -48.65
C VAL H 233 -20.06 7.44 -47.72
N ARG H 234 -18.88 7.15 -48.24
CA ARG H 234 -17.71 6.94 -47.39
C ARG H 234 -17.01 8.24 -47.04
N GLY H 235 -17.44 9.36 -47.60
CA GLY H 235 -16.95 10.67 -47.25
C GLY H 235 -17.82 11.42 -46.27
N ILE H 236 -18.81 10.76 -45.68
CA ILE H 236 -19.71 11.41 -44.72
C ILE H 236 -19.04 11.43 -43.36
N LEU H 237 -19.07 12.58 -42.71
CA LEU H 237 -18.45 12.75 -41.39
C LEU H 237 -19.44 12.61 -40.24
N ALA H 238 -20.71 12.34 -40.53
CA ALA H 238 -21.71 12.21 -39.47
C ALA H 238 -21.52 10.89 -38.72
N PRO H 239 -22.05 10.80 -37.49
CA PRO H 239 -21.89 9.55 -36.72
C PRO H 239 -22.40 8.31 -37.44
N MET H 240 -23.62 8.34 -37.96
CA MET H 240 -24.17 7.24 -38.75
C MET H 240 -24.44 7.74 -40.17
N PRO H 241 -23.57 7.43 -41.13
CA PRO H 241 -23.75 8.01 -42.47
C PRO H 241 -25.08 7.67 -43.11
N ILE H 242 -25.58 6.46 -42.93
CA ILE H 242 -26.91 6.07 -43.38
C ILE H 242 -27.60 5.38 -42.23
N VAL H 243 -28.74 5.90 -41.81
CA VAL H 243 -29.47 5.38 -40.67
C VAL H 243 -30.56 4.46 -41.17
N THR H 244 -30.65 3.27 -40.58
CA THR H 244 -31.68 2.29 -40.92
C THR H 244 -32.89 2.53 -40.01
N GLN H 245 -33.99 3.00 -40.59
CA GLN H 245 -35.21 3.21 -39.84
C GLN H 245 -36.08 1.96 -39.92
N LEU H 246 -37.33 2.07 -39.47
CA LEU H 246 -38.23 0.93 -39.51
C LEU H 246 -38.70 0.65 -40.93
N ASP H 247 -39.04 1.69 -41.69
CA ASP H 247 -39.56 1.53 -43.04
C ASP H 247 -38.91 2.55 -43.97
N GLY H 248 -37.61 2.75 -43.81
CA GLY H 248 -36.91 3.69 -44.67
C GLY H 248 -35.46 3.85 -44.26
N LEU H 249 -34.86 4.92 -44.76
CA LEU H 249 -33.47 5.24 -44.47
C LEU H 249 -33.32 6.75 -44.35
N ARG H 250 -32.23 7.15 -43.71
CA ARG H 250 -31.84 8.55 -43.64
C ARG H 250 -30.43 8.66 -44.20
N ILE H 251 -30.28 9.35 -45.33
CA ILE H 251 -28.98 9.54 -45.97
C ILE H 251 -28.45 10.90 -45.54
N LYS H 252 -27.30 10.91 -44.88
CA LYS H 252 -26.73 12.15 -44.35
C LYS H 252 -25.82 12.81 -45.39
N MET H 253 -26.44 13.17 -46.51
CA MET H 253 -25.81 13.94 -47.56
C MET H 253 -26.77 15.06 -47.97
N ASP H 254 -26.21 16.11 -48.55
CA ASP H 254 -27.01 17.28 -48.89
C ASP H 254 -28.12 16.91 -49.87
N TYR H 255 -29.33 17.38 -49.58
CA TYR H 255 -30.47 17.05 -50.43
C TYR H 255 -30.41 17.80 -51.76
N ASP H 256 -30.11 19.11 -51.71
CA ASP H 256 -30.10 19.89 -52.94
C ASP H 256 -29.05 19.40 -53.92
N ARG H 257 -28.00 18.74 -53.41
CA ARG H 257 -26.88 18.34 -54.24
C ARG H 257 -26.94 16.88 -54.67
N ASN H 258 -27.72 16.03 -53.98
CA ASN H 258 -27.63 14.60 -54.22
C ASN H 258 -28.98 13.89 -54.29
N HIS H 259 -30.10 14.62 -54.30
CA HIS H 259 -31.39 13.95 -54.38
C HIS H 259 -31.62 13.32 -55.74
N GLU H 260 -31.16 13.98 -56.81
CA GLU H 260 -31.34 13.42 -58.14
C GLU H 260 -30.51 12.15 -58.32
N GLU H 261 -29.29 12.13 -57.79
CA GLU H 261 -28.47 10.93 -57.85
C GLU H 261 -29.09 9.80 -57.03
N ILE H 262 -29.62 10.13 -55.85
CA ILE H 262 -30.21 9.10 -54.99
C ILE H 262 -31.45 8.52 -55.65
N GLU H 263 -32.32 9.37 -56.21
CA GLU H 263 -33.54 8.89 -56.83
C GLU H 263 -33.25 7.99 -58.02
N ASN H 264 -32.26 8.35 -58.83
CA ASN H 264 -31.92 7.56 -60.02
C ASN H 264 -30.94 6.43 -59.71
N VAL H 265 -31.28 5.63 -58.70
CA VAL H 265 -30.52 4.44 -58.36
C VAL H 265 -31.40 3.25 -58.66
N LYS H 266 -30.92 2.34 -59.49
CA LYS H 266 -31.70 1.20 -59.94
C LYS H 266 -31.49 0.04 -58.99
N ILE H 267 -32.54 -0.36 -58.28
CA ILE H 267 -32.54 -1.57 -57.47
C ILE H 267 -33.38 -2.63 -58.19
N GLY H 268 -32.87 -3.85 -58.23
CA GLY H 268 -33.59 -4.90 -58.94
C GLY H 268 -33.85 -4.48 -60.38
N LYS H 269 -35.12 -4.28 -60.71
CA LYS H 269 -35.53 -3.73 -62.00
C LYS H 269 -36.26 -2.40 -61.86
N TYR H 270 -36.35 -1.86 -60.65
CA TYR H 270 -37.05 -0.61 -60.41
C TYR H 270 -36.06 0.54 -60.23
N LEU H 271 -36.53 1.75 -60.49
CA LEU H 271 -35.80 2.94 -60.10
C LEU H 271 -36.27 3.39 -58.73
N LEU H 272 -35.34 3.89 -57.91
CA LEU H 272 -35.64 4.16 -56.52
C LEU H 272 -36.78 5.16 -56.35
N LYS H 273 -36.88 6.12 -57.27
CA LYS H 273 -37.94 7.12 -57.16
C LYS H 273 -39.32 6.51 -57.30
N ASP H 274 -39.43 5.32 -57.90
CA ASP H 274 -40.72 4.69 -58.09
C ASP H 274 -41.13 3.75 -56.95
N ILE H 275 -40.23 3.47 -56.01
CA ILE H 275 -40.56 2.59 -54.89
C ILE H 275 -40.39 3.26 -53.54
N ALA H 276 -39.78 4.44 -53.46
CA ALA H 276 -39.57 5.11 -52.19
C ALA H 276 -39.85 6.59 -52.36
N TYR H 277 -40.19 7.23 -51.24
CA TYR H 277 -40.43 8.67 -51.20
C TYR H 277 -39.14 9.34 -50.74
N VAL H 278 -38.43 9.94 -51.68
CA VAL H 278 -37.21 10.68 -51.37
C VAL H 278 -37.59 12.14 -51.13
N THR H 279 -37.28 12.65 -49.95
CA THR H 279 -37.64 14.02 -49.60
C THR H 279 -36.54 14.62 -48.72
N ARG H 280 -36.52 15.96 -48.70
CA ARG H 280 -35.57 16.66 -47.85
C ARG H 280 -35.98 16.51 -46.39
N SER H 281 -34.99 16.43 -45.52
CA SER H 281 -35.22 16.27 -44.09
C SER H 281 -35.02 17.60 -43.37
N GLU H 282 -35.81 17.79 -42.30
CA GLU H 282 -35.60 18.93 -41.41
C GLU H 282 -34.29 18.82 -40.65
N MET H 283 -33.65 17.66 -40.71
CA MET H 283 -32.40 17.36 -40.01
C MET H 283 -31.23 17.76 -40.89
N LYS H 284 -30.75 18.99 -40.69
CA LYS H 284 -29.53 19.49 -41.34
C LYS H 284 -29.57 19.31 -42.86
N ASN H 285 -30.75 19.44 -43.46
CA ASN H 285 -30.92 19.36 -44.91
C ASN H 285 -30.41 18.03 -45.47
N TYR H 286 -30.66 16.94 -44.74
CA TYR H 286 -30.31 15.61 -45.18
C TYR H 286 -31.41 15.05 -46.08
N ILE H 287 -31.22 13.82 -46.54
CA ILE H 287 -32.16 13.15 -47.43
C ILE H 287 -32.88 12.06 -46.65
N LEU H 288 -34.20 12.08 -46.68
CA LEU H 288 -35.01 11.08 -46.00
C LEU H 288 -35.71 10.21 -47.03
N ILE H 289 -35.58 8.89 -46.87
CA ILE H 289 -36.12 7.92 -47.81
C ILE H 289 -37.19 7.11 -47.07
N LYS H 290 -38.41 7.13 -47.59
CA LYS H 290 -39.52 6.39 -47.03
C LYS H 290 -39.97 5.36 -48.05
N LEU H 291 -39.93 4.08 -47.68
CA LEU H 291 -40.25 3.01 -48.60
C LEU H 291 -41.76 2.88 -48.81
N LYS H 292 -42.14 2.55 -50.04
CA LYS H 292 -43.54 2.27 -50.34
C LYS H 292 -43.84 0.79 -50.06
N SER H 293 -45.11 0.50 -49.88
CA SER H 293 -45.57 -0.87 -49.67
C SER H 293 -45.85 -1.56 -51.01
N THR H 294 -45.95 -2.88 -50.97
CA THR H 294 -46.24 -3.63 -52.19
C THR H 294 -47.62 -3.32 -52.75
N SER H 295 -48.50 -2.73 -51.95
CA SER H 295 -49.82 -2.35 -52.47
C SER H 295 -49.71 -1.28 -53.55
N GLU H 296 -48.67 -0.47 -53.51
CA GLU H 296 -48.46 0.55 -54.53
C GLU H 296 -46.99 0.63 -54.94
N ARG I 41 -33.02 31.64 -28.22
CA ARG I 41 -33.69 30.40 -27.89
C ARG I 41 -34.14 29.67 -29.15
N LYS I 42 -33.37 28.66 -29.56
CA LYS I 42 -33.68 27.89 -30.74
C LYS I 42 -33.40 26.42 -30.47
N GLU I 43 -34.07 25.55 -31.21
CA GLU I 43 -33.95 24.12 -31.00
C GLU I 43 -32.52 23.66 -31.25
N GLN I 44 -32.04 22.76 -30.40
CA GLN I 44 -30.69 22.23 -30.52
C GLN I 44 -30.77 20.71 -30.59
N ILE I 45 -30.36 20.14 -31.72
CA ILE I 45 -30.42 18.71 -31.95
C ILE I 45 -29.00 18.19 -32.04
N VAL I 46 -28.71 17.11 -31.33
CA VAL I 46 -27.39 16.50 -31.32
C VAL I 46 -27.47 15.15 -32.01
N ASP I 47 -26.49 14.85 -32.85
CA ASP I 47 -26.32 13.52 -33.40
C ASP I 47 -25.55 12.66 -32.40
N CYS I 48 -26.29 11.88 -31.61
CA CYS I 48 -25.64 11.02 -30.65
C CYS I 48 -24.74 10.02 -31.37
N ARG I 49 -23.71 9.57 -30.67
CA ARG I 49 -22.80 8.59 -31.24
C ARG I 49 -23.55 7.30 -31.54
N ALA I 50 -22.97 6.50 -32.44
CA ALA I 50 -23.60 5.26 -32.86
C ALA I 50 -23.22 4.08 -31.98
N VAL I 51 -22.30 4.25 -31.04
CA VAL I 51 -21.82 3.16 -30.21
C VAL I 51 -22.12 3.49 -28.75
N MET I 52 -22.25 2.44 -27.93
CA MET I 52 -22.64 2.62 -26.55
C MET I 52 -21.44 3.01 -25.69
N GLY I 53 -21.67 3.09 -24.39
CA GLY I 53 -20.67 3.56 -23.45
C GLY I 53 -19.78 2.47 -22.92
N LEU I 54 -19.14 2.77 -21.78
CA LEU I 54 -18.14 1.90 -21.19
C LEU I 54 -18.79 1.05 -20.10
N GLY I 55 -19.44 -0.03 -20.51
CA GLY I 55 -20.00 -0.92 -19.52
C GLY I 55 -21.25 -0.36 -18.85
N GLU I 56 -21.60 -0.98 -17.72
CA GLU I 56 -22.85 -0.69 -17.03
C GLU I 56 -22.74 0.55 -16.14
N GLY I 57 -21.83 0.52 -15.17
CA GLY I 57 -21.70 1.65 -14.26
C GLY I 57 -20.66 2.66 -14.69
N GLY I 58 -20.22 2.57 -15.95
CA GLY I 58 -19.14 3.37 -16.46
C GLY I 58 -19.61 4.63 -17.16
N GLY I 59 -18.74 5.18 -18.00
CA GLY I 59 -19.06 6.41 -18.69
C GLY I 59 -20.06 6.20 -19.81
N LEU I 60 -20.58 7.32 -20.29
CA LEU I 60 -21.58 7.31 -21.36
C LEU I 60 -20.98 7.48 -22.74
N ALA I 61 -19.76 8.00 -22.84
CA ALA I 61 -19.11 8.20 -24.13
C ALA I 61 -18.12 7.06 -24.38
N GLN I 62 -17.66 6.99 -25.63
CA GLN I 62 -16.74 5.96 -26.06
C GLN I 62 -15.56 6.59 -26.79
N ARG I 63 -14.39 5.99 -26.64
CA ARG I 63 -13.19 6.52 -27.25
C ARG I 63 -13.30 6.51 -28.78
N GLY I 64 -12.69 7.51 -29.40
CA GLY I 64 -12.69 7.57 -30.85
C GLY I 64 -14.06 7.69 -31.47
N THR I 65 -14.91 8.54 -30.91
CA THR I 65 -16.27 8.74 -31.39
C THR I 65 -16.58 10.22 -31.49
N PHE I 66 -17.58 10.54 -32.31
CA PHE I 66 -17.94 11.90 -32.62
C PHE I 66 -19.45 12.07 -32.54
N ALA I 67 -19.90 13.19 -31.98
CA ALA I 67 -21.31 13.49 -31.85
C ALA I 67 -21.58 14.87 -32.41
N GLU I 68 -22.03 14.93 -33.66
CA GLU I 68 -22.23 16.21 -34.33
C GLU I 68 -23.41 16.96 -33.73
N GLY I 69 -23.22 18.25 -33.50
CA GLY I 69 -24.31 19.10 -33.05
C GLY I 69 -24.98 19.84 -34.19
N LEU I 70 -25.18 19.14 -35.32
CA LEU I 70 -25.80 19.70 -36.50
C LEU I 70 -25.04 20.97 -36.85
N ARG I 71 -25.68 22.12 -36.73
CA ARG I 71 -24.98 23.39 -36.93
C ARG I 71 -23.65 23.42 -36.21
N ASN I 72 -22.57 23.43 -36.97
CA ASN I 72 -21.23 23.25 -36.41
C ASN I 72 -20.66 24.61 -36.01
N ASP I 73 -20.65 24.87 -34.71
CA ASP I 73 -20.03 26.08 -34.16
C ASP I 73 -18.81 25.74 -33.30
N VAL I 74 -18.99 24.92 -32.27
CA VAL I 74 -17.93 24.59 -31.33
C VAL I 74 -17.83 23.07 -31.21
N VAL I 75 -16.61 22.57 -31.19
CA VAL I 75 -16.35 21.17 -30.90
C VAL I 75 -15.50 21.10 -29.65
N VAL I 76 -15.98 20.34 -28.66
CA VAL I 76 -15.23 20.10 -27.43
C VAL I 76 -14.51 18.78 -27.60
N VAL I 77 -13.19 18.80 -27.43
CA VAL I 77 -12.36 17.62 -27.66
C VAL I 77 -11.93 17.07 -26.30
N ALA I 78 -12.27 15.81 -26.05
CA ALA I 78 -11.93 15.14 -24.80
C ALA I 78 -10.87 14.09 -25.08
N MET I 79 -9.84 14.06 -24.24
CA MET I 79 -8.73 13.14 -24.48
C MET I 79 -9.16 11.69 -24.37
N SER I 80 -10.17 11.41 -23.55
CA SER I 80 -10.62 10.04 -23.33
C SER I 80 -12.03 10.10 -22.78
N PRO I 81 -12.78 8.99 -22.83
CA PRO I 81 -14.10 8.95 -22.22
C PRO I 81 -14.10 8.72 -20.73
N GLY I 82 -12.92 8.67 -20.10
CA GLY I 82 -12.83 8.31 -18.70
C GLY I 82 -13.32 9.41 -17.77
N ARG I 83 -13.39 9.06 -16.49
CA ARG I 83 -13.91 9.97 -15.47
C ARG I 83 -13.04 11.21 -15.33
N ARG I 84 -11.77 11.13 -15.71
CA ARG I 84 -10.90 12.29 -15.62
C ARG I 84 -11.23 13.35 -16.66
N HIS I 85 -12.00 13.00 -17.68
CA HIS I 85 -12.29 13.96 -18.74
C HIS I 85 -13.78 14.12 -19.01
N ILE I 86 -14.56 13.05 -18.93
CA ILE I 86 -15.92 13.07 -19.43
C ILE I 86 -16.91 13.28 -18.30
N THR I 87 -17.77 14.27 -18.49
CA THR I 87 -18.88 14.70 -17.63
C THR I 87 -18.39 15.46 -16.41
N LYS I 88 -17.11 15.35 -16.07
CA LYS I 88 -16.72 16.19 -14.95
C LYS I 88 -16.20 17.55 -15.42
N PRO I 89 -15.20 17.63 -16.31
CA PRO I 89 -14.87 18.94 -16.88
C PRO I 89 -15.38 19.21 -18.30
N VAL I 90 -15.86 18.21 -19.03
CA VAL I 90 -16.10 18.36 -20.47
C VAL I 90 -17.58 18.54 -20.76
N CYS I 91 -18.43 17.68 -20.23
CA CYS I 91 -19.87 17.89 -20.42
C CYS I 91 -20.34 19.13 -19.70
N GLU I 92 -19.60 19.60 -18.70
CA GLU I 92 -19.93 20.87 -18.06
C GLU I 92 -19.68 22.03 -19.01
N ILE I 93 -18.53 22.04 -19.68
CA ILE I 93 -18.29 23.05 -20.71
C ILE I 93 -19.32 22.92 -21.82
N THR I 94 -19.69 21.69 -22.15
CA THR I 94 -20.67 21.45 -23.20
C THR I 94 -22.01 22.09 -22.85
N TYR I 95 -22.50 21.86 -21.63
CA TYR I 95 -23.79 22.45 -21.28
C TYR I 95 -23.68 23.94 -21.03
N GLY I 96 -22.50 24.45 -20.66
CA GLY I 96 -22.33 25.89 -20.59
C GLY I 96 -22.47 26.54 -21.95
N ILE I 97 -21.81 25.98 -22.96
CA ILE I 97 -21.94 26.52 -24.30
C ILE I 97 -23.36 26.35 -24.81
N ARG I 98 -23.97 25.19 -24.57
CA ARG I 98 -25.33 24.96 -25.03
C ARG I 98 -26.34 25.86 -24.30
N GLU I 99 -26.01 26.31 -23.09
CA GLU I 99 -26.83 27.29 -22.41
C GLU I 99 -26.63 28.68 -22.97
N ALA I 100 -25.40 28.99 -23.43
CA ALA I 100 -25.15 30.29 -24.05
C ALA I 100 -25.83 30.43 -25.41
N GLY I 101 -26.41 29.35 -25.95
CA GLY I 101 -27.07 29.40 -27.23
C GLY I 101 -26.24 28.96 -28.40
N ILE I 102 -25.08 28.35 -28.17
CA ILE I 102 -24.16 27.96 -29.22
C ILE I 102 -24.14 26.44 -29.29
N GLN I 103 -24.47 25.89 -30.46
CA GLN I 103 -24.50 24.44 -30.63
C GLN I 103 -23.09 23.86 -30.48
N THR I 104 -23.02 22.69 -29.87
CA THR I 104 -21.75 22.09 -29.52
C THR I 104 -21.70 20.63 -29.94
N SER I 105 -20.57 20.22 -30.49
CA SER I 105 -20.25 18.83 -30.72
C SER I 105 -19.18 18.39 -29.73
N VAL I 106 -19.19 17.12 -29.35
CA VAL I 106 -18.19 16.57 -28.47
C VAL I 106 -17.50 15.42 -29.21
N LEU I 107 -16.18 15.51 -29.32
CA LEU I 107 -15.38 14.48 -29.95
C LEU I 107 -14.43 13.89 -28.92
N VAL I 108 -14.47 12.58 -28.75
CA VAL I 108 -13.56 11.88 -27.86
C VAL I 108 -12.45 11.29 -28.71
N LEU I 109 -11.21 11.68 -28.42
CA LEU I 109 -10.09 11.24 -29.24
C LEU I 109 -9.84 9.75 -29.06
N ASP I 110 -9.47 9.10 -30.16
CA ASP I 110 -9.10 7.69 -30.10
C ASP I 110 -7.87 7.48 -29.23
N ALA I 111 -6.84 8.32 -29.44
CA ALA I 111 -5.61 8.28 -28.65
C ALA I 111 -5.33 9.71 -28.20
N GLY I 112 -5.90 10.10 -27.07
CA GLY I 112 -5.72 11.44 -26.56
C GLY I 112 -4.78 11.51 -25.38
N GLY I 113 -4.40 10.35 -24.84
CA GLY I 113 -3.54 10.31 -23.66
C GLY I 113 -2.09 10.11 -24.05
N GLY I 114 -1.22 10.86 -23.40
CA GLY I 114 0.21 10.76 -23.62
C GLY I 114 0.77 11.98 -24.31
N ILE I 115 1.97 11.82 -24.83
CA ILE I 115 2.67 12.90 -25.53
C ILE I 115 2.95 12.46 -26.95
N PRO I 116 3.03 13.38 -27.91
CA PRO I 116 3.24 12.98 -29.30
C PRO I 116 4.60 12.33 -29.50
N SER I 117 4.70 11.55 -30.57
CA SER I 117 5.94 10.87 -30.89
C SER I 117 7.05 11.84 -31.28
N ASP I 118 6.70 13.06 -31.68
CA ASP I 118 7.67 14.07 -32.06
C ASP I 118 8.26 14.82 -30.87
N ALA I 119 7.83 14.51 -29.65
CA ALA I 119 8.38 15.14 -28.47
C ALA I 119 9.84 14.77 -28.31
N PRO I 120 10.62 15.59 -27.60
CA PRO I 120 12.05 15.30 -27.44
C PRO I 120 12.28 13.90 -26.85
N GLN I 121 13.21 13.17 -27.48
CA GLN I 121 13.50 11.78 -27.13
C GLN I 121 12.26 10.89 -27.24
N GLY I 122 11.33 11.26 -28.12
CA GLY I 122 10.13 10.46 -28.32
C GLY I 122 9.15 10.57 -27.17
N SER I 123 8.16 9.68 -27.22
CA SER I 123 7.11 9.63 -26.21
C SER I 123 7.44 8.56 -25.17
N LEU I 124 6.69 8.61 -24.06
CA LEU I 124 6.86 7.66 -22.97
C LEU I 124 5.50 7.36 -22.38
N GLY I 125 5.28 6.10 -22.02
CA GLY I 125 4.00 5.70 -21.45
C GLY I 125 2.91 5.48 -22.47
N SER I 126 2.63 6.50 -23.27
CA SER I 126 1.62 6.39 -24.32
C SER I 126 1.92 7.43 -25.39
N THR I 127 1.31 7.24 -26.56
CA THR I 127 1.55 8.08 -27.72
C THR I 127 0.27 8.85 -28.05
N PHE I 128 0.40 10.16 -28.18
CA PHE I 128 -0.73 11.02 -28.54
C PHE I 128 -0.79 11.17 -30.05
N GLY I 129 -2.01 11.25 -30.58
CA GLY I 129 -2.16 11.39 -32.02
C GLY I 129 -3.55 11.86 -32.40
N LEU I 130 -3.67 12.26 -33.67
CA LEU I 130 -4.91 12.72 -34.23
C LEU I 130 -5.12 12.04 -35.58
N LYS I 131 -6.30 11.45 -35.76
CA LYS I 131 -6.59 10.76 -37.01
C LYS I 131 -7.06 11.74 -38.08
N PRO I 132 -6.86 11.41 -39.36
CA PRO I 132 -7.34 12.31 -40.43
C PRO I 132 -8.84 12.54 -40.40
N GLU I 133 -9.63 11.51 -40.08
CA GLU I 133 -11.07 11.70 -39.95
C GLU I 133 -11.40 12.59 -38.76
N GLU I 134 -10.67 12.43 -37.66
CA GLU I 134 -10.86 13.32 -36.52
C GLU I 134 -10.53 14.76 -36.88
N ALA I 135 -9.44 14.95 -37.63
CA ALA I 135 -9.07 16.30 -38.06
C ALA I 135 -10.14 16.90 -38.97
N LYS I 136 -10.69 16.10 -39.89
CA LYS I 136 -11.75 16.60 -40.77
C LYS I 136 -13.01 16.93 -39.99
N GLN I 137 -13.35 16.11 -38.99
CA GLN I 137 -14.52 16.39 -38.17
C GLN I 137 -14.33 17.66 -37.35
N VAL I 138 -13.11 17.91 -36.90
CA VAL I 138 -12.83 19.14 -36.17
C VAL I 138 -12.89 20.34 -37.09
N ASN I 139 -12.33 20.21 -38.30
CA ASN I 139 -12.09 21.35 -39.16
C ASN I 139 -13.36 21.93 -39.78
N ARG I 140 -14.49 21.26 -39.64
CA ARG I 140 -15.74 21.82 -40.13
C ARG I 140 -16.46 22.67 -39.09
N HIS I 141 -15.84 22.91 -37.94
CA HIS I 141 -16.40 23.74 -36.90
C HIS I 141 -15.75 25.12 -36.91
N LYS I 142 -16.49 26.11 -36.44
CA LYS I 142 -15.98 27.46 -36.38
C LYS I 142 -14.85 27.59 -35.37
N LEU I 143 -14.98 26.91 -34.24
CA LEU I 143 -14.01 27.02 -33.16
C LEU I 143 -13.90 25.69 -32.45
N CYS I 144 -12.79 25.49 -31.76
CA CYS I 144 -12.53 24.26 -31.02
C CYS I 144 -12.17 24.60 -29.59
N VAL I 145 -12.67 23.80 -28.66
CA VAL I 145 -12.29 23.88 -27.24
C VAL I 145 -11.73 22.54 -26.85
N ILE I 146 -10.52 22.54 -26.31
CA ILE I 146 -9.80 21.31 -26.00
C ILE I 146 -9.33 21.37 -24.56
N HIS I 147 -9.46 20.27 -23.85
CA HIS I 147 -9.17 20.20 -22.41
C HIS I 147 -7.86 19.46 -22.21
N PHE I 148 -6.92 20.11 -21.54
CA PHE I 148 -5.58 19.57 -21.29
C PHE I 148 -5.35 19.46 -19.79
N GLY I 149 -4.23 18.86 -19.42
CA GLY I 149 -3.97 18.49 -18.04
C GLY I 149 -3.05 19.38 -17.23
N ASN I 150 -2.00 18.78 -16.67
CA ASN I 150 -1.21 19.48 -15.66
C ASN I 150 0.20 19.82 -16.15
N VAL I 151 0.89 18.87 -16.74
CA VAL I 151 2.29 19.06 -17.07
C VAL I 151 2.40 19.97 -18.29
N LYS I 152 3.26 21.00 -18.18
CA LYS I 152 3.39 22.00 -19.24
C LYS I 152 4.04 21.41 -20.48
N SER I 153 5.12 20.65 -20.30
CA SER I 153 5.84 20.09 -21.44
C SER I 153 4.97 19.13 -22.23
N HIS I 154 4.04 18.45 -21.57
CA HIS I 154 3.09 17.61 -22.29
C HIS I 154 2.11 18.45 -23.08
N ILE I 155 1.57 19.50 -22.46
CA ILE I 155 0.53 20.29 -23.10
C ILE I 155 1.05 20.98 -24.34
N ILE I 156 2.27 21.53 -24.29
CA ILE I 156 2.77 22.29 -25.43
C ILE I 156 2.92 21.39 -26.65
N TYR I 157 3.51 20.21 -26.49
CA TYR I 157 3.73 19.34 -27.63
C TYR I 157 2.43 18.71 -28.11
N LYS I 158 1.50 18.39 -27.19
CA LYS I 158 0.20 17.91 -27.60
C LYS I 158 -0.54 18.94 -28.44
N ALA I 159 -0.47 20.22 -28.01
CA ALA I 159 -1.11 21.27 -28.79
C ALA I 159 -0.45 21.45 -30.14
N ARG I 160 0.88 21.32 -30.20
CA ARG I 160 1.56 21.44 -31.49
C ARG I 160 1.11 20.34 -32.45
N LEU I 161 1.07 19.09 -31.98
CA LEU I 161 0.62 18.01 -32.86
C LEU I 161 -0.84 18.20 -33.25
N PHE I 162 -1.67 18.66 -32.32
CA PHE I 162 -3.07 18.88 -32.62
C PHE I 162 -3.26 19.94 -33.69
N LEU I 163 -2.51 21.05 -33.58
CA LEU I 163 -2.66 22.15 -34.51
C LEU I 163 -1.89 21.96 -35.80
N LYS I 164 -1.05 20.92 -35.88
CA LYS I 164 -0.43 20.57 -37.16
C LYS I 164 -1.47 20.21 -38.21
N TYR I 165 -2.66 19.74 -37.80
CA TYR I 165 -3.71 19.36 -38.73
C TYR I 165 -5.01 20.11 -38.55
N VAL I 166 -5.16 20.92 -37.51
CA VAL I 166 -6.37 21.68 -37.27
C VAL I 166 -6.10 23.13 -37.64
N ASP I 167 -6.99 23.73 -38.44
CA ASP I 167 -6.79 25.06 -38.97
C ASP I 167 -7.79 26.08 -38.47
N ILE I 168 -8.48 25.79 -37.37
CA ILE I 168 -9.45 26.73 -36.80
C ILE I 168 -8.93 27.20 -35.45
N PRO I 169 -9.35 28.38 -34.97
CA PRO I 169 -8.87 28.84 -33.66
C PRO I 169 -9.36 27.92 -32.55
N THR I 170 -8.46 27.62 -31.61
CA THR I 170 -8.77 26.72 -30.52
C THR I 170 -8.50 27.39 -29.18
N ILE I 171 -9.18 26.88 -28.15
CA ILE I 171 -9.06 27.37 -26.78
C ILE I 171 -8.55 26.23 -25.93
N ILE I 172 -7.47 26.47 -25.20
CA ILE I 172 -6.85 25.46 -24.37
C ILE I 172 -7.36 25.64 -22.94
N VAL I 173 -8.03 24.62 -22.42
CA VAL I 173 -8.55 24.62 -21.06
C VAL I 173 -7.71 23.62 -20.27
N CYS I 174 -6.82 24.13 -19.42
CA CYS I 174 -5.92 23.29 -18.66
C CYS I 174 -5.97 23.69 -17.19
N GLN I 175 -5.30 22.89 -16.36
CA GLN I 175 -5.23 23.15 -14.93
C GLN I 175 -4.05 24.06 -14.58
N THR I 176 -2.87 23.71 -15.05
CA THR I 176 -1.66 24.42 -14.66
C THR I 176 -1.66 25.83 -15.25
N PRO I 177 -0.99 26.79 -14.59
CA PRO I 177 -0.82 28.10 -15.20
C PRO I 177 0.25 28.06 -16.29
N VAL I 178 -0.18 28.06 -17.54
CA VAL I 178 0.73 28.03 -18.68
C VAL I 178 0.62 29.37 -19.42
N ASP I 179 1.76 29.90 -19.81
CA ASP I 179 1.81 31.22 -20.42
C ASP I 179 1.61 31.08 -21.93
N MET I 180 1.00 32.10 -22.52
CA MET I 180 0.65 32.05 -23.93
C MET I 180 1.87 32.41 -24.80
N GLU I 181 3.03 31.88 -24.41
CA GLU I 181 4.28 32.03 -25.14
C GLU I 181 5.10 30.75 -25.24
N ASP I 182 5.00 29.84 -24.28
CA ASP I 182 5.77 28.59 -24.34
C ASP I 182 5.37 27.75 -25.53
N PHE I 183 4.13 27.92 -26.01
CA PHE I 183 3.73 27.26 -27.25
C PHE I 183 4.49 27.81 -28.43
N ALA I 184 4.69 29.13 -28.48
CA ALA I 184 5.47 29.74 -29.55
C ALA I 184 6.95 29.34 -29.48
N ALA I 185 7.44 28.93 -28.32
CA ALA I 185 8.83 28.54 -28.19
C ALA I 185 9.14 27.29 -29.00
N ILE I 186 8.13 26.45 -29.25
CA ILE I 186 8.30 25.24 -30.05
C ILE I 186 7.63 25.37 -31.41
N GLY I 187 7.13 26.54 -31.76
CA GLY I 187 6.66 26.80 -33.10
C GLY I 187 5.18 27.04 -33.38
N ILE I 188 4.35 26.89 -32.37
CA ILE I 188 2.91 27.10 -32.50
C ILE I 188 2.36 28.50 -32.73
N LYS I 189 1.51 28.65 -33.75
CA LYS I 189 0.85 29.92 -33.97
C LYS I 189 0.04 30.30 -32.75
N THR I 190 0.21 31.54 -32.31
CA THR I 190 -0.40 32.02 -31.08
C THR I 190 -0.82 33.47 -31.28
N LYS I 191 -1.97 33.84 -30.71
CA LYS I 191 -2.53 35.16 -31.01
C LYS I 191 -1.61 36.29 -30.53
N ASN I 192 -1.03 36.14 -29.34
CA ASN I 192 -0.21 37.20 -28.76
C ASN I 192 1.28 37.03 -29.03
N VAL I 193 1.77 35.79 -29.09
CA VAL I 193 3.20 35.52 -29.23
C VAL I 193 3.37 34.63 -30.46
N MET I 194 3.60 35.23 -31.62
CA MET I 194 3.79 34.49 -32.84
C MET I 194 5.21 33.93 -32.93
N PRO I 195 5.40 32.79 -33.57
CA PRO I 195 6.76 32.30 -33.82
C PRO I 195 7.29 32.75 -35.17
N LEU I 196 8.62 32.83 -35.24
CA LEU I 196 9.27 33.19 -36.50
C LEU I 196 9.04 32.14 -37.58
N GLU I 197 9.13 30.86 -37.21
CA GLU I 197 8.93 29.75 -38.12
C GLU I 197 7.79 28.90 -37.56
N SER I 198 6.57 29.18 -38.03
CA SER I 198 5.39 28.49 -37.53
C SER I 198 5.34 27.06 -38.05
N LYS I 199 5.19 26.10 -37.14
CA LYS I 199 5.07 24.70 -37.50
C LYS I 199 3.63 24.19 -37.46
N THR I 200 2.67 25.08 -37.21
CA THR I 200 1.26 24.69 -37.14
C THR I 200 0.43 25.67 -37.96
N GLU I 201 -0.70 25.19 -38.48
CA GLU I 201 -1.65 26.02 -39.18
C GLU I 201 -2.81 26.46 -38.30
N GLY I 202 -2.83 26.05 -37.04
CA GLY I 202 -3.88 26.43 -36.11
C GLY I 202 -3.38 27.46 -35.13
N LYS I 203 -4.30 28.29 -34.64
CA LYS I 203 -3.98 29.41 -33.77
C LYS I 203 -4.53 29.12 -32.38
N ILE I 204 -3.65 29.04 -31.39
CA ILE I 204 -4.10 28.98 -30.00
C ILE I 204 -4.65 30.36 -29.65
N VAL I 205 -5.96 30.47 -29.53
CA VAL I 205 -6.59 31.78 -29.42
C VAL I 205 -6.84 32.21 -27.98
N GLU I 206 -6.78 31.29 -27.02
CA GLU I 206 -7.02 31.61 -25.62
C GLU I 206 -6.58 30.43 -24.77
N ILE I 207 -6.04 30.74 -23.59
CA ILE I 207 -5.63 29.73 -22.63
C ILE I 207 -6.31 30.02 -21.31
N ILE I 208 -7.03 29.04 -20.78
CA ILE I 208 -7.80 29.18 -19.54
C ILE I 208 -7.27 28.17 -18.53
N THR I 209 -6.87 28.68 -17.37
CA THR I 209 -6.17 27.90 -16.35
C THR I 209 -7.04 27.78 -15.11
N GLY I 210 -6.98 26.62 -14.45
CA GLY I 210 -7.67 26.45 -13.19
C GLY I 210 -8.77 25.42 -13.25
N VAL I 211 -8.86 24.69 -14.35
CA VAL I 211 -9.86 23.65 -14.54
C VAL I 211 -9.19 22.31 -14.29
N ILE I 212 -9.62 21.62 -13.24
CA ILE I 212 -9.00 20.38 -12.80
C ILE I 212 -9.72 19.19 -13.43
N ARG I 213 -8.97 18.16 -13.77
CA ARG I 213 -9.55 16.97 -14.36
C ARG I 213 -10.39 16.22 -13.35
N GLY I 214 -11.55 15.75 -13.78
CA GLY I 214 -12.39 14.94 -12.93
C GLY I 214 -13.14 15.68 -11.86
N GLU I 215 -13.12 17.01 -11.87
CA GLU I 215 -13.77 17.81 -10.85
C GLU I 215 -14.71 18.80 -11.51
N SER I 216 -15.81 19.09 -10.84
CA SER I 216 -16.82 19.98 -11.40
C SER I 216 -16.24 21.38 -11.59
N ALA I 217 -16.39 21.90 -12.79
CA ALA I 217 -15.88 23.24 -13.09
C ALA I 217 -16.83 24.29 -12.54
N PRO I 218 -16.34 25.25 -11.75
CA PRO I 218 -17.23 26.28 -11.20
C PRO I 218 -17.78 27.17 -12.30
N GLN I 219 -18.87 27.87 -11.97
CA GLN I 219 -19.55 28.70 -12.95
C GLN I 219 -18.65 29.82 -13.46
N LYS I 220 -17.67 30.26 -12.66
CA LYS I 220 -16.79 31.33 -13.11
C LYS I 220 -15.94 30.89 -14.30
N LYS I 221 -15.40 29.68 -14.26
CA LYS I 221 -14.63 29.17 -15.38
C LYS I 221 -15.48 29.02 -16.62
N ILE I 222 -16.71 28.52 -16.46
CA ILE I 222 -17.61 28.38 -17.60
C ILE I 222 -17.92 29.75 -18.20
N ASP I 223 -18.13 30.77 -17.34
CA ASP I 223 -18.38 32.10 -17.85
C ASP I 223 -17.20 32.65 -18.61
N GLU I 224 -15.98 32.42 -18.10
CA GLU I 224 -14.79 32.87 -18.83
C GLU I 224 -14.68 32.20 -20.18
N ILE I 225 -14.90 30.89 -20.24
CA ILE I 225 -14.82 30.17 -21.50
C ILE I 225 -15.87 30.69 -22.48
N ILE I 226 -17.09 30.92 -21.98
CA ILE I 226 -18.16 31.40 -22.86
C ILE I 226 -17.84 32.79 -23.39
N GLU I 227 -17.31 33.67 -22.54
CA GLU I 227 -16.96 35.00 -23.00
C GLU I 227 -15.86 34.96 -24.04
N SER I 228 -14.84 34.12 -23.82
CA SER I 228 -13.78 34.00 -24.80
C SER I 228 -14.31 33.46 -26.13
N ILE I 229 -15.18 32.45 -26.08
CA ILE I 229 -15.77 31.90 -27.29
C ILE I 229 -16.57 32.96 -28.03
N LYS I 230 -17.40 33.70 -27.30
CA LYS I 230 -18.27 34.70 -27.93
C LYS I 230 -17.46 35.81 -28.58
N LYS I 231 -16.41 36.28 -27.90
CA LYS I 231 -15.61 37.37 -28.43
C LYS I 231 -14.63 36.91 -29.51
N HIS I 232 -14.30 35.62 -29.56
CA HIS I 232 -13.38 35.11 -30.57
C HIS I 232 -14.10 34.30 -31.65
N LEU I 233 -15.42 34.31 -31.66
CA LEU I 233 -16.22 33.57 -32.63
C LEU I 233 -17.02 34.48 -33.54
N GLY I 234 -17.77 35.42 -32.98
CA GLY I 234 -18.58 36.33 -33.76
C GLY I 234 -18.52 37.76 -33.26
N MET J 1 -43.26 -49.76 -57.94
CA MET J 1 -43.16 -50.36 -59.26
C MET J 1 -42.87 -49.29 -60.31
N ASN J 2 -43.93 -48.59 -60.74
CA ASN J 2 -43.80 -47.53 -61.73
C ASN J 2 -43.37 -46.26 -61.03
N VAL J 3 -42.08 -45.95 -61.08
CA VAL J 3 -41.53 -44.78 -60.43
C VAL J 3 -41.14 -43.76 -61.49
N LEU J 4 -41.13 -42.50 -61.09
CA LEU J 4 -40.80 -41.39 -61.99
C LEU J 4 -39.34 -41.02 -61.80
N VAL J 5 -38.58 -41.02 -62.89
CA VAL J 5 -37.14 -40.80 -62.86
C VAL J 5 -36.82 -39.59 -63.72
N ASN J 6 -36.14 -38.59 -63.13
CA ASN J 6 -35.74 -37.39 -63.84
C ASN J 6 -36.93 -36.76 -64.55
N ASN J 7 -37.09 -37.08 -65.84
CA ASN J 7 -38.27 -36.67 -66.59
C ASN J 7 -38.83 -37.87 -67.35
N ASN J 8 -38.04 -38.93 -67.47
CA ASN J 8 -38.47 -40.16 -68.14
C ASN J 8 -38.50 -41.27 -67.10
N PRO J 9 -39.68 -41.81 -66.77
CA PRO J 9 -39.79 -42.77 -65.67
C PRO J 9 -39.04 -44.07 -65.95
N LYS J 10 -38.60 -44.72 -64.87
CA LYS J 10 -38.01 -46.04 -64.93
C LYS J 10 -38.77 -47.02 -64.04
N SER J 11 -38.29 -48.26 -63.95
CA SER J 11 -38.97 -49.28 -63.16
C SER J 11 -38.01 -50.08 -62.30
N GLY J 12 -36.71 -50.02 -62.62
CA GLY J 12 -35.71 -50.79 -61.91
C GLY J 12 -35.71 -50.61 -60.41
N LYS J 13 -35.80 -51.72 -59.67
CA LYS J 13 -35.92 -51.64 -58.22
C LYS J 13 -34.65 -51.06 -57.59
N THR J 14 -33.50 -51.62 -57.95
CA THR J 14 -32.23 -51.14 -57.40
C THR J 14 -31.84 -49.81 -58.03
N LEU J 15 -31.03 -49.03 -57.31
CA LEU J 15 -30.59 -47.73 -57.82
C LEU J 15 -29.71 -47.91 -59.05
N GLU J 16 -28.92 -48.98 -59.08
CA GLU J 16 -28.03 -49.25 -60.21
C GLU J 16 -28.79 -49.31 -61.52
N ASP J 17 -29.95 -49.97 -61.52
CA ASP J 17 -30.72 -50.15 -62.74
C ASP J 17 -31.18 -48.81 -63.30
N VAL J 18 -31.62 -47.91 -62.43
CA VAL J 18 -32.20 -46.65 -62.90
C VAL J 18 -31.12 -45.61 -63.16
N ILE J 19 -29.94 -45.74 -62.54
CA ILE J 19 -28.87 -44.79 -62.80
C ILE J 19 -27.87 -45.31 -63.83
N LYS J 20 -28.08 -46.50 -64.38
CA LYS J 20 -27.20 -47.00 -65.43
C LYS J 20 -27.16 -46.06 -66.63
N ASP J 21 -28.34 -45.64 -67.10
CA ASP J 21 -28.39 -44.74 -68.24
C ASP J 21 -27.91 -43.34 -67.86
N GLU J 22 -28.29 -42.87 -66.68
CA GLU J 22 -27.85 -41.56 -66.21
C GLU J 22 -26.34 -41.56 -66.02
N TYR J 23 -25.65 -40.71 -66.79
CA TYR J 23 -24.21 -40.61 -66.63
C TYR J 23 -23.87 -40.08 -65.25
N TYR J 24 -22.83 -40.65 -64.64
CA TYR J 24 -22.55 -40.38 -63.24
C TYR J 24 -21.13 -40.83 -62.93
N ILE J 25 -20.29 -39.90 -62.49
CA ILE J 25 -18.92 -40.24 -62.07
C ILE J 25 -19.00 -40.97 -60.73
N PRO J 26 -18.43 -42.17 -60.62
CA PRO J 26 -18.54 -42.93 -59.37
C PRO J 26 -17.91 -42.20 -58.20
N GLY J 27 -18.51 -42.35 -57.03
CA GLY J 27 -18.07 -41.69 -55.82
C GLY J 27 -18.87 -40.45 -55.46
N SER J 28 -19.68 -39.93 -56.37
CA SER J 28 -20.46 -38.73 -56.12
C SER J 28 -21.66 -39.07 -55.24
N ASN J 29 -22.33 -38.04 -54.73
CA ASN J 29 -23.51 -38.23 -53.90
C ASN J 29 -24.76 -38.35 -54.77
N ILE J 30 -25.72 -39.12 -54.27
CA ILE J 30 -26.99 -39.37 -54.93
C ILE J 30 -28.09 -38.81 -54.06
N VAL J 31 -28.96 -37.99 -54.65
CA VAL J 31 -30.03 -37.31 -53.92
C VAL J 31 -31.36 -37.96 -54.28
N ILE J 32 -32.16 -38.26 -53.26
CA ILE J 32 -33.50 -38.84 -53.44
C ILE J 32 -34.49 -37.99 -52.68
N ILE J 33 -35.56 -37.56 -53.36
CA ILE J 33 -36.65 -36.82 -52.74
C ILE J 33 -37.88 -37.72 -52.68
N LYS J 34 -38.51 -37.77 -51.51
CA LYS J 34 -39.67 -38.62 -51.29
C LYS J 34 -40.97 -37.93 -51.67
N GLY J 35 -41.13 -36.66 -51.27
CA GLY J 35 -42.34 -35.94 -51.59
C GLY J 35 -42.43 -34.66 -50.77
N THR J 36 -43.63 -34.12 -50.73
CA THR J 36 -43.90 -32.88 -50.00
C THR J 36 -44.83 -33.15 -48.83
N ALA J 37 -44.54 -32.50 -47.70
CA ALA J 37 -45.38 -32.59 -46.51
C ALA J 37 -46.47 -31.55 -46.48
N THR J 38 -46.14 -30.29 -46.81
CA THR J 38 -47.09 -29.19 -46.87
C THR J 38 -47.89 -29.07 -45.57
N VAL J 39 -47.16 -28.88 -44.47
CA VAL J 39 -47.78 -28.70 -43.17
C VAL J 39 -48.45 -27.34 -43.11
N ILE J 40 -49.66 -27.30 -42.57
CA ILE J 40 -50.44 -26.08 -42.49
C ILE J 40 -50.55 -25.69 -41.02
N LYS J 41 -49.81 -24.67 -40.62
CA LYS J 41 -49.78 -24.19 -39.25
C LYS J 41 -50.19 -22.72 -39.23
N GLU J 42 -51.12 -22.39 -38.33
CA GLU J 42 -51.57 -21.01 -38.20
C GLU J 42 -51.60 -20.61 -36.73
N GLU J 43 -50.89 -19.55 -36.40
CA GLU J 43 -50.89 -18.97 -35.07
C GLU J 43 -51.64 -17.64 -35.02
N THR J 44 -51.73 -16.94 -36.16
CA THR J 44 -52.56 -15.75 -36.35
C THR J 44 -52.43 -14.73 -35.21
N LYS J 45 -51.21 -14.21 -35.06
CA LYS J 45 -51.07 -12.91 -34.42
C LYS J 45 -51.87 -11.86 -35.19
N LYS J 46 -51.96 -12.01 -36.51
CA LYS J 46 -52.85 -11.20 -37.33
C LYS J 46 -54.02 -12.06 -37.83
N TYR J 47 -55.23 -11.58 -37.60
CA TYR J 47 -56.47 -12.25 -37.96
C TYR J 47 -57.11 -11.56 -39.17
N LEU J 48 -57.68 -12.36 -40.07
CA LEU J 48 -58.44 -11.85 -41.19
C LEU J 48 -59.94 -11.86 -40.89
N ILE J 49 -60.76 -11.60 -41.91
CA ILE J 49 -62.20 -11.51 -41.78
C ILE J 49 -62.86 -11.63 -43.14
N LYS J 50 -64.15 -11.97 -43.17
CA LYS J 50 -64.97 -11.95 -44.38
C LYS J 50 -66.28 -11.25 -44.01
N THR J 51 -66.30 -9.93 -44.16
CA THR J 51 -67.50 -9.17 -43.82
C THR J 51 -68.39 -9.00 -45.05
N THR J 52 -69.62 -8.56 -44.80
CA THR J 52 -70.51 -8.14 -45.87
C THR J 52 -69.99 -6.90 -46.59
N LYS J 53 -69.26 -6.03 -45.88
CA LYS J 53 -68.69 -4.81 -46.47
C LYS J 53 -67.27 -5.01 -46.97
N GLY J 54 -66.72 -6.22 -46.87
CA GLY J 54 -65.37 -6.47 -47.34
C GLY J 54 -64.54 -7.35 -46.43
N SER J 55 -63.24 -7.07 -46.36
CA SER J 55 -62.34 -7.88 -45.53
C SER J 55 -61.21 -6.99 -45.02
N PHE J 56 -61.07 -6.93 -43.71
CA PHE J 56 -59.97 -6.25 -43.05
C PHE J 56 -59.03 -7.26 -42.40
N VAL J 57 -57.91 -6.74 -41.88
CA VAL J 57 -56.90 -7.54 -41.21
C VAL J 57 -56.71 -6.94 -39.82
N VAL J 58 -57.01 -7.73 -38.79
CA VAL J 58 -56.73 -7.32 -37.41
C VAL J 58 -55.44 -8.01 -36.99
N GLY J 59 -54.78 -7.47 -35.96
CA GLY J 59 -53.58 -8.08 -35.42
C GLY J 59 -53.42 -7.87 -33.92
N ILE J 60 -53.32 -8.96 -33.17
CA ILE J 60 -53.28 -8.86 -31.72
C ILE J 60 -51.88 -8.44 -31.28
N THR J 61 -51.82 -7.39 -30.45
CA THR J 61 -50.54 -6.87 -29.99
C THR J 61 -50.40 -7.00 -28.48
N GLU J 62 -51.34 -6.44 -27.73
CA GLU J 62 -51.27 -6.44 -26.27
C GLU J 62 -51.84 -7.75 -25.73
N GLU J 63 -51.01 -8.49 -24.99
CA GLU J 63 -51.45 -9.78 -24.48
C GLU J 63 -52.61 -9.62 -23.49
N ASN J 64 -52.37 -8.90 -22.39
CA ASN J 64 -53.37 -8.75 -21.33
C ASN J 64 -54.07 -10.08 -21.04
N GLU J 65 -55.41 -10.07 -21.12
CA GLU J 65 -56.21 -11.28 -20.98
C GLU J 65 -57.23 -11.46 -22.10
N THR J 66 -57.54 -10.41 -22.87
CA THR J 66 -58.62 -10.51 -23.85
C THR J 66 -58.18 -11.27 -25.10
N VAL J 67 -56.87 -11.36 -25.35
CA VAL J 67 -56.41 -12.17 -26.48
C VAL J 67 -56.64 -13.65 -26.20
N ASP J 68 -56.51 -14.05 -24.93
CA ASP J 68 -56.81 -15.42 -24.56
C ASP J 68 -58.27 -15.73 -24.77
N PHE J 69 -59.15 -14.77 -24.47
CA PHE J 69 -60.55 -14.88 -24.84
C PHE J 69 -60.70 -15.07 -26.34
N TRP J 70 -60.09 -14.15 -27.11
CA TRP J 70 -60.26 -14.14 -28.55
C TRP J 70 -59.86 -15.47 -29.16
N ASN J 71 -58.74 -16.03 -28.71
CA ASN J 71 -58.10 -17.23 -29.25
C ASN J 71 -59.10 -18.29 -29.68
N LYS J 72 -60.13 -18.54 -28.86
CA LYS J 72 -61.17 -19.48 -29.22
C LYS J 72 -62.57 -18.89 -29.25
N ASN J 73 -62.79 -17.69 -28.68
CA ASN J 73 -64.11 -17.10 -28.72
C ASN J 73 -64.33 -16.23 -29.95
N TYR J 74 -63.33 -16.11 -30.82
CA TYR J 74 -63.54 -15.44 -32.09
C TYR J 74 -64.45 -16.25 -33.00
N LYS J 75 -64.35 -17.58 -32.95
CA LYS J 75 -65.30 -18.42 -33.66
C LYS J 75 -66.68 -18.34 -33.03
N SER J 76 -66.75 -18.03 -31.73
CA SER J 76 -68.02 -17.70 -31.10
C SER J 76 -68.55 -16.34 -31.54
N PHE J 77 -67.64 -15.44 -31.91
CA PHE J 77 -68.01 -14.15 -32.50
C PHE J 77 -68.28 -14.25 -33.98
N GLU J 78 -68.17 -15.45 -34.55
CA GLU J 78 -68.48 -15.65 -35.96
C GLU J 78 -69.97 -15.41 -36.22
N ASP J 79 -70.26 -14.89 -37.41
CA ASP J 79 -71.63 -14.67 -37.86
C ASP J 79 -72.41 -13.76 -36.89
N LYS J 80 -71.78 -12.66 -36.50
CA LYS J 80 -72.38 -11.67 -35.62
C LYS J 80 -72.52 -10.35 -36.36
N SER J 81 -73.58 -9.61 -36.04
CA SER J 81 -73.87 -8.36 -36.74
C SER J 81 -73.21 -7.17 -36.05
N LEU J 82 -73.15 -6.06 -36.78
CA LEU J 82 -72.76 -4.79 -36.20
C LEU J 82 -73.80 -4.35 -35.16
N ILE J 83 -73.33 -3.90 -34.01
CA ILE J 83 -74.25 -3.47 -32.95
C ILE J 83 -74.48 -1.96 -33.03
N TRP J 84 -73.40 -1.18 -33.07
CA TRP J 84 -73.51 0.27 -33.19
C TRP J 84 -72.27 0.82 -33.89
N LYS J 85 -72.40 2.04 -34.41
CA LYS J 85 -71.31 2.75 -35.06
C LYS J 85 -71.24 4.19 -34.55
N SER J 86 -71.65 4.40 -33.30
CA SER J 86 -71.79 5.72 -32.73
C SER J 86 -70.41 6.25 -32.32
N ILE J 87 -70.38 7.34 -31.55
CA ILE J 87 -69.12 7.96 -31.14
C ILE J 87 -68.27 6.97 -30.34
N SER J 88 -68.86 5.87 -29.87
CA SER J 88 -68.12 4.83 -29.19
C SER J 88 -67.57 3.83 -30.18
N ASP J 89 -67.32 4.27 -31.41
CA ASP J 89 -66.74 3.48 -32.49
C ASP J 89 -67.68 2.36 -32.93
N VAL J 90 -67.17 1.48 -33.80
CA VAL J 90 -67.98 0.42 -34.40
C VAL J 90 -67.82 -0.86 -33.61
N SER J 91 -68.92 -1.37 -33.07
CA SER J 91 -68.90 -2.57 -32.23
C SER J 91 -69.76 -3.66 -32.86
N PHE J 92 -69.33 -4.91 -32.65
CA PHE J 92 -69.99 -6.06 -33.26
C PHE J 92 -70.44 -7.02 -32.16
N GLY J 93 -71.26 -8.00 -32.57
CA GLY J 93 -71.68 -9.06 -31.68
C GLY J 93 -73.18 -9.28 -31.66
N SER J 94 -73.73 -9.44 -30.47
CA SER J 94 -72.93 -9.38 -29.26
C SER J 94 -73.02 -10.69 -28.48
N ILE J 95 -71.88 -11.24 -28.11
CA ILE J 95 -71.80 -12.57 -27.53
C ILE J 95 -71.23 -12.45 -26.12
N GLU J 96 -71.29 -13.56 -25.37
CA GLU J 96 -70.87 -13.58 -23.98
C GLU J 96 -69.36 -13.39 -23.87
N ILE J 97 -68.94 -12.51 -22.97
CA ILE J 97 -67.53 -12.31 -22.65
C ILE J 97 -67.34 -12.41 -21.13
N PRO J 98 -66.91 -13.55 -20.61
CA PRO J 98 -66.86 -13.73 -19.15
C PRO J 98 -65.66 -13.07 -18.49
N LEU J 99 -64.86 -12.28 -19.19
CA LEU J 99 -63.69 -11.68 -18.59
C LEU J 99 -64.14 -10.64 -17.56
N PRO J 100 -63.57 -10.64 -16.34
CA PRO J 100 -64.05 -9.72 -15.29
C PRO J 100 -64.03 -8.26 -15.71
N VAL J 101 -65.20 -7.62 -15.65
CA VAL J 101 -65.36 -6.24 -16.10
C VAL J 101 -64.92 -5.29 -15.00
N SER J 102 -63.80 -4.60 -15.22
CA SER J 102 -63.32 -3.62 -14.25
C SER J 102 -63.79 -2.22 -14.65
N SER J 103 -64.29 -1.46 -13.68
CA SER J 103 -64.68 -0.09 -13.94
C SER J 103 -63.47 0.77 -14.32
N VAL J 104 -62.28 0.34 -13.92
CA VAL J 104 -61.05 1.01 -14.31
C VAL J 104 -60.90 0.91 -15.82
N LYS J 105 -60.54 2.02 -16.46
CA LYS J 105 -60.57 2.08 -17.91
C LYS J 105 -59.24 2.64 -18.43
N GLN J 106 -58.75 2.06 -19.52
CA GLN J 106 -57.44 2.37 -20.05
C GLN J 106 -57.57 2.92 -21.47
N ASN J 107 -56.67 3.85 -21.79
CA ASN J 107 -56.71 4.58 -23.05
C ASN J 107 -56.43 3.65 -24.22
N PHE J 108 -57.10 3.92 -25.34
CA PHE J 108 -56.95 3.14 -26.56
C PHE J 108 -56.55 4.05 -27.71
N LYS J 109 -56.30 3.46 -28.87
CA LYS J 109 -55.70 4.16 -30.00
C LYS J 109 -56.52 4.00 -31.27
N LYS J 110 -56.19 4.82 -32.27
CA LYS J 110 -56.86 4.82 -33.56
C LYS J 110 -56.77 3.45 -34.22
N TRP J 111 -57.91 2.97 -34.71
CA TRP J 111 -58.03 1.66 -35.38
C TRP J 111 -57.34 0.57 -34.57
N ASP J 112 -57.89 0.33 -33.39
CA ASP J 112 -57.35 -0.63 -32.44
C ASP J 112 -58.42 -1.67 -32.15
N VAL J 113 -58.07 -2.95 -32.18
CA VAL J 113 -59.02 -4.02 -31.96
C VAL J 113 -59.27 -4.13 -30.47
N VAL J 114 -60.53 -4.09 -30.07
CA VAL J 114 -60.93 -4.01 -28.66
C VAL J 114 -62.09 -4.97 -28.42
N LEU J 115 -62.07 -5.63 -27.26
CA LEU J 115 -63.10 -6.58 -26.86
C LEU J 115 -63.88 -6.08 -25.65
N SER J 116 -64.15 -4.78 -25.59
CA SER J 116 -64.79 -4.19 -24.42
C SER J 116 -66.22 -4.70 -24.27
N VAL J 117 -66.62 -4.93 -23.02
CA VAL J 117 -67.98 -5.33 -22.69
C VAL J 117 -68.81 -4.06 -22.47
N SER J 118 -69.74 -3.80 -23.38
CA SER J 118 -70.47 -2.53 -23.35
C SER J 118 -71.73 -2.65 -22.51
N GLY J 119 -71.62 -2.28 -21.24
CA GLY J 119 -72.73 -2.41 -20.31
C GLY J 119 -72.44 -3.23 -19.08
N LEU J 120 -71.20 -3.69 -18.92
CA LEU J 120 -70.74 -4.40 -17.72
C LEU J 120 -71.55 -5.67 -17.44
N ASP J 121 -72.05 -6.33 -18.49
CA ASP J 121 -72.75 -7.61 -18.34
C ASP J 121 -72.06 -8.61 -19.25
N THR J 122 -71.67 -9.76 -18.68
CA THR J 122 -70.85 -10.72 -19.38
C THR J 122 -71.43 -11.14 -20.73
N SER J 123 -72.77 -11.24 -20.80
CA SER J 123 -73.42 -11.77 -22.00
C SER J 123 -73.43 -10.80 -23.17
N GLU J 124 -73.28 -9.50 -22.94
CA GLU J 124 -73.40 -8.53 -24.02
C GLU J 124 -72.06 -8.03 -24.55
N GLY J 125 -70.95 -8.69 -24.20
CA GLY J 125 -69.64 -8.27 -24.65
C GLY J 125 -69.54 -8.02 -26.15
N ASN J 126 -69.22 -6.79 -26.52
CA ASN J 126 -69.17 -6.36 -27.91
C ASN J 126 -67.77 -6.50 -28.49
N LEU J 127 -67.70 -6.93 -29.74
CA LEU J 127 -66.47 -6.84 -30.53
C LEU J 127 -66.33 -5.41 -31.03
N ILE J 128 -65.90 -4.53 -30.14
CA ILE J 128 -65.84 -3.10 -30.43
C ILE J 128 -64.58 -2.80 -31.22
N PHE J 129 -64.75 -2.49 -32.50
CA PHE J 129 -63.62 -2.16 -33.35
C PHE J 129 -63.39 -0.66 -33.33
N VAL J 130 -62.47 -0.21 -32.46
CA VAL J 130 -62.25 1.22 -32.27
C VAL J 130 -61.77 1.87 -33.55
N GLN J 131 -62.33 3.04 -33.86
CA GLN J 131 -61.95 3.83 -35.02
C GLN J 131 -61.12 5.04 -34.64
N ARG J 132 -61.60 5.85 -33.71
CA ARG J 132 -60.96 7.08 -33.29
C ARG J 132 -60.18 6.85 -32.00
N ASP J 133 -59.26 7.77 -31.68
CA ASP J 133 -58.56 7.69 -30.42
C ASP J 133 -59.53 7.92 -29.27
N VAL J 134 -59.85 6.86 -28.53
CA VAL J 134 -60.78 6.96 -27.41
C VAL J 134 -60.00 6.99 -26.10
N LEU J 135 -60.25 8.04 -25.32
CA LEU J 135 -59.76 8.12 -23.95
C LEU J 135 -60.71 7.34 -23.05
N GLU J 136 -60.70 7.61 -21.75
CA GLU J 136 -61.55 6.85 -20.85
C GLU J 136 -63.02 6.94 -21.28
N LEU J 137 -63.54 5.85 -21.84
CA LEU J 137 -64.95 5.75 -22.20
C LEU J 137 -65.56 4.43 -21.73
N TYR J 138 -64.78 3.36 -21.78
CA TYR J 138 -65.29 2.00 -21.65
C TYR J 138 -65.01 1.45 -20.26
N GLY J 139 -65.27 0.15 -20.11
CA GLY J 139 -64.97 -0.55 -18.87
C GLY J 139 -63.98 -1.67 -19.06
N LEU J 140 -64.21 -2.79 -18.35
CA LEU J 140 -63.42 -4.02 -18.50
C LEU J 140 -62.00 -3.84 -17.97
N GLU J 141 -61.32 -4.96 -17.69
CA GLU J 141 -59.99 -4.89 -17.08
C GLU J 141 -59.00 -4.18 -17.98
N ASN J 142 -58.88 -4.63 -19.22
CA ASN J 142 -58.11 -3.94 -20.25
C ASN J 142 -58.61 -4.47 -21.60
N PRO J 143 -59.61 -3.82 -22.20
CA PRO J 143 -60.23 -4.37 -23.40
C PRO J 143 -59.29 -4.47 -24.59
N LYS J 144 -58.15 -3.78 -24.55
CA LYS J 144 -57.16 -3.79 -25.61
C LYS J 144 -56.71 -5.22 -25.96
N ILE J 145 -56.96 -5.66 -27.19
CA ILE J 145 -56.55 -6.98 -27.64
C ILE J 145 -55.61 -6.89 -28.85
N GLY J 146 -55.96 -6.06 -29.83
CA GLY J 146 -55.16 -5.96 -31.04
C GLY J 146 -55.30 -4.64 -31.76
N ILE J 147 -54.73 -4.53 -32.96
CA ILE J 147 -54.77 -3.30 -33.75
C ILE J 147 -55.27 -3.64 -35.15
N LEU J 148 -56.26 -2.87 -35.62
CA LEU J 148 -56.73 -2.92 -37.00
C LEU J 148 -55.91 -1.96 -37.85
N ILE J 149 -55.31 -2.48 -38.92
CA ILE J 149 -54.62 -1.64 -39.90
C ILE J 149 -55.07 -2.04 -41.30
N GLY J 150 -54.87 -3.31 -41.64
CA GLY J 150 -55.27 -3.78 -42.96
C GLY J 150 -56.78 -3.77 -43.11
N GLY J 151 -57.24 -3.32 -44.27
CA GLY J 151 -58.67 -3.22 -44.54
C GLY J 151 -59.38 -2.22 -43.66
N LYS J 152 -58.73 -1.10 -43.34
CA LYS J 152 -59.34 -0.09 -42.50
C LYS J 152 -60.60 0.49 -43.14
N ARG J 153 -60.58 0.64 -44.46
CA ARG J 153 -61.77 1.14 -45.16
C ARG J 153 -62.94 0.19 -44.99
N VAL J 154 -62.67 -1.12 -44.92
CA VAL J 154 -63.74 -2.10 -44.73
C VAL J 154 -64.43 -1.86 -43.40
N LEU J 155 -63.64 -1.70 -42.33
CA LEU J 155 -64.21 -1.46 -41.01
C LEU J 155 -64.94 -0.12 -40.96
N LYS J 156 -64.42 0.89 -41.65
CA LYS J 156 -65.09 2.19 -41.65
C LYS J 156 -66.43 2.14 -42.38
N THR J 157 -66.47 1.46 -43.53
CA THR J 157 -67.70 1.43 -44.32
C THR J 157 -68.74 0.48 -43.73
N LEU J 158 -68.34 -0.38 -42.80
CA LEU J 158 -69.22 -1.40 -42.24
C LEU J 158 -70.42 -0.77 -41.56
N THR J 159 -71.61 -1.22 -41.93
CA THR J 159 -72.86 -0.68 -41.41
C THR J 159 -73.57 -1.71 -40.54
N ALA J 160 -74.65 -1.25 -39.89
CA ALA J 160 -75.37 -2.06 -38.92
C ALA J 160 -75.91 -3.36 -39.53
N ASP J 161 -76.40 -3.27 -40.77
CA ASP J 161 -76.94 -4.44 -41.44
C ASP J 161 -75.84 -5.45 -41.73
N ASP J 162 -74.63 -4.98 -41.99
CA ASP J 162 -73.54 -5.88 -42.35
C ASP J 162 -73.07 -6.69 -41.14
N ARG J 163 -72.62 -7.91 -41.42
CA ARG J 163 -72.09 -8.83 -40.43
C ARG J 163 -70.68 -9.24 -40.82
N ILE J 164 -69.93 -9.80 -39.86
CA ILE J 164 -68.61 -10.34 -40.17
C ILE J 164 -68.64 -11.79 -40.65
N ILE J 165 -69.80 -12.45 -40.63
CA ILE J 165 -69.96 -13.84 -41.04
C ILE J 165 -68.75 -14.66 -40.60
N SER J 166 -67.95 -15.12 -41.56
CA SER J 166 -66.80 -15.99 -41.29
C SER J 166 -65.60 -15.13 -40.86
N ILE J 167 -65.00 -15.52 -39.74
CA ILE J 167 -63.79 -14.90 -39.24
C ILE J 167 -62.57 -15.71 -39.71
N GLU J 168 -61.93 -15.26 -40.78
CA GLU J 168 -60.72 -15.90 -41.28
C GLU J 168 -59.57 -15.56 -40.34
N GLN J 169 -58.46 -16.30 -40.42
CA GLN J 169 -57.37 -15.96 -39.52
C GLN J 169 -56.17 -15.40 -40.27
N MET J 170 -55.48 -16.24 -41.05
CA MET J 170 -54.77 -15.75 -42.24
C MET J 170 -54.69 -16.85 -43.29
N ARG J 171 -54.91 -18.09 -42.85
CA ARG J 171 -54.56 -19.31 -43.58
C ARG J 171 -53.08 -19.34 -43.97
N GLU J 172 -52.18 -19.40 -43.00
CA GLU J 172 -50.75 -19.50 -43.29
C GLU J 172 -50.36 -20.97 -43.45
N SER J 173 -49.66 -21.27 -44.54
CA SER J 173 -49.25 -22.64 -44.85
C SER J 173 -47.74 -22.70 -45.03
N LYS J 174 -47.15 -23.76 -44.49
CA LYS J 174 -45.71 -23.97 -44.58
C LYS J 174 -45.44 -25.16 -45.48
N GLU J 175 -44.19 -25.31 -45.90
CA GLU J 175 -43.81 -26.40 -46.77
C GLU J 175 -42.56 -27.08 -46.24
N ASN J 176 -42.62 -28.41 -46.16
CA ASN J 176 -41.48 -29.23 -45.78
C ASN J 176 -41.21 -30.23 -46.90
N ILE J 177 -39.95 -30.33 -47.31
CA ILE J 177 -39.54 -31.24 -48.37
C ILE J 177 -38.75 -32.38 -47.75
N ASP J 178 -39.25 -33.60 -47.91
CA ASP J 178 -38.52 -34.77 -47.45
C ASP J 178 -37.33 -35.04 -48.34
N TYR J 179 -36.23 -35.45 -47.73
CA TYR J 179 -34.99 -35.68 -48.49
C TYR J 179 -34.11 -36.66 -47.72
N GLU J 180 -33.38 -37.48 -48.44
CA GLU J 180 -32.34 -38.32 -47.88
C GLU J 180 -31.14 -38.33 -48.83
N ILE J 181 -29.95 -38.37 -48.26
CA ILE J 181 -28.71 -38.35 -49.01
C ILE J 181 -28.14 -39.77 -49.03
N THR J 182 -27.57 -40.17 -50.16
CA THR J 182 -26.99 -41.49 -50.29
C THR J 182 -25.91 -41.46 -51.36
N THR J 183 -25.07 -42.49 -51.36
CA THR J 183 -23.96 -42.58 -52.29
C THR J 183 -23.81 -43.99 -52.84
N ASN J 184 -26.20 -45.72 -51.49
CA ASN J 184 -26.26 -47.14 -51.84
C ASN J 184 -26.83 -47.33 -53.24
N LEU J 185 -26.60 -48.51 -53.81
CA LEU J 185 -27.10 -48.82 -55.15
C LEU J 185 -28.11 -49.96 -55.10
N ASN J 186 -27.91 -50.90 -54.18
CA ASN J 186 -28.77 -52.08 -54.08
C ASN J 186 -29.79 -51.85 -52.97
N LYS J 187 -30.89 -51.19 -53.34
CA LYS J 187 -32.01 -50.96 -52.44
C LYS J 187 -33.30 -51.08 -53.23
N GLU J 188 -34.39 -51.39 -52.53
CA GLU J 188 -35.68 -51.59 -53.15
C GLU J 188 -36.46 -50.27 -53.22
N ILE J 189 -37.01 -49.98 -54.38
CA ILE J 189 -37.86 -48.82 -54.60
C ILE J 189 -39.32 -49.26 -54.49
N GLN J 190 -40.12 -48.48 -53.77
CA GLN J 190 -41.52 -48.86 -53.59
C GLN J 190 -42.37 -48.40 -54.76
N ASP J 191 -42.47 -47.08 -54.97
CA ASP J 191 -43.29 -46.51 -56.02
C ASP J 191 -43.09 -45.01 -56.10
N THR J 192 -43.23 -44.45 -57.31
CA THR J 192 -43.22 -43.00 -57.59
C THR J 192 -42.18 -42.26 -56.75
N TRP J 193 -40.92 -42.66 -56.93
CA TRP J 193 -39.81 -42.06 -56.22
C TRP J 193 -38.89 -41.38 -57.23
N LYS J 194 -38.55 -40.12 -56.95
CA LYS J 194 -37.81 -39.28 -57.89
C LYS J 194 -36.33 -39.27 -57.55
N ILE J 195 -35.49 -39.36 -58.57
CA ILE J 195 -34.04 -39.50 -58.42
C ILE J 195 -33.35 -38.42 -59.24
N TYR J 196 -32.36 -37.76 -58.64
CA TYR J 196 -31.48 -36.83 -59.33
C TYR J 196 -30.04 -37.32 -59.21
N THR J 197 -29.30 -37.20 -60.31
CA THR J 197 -27.96 -37.79 -60.41
C THR J 197 -26.87 -36.77 -60.66
N TYR J 198 -27.16 -35.68 -61.37
CA TYR J 198 -26.13 -34.70 -61.70
C TYR J 198 -26.77 -33.32 -61.86
N CYS J 199 -25.92 -32.33 -62.10
CA CYS J 199 -26.36 -30.98 -62.38
C CYS J 199 -25.63 -30.43 -63.60
N LYS J 200 -26.29 -29.53 -64.31
CA LYS J 200 -25.77 -28.94 -65.53
C LYS J 200 -25.35 -27.50 -65.27
N ALA J 201 -24.12 -27.16 -65.62
CA ALA J 201 -23.56 -25.84 -65.35
C ALA J 201 -23.39 -25.08 -66.65
N GLU J 202 -23.97 -23.88 -66.71
CA GLU J 202 -23.85 -22.99 -67.85
C GLU J 202 -22.89 -21.86 -67.47
N PHE J 203 -21.80 -21.72 -68.23
CA PHE J 203 -20.73 -20.80 -67.90
C PHE J 203 -20.77 -19.59 -68.81
N ASP J 204 -20.81 -18.40 -68.21
CA ASP J 204 -20.78 -17.15 -68.97
C ASP J 204 -20.25 -16.08 -68.03
N GLY J 205 -18.99 -15.70 -68.21
CA GLY J 205 -18.37 -14.71 -67.37
C GLY J 205 -17.02 -14.27 -67.92
N PRO J 206 -16.27 -13.51 -67.12
CA PRO J 206 -14.96 -13.08 -67.58
C PRO J 206 -14.05 -14.27 -67.80
N PRO J 207 -13.11 -14.17 -68.75
CA PRO J 207 -12.39 -15.38 -69.19
C PRO J 207 -11.53 -16.02 -68.12
N GLN J 208 -10.80 -15.24 -67.33
CA GLN J 208 -9.89 -15.84 -66.36
C GLN J 208 -10.65 -16.55 -65.24
N SER J 209 -11.68 -15.89 -64.70
CA SER J 209 -12.46 -16.52 -63.64
C SER J 209 -13.20 -17.75 -64.14
N THR J 210 -13.75 -17.67 -65.36
CA THR J 210 -14.43 -18.82 -65.94
C THR J 210 -13.46 -19.96 -66.19
N GLU J 211 -12.23 -19.65 -66.60
CA GLU J 211 -11.21 -20.68 -66.76
C GLU J 211 -10.85 -21.31 -65.41
N HIS J 212 -10.79 -20.50 -64.36
CA HIS J 212 -10.57 -21.04 -63.02
C HIS J 212 -11.67 -22.01 -62.64
N ALA J 213 -12.93 -21.63 -62.88
CA ALA J 213 -14.05 -22.50 -62.56
C ALA J 213 -14.02 -23.78 -63.38
N LEU J 214 -13.66 -23.67 -64.67
CA LEU J 214 -13.56 -24.84 -65.52
C LEU J 214 -12.46 -25.78 -65.05
N ALA J 215 -11.33 -25.22 -64.62
CA ALA J 215 -10.25 -26.04 -64.07
C ALA J 215 -10.70 -26.75 -62.81
N ILE J 216 -11.51 -26.09 -61.99
CA ILE J 216 -12.08 -26.75 -60.82
C ILE J 216 -12.95 -27.93 -61.26
N LEU J 217 -13.77 -27.73 -62.29
CA LEU J 217 -14.72 -28.73 -62.75
C LEU J 217 -14.24 -29.47 -64.00
N GLU J 218 -12.93 -29.62 -64.16
CA GLU J 218 -12.42 -30.33 -65.33
C GLU J 218 -12.70 -31.83 -65.24
N ASN J 219 -12.79 -32.38 -64.03
CA ASN J 219 -13.04 -33.79 -63.84
C ASN J 219 -14.51 -34.12 -63.68
N GLY J 220 -15.39 -33.12 -63.71
CA GLY J 220 -16.81 -33.35 -63.62
C GLY J 220 -17.38 -33.41 -62.22
N THR J 221 -16.54 -33.37 -61.19
CA THR J 221 -16.98 -33.44 -59.81
C THR J 221 -16.57 -32.17 -59.06
N LEU J 222 -17.44 -31.74 -58.15
CA LEU J 222 -17.19 -30.56 -57.32
C LEU J 222 -17.15 -31.01 -55.86
N GLU J 223 -15.99 -30.86 -55.23
CA GLU J 223 -15.87 -31.18 -53.82
C GLU J 223 -16.68 -30.18 -52.99
N ILE J 224 -17.33 -30.66 -51.94
CA ILE J 224 -18.06 -29.82 -51.02
C ILE J 224 -17.20 -29.69 -49.77
N SER J 225 -16.41 -28.61 -49.70
CA SER J 225 -15.54 -28.39 -48.56
C SER J 225 -16.24 -27.64 -47.43
N GLU J 226 -17.05 -26.64 -47.77
CA GLU J 226 -17.84 -25.91 -46.79
C GLU J 226 -19.31 -25.92 -47.21
N ASN J 227 -20.19 -26.03 -46.22
CA ASN J 227 -21.62 -25.97 -46.48
C ASN J 227 -22.27 -25.05 -45.47
N THR J 228 -23.19 -24.21 -45.94
CA THR J 228 -24.05 -23.42 -45.07
C THR J 228 -25.49 -23.62 -45.51
N ASN J 229 -26.39 -22.78 -45.02
CA ASN J 229 -27.76 -22.81 -45.49
C ASN J 229 -27.97 -22.04 -46.79
N THR J 230 -26.93 -21.35 -47.28
CA THR J 230 -27.05 -20.53 -48.47
C THR J 230 -26.12 -20.93 -49.61
N TYR J 231 -25.04 -21.66 -49.35
CA TYR J 231 -24.09 -21.99 -50.41
C TYR J 231 -23.34 -23.25 -50.06
N VAL J 232 -22.65 -23.79 -51.07
CA VAL J 232 -21.63 -24.82 -50.90
C VAL J 232 -20.39 -24.37 -51.66
N ALA J 233 -19.23 -24.51 -51.03
CA ALA J 233 -18.00 -23.95 -51.58
C ALA J 233 -16.98 -25.04 -51.81
N ASP J 234 -16.07 -24.78 -52.75
CA ASP J 234 -15.00 -25.70 -53.10
C ASP J 234 -13.66 -25.01 -52.85
N CYS J 235 -12.75 -25.73 -52.20
CA CYS J 235 -11.51 -25.14 -51.72
C CYS J 235 -10.27 -25.78 -52.36
N ARG J 236 -10.43 -26.37 -53.54
CA ARG J 236 -9.27 -26.98 -54.20
C ARG J 236 -8.23 -25.93 -54.58
N LEU J 237 -8.68 -24.79 -55.07
CA LEU J 237 -7.79 -23.68 -55.43
C LEU J 237 -8.19 -22.47 -54.60
N GLN J 238 -7.67 -22.39 -53.38
CA GLN J 238 -7.99 -21.30 -52.47
C GLN J 238 -6.87 -20.28 -52.35
N THR J 239 -5.73 -20.50 -52.99
CA THR J 239 -4.62 -19.56 -52.90
C THR J 239 -4.21 -19.04 -54.27
N LEU J 240 -5.03 -19.25 -55.29
CA LEU J 240 -4.75 -18.79 -56.64
C LEU J 240 -5.45 -17.45 -56.86
N PHE J 241 -4.70 -16.47 -57.34
CA PHE J 241 -5.25 -15.13 -57.50
C PHE J 241 -6.07 -15.03 -58.78
N ILE J 242 -7.06 -14.15 -58.74
CA ILE J 242 -7.76 -13.68 -59.94
C ILE J 242 -8.06 -12.21 -59.72
N ASP J 243 -8.04 -11.44 -60.81
CA ASP J 243 -8.36 -10.01 -60.76
C ASP J 243 -9.46 -9.74 -61.79
N GLU J 244 -10.69 -10.02 -61.39
CA GLU J 244 -11.86 -9.80 -62.24
C GLU J 244 -13.05 -9.54 -61.34
N GLU J 245 -13.88 -8.57 -61.72
CA GLU J 245 -15.08 -8.22 -60.96
C GLU J 245 -16.31 -8.45 -61.82
N ASN J 246 -17.22 -9.29 -61.33
CA ASN J 246 -18.52 -9.50 -61.95
C ASN J 246 -19.60 -9.42 -60.87
N PRO J 247 -19.86 -8.22 -60.35
CA PRO J 247 -20.78 -8.09 -59.20
C PRO J 247 -22.26 -7.97 -59.56
N GLU J 248 -22.88 -9.10 -59.89
CA GLU J 248 -24.33 -9.15 -60.06
C GLU J 248 -24.93 -10.12 -59.06
N ASP J 249 -26.25 -10.23 -59.11
CA ASP J 249 -27.01 -10.94 -58.07
C ASP J 249 -26.58 -12.39 -57.98
N ARG J 250 -26.38 -12.86 -56.75
CA ARG J 250 -26.08 -14.26 -56.47
C ARG J 250 -27.39 -14.99 -56.28
N ASP J 251 -28.04 -15.30 -57.40
CA ASP J 251 -29.38 -15.87 -57.39
C ASP J 251 -29.31 -17.35 -57.04
N ARG J 252 -30.45 -18.03 -57.14
CA ARG J 252 -30.51 -19.46 -56.89
C ARG J 252 -29.66 -20.21 -57.91
N GLY J 253 -28.75 -21.05 -57.42
CA GLY J 253 -27.90 -21.81 -58.30
C GLY J 253 -26.92 -20.99 -59.11
N THR J 254 -26.34 -19.95 -58.51
CA THR J 254 -25.33 -19.14 -59.16
C THR J 254 -23.95 -19.63 -58.76
N ILE J 255 -23.03 -19.63 -59.72
CA ILE J 255 -21.65 -20.08 -59.49
C ILE J 255 -20.76 -18.85 -59.45
N THR J 256 -20.09 -18.64 -58.32
CA THR J 256 -19.21 -17.50 -58.12
C THR J 256 -17.84 -17.96 -57.71
N VAL J 257 -16.84 -17.13 -57.99
CA VAL J 257 -15.47 -17.33 -57.54
C VAL J 257 -15.09 -16.12 -56.70
N ARG J 258 -14.70 -16.37 -55.46
CA ARG J 258 -14.25 -15.28 -54.60
C ARG J 258 -12.88 -14.79 -55.08
N ASN J 259 -12.76 -13.48 -55.27
CA ASN J 259 -11.59 -12.91 -55.92
C ASN J 259 -10.68 -12.12 -54.99
N ILE J 260 -10.96 -12.09 -53.69
CA ILE J 260 -10.18 -11.29 -52.75
C ILE J 260 -10.33 -11.88 -51.37
N GLY J 261 -9.31 -11.72 -50.55
CA GLY J 261 -9.35 -12.08 -49.16
C GLY J 261 -8.69 -13.41 -48.87
N ASN J 262 -9.01 -13.95 -47.69
CA ASN J 262 -8.45 -15.23 -47.28
C ASN J 262 -8.93 -16.37 -48.16
N GLY J 263 -10.13 -16.27 -48.71
CA GLY J 263 -10.68 -17.34 -49.51
C GLY J 263 -10.73 -17.01 -50.99
N VAL J 264 -9.68 -16.35 -51.49
CA VAL J 264 -9.64 -16.01 -52.91
C VAL J 264 -9.44 -17.27 -53.73
N GLY J 265 -10.32 -17.48 -54.70
CA GLY J 265 -10.25 -18.65 -55.54
C GLY J 265 -11.26 -19.73 -55.21
N LYS J 266 -11.93 -19.64 -54.07
CA LYS J 266 -12.98 -20.60 -53.76
C LYS J 266 -14.14 -20.44 -54.73
N VAL J 267 -14.74 -21.58 -55.09
CA VAL J 267 -15.87 -21.60 -56.02
C VAL J 267 -17.13 -21.88 -55.22
N TYR J 268 -18.10 -20.98 -55.32
CA TYR J 268 -19.35 -21.08 -54.57
C TYR J 268 -20.50 -21.43 -55.50
N ILE J 269 -21.44 -22.22 -55.00
CA ILE J 269 -22.73 -22.43 -55.65
C ILE J 269 -23.81 -22.08 -54.64
N TYR J 270 -24.66 -21.12 -55.00
CA TYR J 270 -25.60 -20.54 -54.04
C TYR J 270 -26.95 -21.23 -54.12
N GLN J 271 -27.45 -21.66 -52.96
CA GLN J 271 -28.77 -22.29 -52.86
C GLN J 271 -29.86 -21.31 -52.49
N GLU J 272 -29.53 -20.03 -52.29
CA GLU J 272 -30.52 -19.03 -51.93
C GLU J 272 -30.26 -17.76 -52.71
N SER J 273 -31.33 -17.00 -52.95
CA SER J 273 -31.24 -15.75 -53.68
C SER J 273 -30.69 -14.68 -52.74
N ARG J 274 -29.47 -14.21 -53.01
CA ARG J 274 -28.79 -13.23 -52.19
C ARG J 274 -28.42 -12.02 -53.02
N ALA J 275 -27.91 -11.00 -52.35
CA ALA J 275 -27.55 -9.76 -53.01
C ALA J 275 -26.20 -9.88 -53.69
N SER J 276 -25.91 -8.92 -54.57
CA SER J 276 -24.62 -8.86 -55.25
C SER J 276 -23.51 -8.58 -54.25
N SER J 277 -22.31 -9.04 -54.58
CA SER J 277 -21.13 -8.83 -53.74
C SER J 277 -19.95 -8.45 -54.61
N LEU J 278 -19.16 -7.48 -54.12
CA LEU J 278 -17.96 -7.08 -54.85
C LEU J 278 -16.84 -8.10 -54.75
N SER J 279 -16.89 -8.99 -53.76
CA SER J 279 -15.87 -9.99 -53.55
C SER J 279 -16.17 -11.31 -54.25
N HIS J 280 -17.27 -11.40 -54.97
CA HIS J 280 -17.67 -12.63 -55.67
C HIS J 280 -17.80 -12.34 -57.15
N THR J 281 -17.08 -13.12 -57.96
CA THR J 281 -17.13 -13.01 -59.41
C THR J 281 -17.98 -14.16 -59.94
N VAL J 282 -19.18 -13.83 -60.45
CA VAL J 282 -20.06 -14.86 -60.96
C VAL J 282 -19.49 -15.41 -62.27
N VAL J 283 -19.37 -16.72 -62.35
CA VAL J 283 -18.83 -17.37 -63.54
C VAL J 283 -19.89 -18.11 -64.35
N GLY J 284 -21.12 -18.18 -63.86
CA GLY J 284 -22.15 -18.87 -64.60
C GLY J 284 -23.35 -19.20 -63.73
N LYS J 285 -24.03 -20.27 -64.10
CA LYS J 285 -25.25 -20.69 -63.40
C LYS J 285 -25.44 -22.18 -63.59
N VAL J 286 -26.19 -22.77 -62.67
CA VAL J 286 -26.62 -24.16 -62.78
C VAL J 286 -28.04 -24.12 -63.33
N THR J 287 -28.24 -24.72 -64.52
CA THR J 287 -29.51 -24.56 -65.22
C THR J 287 -30.57 -25.48 -64.66
N ASP J 288 -30.33 -26.79 -64.69
CA ASP J 288 -31.30 -27.77 -64.23
C ASP J 288 -30.60 -28.82 -63.37
N GLY J 289 -31.39 -29.45 -62.51
CA GLY J 289 -30.85 -30.38 -61.54
C GLY J 289 -30.26 -29.66 -60.34
N ILE J 290 -30.97 -28.63 -59.87
CA ILE J 290 -30.48 -27.86 -58.74
C ILE J 290 -30.55 -28.66 -57.45
N GLU J 291 -31.48 -29.61 -57.36
CA GLU J 291 -31.75 -30.28 -56.09
C GLU J 291 -30.55 -31.03 -55.55
N ILE J 292 -29.68 -31.53 -56.43
CA ILE J 292 -28.49 -32.23 -55.95
C ILE J 292 -27.59 -31.26 -55.20
N VAL J 293 -27.51 -30.01 -55.66
CA VAL J 293 -26.80 -28.98 -54.92
C VAL J 293 -27.58 -28.60 -53.66
N ASP J 294 -28.90 -28.53 -53.76
CA ASP J 294 -29.71 -28.05 -52.65
C ASP J 294 -29.63 -28.98 -51.45
N PHE J 295 -29.57 -30.29 -51.68
CA PHE J 295 -29.69 -31.27 -50.61
C PHE J 295 -28.35 -31.87 -50.19
N SER J 296 -27.31 -31.77 -51.01
CA SER J 296 -26.00 -32.31 -50.66
C SER J 296 -25.34 -31.41 -49.63
N ASN J 297 -24.81 -32.01 -48.57
CA ASN J 297 -24.12 -31.27 -47.53
C ASN J 297 -22.63 -31.55 -47.50
N SER J 298 -22.18 -32.66 -48.10
CA SER J 298 -20.77 -33.00 -48.14
C SER J 298 -20.54 -33.96 -49.29
N GLY J 299 -19.28 -34.11 -49.67
CA GLY J 299 -18.89 -35.09 -50.66
C GLY J 299 -18.73 -34.53 -52.06
N HIS J 300 -19.10 -35.33 -53.06
CA HIS J 300 -18.90 -35.00 -54.46
C HIS J 300 -20.25 -34.86 -55.15
N ILE J 301 -20.32 -33.96 -56.12
CA ILE J 301 -21.49 -33.84 -56.98
C ILE J 301 -21.01 -33.83 -58.43
N THR J 302 -21.65 -34.64 -59.27
CA THR J 302 -21.30 -34.71 -60.68
C THR J 302 -21.82 -33.46 -61.38
N VAL J 303 -20.92 -32.73 -62.02
CA VAL J 303 -21.25 -31.48 -62.68
C VAL J 303 -20.86 -31.57 -64.15
N LYS J 304 -21.72 -31.10 -65.03
CA LYS J 304 -21.44 -31.00 -66.46
C LYS J 304 -21.36 -29.52 -66.83
N THR J 305 -20.24 -29.13 -67.42
CA THR J 305 -20.05 -27.77 -67.90
C THR J 305 -20.44 -27.72 -69.37
N ASN J 306 -21.40 -26.86 -69.70
CA ASN J 306 -21.87 -26.80 -71.09
C ASN J 306 -20.77 -26.39 -72.06
N PRO J 307 -20.00 -25.33 -71.83
CA PRO J 307 -18.82 -25.08 -72.69
C PRO J 307 -17.64 -25.94 -72.24
N GLU J 308 -17.29 -26.91 -73.08
CA GLU J 308 -16.15 -27.77 -72.77
C GLU J 308 -14.88 -26.93 -72.65
N ARG J 309 -14.01 -27.33 -71.73
CA ARG J 309 -12.76 -26.60 -71.54
C ARG J 309 -11.85 -26.85 -72.73
N LEU J 310 -11.65 -25.81 -73.54
CA LEU J 310 -10.81 -25.90 -74.74
C LEU J 310 -9.41 -25.44 -74.38
N SER J 311 -8.74 -26.25 -73.55
CA SER J 311 -7.36 -26.01 -73.14
C SER J 311 -6.60 -27.31 -73.37
N VAL J 312 -5.97 -27.42 -74.53
CA VAL J 312 -5.23 -28.63 -74.89
C VAL J 312 -3.74 -28.37 -74.77
N ILE J 313 -3.18 -28.62 -73.58
CA ILE J 313 -1.77 -28.38 -73.33
C ILE J 313 -0.99 -29.67 -73.09
N GLY J 314 -1.61 -30.68 -72.49
CA GLY J 314 -0.97 -31.96 -72.32
C GLY J 314 -1.23 -32.95 -73.45
N LYS J 315 -1.85 -32.51 -74.54
CA LYS J 315 -2.28 -33.38 -75.62
C LYS J 315 -1.31 -33.27 -76.80
N THR J 316 -1.55 -34.10 -77.80
CA THR J 316 -0.81 -34.06 -79.05
C THR J 316 -1.51 -33.16 -80.05
N GLN J 317 -0.82 -32.86 -81.15
CA GLN J 317 -1.36 -31.89 -82.10
C GLN J 317 -2.60 -32.42 -82.83
N LYS J 318 -2.63 -33.73 -83.11
CA LYS J 318 -3.81 -34.27 -83.81
C LYS J 318 -5.03 -34.25 -82.91
N ASP J 319 -4.87 -34.49 -81.62
CA ASP J 319 -6.00 -34.42 -80.70
C ASP J 319 -6.58 -33.01 -80.66
N ALA J 320 -5.70 -32.01 -80.58
CA ALA J 320 -6.16 -30.63 -80.63
C ALA J 320 -6.85 -30.33 -81.95
N LYS J 321 -6.29 -30.82 -83.06
CA LYS J 321 -6.90 -30.61 -84.37
C LYS J 321 -8.33 -31.15 -84.39
N ILE J 322 -8.50 -32.41 -84.00
CA ILE J 322 -9.82 -33.03 -84.13
C ILE J 322 -10.81 -32.42 -83.14
N LEU J 323 -10.36 -32.12 -81.92
CA LEU J 323 -11.27 -31.51 -80.95
C LEU J 323 -11.69 -30.11 -81.36
N PHE J 324 -10.76 -29.32 -81.91
CA PHE J 324 -11.12 -27.96 -82.31
C PHE J 324 -11.93 -27.92 -83.60
N GLU J 325 -11.71 -28.88 -84.50
CA GLU J 325 -12.53 -28.94 -85.70
C GLU J 325 -13.92 -29.47 -85.40
N LYS J 326 -14.04 -30.37 -84.41
CA LYS J 326 -15.36 -30.81 -84.01
C LYS J 326 -16.15 -29.70 -83.30
N HIS J 327 -15.46 -28.66 -82.84
CA HIS J 327 -16.12 -27.48 -82.31
C HIS J 327 -16.23 -26.35 -83.32
N GLY J 328 -15.78 -26.57 -84.56
CA GLY J 328 -15.88 -25.57 -85.60
C GLY J 328 -15.07 -24.32 -85.35
N ILE J 329 -13.81 -24.49 -84.96
CA ILE J 329 -12.91 -23.38 -84.67
C ILE J 329 -11.76 -23.40 -85.68
N THR J 330 -11.53 -22.26 -86.33
CA THR J 330 -10.40 -22.15 -87.24
C THR J 330 -9.09 -22.32 -86.47
N LEU J 331 -8.17 -23.08 -87.06
CA LEU J 331 -6.96 -23.51 -86.37
C LEU J 331 -5.72 -23.19 -87.18
N LYS J 332 -4.64 -22.87 -86.47
CA LYS J 332 -3.34 -22.63 -87.09
C LYS J 332 -2.25 -23.09 -86.14
N MET J 333 -1.12 -23.47 -86.72
CA MET J 333 0.02 -24.00 -85.96
C MET J 333 1.10 -22.95 -85.86
N GLU J 334 1.83 -22.98 -84.73
CA GLU J 334 2.93 -22.05 -84.53
C GLU J 334 4.27 -22.76 -84.43
N GLY J 335 4.39 -23.71 -83.49
CA GLY J 335 5.66 -24.34 -83.23
C GLY J 335 5.91 -25.59 -84.03
N ASN J 336 6.16 -26.70 -83.34
CA ASN J 336 6.33 -27.99 -83.99
C ASN J 336 5.03 -28.39 -84.68
N ILE J 337 5.14 -28.86 -85.92
CA ILE J 337 3.98 -29.18 -86.74
C ILE J 337 3.60 -30.66 -86.65
N ASP J 338 4.50 -31.52 -86.15
CA ASP J 338 4.25 -32.95 -86.15
C ASP J 338 2.96 -33.27 -85.38
N GLU J 339 2.25 -34.29 -85.86
CA GLU J 339 1.00 -34.69 -85.22
C GLU J 339 1.19 -35.14 -83.78
N ASP J 340 2.37 -35.68 -83.44
CA ASP J 340 2.66 -36.11 -82.09
C ASP J 340 3.36 -35.04 -81.27
N ALA J 341 3.56 -33.85 -81.82
CA ALA J 341 4.19 -32.78 -81.06
C ALA J 341 3.29 -32.34 -79.91
N ILE J 342 3.89 -32.20 -78.73
CA ILE J 342 3.17 -31.82 -77.54
C ILE J 342 2.91 -30.31 -77.59
N ILE J 343 1.65 -29.91 -77.42
CA ILE J 343 1.33 -28.50 -77.35
C ILE J 343 1.93 -27.90 -76.09
N VAL J 344 2.42 -26.67 -76.20
CA VAL J 344 3.03 -25.97 -75.07
C VAL J 344 2.30 -24.68 -74.75
N GLU J 345 1.86 -23.94 -75.76
CA GLU J 345 1.14 -22.70 -75.56
C GLU J 345 0.06 -22.58 -76.62
N GLN J 346 -1.08 -22.02 -76.23
CA GLN J 346 -2.16 -21.74 -77.15
C GLN J 346 -2.63 -20.30 -76.95
N VAL J 347 -2.91 -19.62 -78.07
CA VAL J 347 -3.32 -18.23 -78.05
C VAL J 347 -4.65 -18.11 -78.77
N PRO J 348 -5.73 -17.67 -78.11
CA PRO J 348 -5.83 -17.34 -76.68
C PRO J 348 -5.93 -18.61 -75.84
N GLU J 349 -5.55 -18.57 -74.58
CA GLU J 349 -5.55 -19.76 -73.73
C GLU J 349 -6.83 -19.94 -72.95
N TYR J 350 -7.78 -19.00 -73.04
CA TYR J 350 -9.01 -19.07 -72.28
C TYR J 350 -10.16 -19.53 -73.16
N THR J 351 -11.02 -20.39 -72.60
CA THR J 351 -12.11 -20.96 -73.37
C THR J 351 -13.07 -19.90 -73.87
N MET J 352 -13.40 -18.93 -73.02
CA MET J 352 -14.32 -17.88 -73.43
C MET J 352 -13.75 -17.05 -74.59
N ASP J 353 -12.46 -16.71 -74.51
CA ASP J 353 -11.84 -15.98 -75.60
C ASP J 353 -11.82 -16.79 -76.89
N ILE J 354 -11.54 -18.09 -76.78
CA ILE J 354 -11.52 -18.96 -77.95
C ILE J 354 -12.90 -19.00 -78.59
N LEU J 355 -13.95 -19.16 -77.78
CA LEU J 355 -15.29 -19.25 -78.33
C LEU J 355 -15.74 -17.93 -78.94
N LYS J 356 -15.39 -16.80 -78.31
CA LYS J 356 -15.79 -15.51 -78.85
C LYS J 356 -15.00 -15.10 -80.07
N SER J 357 -13.78 -15.64 -80.25
CA SER J 357 -12.96 -15.29 -81.39
C SER J 357 -12.95 -16.36 -82.48
N LYS J 358 -13.30 -17.59 -82.14
CA LYS J 358 -13.44 -18.68 -83.11
C LYS J 358 -12.12 -19.00 -83.82
N GLU J 359 -10.99 -18.74 -83.16
CA GLU J 359 -9.69 -19.10 -83.72
C GLU J 359 -8.73 -19.39 -82.59
N VAL J 360 -7.83 -20.34 -82.81
CA VAL J 360 -6.81 -20.72 -81.83
C VAL J 360 -5.48 -20.80 -82.55
N THR J 361 -4.44 -20.27 -81.91
CA THR J 361 -3.07 -20.42 -82.38
C THR J 361 -2.34 -21.35 -81.42
N THR J 362 -2.05 -22.57 -81.88
CA THR J 362 -1.45 -23.61 -81.06
C THR J 362 0.04 -23.71 -81.33
N LYS J 363 0.84 -23.66 -80.28
CA LYS J 363 2.29 -23.73 -80.37
C LYS J 363 2.76 -25.06 -79.79
N GLY J 364 3.51 -25.82 -80.57
CA GLY J 364 4.10 -27.06 -80.12
C GLY J 364 5.58 -26.90 -79.80
N ILE J 365 6.14 -27.95 -79.19
CA ILE J 365 7.54 -27.94 -78.79
C ILE J 365 8.22 -29.19 -79.32
N GLU J 366 9.53 -29.09 -79.47
CA GLU J 366 10.33 -30.22 -79.89
C GLU J 366 10.30 -31.30 -78.81
N PRO J 367 10.38 -32.57 -79.19
CA PRO J 367 10.33 -33.64 -78.18
C PRO J 367 11.45 -33.54 -77.15
N GLU J 368 12.62 -33.06 -77.54
CA GLU J 368 13.76 -32.98 -76.64
C GLU J 368 13.86 -31.65 -75.90
N LYS J 369 13.04 -30.67 -76.27
CA LYS J 369 13.08 -29.38 -75.59
C LYS J 369 12.20 -29.34 -74.34
N LEU J 370 11.36 -30.35 -74.14
CA LEU J 370 10.49 -30.38 -72.98
C LEU J 370 11.23 -30.97 -71.78
N LEU J 371 11.29 -30.20 -70.70
CA LEU J 371 11.98 -30.62 -69.49
C LEU J 371 11.05 -31.48 -68.64
N TYR J 372 11.56 -32.63 -68.20
CA TYR J 372 10.77 -33.56 -67.41
C TYR J 372 11.18 -33.46 -65.95
N VAL J 373 10.20 -33.20 -65.08
CA VAL J 373 10.46 -32.99 -63.66
C VAL J 373 9.56 -33.92 -62.84
N GLU J 374 10.02 -34.21 -61.63
CA GLU J 374 9.25 -34.94 -60.64
C GLU J 374 9.20 -34.12 -59.37
N ILE J 375 8.01 -33.94 -58.81
CA ILE J 375 7.79 -33.02 -57.69
C ILE J 375 7.52 -33.84 -56.44
N TYR J 376 8.26 -33.53 -55.37
CA TYR J 376 8.08 -34.19 -54.08
C TYR J 376 6.94 -33.52 -53.34
N ASP J 377 5.72 -34.04 -53.52
CA ASP J 377 4.57 -33.48 -52.83
C ASP J 377 4.46 -33.95 -51.40
N LYS J 378 4.85 -35.19 -51.12
CA LYS J 378 4.78 -35.71 -49.75
C LYS J 378 5.90 -35.18 -48.89
N ASP J 379 7.09 -35.00 -49.46
CA ASP J 379 8.24 -34.57 -48.66
C ASP J 379 8.14 -33.11 -48.27
N ALA J 380 7.78 -32.24 -49.21
CA ALA J 380 7.69 -30.80 -48.98
C ALA J 380 6.34 -30.30 -49.47
N PRO J 381 5.28 -30.49 -48.69
CA PRO J 381 3.95 -30.09 -49.16
C PRO J 381 3.82 -28.62 -49.48
N THR J 382 4.22 -27.73 -48.57
CA THR J 382 4.08 -26.31 -48.81
C THR J 382 4.96 -25.85 -49.97
N THR J 383 6.19 -26.32 -50.03
CA THR J 383 7.08 -25.92 -51.12
C THR J 383 6.60 -26.46 -52.46
N SER J 384 6.10 -27.70 -52.49
CA SER J 384 5.57 -28.24 -53.74
C SER J 384 4.32 -27.50 -54.18
N TRP J 385 3.47 -27.11 -53.23
CA TRP J 385 2.29 -26.32 -53.57
C TRP J 385 2.71 -24.97 -54.14
N TYR J 386 3.71 -24.33 -53.54
CA TYR J 386 4.21 -23.07 -54.06
C TYR J 386 4.79 -23.24 -55.46
N PHE J 387 5.54 -24.31 -55.68
CA PHE J 387 6.14 -24.56 -56.99
C PHE J 387 5.06 -24.78 -58.04
N ARG J 388 4.03 -25.56 -57.71
CA ARG J 388 2.93 -25.78 -58.64
C ARG J 388 2.21 -24.47 -58.95
N LYS J 389 1.99 -23.64 -57.93
CA LYS J 389 1.31 -22.37 -58.17
C LYS J 389 2.15 -21.46 -59.07
N VAL J 390 3.45 -21.37 -58.80
CA VAL J 390 4.28 -20.41 -59.53
C VAL J 390 4.52 -20.89 -60.96
N THR J 391 4.68 -22.20 -61.15
CA THR J 391 4.91 -22.72 -62.49
C THR J 391 3.63 -22.93 -63.27
N GLY J 392 2.47 -22.84 -62.63
CA GLY J 392 1.21 -23.00 -63.32
C GLY J 392 0.73 -24.42 -63.48
N LEU J 393 1.38 -25.39 -62.85
CA LEU J 393 0.94 -26.77 -62.96
C LEU J 393 -0.36 -27.05 -62.25
N THR J 394 -0.85 -26.11 -61.42
CA THR J 394 -2.13 -26.29 -60.78
C THR J 394 -3.30 -26.27 -61.76
N THR J 395 -3.17 -25.50 -62.84
CA THR J 395 -4.24 -25.32 -63.81
C THR J 395 -4.04 -26.13 -65.08
N LYS J 396 -2.83 -26.11 -65.65
CA LYS J 396 -2.52 -26.81 -66.88
C LYS J 396 -1.62 -28.01 -66.61
N ARG J 397 -1.33 -28.76 -67.67
CA ARG J 397 -0.47 -29.92 -67.59
C ARG J 397 0.99 -29.62 -67.87
N ILE J 398 1.29 -28.45 -68.45
CA ILE J 398 2.65 -28.05 -68.77
C ILE J 398 2.91 -26.71 -68.11
N GLY J 399 3.93 -26.64 -67.26
CA GLY J 399 4.30 -25.42 -66.60
C GLY J 399 5.46 -24.72 -67.28
N THR J 400 5.59 -23.43 -67.02
CA THR J 400 6.63 -22.60 -67.62
C THR J 400 7.52 -22.03 -66.53
N LEU J 401 8.82 -22.21 -66.69
CA LEU J 401 9.82 -21.63 -65.81
C LEU J 401 10.63 -20.62 -66.59
N LYS J 402 10.77 -19.42 -66.05
CA LYS J 402 11.53 -18.34 -66.69
C LYS J 402 12.92 -18.27 -66.08
N ILE J 403 13.94 -18.21 -66.94
CA ILE J 403 15.30 -18.06 -66.46
C ILE J 403 15.49 -16.65 -65.93
N TYR J 404 15.97 -16.52 -64.70
CA TYR J 404 16.19 -15.23 -64.08
C TYR J 404 17.64 -14.81 -64.05
N PHE J 405 18.53 -15.70 -63.64
CA PHE J 405 19.95 -15.41 -63.58
C PHE J 405 20.70 -16.69 -63.90
N LYS J 406 21.85 -16.55 -64.55
CA LYS J 406 22.58 -17.71 -65.03
C LYS J 406 24.07 -17.53 -64.84
N HIS J 407 24.75 -18.61 -64.45
CA HIS J 407 26.21 -18.63 -64.45
C HIS J 407 26.67 -20.08 -64.47
N ASP J 408 27.31 -20.48 -65.56
CA ASP J 408 27.94 -21.79 -65.70
C ASP J 408 26.99 -22.92 -65.33
N ASP J 409 27.19 -23.48 -64.15
CA ASP J 409 26.41 -24.63 -63.70
C ASP J 409 25.07 -24.24 -63.11
N ILE J 410 24.88 -22.98 -62.73
CA ILE J 410 23.70 -22.55 -61.99
C ILE J 410 22.75 -21.81 -62.92
N SER J 411 21.49 -22.20 -62.89
CA SER J 411 20.43 -21.50 -63.61
C SER J 411 19.27 -21.27 -62.64
N MET J 412 19.04 -20.02 -62.27
CA MET J 412 18.00 -19.67 -61.32
C MET J 412 16.77 -19.16 -62.05
N PHE J 413 15.60 -19.57 -61.57
CA PHE J 413 14.33 -19.20 -62.18
C PHE J 413 13.67 -18.06 -61.41
N GLU J 414 12.68 -17.45 -62.05
CA GLU J 414 11.98 -16.33 -61.46
C GLU J 414 11.09 -16.81 -60.32
N ARG J 415 10.75 -15.88 -59.44
CA ARG J 415 9.89 -16.15 -58.30
C ARG J 415 8.58 -15.38 -58.43
N ASP J 416 7.61 -15.78 -57.63
CA ASP J 416 6.33 -15.09 -57.52
C ASP J 416 6.22 -14.53 -56.11
N TRP J 417 6.31 -13.21 -55.97
CA TRP J 417 6.20 -12.62 -54.65
C TRP J 417 4.73 -12.45 -54.30
N ASP J 418 3.95 -13.51 -54.51
CA ASP J 418 2.58 -13.57 -54.04
C ASP J 418 2.23 -14.92 -53.44
N TYR J 419 2.93 -15.98 -53.81
CA TYR J 419 2.72 -17.31 -53.27
C TYR J 419 3.81 -17.75 -52.32
N SER J 420 4.85 -16.94 -52.15
CA SER J 420 5.97 -17.29 -51.27
C SER J 420 5.77 -16.64 -49.92
N LYS J 421 4.81 -17.18 -49.16
CA LYS J 421 4.49 -16.67 -47.84
C LYS J 421 4.85 -17.66 -46.73
N GLY J 422 4.31 -18.87 -46.79
CA GLY J 422 4.58 -19.82 -45.71
C GLY J 422 5.76 -20.71 -46.01
N LEU J 423 6.80 -20.15 -46.64
CA LEU J 423 7.94 -20.95 -47.08
C LEU J 423 8.88 -21.25 -45.91
N LEU J 424 8.34 -21.95 -44.93
CA LEU J 424 9.15 -22.45 -43.84
C LEU J 424 10.15 -23.49 -44.37
N PRO J 425 11.31 -23.60 -43.75
CA PRO J 425 12.25 -24.67 -44.15
C PRO J 425 11.61 -26.03 -44.06
N GLU J 426 11.44 -26.70 -45.21
CA GLU J 426 10.69 -27.95 -45.27
C GLU J 426 11.57 -29.17 -45.55
N ASN J 427 12.27 -29.18 -46.68
CA ASN J 427 13.08 -30.33 -47.07
C ASN J 427 14.51 -29.84 -47.21
N THR J 428 15.20 -29.75 -46.09
CA THR J 428 16.52 -29.17 -46.26
C THR J 428 17.54 -30.27 -46.47
N PRO J 429 18.58 -30.01 -47.27
CA PRO J 429 19.58 -31.05 -47.54
C PRO J 429 20.33 -31.44 -46.27
N GLU J 430 20.67 -32.73 -46.20
CA GLU J 430 21.48 -33.27 -45.11
C GLU J 430 22.89 -33.65 -45.55
N LYS J 431 23.05 -34.09 -46.79
CA LYS J 431 24.34 -34.39 -47.38
C LYS J 431 24.55 -33.48 -48.59
N SER J 432 25.60 -33.75 -49.34
CA SER J 432 25.87 -32.96 -50.54
C SER J 432 24.73 -33.12 -51.54
N ILE J 433 24.29 -32.00 -52.12
CA ILE J 433 23.21 -32.03 -53.10
C ILE J 433 23.72 -32.66 -54.39
N ASP J 434 22.95 -33.60 -54.93
CA ASP J 434 23.29 -34.20 -56.20
C ASP J 434 22.81 -33.33 -57.37
N SER J 435 23.29 -33.66 -58.56
CA SER J 435 23.01 -32.85 -59.74
C SER J 435 21.56 -32.97 -60.16
N GLY J 436 21.07 -31.95 -60.85
CA GLY J 436 19.71 -31.97 -61.37
C GLY J 436 18.65 -31.98 -60.29
N ILE J 437 18.81 -31.15 -59.26
CA ILE J 437 17.85 -31.05 -58.17
C ILE J 437 17.26 -29.65 -58.19
N ILE J 438 15.93 -29.59 -58.20
CA ILE J 438 15.23 -28.32 -58.14
C ILE J 438 15.02 -27.95 -56.68
N ALA J 439 15.27 -26.69 -56.34
CA ALA J 439 15.15 -26.23 -54.97
C ALA J 439 14.60 -24.81 -54.95
N VAL J 440 13.96 -24.47 -53.83
CA VAL J 440 13.44 -23.13 -53.59
C VAL J 440 14.03 -22.64 -52.28
N THR J 441 14.57 -21.43 -52.28
CA THR J 441 15.09 -20.84 -51.05
C THR J 441 13.93 -20.46 -50.14
N ASN J 442 14.02 -20.86 -48.88
CA ASN J 442 12.93 -20.62 -47.93
C ASN J 442 13.01 -19.21 -47.37
N MET J 443 12.19 -18.93 -46.36
CA MET J 443 12.10 -17.59 -45.80
C MET J 443 13.35 -17.20 -45.01
N VAL J 444 14.27 -18.13 -44.76
CA VAL J 444 15.47 -17.82 -44.01
C VAL J 444 16.32 -16.80 -44.76
N LYS J 445 16.51 -17.01 -46.05
CA LYS J 445 17.39 -16.18 -46.85
C LYS J 445 16.66 -14.94 -47.35
N LYS J 446 17.45 -13.99 -47.86
CA LYS J 446 16.87 -12.74 -48.36
C LYS J 446 16.12 -12.97 -49.67
N TYR J 447 16.60 -13.88 -50.50
CA TYR J 447 15.98 -14.16 -51.79
C TYR J 447 15.07 -15.39 -51.66
N LYS J 448 14.02 -15.20 -50.88
CA LYS J 448 13.05 -16.26 -50.62
C LYS J 448 12.19 -16.47 -51.85
N GLY J 449 11.99 -17.72 -52.22
CA GLY J 449 11.09 -18.08 -53.29
C GLY J 449 11.74 -18.27 -54.65
N TYR J 450 12.98 -17.83 -54.83
CA TYR J 450 13.66 -18.03 -56.09
C TYR J 450 13.95 -19.51 -56.29
N ILE J 451 13.57 -20.03 -57.44
CA ILE J 451 13.81 -21.43 -57.77
C ILE J 451 15.06 -21.51 -58.61
N GLY J 452 15.76 -22.64 -58.52
CA GLY J 452 16.96 -22.81 -59.31
C GLY J 452 17.34 -24.28 -59.39
N VAL J 453 18.24 -24.57 -60.33
CA VAL J 453 18.78 -25.91 -60.50
C VAL J 453 20.20 -25.78 -61.03
N ARG J 454 21.05 -26.71 -60.64
CA ARG J 454 22.42 -26.77 -61.14
C ARG J 454 22.70 -28.16 -61.70
N THR J 455 23.54 -28.20 -62.72
CA THR J 455 23.84 -29.44 -63.42
C THR J 455 25.00 -30.21 -62.81
N SER J 456 25.60 -29.71 -61.73
CA SER J 456 26.66 -30.44 -61.05
C SER J 456 26.31 -30.60 -59.57
N SER J 457 27.27 -31.05 -58.78
CA SER J 457 27.05 -31.32 -57.37
C SER J 457 28.09 -30.60 -56.53
N ASN J 458 27.66 -30.02 -55.41
CA ASN J 458 28.57 -29.48 -54.42
C ASN J 458 28.04 -29.77 -53.02
N ASP J 459 28.93 -29.72 -52.05
CA ASP J 459 28.63 -30.08 -50.68
C ASP J 459 28.37 -28.88 -49.78
N LYS J 460 28.36 -27.67 -50.33
CA LYS J 460 28.24 -26.46 -49.51
C LYS J 460 27.02 -25.62 -49.86
N TYR J 461 26.75 -25.41 -51.15
CA TYR J 461 25.71 -24.51 -51.58
C TYR J 461 24.63 -25.25 -52.36
N GLY J 462 23.39 -24.80 -52.19
CA GLY J 462 22.29 -25.38 -52.92
C GLY J 462 22.23 -24.86 -54.33
N PRO J 463 21.21 -25.32 -55.07
CA PRO J 463 21.07 -24.91 -56.48
C PRO J 463 20.83 -23.43 -56.68
N THR J 464 20.61 -22.66 -55.62
CA THR J 464 20.33 -21.24 -55.73
C THR J 464 21.39 -20.37 -55.09
N GLY J 465 22.54 -20.94 -54.74
CA GLY J 465 23.62 -20.17 -54.15
C GLY J 465 23.52 -19.93 -52.66
N GLU J 466 22.53 -20.50 -51.99
CA GLU J 466 22.38 -20.36 -50.56
C GLU J 466 22.83 -21.62 -49.85
N THR J 467 23.14 -21.47 -48.56
CA THR J 467 23.55 -22.61 -47.76
C THR J 467 22.38 -23.55 -47.53
N PHE J 468 22.69 -24.76 -47.08
CA PHE J 468 21.69 -25.83 -47.04
C PHE J 468 20.52 -25.50 -46.14
N GLU J 469 20.75 -24.74 -45.07
CA GLU J 469 19.64 -24.39 -44.19
C GLU J 469 18.67 -23.41 -44.83
N GLY J 470 19.05 -22.79 -45.94
CA GLY J 470 18.19 -21.83 -46.59
C GLY J 470 17.56 -22.31 -47.89
N THR J 471 17.69 -23.59 -48.19
CA THR J 471 17.12 -24.18 -49.41
C THR J 471 16.33 -25.42 -49.03
N ASN J 472 15.12 -25.55 -49.56
CA ASN J 472 14.34 -26.76 -49.40
C ASN J 472 14.11 -27.40 -50.76
N ILE J 473 14.45 -28.68 -50.86
CA ILE J 473 14.38 -29.42 -52.11
C ILE J 473 12.92 -29.74 -52.41
N VAL J 474 12.47 -29.38 -53.62
CA VAL J 474 11.10 -29.61 -54.03
C VAL J 474 10.99 -30.71 -55.06
N GLY J 475 11.97 -30.85 -55.95
CA GLY J 475 11.89 -31.87 -56.96
C GLY J 475 13.19 -31.99 -57.72
N LYS J 476 13.17 -32.84 -58.75
CA LYS J 476 14.34 -33.10 -59.56
C LYS J 476 13.94 -33.21 -61.01
N VAL J 477 14.91 -32.95 -61.89
CA VAL J 477 14.75 -33.15 -63.32
C VAL J 477 15.13 -34.58 -63.64
N VAL J 478 14.22 -35.32 -64.26
CA VAL J 478 14.32 -36.77 -64.35
C VAL J 478 14.83 -37.25 -65.69
N LYS J 479 14.33 -36.70 -66.80
CA LYS J 479 14.62 -37.26 -68.11
C LYS J 479 15.40 -36.31 -69.02
N ASN J 480 14.86 -35.14 -69.30
CA ASN J 480 15.46 -34.27 -70.31
C ASN J 480 16.36 -33.24 -69.65
N SER J 481 17.58 -33.16 -70.13
CA SER J 481 18.59 -32.27 -69.57
C SER J 481 19.35 -31.66 -70.74
N GLU J 482 20.53 -31.12 -70.45
CA GLU J 482 21.42 -30.47 -71.43
C GLU J 482 20.69 -29.44 -72.28
N ILE J 483 19.55 -28.96 -71.81
CA ILE J 483 18.92 -27.77 -72.35
C ILE J 483 19.00 -26.60 -71.38
N LEU J 484 19.31 -26.85 -70.11
CA LEU J 484 19.55 -25.77 -69.16
C LEU J 484 20.85 -25.03 -69.45
N LYS J 485 21.77 -25.64 -70.19
CA LYS J 485 23.03 -25.02 -70.54
C LYS J 485 22.97 -24.23 -71.85
N SER J 486 21.86 -24.29 -72.57
CA SER J 486 21.73 -23.62 -73.85
C SER J 486 20.49 -22.74 -73.90
N VAL J 487 20.10 -22.19 -72.75
CA VAL J 487 18.95 -21.28 -72.66
C VAL J 487 19.42 -19.98 -72.04
N LYS J 488 19.16 -18.87 -72.74
CA LYS J 488 19.63 -17.58 -72.30
C LYS J 488 18.75 -17.03 -71.17
N GLN J 489 19.17 -15.91 -70.60
CA GLN J 489 18.39 -15.25 -69.56
C GLN J 489 17.10 -14.69 -70.14
N GLY J 490 16.01 -14.85 -69.39
CA GLY J 490 14.71 -14.36 -69.81
C GLY J 490 13.91 -15.34 -70.64
N GLU J 491 14.52 -16.41 -71.12
CA GLU J 491 13.81 -17.38 -71.92
C GLU J 491 13.08 -18.38 -71.03
N ASN J 492 11.93 -18.86 -71.51
CA ASN J 492 11.08 -19.75 -70.74
C ASN J 492 11.32 -21.19 -71.17
N ILE J 493 11.48 -22.06 -70.18
CA ILE J 493 11.53 -23.50 -70.42
C ILE J 493 10.24 -24.10 -69.88
N TYR J 494 9.80 -25.19 -70.50
CA TYR J 494 8.52 -25.81 -70.19
C TYR J 494 8.76 -27.17 -69.55
N ILE J 495 7.96 -27.47 -68.53
CA ILE J 495 8.17 -28.65 -67.71
C ILE J 495 6.92 -29.52 -67.74
N LEU J 496 7.14 -30.81 -67.51
CA LEU J 496 6.07 -31.80 -67.49
C LEU J 496 6.28 -32.70 -66.28
N GLU J 497 5.25 -32.85 -65.45
CA GLU J 497 5.36 -33.67 -64.26
C GLU J 497 5.18 -35.14 -64.63
N VAL J 498 6.10 -35.98 -64.16
CA VAL J 498 6.09 -37.40 -64.48
C VAL J 498 5.86 -38.28 -63.27
N ASN J 499 5.72 -37.69 -62.08
CA ASN J 499 5.54 -38.41 -60.81
C ASN J 499 6.40 -39.67 -60.70
N ILE K 10 11.83 50.98 -27.45
CA ILE K 10 12.10 49.67 -28.03
C ILE K 10 12.81 49.83 -29.37
N GLU K 11 14.01 49.26 -29.47
CA GLU K 11 14.76 49.29 -30.73
C GLU K 11 15.77 48.16 -30.71
N ILE K 12 16.39 47.93 -31.87
CA ILE K 12 17.33 46.83 -32.02
C ILE K 12 18.51 47.03 -31.08
N GLY K 13 18.87 45.96 -30.37
CA GLY K 13 19.94 46.00 -29.40
C GLY K 13 19.50 46.35 -27.99
N SER K 14 18.24 46.67 -27.77
CA SER K 14 17.75 46.99 -26.45
C SER K 14 17.65 45.72 -25.60
N TYR K 15 17.29 45.92 -24.33
CA TYR K 15 17.03 44.82 -23.40
C TYR K 15 15.57 44.88 -22.98
N VAL K 16 14.84 43.80 -23.24
CA VAL K 16 13.44 43.69 -22.91
C VAL K 16 13.20 42.37 -22.18
N ARG K 17 12.12 42.34 -21.42
CA ARG K 17 11.69 41.13 -20.72
C ARG K 17 10.20 40.92 -20.93
N TYR K 18 9.82 39.66 -21.12
CA TYR K 18 8.41 39.32 -21.26
C TYR K 18 7.73 39.42 -19.91
N ILE K 19 6.65 40.20 -19.83
CA ILE K 19 6.02 40.46 -18.54
C ILE K 19 5.47 39.17 -17.93
N ASN K 20 4.97 38.27 -18.77
CA ASN K 20 4.30 37.08 -18.25
C ASN K 20 5.27 36.08 -17.65
N THR K 21 6.50 36.02 -18.13
CA THR K 21 7.45 35.02 -17.64
C THR K 21 8.78 35.62 -17.22
N GLY K 22 9.15 36.75 -17.76
CA GLY K 22 10.40 37.39 -17.43
C GLY K 22 11.60 36.96 -18.26
N THR K 23 11.39 36.38 -19.43
CA THR K 23 12.49 35.94 -20.28
C THR K 23 13.27 37.15 -20.76
N HIS K 24 14.58 37.13 -20.58
CA HIS K 24 15.41 38.25 -20.98
C HIS K 24 16.06 38.00 -22.34
N GLY K 25 16.07 39.02 -23.17
CA GLY K 25 16.67 38.91 -24.49
C GLY K 25 16.85 40.28 -25.11
N THR K 26 17.59 40.31 -26.21
CA THR K 26 17.88 41.53 -26.94
C THR K 26 17.07 41.56 -28.22
N VAL K 27 16.46 42.71 -28.51
CA VAL K 27 15.62 42.83 -29.69
C VAL K 27 16.48 42.66 -30.94
N LYS K 28 16.06 41.75 -31.81
CA LYS K 28 16.79 41.49 -33.05
C LYS K 28 16.28 42.33 -34.20
N ALA K 29 14.96 42.32 -34.42
CA ALA K 29 14.39 43.09 -35.51
C ALA K 29 12.91 43.31 -35.23
N ILE K 30 12.33 44.26 -35.95
CA ILE K 30 10.90 44.51 -35.93
C ILE K 30 10.37 44.17 -37.32
N GLU K 31 9.43 43.24 -37.38
CA GLU K 31 8.93 42.70 -38.65
C GLU K 31 7.41 42.82 -38.66
N PRO K 32 6.89 43.97 -39.06
CA PRO K 32 5.44 44.14 -39.10
C PRO K 32 4.79 43.15 -40.07
N LYS K 33 3.63 42.64 -39.68
CA LYS K 33 2.84 41.77 -40.55
C LYS K 33 1.37 41.95 -40.20
N ASN K 34 0.53 41.87 -41.23
CA ASN K 34 -0.92 42.00 -41.08
C ASN K 34 -1.27 43.26 -40.29
N ASP K 35 -0.74 44.39 -40.75
CA ASP K 35 -0.91 45.71 -40.13
C ASP K 35 -0.80 45.64 -38.62
N GLU K 36 0.23 44.94 -38.16
CA GLU K 36 0.44 44.73 -36.74
C GLU K 36 1.92 44.62 -36.44
N GLU K 37 2.36 45.35 -35.41
CA GLU K 37 3.77 45.36 -35.04
C GLU K 37 4.15 44.07 -34.31
N TRP K 38 5.34 43.57 -34.60
CA TRP K 38 5.88 42.40 -33.93
C TRP K 38 7.35 42.63 -33.62
N VAL K 39 7.81 42.06 -32.51
CA VAL K 39 9.17 42.26 -32.02
C VAL K 39 9.85 40.90 -31.95
N LEU K 40 11.00 40.79 -32.60
CA LEU K 40 11.79 39.55 -32.61
C LEU K 40 12.95 39.68 -31.62
N LEU K 41 13.05 38.70 -30.73
CA LEU K 41 14.11 38.70 -29.73
C LEU K 41 15.22 37.74 -30.14
N GLU K 42 16.23 37.61 -29.27
CA GLU K 42 17.39 36.79 -29.58
C GLU K 42 17.06 35.31 -29.66
N ASN K 43 15.94 34.88 -29.09
CA ASN K 43 15.52 33.48 -29.14
C ASN K 43 14.71 33.17 -30.40
N ASP K 44 14.71 34.05 -31.39
CA ASP K 44 14.01 33.85 -32.65
C ASP K 44 12.52 33.60 -32.43
N ILE K 45 11.91 34.37 -31.54
CA ILE K 45 10.50 34.28 -31.23
C ILE K 45 9.89 35.66 -31.33
N TYR K 46 8.82 35.79 -32.11
CA TYR K 46 8.09 37.04 -32.19
C TYR K 46 7.35 37.30 -30.88
N TYR K 47 7.17 38.57 -30.56
CA TYR K 47 6.44 39.00 -29.38
C TYR K 47 5.54 40.16 -29.75
N ARG K 48 4.79 40.65 -28.77
CA ARG K 48 3.97 41.82 -29.02
C ARG K 48 4.51 43.01 -28.23
N PRO K 49 4.55 44.20 -28.83
CA PRO K 49 5.08 45.36 -28.09
C PRO K 49 4.30 45.67 -26.84
N GLU K 50 2.97 45.45 -26.82
CA GLU K 50 2.19 45.74 -25.64
C GLU K 50 2.47 44.78 -24.50
N LEU K 51 2.99 43.59 -24.79
CA LEU K 51 3.36 42.61 -23.78
C LEU K 51 4.84 42.68 -23.44
N LEU K 52 5.56 43.64 -23.98
CA LEU K 52 6.98 43.84 -23.71
C LEU K 52 7.18 45.25 -23.17
N GLU K 53 8.23 45.44 -22.38
CA GLU K 53 8.56 46.77 -21.89
C GLU K 53 10.07 46.87 -21.70
N LEU K 54 10.56 48.11 -21.77
CA LEU K 54 11.99 48.36 -21.71
C LEU K 54 12.53 48.22 -20.29
N VAL K 55 13.72 47.64 -20.17
CA VAL K 55 14.44 47.59 -18.91
C VAL K 55 15.87 48.07 -19.16
N GLU K 56 16.52 48.48 -18.08
CA GLU K 56 17.88 49.02 -18.16
C GLU K 56 18.78 48.40 -17.10
NI F43 L . -3.55 16.77 36.60
NA F43 L . -4.56 15.56 35.23
CHA F43 L . -3.81 16.87 33.33
C1A F43 L . -4.56 15.76 33.98
C2A F43 L . -5.42 14.79 33.19
C3A F43 L . -6.39 14.33 34.30
C4A F43 L . -5.42 14.35 35.47
C5A F43 L . -4.62 13.63 32.55
C6A F43 L . -5.48 12.86 31.56
O7A F43 L . -6.51 12.28 31.94
N8A F43 L . -5.06 12.83 30.31
C9A F43 L . -6.10 15.59 32.07
CAA F43 L . -7.62 15.19 34.57
CBA F43 L . -8.94 14.47 34.33
CCA F43 L . -10.12 15.39 34.43
ODA F43 L . -10.92 15.09 35.42
OEA F43 L . -10.23 16.40 33.78
NB F43 L . -4.06 15.33 38.04
CHB F43 L . -5.92 14.20 36.90
C1B F43 L . -4.68 14.00 37.80
C2B F43 L . -4.80 13.29 39.17
C3B F43 L . -4.32 14.38 40.21
C4B F43 L . -3.87 15.53 39.30
N5B F43 L . -3.75 13.12 37.07
C6B F43 L . -3.30 12.05 37.73
O7B F43 L . -2.58 11.17 37.25
C8B F43 L . -3.85 12.09 39.13
C9B F43 L . -6.20 12.72 39.44
CAB F43 L . -5.27 14.83 41.33
CBB F43 L . -6.32 15.86 40.93
CCB F43 L . -7.20 16.31 42.06
ODB F43 L . -7.83 15.53 42.73
OEB F43 L . -7.53 17.57 41.95
NC F43 L . -3.11 18.20 38.01
CHC F43 L . -3.24 16.66 39.86
C1C F43 L . -2.90 17.84 39.29
C2C F43 L . -2.19 18.86 40.12
C3C F43 L . -2.19 20.10 39.19
C4C F43 L . -2.68 19.52 37.89
C5C F43 L . -0.83 18.37 40.57
C6C F43 L . -0.52 18.75 41.99
O7C F43 L . -0.29 19.88 42.32
O8C F43 L . -0.34 17.71 42.77
C8C F43 L . -3.24 21.09 39.72
C9C F43 L . -2.69 22.19 40.62
CAC F43 L . -3.57 22.45 41.81
OBC F43 L . -4.38 23.46 41.64
OCC F43 L . -3.60 21.72 42.78
ND F43 L . -3.60 18.36 35.34
CHD F43 L . -2.70 20.24 36.68
C5D F43 L . -2.56 21.60 34.10
C6D F43 L . -2.60 22.43 35.38
C7D F43 L . -2.21 21.64 36.60
O8D F43 L . -1.28 22.05 37.29
C9D F43 L . -4.64 19.76 32.04
CAD F43 L . -4.35 21.02 31.27
OBD F43 L . -3.24 21.35 30.92
OCD F43 L . -5.44 21.69 30.98
C1D F43 L . -3.22 19.64 35.52
C2D F43 L . -3.53 20.44 34.26
C3D F43 L . -3.62 19.41 33.14
C4D F43 L . -4.15 18.22 33.97
S1 SHT M . 5.82 -3.02 -10.08
OS3 SHT M . 9.92 -4.34 -12.73
SG2 SHT M . 9.63 -4.78 -11.39
OS1 SHT M . 10.29 -4.08 -10.31
OS2 SHT M . 9.97 -6.27 -11.22
CD SHT M . 7.89 -4.54 -11.15
CC SHT M . 7.60 -3.32 -10.30
SK SHT M . 5.42 -3.89 -8.30
CK6 SHT M . 7.04 -3.99 -7.50
CK5 SHT M . 7.00 -3.97 -5.98
CK4 SHT M . 7.61 -2.73 -5.38
CK3 SHT M . 9.10 -2.79 -5.31
CK2 SHT M . 9.63 -2.82 -3.91
CK1 SHT M . 10.33 -3.81 -3.37
CK SHT M . 10.30 -4.10 -2.04
OK SHT M . 10.65 -5.19 -1.60
N SHT M . 9.87 -3.10 -1.24
CA SHT M . 9.85 -3.21 0.21
C SHT M . 8.44 -2.96 0.76
OXT SHT M . 8.12 -3.55 1.81
O SHT M . 7.69 -2.22 0.09
CB SHT M . 10.88 -2.23 0.82
CG2 SHT M . 10.38 -1.48 2.02
O3' SHT M . 12.05 -3.01 1.24
P SHT M . 13.31 -3.22 0.26
O1P SHT M . 14.52 -2.71 1.02
O2P SHT M . 13.36 -4.69 -0.03
O8P SHT M . 13.02 -2.38 -0.98
C1 COM N . -0.45 15.42 37.57
C2 COM N . -0.28 13.93 37.86
S1 COM N . -1.46 15.72 36.10
S2 COM N . 0.02 13.59 39.58
O1S COM N . 1.43 13.66 39.78
O2S COM N . -0.65 12.35 39.88
O3S COM N . -0.65 14.70 40.32
NI F43 O . 4.37 -1.59 -12.33
NA F43 O . 4.63 0.20 -11.27
CHA F43 O . 3.05 -0.49 -9.55
C1A F43 O . 4.01 0.44 -10.19
C2A F43 O . 4.39 1.78 -9.61
C3A F43 O . 4.81 2.54 -10.89
C4A F43 O . 5.49 1.38 -11.59
C5A F43 O . 5.56 1.59 -8.62
C6A F43 O . 5.14 1.43 -7.18
O7A F43 O . 4.65 0.37 -6.78
N8A F43 O . 5.34 2.48 -6.39
C9A F43 O . 3.20 2.43 -8.88
CAA F43 O . 3.70 3.15 -11.75
CBA F43 O . 3.58 4.66 -11.63
CCA F43 O . 4.42 5.42 -12.61
ODA F43 O . 5.37 4.69 -13.14
OEA F43 O . 4.33 6.61 -12.78
NB F43 O . 5.91 -0.95 -13.59
CHB F43 O . 5.71 1.48 -13.09
C1B F43 O . 6.63 0.35 -13.57
C2B F43 O . 7.17 0.48 -15.01
C3B F43 O . 7.48 -1.03 -15.35
C4B F43 O . 6.37 -1.69 -14.55
N5B F43 O . 7.88 0.31 -12.81
C6B F43 O . 8.89 0.93 -13.43
O7B F43 O . 9.95 1.25 -12.89
C8B F43 O . 8.43 1.33 -14.80
C9B F43 O . 6.14 1.17 -15.93
CAB F43 O . 7.45 -1.51 -16.81
CBB F43 O . 8.38 -0.77 -17.77
CCB F43 O . 9.83 -0.79 -17.40
ODB F43 O . 10.41 0.20 -17.01
OEB F43 O . 10.45 -1.79 -17.95
NC F43 O . 3.85 -3.12 -13.59
CHC F43 O . 5.93 -3.00 -14.84
C1C F43 O . 4.81 -3.63 -14.40
C2C F43 O . 4.52 -5.06 -14.76
C3C F43 O . 2.99 -5.10 -14.55
C4C F43 O . 2.77 -3.99 -13.56
C5C F43 O . 5.32 -6.02 -13.89
C6C F43 O . 5.56 -7.36 -14.54
O7C F43 O . 5.19 -8.41 -14.05
O8C F43 O . 6.15 -7.28 -15.70
C8C F43 O . 2.18 -4.85 -15.83
C9C F43 O . 2.04 -6.07 -16.73
CAC F43 O . 1.78 -5.72 -18.16
OBC F43 O . 2.42 -6.48 -19.01
OCC F43 O . 1.02 -4.83 -18.50
ND F43 O . 2.49 -1.83 -11.57
CHD F43 O . 1.65 -3.83 -12.74
C5D F43 O . -0.48 -3.69 -10.73
C6D F43 O . -0.72 -4.43 -12.04
C7D F43 O . 0.56 -4.83 -12.74
O8D F43 O . 0.74 -6.01 -13.00
C9D F43 O . -0.21 -0.41 -9.49
CAD F43 O . -1.60 -0.85 -9.10
OBD F43 O . -2.57 -0.13 -9.23
OCD F43 O . -1.59 -1.89 -8.32
C1D F43 O . 1.55 -2.75 -11.85
C2D F43 O . 0.31 -2.42 -11.05
C3D F43 O . 0.77 -1.51 -9.90
C4D F43 O . 1.98 -0.87 -10.58
N TP7 P . 4.71 6.25 30.11
P TP7 P . 4.65 2.10 31.29
O1P TP7 P . 4.58 1.60 32.71
O2P TP7 P . 3.38 1.74 30.56
O3P TP7 P . 5.83 1.49 30.59
O4P TP7 P . 4.79 3.74 31.28
CB TP7 P . 5.98 4.31 30.85
C TP7 P . 5.19 4.54 28.47
O TP7 P . 3.99 4.72 28.08
OXT TP7 P . 5.94 3.77 27.82
CA TP7 P . 5.70 5.27 29.70
CG TP7 P . 6.59 5.08 32.01
O1 TP7 P . 6.03 8.00 29.47
C1 TP7 P . 5.00 7.66 29.94
C2 TP7 P . 3.98 8.71 30.34
C3 TP7 P . 4.33 10.06 29.75
C4 TP7 P . 3.13 10.98 29.60
C5 TP7 P . 2.32 11.11 30.88
C6 TP7 P . 3.13 11.68 32.05
C7 TP7 P . 3.55 13.12 31.78
S7 TP7 P . 3.96 13.89 33.37
S4B S5Q Q . -37.29 18.38 -15.96
FE8 S5Q Q . -36.54 20.42 -16.67
FE5 S5Q Q . -37.69 19.91 -14.35
S3A S5Q Q . -38.06 19.21 -12.23
FE7 S5Q Q . -39.00 19.64 -16.60
S5A S5Q Q . -40.86 18.61 -17.20
S3B S5Q Q . -38.23 21.32 -17.88
FE6 S5Q Q . -38.35 22.00 -15.77
S2B S5Q Q . -39.44 23.85 -15.42
S1B S5Q Q . -36.39 21.70 -14.77
CX S5Q Q . -39.48 20.58 -14.93
FE4 S5Q Q . -39.95 20.05 -13.06
S1A S5Q Q . -40.77 22.02 -12.23
S4A S5Q Q . -41.74 18.70 -13.45
FE1 S5Q Q . -42.48 20.85 -13.25
FE3 S5Q Q . -41.25 19.79 -15.34
S2A S5Q Q . -42.54 21.64 -15.37
FE2 S5Q Q . -40.57 22.21 -14.48
S4B S5Q R . -25.95 10.87 -25.31
FE8 S5Q R . -25.89 12.16 -27.21
FE5 S5Q R . -23.81 11.42 -25.77
S3A S5Q R . -22.15 10.19 -24.88
FE7 S5Q R . -25.65 13.00 -24.79
S5A S5Q R . -26.23 13.70 -22.78
S3B S5Q R . -26.23 14.29 -26.52
FE6 S5Q R . -24.07 13.87 -26.63
S2B S5Q R . -22.76 15.61 -26.82
S1B S5Q R . -23.71 12.09 -27.92
CX S5Q R . -23.69 13.16 -24.80
FE4 S5Q R . -22.16 12.22 -23.93
S1A S5Q R . -20.44 13.66 -24.37
S4A S5Q R . -22.69 12.47 -21.74
FE1 S5Q R . -21.46 14.27 -22.41
FE3 S5Q R . -24.01 13.82 -22.96
S2A S5Q R . -22.99 15.83 -23.04
FE2 S5Q R . -22.38 14.69 -24.86
S4B S5Q S . -0.04 14.04 -21.14
FE8 S5Q S . 0.68 14.98 -19.19
FE5 S5Q S . -1.02 12.99 -19.40
S3A S5Q S . -1.89 10.93 -19.70
FE7 S5Q S . -1.61 15.38 -20.32
S5A S5Q S . -3.12 16.21 -21.69
S3B S5Q S . -0.68 16.77 -18.82
FE6 S5Q S . -1.46 14.98 -17.76
S2B S5Q S . -2.80 15.36 -16.08
S1B S5Q S . 0.16 13.46 -17.55
CX S5Q S . -2.63 14.14 -19.16
FE4 S5Q S . -3.55 12.39 -19.38
S1A S5Q S . -4.77 12.27 -17.45
S4A S5Q S . -5.01 12.89 -21.06
FE1 S5Q S . -5.99 13.38 -19.06
FE3 S5Q S . -4.13 14.80 -20.28
S2A S5Q S . -5.56 15.58 -18.70
FE2 S5Q S . -3.95 14.38 -17.67
#